data_7D0C
#
_entry.id   7D0C
#
_cell.length_a   1.00
_cell.length_b   1.00
_cell.length_c   1.00
_cell.angle_alpha   90.00
_cell.angle_beta   90.00
_cell.angle_gamma   90.00
#
_symmetry.space_group_name_H-M   'P 1'
#
loop_
_entity.id
_entity.type
_entity.pdbx_description
1 polymer 'Spike glycoprotein'
2 polymer 'Heavy chain of P5A-3A1'
3 polymer 'Light chain of P5A-3A1'
4 branched 2-acetamido-2-deoxy-beta-D-glucopyranose-(1-4)-2-acetamido-2-deoxy-beta-D-glucopyranose
5 non-polymer 2-acetamido-2-deoxy-beta-D-glucopyranose
#
loop_
_entity_poly.entity_id
_entity_poly.type
_entity_poly.pdbx_seq_one_letter_code
_entity_poly.pdbx_strand_id
1 'polypeptide(L)'
;MFVFLVLLPLVSSQCVNLTTRTQLPPAYTNSFTRGVYYPDKVFRSSVLHSTQDLFLPFFSNVTWFHAIHVSGTNGTKRFD
NPVLPFNDGVYFASTEKSNIIRGWIFGTTLDSKTQSLLIVNNATNVVIKVCEFQFCNDPFLGVYYHKNNKSWMESEFRVY
SSANNCTFEYVSQPFLMDLEGKQGNFKNLREFVFKNIDGYFKIYSKHTPINLVRDLPQGFSALEPLVDLPIGINITRFQT
LLALHRSYLTPGDSSSGWTAGAAAYYVGYLQPRTFLLKYNENGTITDAVDCALDPLSETKCTLKSFTVEKGIYQTSNFRV
QPTESIVRFPNITNLCPFGEVFNATRFASVYAWNRKRISNCVADYSVLYNSASFSTFKCYGVSPTKLNDLCFTNVYADSF
VIRGDEVRQIAPGQTGKIADYNYKLPDDFTGCVIAWNSNNLDSKVGGNYNYLYRLFRKSNLKPFERDISTEIYQAGSTPC
NGVEGFNCYFPLQSYGFQPTNGVGYQPYRVVVLSFELLHAPATVCGPKKSTNLVKNKCVNFNFNGLTGTGVLTESNKKFL
PFQQFGRDIADTTDAVRDPQTLEILDITPCSFGGVSVITPGTNTSNQVAVLYQDVNCTEVPVAIHADQLTPTWRVYSTGS
NVFQTRAGCLIGAEHVNNSYECDIPIGAGICASYQTQTNSPRRARSVASQSIIAYTMSLGAENSVAYSNNSIAIPTNFTI
SVTTEILPVSMTKTSVDCTMYICGDSTECSNLLLQYGSFCTQLNRALTGIAVEQDKNTQEVFAQVKQIYKTPPIKDFGGF
NFSQILPDPSKPSKRSFIEDLLFNKVTLADAGFIKQYGDCLGDIAARDLICAQKFNGLTVLPPLLTDEMIAQYTSALLAG
TITSGWTFGAGAALQIPFAMQMAYRFNGIGVTQNVLYENQKLIANQFNSAIGKIQDSLSSTASALGKLQDVVNQNAQALN
TLVKQLSSNFGAISSVLNDILSRLDPPEAEVQIDRLITGRLQSLQTYVTQQLIRAAEIRASANLAATKMSECVLGQSKRV
DFCGKGYHLMSFPQSAPHGVVFLHVTYVPAQEKNFTTAPAICHDGKAHFPREGVFVSNGTHWFVTQRNFYEPQIITTDNT
FVSGNCDVVIGIVNNTVYDPLQPELDSFKEELDKYFKNHTSPDVDLGDISGINASVVNIQKEIDRLNEVAKNLNESLIDL
QELGKYEQYIKWPWYIWLGFIAGLIAIVMVTIMLCCMTSCCSCLKGCCSCGSCCKFDEDDSEPVLKGVKLHYTLEDYKDD
DDK
;
A,B,C
2 'polypeptide(L)'
;EVQLVESGGGLIQPGGSLRLSCAASGFTVSSNYMSWVRQAPGKGLEWVSVIYSGGSTYYADSVKGRFTISRDNSKNTLYL
QMNSLRAEDTAVYYCARDYGDFYFDYWGQGTLVTVSSASTKGPSVFPLAPSSKSTSGGTAALGCLVKDYFPEPVTVSWNS
GALTSGVHTFPAVLQSSGLYSLSSVVTVPSSSLGTQTYICNVNHKPSNTKVDKKVEPKS
;
H,G
3 'polypeptide(L)'
;EIVLTQSPGTLSLSPGERATLSCRASQSVSSSYLAWYQQKPGQAPRLLIYGASSRATGIPDRFSGSGSGTDFTLTISRLE
PEDFAVYYCQQYGSSPRTFGQGTKLEIKRTVAAPSVFIFPPSDEQLKSGTASVVCLLNNFYPREAKVQWKVDNALQSGNS
QESVTEQDSKDSTYSLSSTLTLSKADYEKHKVYACEVTHQGLSSPVTKSFNRGEC
;
L,F
#
# COMPACT_ATOMS: atom_id res chain seq x y z
N ALA A 27 -9.01 -53.83 -6.18
CA ALA A 27 -8.78 -53.58 -7.59
C ALA A 27 -8.65 -52.09 -7.87
N TYR A 28 -8.03 -51.77 -9.01
CA TYR A 28 -7.94 -50.40 -9.48
C TYR A 28 -8.31 -50.40 -10.95
N THR A 29 -8.80 -49.27 -11.43
CA THR A 29 -9.25 -49.18 -12.81
C THR A 29 -8.86 -47.81 -13.35
N ASN A 30 -9.05 -47.64 -14.65
CA ASN A 30 -8.64 -46.46 -15.37
C ASN A 30 -9.87 -45.75 -15.89
N SER A 31 -10.07 -44.51 -15.41
CA SER A 31 -11.03 -43.62 -16.03
C SER A 31 -10.54 -43.28 -17.42
N PHE A 32 -11.39 -42.83 -18.31
CA PHE A 32 -10.81 -42.38 -19.56
C PHE A 32 -10.98 -40.88 -19.72
N THR A 33 -12.23 -40.42 -19.81
CA THR A 33 -12.54 -39.00 -19.81
C THR A 33 -13.83 -38.88 -19.01
N ARG A 34 -13.67 -38.70 -17.71
CA ARG A 34 -14.79 -38.80 -16.78
C ARG A 34 -14.61 -37.77 -15.68
N GLY A 35 -15.72 -37.24 -15.19
CA GLY A 35 -15.66 -36.30 -14.09
C GLY A 35 -15.49 -34.87 -14.53
N VAL A 36 -16.20 -34.48 -15.58
CA VAL A 36 -16.24 -33.11 -16.05
C VAL A 36 -17.58 -32.50 -15.65
N TYR A 37 -17.53 -31.37 -14.97
CA TYR A 37 -18.73 -30.70 -14.52
C TYR A 37 -18.70 -29.26 -15.01
N TYR A 38 -19.89 -28.67 -15.14
CA TYR A 38 -20.01 -27.26 -15.49
C TYR A 38 -19.52 -26.42 -14.34
N PRO A 39 -18.48 -25.64 -14.49
CA PRO A 39 -17.88 -24.98 -13.33
C PRO A 39 -18.51 -23.65 -12.99
N ASP A 40 -19.58 -23.27 -13.69
CA ASP A 40 -20.27 -22.01 -13.40
C ASP A 40 -21.62 -22.04 -14.09
N LYS A 41 -22.41 -21.00 -13.83
CA LYS A 41 -23.76 -20.88 -14.36
C LYS A 41 -23.81 -20.24 -15.73
N VAL A 42 -22.67 -19.97 -16.34
CA VAL A 42 -22.62 -19.15 -17.53
C VAL A 42 -22.91 -20.00 -18.76
N PHE A 43 -23.86 -19.55 -19.58
CA PHE A 43 -24.12 -20.13 -20.87
C PHE A 43 -23.03 -19.71 -21.86
N ARG A 44 -22.72 -20.61 -22.79
CA ARG A 44 -21.76 -20.33 -23.85
C ARG A 44 -22.19 -21.05 -25.10
N SER A 45 -22.18 -20.35 -26.22
CA SER A 45 -22.50 -20.93 -27.51
C SER A 45 -21.22 -21.54 -28.07
N SER A 46 -21.15 -21.77 -29.38
CA SER A 46 -20.11 -22.61 -29.97
C SER A 46 -18.75 -21.94 -29.79
N VAL A 47 -18.05 -22.31 -28.71
CA VAL A 47 -16.74 -21.76 -28.39
C VAL A 47 -15.88 -22.84 -27.74
N LEU A 48 -14.63 -22.46 -27.46
CA LEU A 48 -13.68 -23.28 -26.71
C LEU A 48 -13.20 -22.44 -25.55
N HIS A 49 -13.60 -22.79 -24.34
CA HIS A 49 -13.33 -21.98 -23.16
C HIS A 49 -12.35 -22.68 -22.23
N SER A 50 -11.42 -21.92 -21.66
CA SER A 50 -10.35 -22.46 -20.84
C SER A 50 -10.60 -22.14 -19.38
N THR A 51 -10.48 -23.15 -18.51
CA THR A 51 -10.73 -22.98 -17.08
C THR A 51 -9.61 -23.57 -16.24
N GLN A 52 -9.45 -23.00 -15.05
CA GLN A 52 -8.62 -23.54 -13.99
C GLN A 52 -9.53 -23.90 -12.82
N ASP A 53 -9.49 -25.15 -12.38
CA ASP A 53 -10.39 -25.59 -11.31
C ASP A 53 -9.90 -26.91 -10.75
N LEU A 54 -10.73 -27.56 -9.95
CA LEU A 54 -10.44 -28.88 -9.39
C LEU A 54 -11.15 -29.93 -10.23
N PHE A 55 -10.38 -30.74 -10.94
CA PHE A 55 -10.92 -31.75 -11.83
C PHE A 55 -10.30 -33.09 -11.51
N LEU A 56 -10.89 -34.13 -12.07
CA LEU A 56 -10.34 -35.47 -12.05
C LEU A 56 -9.49 -35.66 -13.30
N PRO A 57 -8.16 -35.76 -13.17
CA PRO A 57 -7.30 -35.84 -14.36
C PRO A 57 -7.67 -36.98 -15.28
N PHE A 58 -7.45 -36.82 -16.57
CA PHE A 58 -7.80 -37.86 -17.52
C PHE A 58 -6.90 -39.07 -17.31
N PHE A 59 -7.45 -40.25 -17.57
CA PHE A 59 -6.71 -41.50 -17.44
C PHE A 59 -6.09 -41.61 -16.06
N SER A 60 -6.94 -41.72 -15.04
CA SER A 60 -6.50 -41.71 -13.65
C SER A 60 -6.64 -43.11 -13.06
N ASN A 61 -6.18 -43.22 -11.82
CA ASN A 61 -6.10 -44.48 -11.08
C ASN A 61 -7.21 -44.48 -10.04
N VAL A 62 -8.38 -45.03 -10.38
CA VAL A 62 -9.55 -44.96 -9.52
C VAL A 62 -9.70 -46.30 -8.81
N THR A 63 -9.85 -46.25 -7.49
CA THR A 63 -10.06 -47.44 -6.70
C THR A 63 -11.32 -48.18 -7.17
N TRP A 64 -11.36 -49.46 -6.90
CA TRP A 64 -12.53 -50.27 -7.21
C TRP A 64 -13.00 -50.92 -5.93
N PHE A 65 -14.31 -50.91 -5.71
CA PHE A 65 -14.90 -51.55 -4.55
C PHE A 65 -16.02 -52.45 -5.00
N HIS A 66 -16.15 -53.59 -4.34
CA HIS A 66 -17.21 -54.55 -4.59
C HIS A 66 -18.07 -54.68 -3.34
N ALA A 67 -19.24 -55.27 -3.52
CA ALA A 67 -20.13 -55.59 -2.42
C ALA A 67 -21.11 -56.66 -2.90
N ASN A 81 -18.95 -50.48 3.54
CA ASN A 81 -17.59 -50.46 3.02
C ASN A 81 -16.83 -49.31 3.72
N PRO A 82 -15.50 -49.24 3.57
CA PRO A 82 -14.68 -48.58 4.58
C PRO A 82 -14.71 -47.05 4.56
N VAL A 83 -14.10 -46.48 5.60
CA VAL A 83 -13.90 -45.05 5.76
C VAL A 83 -12.80 -44.60 4.82
N LEU A 84 -13.11 -43.66 3.95
CA LEU A 84 -12.16 -43.14 2.97
C LEU A 84 -11.72 -41.73 3.37
N PRO A 85 -10.74 -41.15 2.68
CA PRO A 85 -10.48 -39.72 2.90
C PRO A 85 -11.28 -38.83 1.95
N PHE A 86 -11.19 -37.52 2.14
CA PHE A 86 -11.80 -36.55 1.24
C PHE A 86 -10.79 -35.66 0.55
N ASN A 87 -10.06 -34.88 1.34
CA ASN A 87 -8.82 -34.12 1.14
C ASN A 87 -8.90 -33.06 0.05
N ASP A 88 -9.71 -33.29 -0.99
CA ASP A 88 -10.10 -32.26 -1.96
C ASP A 88 -11.13 -32.87 -2.90
N GLY A 89 -12.41 -32.70 -2.62
CA GLY A 89 -13.41 -33.21 -3.53
C GLY A 89 -13.34 -34.69 -3.83
N VAL A 90 -14.33 -35.22 -4.54
CA VAL A 90 -14.43 -36.65 -4.81
C VAL A 90 -15.28 -36.86 -6.06
N TYR A 91 -14.79 -37.70 -6.96
CA TYR A 91 -15.62 -38.31 -7.98
C TYR A 91 -16.13 -39.65 -7.46
N PHE A 92 -17.32 -40.01 -7.89
CA PHE A 92 -17.94 -41.21 -7.35
C PHE A 92 -18.96 -41.74 -8.34
N ALA A 93 -18.67 -42.85 -9.00
CA ALA A 93 -19.64 -43.49 -9.88
C ALA A 93 -20.16 -44.76 -9.23
N SER A 94 -21.19 -45.35 -9.84
CA SER A 94 -21.83 -46.54 -9.29
C SER A 94 -22.73 -47.13 -10.37
N THR A 95 -22.93 -48.45 -10.30
CA THR A 95 -23.65 -49.18 -11.34
C THR A 95 -24.56 -50.24 -10.74
N GLU A 96 -25.83 -50.23 -11.14
CA GLU A 96 -26.79 -51.28 -10.81
C GLU A 96 -28.16 -51.02 -11.42
N LYS A 97 -29.08 -51.99 -11.29
CA LYS A 97 -30.49 -51.77 -11.58
C LYS A 97 -31.33 -51.66 -10.31
N SER A 98 -31.10 -52.52 -9.33
CA SER A 98 -31.58 -52.31 -7.97
C SER A 98 -30.87 -51.10 -7.37
N ASN A 99 -31.13 -50.78 -6.11
CA ASN A 99 -30.51 -49.61 -5.50
C ASN A 99 -29.81 -50.03 -4.22
N ILE A 100 -28.53 -50.41 -4.33
CA ILE A 100 -27.75 -50.86 -3.20
C ILE A 100 -27.04 -49.65 -2.60
N ILE A 101 -26.64 -48.71 -3.44
CA ILE A 101 -26.00 -47.49 -2.99
C ILE A 101 -27.08 -46.53 -2.53
N ARG A 102 -27.11 -46.24 -1.23
CA ARG A 102 -28.18 -45.49 -0.61
C ARG A 102 -27.57 -44.30 0.13
N GLY A 103 -26.70 -43.57 -0.54
CA GLY A 103 -26.18 -42.35 0.00
C GLY A 103 -24.87 -42.53 0.73
N TRP A 104 -24.34 -41.42 1.18
CA TRP A 104 -23.01 -41.31 1.75
C TRP A 104 -23.14 -40.67 3.10
N ILE A 105 -22.05 -40.66 3.86
CA ILE A 105 -21.99 -39.90 5.10
C ILE A 105 -20.64 -39.24 5.15
N PHE A 106 -20.59 -38.01 5.65
CA PHE A 106 -19.40 -37.20 5.52
C PHE A 106 -18.94 -36.73 6.89
N GLY A 107 -17.81 -36.03 6.92
CA GLY A 107 -17.41 -35.34 8.13
C GLY A 107 -15.95 -35.47 8.47
N THR A 108 -15.58 -35.18 9.71
CA THR A 108 -14.20 -35.36 10.15
C THR A 108 -14.07 -36.58 11.05
N THR A 109 -14.98 -36.76 12.00
CA THR A 109 -14.91 -37.87 12.94
C THR A 109 -16.02 -38.90 12.79
N LEU A 110 -17.10 -38.57 12.10
CA LEU A 110 -18.21 -39.50 11.87
C LEU A 110 -18.80 -39.98 13.20
N ASP A 111 -18.89 -39.06 14.16
CA ASP A 111 -19.43 -39.38 15.46
C ASP A 111 -19.89 -38.09 16.13
N SER A 112 -20.15 -38.18 17.43
CA SER A 112 -20.41 -36.99 18.22
C SER A 112 -19.12 -36.26 18.52
N LYS A 113 -19.23 -35.18 19.29
CA LYS A 113 -18.14 -34.29 19.66
C LYS A 113 -17.73 -33.39 18.48
N THR A 114 -18.23 -33.67 17.28
CA THR A 114 -18.08 -32.76 16.14
C THR A 114 -19.18 -33.07 15.14
N GLN A 115 -19.52 -32.06 14.34
CA GLN A 115 -20.67 -32.13 13.45
C GLN A 115 -20.33 -32.82 12.13
N SER A 116 -21.36 -33.38 11.49
CA SER A 116 -21.19 -34.11 10.25
C SER A 116 -22.48 -34.03 9.44
N LEU A 117 -22.38 -34.34 8.15
CA LEU A 117 -23.51 -34.42 7.23
C LEU A 117 -23.97 -35.85 7.10
N LEU A 118 -25.22 -36.04 6.67
CA LEU A 118 -25.76 -37.37 6.42
C LEU A 118 -26.76 -37.28 5.28
N ILE A 119 -26.52 -38.04 4.22
CA ILE A 119 -27.37 -38.02 3.04
C ILE A 119 -27.87 -39.44 2.78
N VAL A 120 -29.19 -39.60 2.87
CA VAL A 120 -29.77 -40.94 2.91
C VAL A 120 -30.88 -41.01 1.88
N ASN A 121 -31.26 -42.23 1.49
CA ASN A 121 -32.41 -42.45 0.63
C ASN A 121 -33.01 -43.81 0.96
N ASN A 122 -34.13 -43.85 1.69
CA ASN A 122 -34.89 -45.09 1.81
C ASN A 122 -35.70 -45.25 0.53
N ALA A 123 -36.61 -46.22 0.48
CA ALA A 123 -37.38 -46.43 -0.73
C ALA A 123 -38.34 -45.27 -1.00
N THR A 124 -38.31 -44.24 -0.15
CA THR A 124 -39.21 -43.11 -0.30
C THR A 124 -38.59 -41.99 -1.12
N ASN A 125 -37.53 -41.37 -0.60
CA ASN A 125 -36.82 -40.26 -1.23
C ASN A 125 -35.71 -39.77 -0.31
N VAL A 126 -34.91 -38.86 -0.86
CA VAL A 126 -33.69 -38.35 -0.25
C VAL A 126 -33.97 -37.69 1.10
N VAL A 127 -33.03 -37.83 2.03
CA VAL A 127 -33.12 -37.17 3.33
C VAL A 127 -31.77 -36.57 3.69
N ILE A 128 -31.55 -35.30 3.34
CA ILE A 128 -30.33 -34.65 3.82
C ILE A 128 -30.54 -34.29 5.27
N LYS A 129 -29.45 -34.25 6.04
CA LYS A 129 -29.55 -33.99 7.46
C LYS A 129 -28.19 -33.57 7.98
N VAL A 130 -28.19 -32.62 8.91
CA VAL A 130 -26.94 -32.22 9.55
C VAL A 130 -27.15 -32.09 11.05
N CYS A 131 -26.74 -33.10 11.80
CA CYS A 131 -26.71 -33.07 13.25
C CYS A 131 -25.33 -33.46 13.75
N GLU A 132 -25.22 -33.66 15.04
CA GLU A 132 -24.14 -34.46 15.62
C GLU A 132 -24.69 -35.87 15.84
N PHE A 133 -24.00 -36.85 15.31
CA PHE A 133 -24.53 -38.21 15.29
C PHE A 133 -23.69 -39.12 16.18
N GLN A 134 -24.13 -40.37 16.25
CA GLN A 134 -23.30 -41.47 16.70
C GLN A 134 -23.45 -42.56 15.66
N PHE A 135 -22.42 -42.71 14.83
CA PHE A 135 -22.49 -43.58 13.67
C PHE A 135 -21.97 -44.95 14.03
N CYS A 136 -22.70 -45.97 13.62
CA CYS A 136 -22.16 -47.33 13.63
C CYS A 136 -20.85 -47.36 12.86
N ASN A 137 -19.85 -48.06 13.41
CA ASN A 137 -18.60 -48.19 12.67
C ASN A 137 -18.80 -48.97 11.38
N ASP A 138 -19.84 -49.80 11.30
CA ASP A 138 -20.27 -50.42 10.06
C ASP A 138 -21.75 -50.13 9.86
N PRO A 139 -22.09 -48.93 9.39
CA PRO A 139 -23.49 -48.52 9.31
C PRO A 139 -24.10 -48.88 7.96
N PHE A 140 -25.36 -49.27 7.98
CA PHE A 140 -26.03 -49.70 6.76
C PHE A 140 -27.53 -49.68 7.00
N LEU A 141 -28.27 -50.17 6.02
CA LEU A 141 -29.71 -50.34 6.14
C LEU A 141 -30.12 -51.65 5.50
N GLY A 142 -31.15 -52.28 6.08
CA GLY A 142 -31.56 -53.61 5.68
C GLY A 142 -32.47 -53.62 4.48
N VAL A 143 -33.21 -54.72 4.34
CA VAL A 143 -34.22 -54.89 3.31
C VAL A 143 -35.03 -56.14 3.66
N MET A 153 -41.53 -57.14 5.52
CA MET A 153 -40.47 -56.72 6.43
C MET A 153 -39.87 -55.40 5.97
N GLU A 154 -38.76 -55.48 5.22
CA GLU A 154 -38.10 -54.32 4.62
C GLU A 154 -37.81 -53.25 5.66
N SER A 155 -37.27 -53.68 6.80
CA SER A 155 -36.93 -52.82 7.92
C SER A 155 -35.42 -52.70 8.04
N GLU A 156 -34.97 -51.50 8.41
CA GLU A 156 -33.64 -51.05 8.02
C GLU A 156 -33.04 -50.05 9.00
N PHE A 157 -32.06 -49.30 8.52
CA PHE A 157 -31.50 -48.15 9.22
C PHE A 157 -30.85 -48.49 10.54
N ARG A 158 -29.80 -49.31 10.49
CA ARG A 158 -28.91 -49.46 11.63
C ARG A 158 -27.76 -48.47 11.47
N VAL A 159 -28.03 -47.32 10.84
CA VAL A 159 -26.96 -46.42 10.44
C VAL A 159 -26.36 -45.73 11.66
N TYR A 160 -27.15 -44.91 12.36
CA TYR A 160 -26.63 -44.23 13.54
C TYR A 160 -27.40 -44.64 14.80
N SER A 161 -27.11 -43.97 15.91
CA SER A 161 -27.89 -44.13 17.13
C SER A 161 -28.06 -42.82 17.87
N SER A 162 -27.89 -41.70 17.18
CA SER A 162 -27.94 -40.38 17.80
C SER A 162 -28.21 -39.34 16.73
N ALA A 163 -29.00 -38.33 17.09
CA ALA A 163 -29.37 -37.26 16.18
C ALA A 163 -29.42 -35.91 16.87
N ASN A 164 -28.38 -35.57 17.63
CA ASN A 164 -28.43 -34.43 18.53
C ASN A 164 -28.10 -33.13 17.80
N ASN A 165 -28.63 -32.02 18.32
CA ASN A 165 -28.20 -30.68 17.93
C ASN A 165 -28.35 -30.35 16.46
N CYS A 166 -29.35 -30.92 15.80
CA CYS A 166 -29.50 -30.77 14.35
C CYS A 166 -29.57 -29.30 13.92
N THR A 167 -28.71 -28.95 12.95
CA THR A 167 -28.53 -27.57 12.50
C THR A 167 -29.02 -27.41 11.07
N PHE A 168 -29.55 -28.48 10.48
CA PHE A 168 -30.07 -28.44 9.11
C PHE A 168 -30.84 -29.74 8.90
N GLU A 169 -32.05 -29.64 8.38
CA GLU A 169 -32.80 -30.83 8.02
C GLU A 169 -33.29 -30.67 6.59
N TYR A 170 -33.80 -31.77 6.04
CA TYR A 170 -34.50 -31.78 4.77
C TYR A 170 -35.11 -33.15 4.61
N VAL A 171 -36.35 -33.23 4.13
CA VAL A 171 -36.93 -34.50 3.73
C VAL A 171 -37.75 -34.24 2.47
N SER A 172 -38.46 -35.25 1.99
CA SER A 172 -39.39 -35.06 0.89
C SER A 172 -40.44 -36.16 0.87
N LYS A 187 -27.35 -51.49 -17.14
CA LYS A 187 -28.22 -51.03 -16.06
C LYS A 187 -28.22 -49.51 -15.94
N ASN A 188 -27.59 -49.01 -14.88
CA ASN A 188 -27.54 -47.58 -14.63
C ASN A 188 -26.13 -47.20 -14.23
N LEU A 189 -25.73 -45.98 -14.61
CA LEU A 189 -24.50 -45.38 -14.14
C LEU A 189 -24.83 -44.01 -13.55
N ARG A 190 -24.41 -43.80 -12.31
CA ARG A 190 -24.79 -42.61 -11.55
C ARG A 190 -23.54 -41.97 -11.00
N GLU A 191 -23.08 -40.91 -11.65
CA GLU A 191 -21.87 -40.21 -11.24
C GLU A 191 -22.19 -39.02 -10.34
N PHE A 192 -21.24 -38.71 -9.46
CA PHE A 192 -21.38 -37.60 -8.54
C PHE A 192 -20.03 -36.97 -8.30
N VAL A 193 -20.01 -35.65 -8.18
CA VAL A 193 -18.81 -34.91 -7.79
C VAL A 193 -19.16 -34.11 -6.54
N PHE A 194 -18.43 -34.33 -5.47
CA PHE A 194 -18.65 -33.66 -4.21
C PHE A 194 -17.49 -32.73 -3.93
N LYS A 195 -17.79 -31.48 -3.59
CA LYS A 195 -16.74 -30.56 -3.19
C LYS A 195 -17.26 -29.65 -2.09
N ASN A 196 -16.35 -28.96 -1.42
CA ASN A 196 -16.65 -28.24 -0.19
C ASN A 196 -15.76 -27.00 -0.09
N ILE A 197 -16.31 -25.85 -0.47
CA ILE A 197 -15.56 -24.60 -0.51
C ILE A 197 -16.33 -23.50 0.20
N ASP A 198 -15.63 -22.75 1.05
CA ASP A 198 -16.17 -21.59 1.75
C ASP A 198 -17.51 -21.89 2.40
N GLY A 199 -17.57 -22.95 3.19
CA GLY A 199 -18.78 -23.30 3.91
C GLY A 199 -19.93 -23.74 3.05
N TYR A 200 -19.71 -23.91 1.75
CA TYR A 200 -20.73 -24.44 0.86
C TYR A 200 -20.30 -25.84 0.43
N PHE A 201 -21.26 -26.75 0.43
CA PHE A 201 -20.99 -28.12 0.04
C PHE A 201 -21.72 -28.37 -1.27
N LYS A 202 -20.98 -28.33 -2.38
CA LYS A 202 -21.54 -28.44 -3.71
C LYS A 202 -21.56 -29.88 -4.17
N ILE A 203 -22.59 -30.23 -4.92
CA ILE A 203 -22.83 -31.57 -5.41
C ILE A 203 -23.24 -31.48 -6.87
N TYR A 204 -22.45 -32.07 -7.75
CA TYR A 204 -22.81 -32.21 -9.15
C TYR A 204 -23.14 -33.66 -9.38
N SER A 205 -23.92 -33.94 -10.41
CA SER A 205 -24.37 -35.30 -10.62
C SER A 205 -24.78 -35.50 -12.06
N LYS A 206 -24.88 -36.76 -12.45
CA LYS A 206 -25.36 -37.13 -13.77
C LYS A 206 -25.78 -38.59 -13.74
N HIS A 207 -26.83 -38.92 -14.48
CA HIS A 207 -27.36 -40.28 -14.55
C HIS A 207 -27.37 -40.68 -16.01
N THR A 208 -26.42 -41.50 -16.38
CA THR A 208 -26.37 -42.05 -17.71
C THR A 208 -26.81 -43.51 -17.68
N PRO A 209 -27.47 -44.00 -18.72
CA PRO A 209 -27.77 -45.44 -18.78
C PRO A 209 -26.67 -46.24 -19.45
N ILE A 210 -26.09 -47.22 -18.75
CA ILE A 210 -25.13 -48.12 -19.37
C ILE A 210 -25.89 -49.18 -20.14
N ASN A 211 -25.18 -49.90 -21.01
CA ASN A 211 -25.76 -51.11 -21.59
C ASN A 211 -24.99 -52.32 -21.08
N LEU A 212 -24.28 -52.13 -19.98
CA LEU A 212 -23.68 -53.18 -19.18
C LEU A 212 -24.41 -53.21 -17.83
N VAL A 213 -23.93 -54.03 -16.90
CA VAL A 213 -24.54 -54.02 -15.58
C VAL A 213 -23.65 -53.29 -14.57
N ARG A 214 -22.40 -53.71 -14.38
CA ARG A 214 -21.57 -53.14 -13.32
C ARG A 214 -20.08 -52.97 -13.63
N ASP A 215 -19.71 -52.47 -14.82
CA ASP A 215 -18.31 -52.13 -15.13
C ASP A 215 -18.22 -50.70 -15.62
N LEU A 216 -17.10 -50.04 -15.32
CA LEU A 216 -16.92 -48.63 -15.68
C LEU A 216 -16.74 -48.48 -17.19
N PRO A 217 -17.63 -47.79 -17.88
CA PRO A 217 -17.53 -47.69 -19.34
C PRO A 217 -16.59 -46.59 -19.79
N GLN A 218 -16.62 -46.29 -21.09
CA GLN A 218 -15.83 -45.23 -21.68
C GLN A 218 -16.75 -44.23 -22.36
N GLY A 219 -16.34 -42.97 -22.38
CA GLY A 219 -17.12 -41.95 -23.04
C GLY A 219 -17.03 -40.60 -22.39
N PHE A 220 -17.78 -39.62 -22.89
CA PHE A 220 -17.79 -38.27 -22.34
C PHE A 220 -19.20 -37.88 -21.94
N SER A 221 -19.33 -37.36 -20.71
CA SER A 221 -20.62 -36.92 -20.21
C SER A 221 -20.43 -35.92 -19.07
N ALA A 222 -20.79 -34.66 -19.29
CA ALA A 222 -20.56 -33.60 -18.31
C ALA A 222 -21.62 -33.60 -17.23
N LEU A 223 -21.19 -33.26 -16.01
CA LEU A 223 -22.04 -33.37 -14.83
C LEU A 223 -22.59 -32.00 -14.45
N GLU A 224 -23.96 -31.92 -14.23
CA GLU A 224 -24.69 -30.69 -13.99
C GLU A 224 -24.95 -30.46 -12.51
N PRO A 225 -24.79 -29.22 -12.03
CA PRO A 225 -24.91 -28.96 -10.59
C PRO A 225 -26.30 -29.27 -10.06
N LEU A 226 -26.36 -29.77 -8.83
CA LEU A 226 -27.65 -30.08 -8.22
C LEU A 226 -27.86 -29.34 -6.89
N VAL A 227 -28.03 -30.10 -5.80
CA VAL A 227 -28.24 -29.51 -4.49
C VAL A 227 -27.14 -28.53 -4.10
N ASP A 228 -27.24 -27.98 -2.89
CA ASP A 228 -26.27 -27.03 -2.37
C ASP A 228 -26.82 -26.31 -1.14
N LEU A 229 -25.99 -26.09 -0.12
CA LEU A 229 -26.44 -25.42 1.10
C LEU A 229 -25.23 -24.96 1.93
N PRO A 230 -25.49 -24.42 3.11
CA PRO A 230 -24.41 -23.95 3.99
C PRO A 230 -24.05 -25.02 5.01
N ILE A 231 -24.12 -26.29 4.60
CA ILE A 231 -23.81 -27.40 5.49
C ILE A 231 -22.46 -27.21 6.17
N GLY A 232 -21.47 -26.76 5.41
CA GLY A 232 -20.13 -26.55 5.93
C GLY A 232 -19.61 -27.78 6.66
N ILE A 233 -19.64 -27.73 7.99
CA ILE A 233 -19.17 -28.84 8.81
C ILE A 233 -17.87 -29.44 8.29
N ASN A 234 -16.75 -28.82 8.63
CA ASN A 234 -15.44 -29.30 8.21
C ASN A 234 -15.58 -30.75 7.76
N ILE A 235 -14.81 -31.14 6.74
CA ILE A 235 -14.86 -32.51 6.24
C ILE A 235 -13.45 -33.03 6.03
N THR A 236 -13.22 -34.27 6.46
CA THR A 236 -11.95 -34.93 6.24
C THR A 236 -12.16 -36.40 5.87
N ARG A 237 -13.37 -36.91 6.03
CA ARG A 237 -13.60 -38.33 5.79
C ARG A 237 -15.02 -38.53 5.28
N PHE A 238 -15.26 -39.69 4.68
CA PHE A 238 -16.60 -40.02 4.19
C PHE A 238 -16.71 -41.54 4.05
N GLN A 239 -17.95 -42.00 3.83
CA GLN A 239 -18.25 -43.41 3.76
C GLN A 239 -19.30 -43.66 2.70
N THR A 240 -19.91 -44.84 2.73
CA THR A 240 -21.01 -45.21 1.85
C THR A 240 -22.04 -46.01 2.65
N LEU A 241 -23.22 -46.18 2.05
CA LEU A 241 -24.33 -46.87 2.69
C LEU A 241 -24.93 -47.86 1.71
N LEU A 242 -25.21 -49.07 2.19
CA LEU A 242 -25.67 -50.15 1.31
C LEU A 242 -26.86 -50.86 1.93
N ALA A 243 -27.71 -51.40 1.06
CA ALA A 243 -28.90 -52.14 1.48
C ALA A 243 -28.57 -53.64 1.49
N LEU A 244 -28.60 -54.24 2.68
CA LEU A 244 -28.16 -55.61 2.88
C LEU A 244 -28.99 -56.64 2.13
N HIS A 245 -28.58 -57.89 2.26
CA HIS A 245 -29.31 -59.06 1.81
C HIS A 245 -29.99 -59.73 2.99
N ARG A 246 -31.32 -59.80 2.96
CA ARG A 246 -32.02 -60.47 4.05
C ARG A 246 -33.15 -61.38 3.54
N SER A 247 -33.66 -61.10 2.35
CA SER A 247 -34.76 -61.89 1.81
C SER A 247 -34.42 -62.47 0.44
N ALA A 264 -20.63 -52.43 -6.68
CA ALA A 264 -19.56 -51.93 -7.52
C ALA A 264 -19.55 -50.41 -7.54
N TYR A 265 -18.45 -49.82 -7.06
CA TYR A 265 -18.33 -48.37 -7.06
C TYR A 265 -16.88 -47.97 -6.96
N TYR A 266 -16.61 -46.75 -7.43
CA TYR A 266 -15.27 -46.21 -7.62
C TYR A 266 -15.12 -44.92 -6.85
N VAL A 267 -13.87 -44.52 -6.58
CA VAL A 267 -13.61 -43.27 -5.88
C VAL A 267 -12.36 -42.60 -6.47
N GLY A 268 -12.57 -41.50 -7.19
CA GLY A 268 -11.48 -40.67 -7.64
C GLY A 268 -11.30 -39.47 -6.73
N TYR A 269 -10.22 -38.74 -6.96
CA TYR A 269 -9.96 -37.52 -6.21
C TYR A 269 -9.67 -36.41 -7.20
N LEU A 270 -9.83 -35.17 -6.74
CA LEU A 270 -9.76 -34.01 -7.61
C LEU A 270 -8.54 -33.18 -7.26
N GLN A 271 -7.90 -32.65 -8.29
CA GLN A 271 -6.71 -31.81 -8.13
C GLN A 271 -6.89 -30.56 -8.95
N PRO A 272 -6.12 -29.53 -8.67
CA PRO A 272 -6.21 -28.30 -9.47
C PRO A 272 -5.56 -28.47 -10.83
N ARG A 273 -6.38 -28.56 -11.86
CA ARG A 273 -5.95 -28.68 -13.25
C ARG A 273 -6.47 -27.51 -14.07
N THR A 274 -6.06 -27.50 -15.34
CA THR A 274 -6.50 -26.52 -16.34
C THR A 274 -7.03 -27.30 -17.52
N PHE A 275 -8.28 -27.04 -17.90
CA PHE A 275 -8.92 -27.76 -18.98
C PHE A 275 -9.38 -26.81 -20.07
N LEU A 276 -9.66 -27.39 -21.24
CA LEU A 276 -10.19 -26.69 -22.39
C LEU A 276 -11.50 -27.37 -22.77
N LEU A 277 -12.61 -26.69 -22.51
CA LEU A 277 -13.94 -27.26 -22.74
C LEU A 277 -14.52 -26.77 -24.05
N LYS A 278 -15.08 -27.69 -24.82
CA LYS A 278 -15.72 -27.35 -26.08
C LYS A 278 -17.22 -27.25 -25.85
N TYR A 279 -17.80 -26.11 -26.17
CA TYR A 279 -19.21 -25.88 -25.93
C TYR A 279 -19.99 -26.02 -27.22
N ASN A 280 -21.11 -26.73 -27.15
CA ASN A 280 -22.04 -26.88 -28.25
C ASN A 280 -22.75 -25.56 -28.54
N GLU A 281 -23.59 -25.57 -29.55
CA GLU A 281 -24.42 -24.40 -29.84
C GLU A 281 -25.65 -24.29 -28.94
N ASN A 282 -26.10 -25.40 -28.34
CA ASN A 282 -27.09 -25.31 -27.28
C ASN A 282 -26.47 -24.96 -25.94
N GLY A 283 -25.15 -25.03 -25.82
CA GLY A 283 -24.50 -24.64 -24.59
C GLY A 283 -24.05 -25.77 -23.72
N THR A 284 -24.00 -26.99 -24.25
CA THR A 284 -23.53 -28.12 -23.47
C THR A 284 -22.09 -28.45 -23.81
N ILE A 285 -21.37 -28.99 -22.83
CA ILE A 285 -19.98 -29.38 -22.99
C ILE A 285 -19.98 -30.74 -23.68
N THR A 286 -19.40 -30.82 -24.86
CA THR A 286 -19.40 -32.06 -25.64
C THR A 286 -18.04 -32.74 -25.62
N ASP A 287 -16.96 -31.97 -25.49
CA ASP A 287 -15.61 -32.52 -25.46
C ASP A 287 -14.73 -31.68 -24.56
N ALA A 288 -13.56 -32.21 -24.20
CA ALA A 288 -12.64 -31.48 -23.36
C ALA A 288 -11.21 -31.92 -23.67
N VAL A 289 -10.27 -31.12 -23.18
CA VAL A 289 -8.84 -31.42 -23.30
C VAL A 289 -8.21 -31.16 -21.94
N ASP A 290 -7.51 -32.14 -21.42
CA ASP A 290 -6.69 -32.00 -20.22
C ASP A 290 -5.31 -31.55 -20.67
N CYS A 291 -4.88 -30.39 -20.20
CA CYS A 291 -3.76 -29.68 -20.82
C CYS A 291 -2.44 -30.02 -20.14
N ALA A 292 -2.42 -31.12 -19.40
CA ALA A 292 -1.22 -31.50 -18.69
C ALA A 292 -0.99 -32.99 -18.85
N LEU A 293 -1.75 -33.62 -19.74
CA LEU A 293 -1.53 -35.03 -20.04
C LEU A 293 -0.22 -35.24 -20.78
N ASP A 294 -0.10 -34.69 -22.00
CA ASP A 294 1.03 -34.99 -22.87
C ASP A 294 1.39 -33.75 -23.67
N PRO A 295 2.47 -33.77 -24.46
CA PRO A 295 2.82 -32.58 -25.25
C PRO A 295 1.76 -32.16 -26.25
N LEU A 296 1.09 -33.10 -26.90
CA LEU A 296 0.02 -32.72 -27.83
C LEU A 296 -1.07 -31.92 -27.15
N SER A 297 -1.46 -32.29 -25.94
CA SER A 297 -2.54 -31.58 -25.24
C SER A 297 -2.10 -30.21 -24.78
N GLU A 298 -0.86 -30.07 -24.32
CA GLU A 298 -0.32 -28.76 -24.01
C GLU A 298 -0.23 -27.86 -25.24
N THR A 299 0.05 -28.42 -26.41
CA THR A 299 0.00 -27.63 -27.62
C THR A 299 -1.41 -27.19 -27.96
N LYS A 300 -2.37 -28.11 -27.88
CA LYS A 300 -3.77 -27.76 -28.14
C LYS A 300 -4.24 -26.66 -27.21
N CYS A 301 -3.77 -26.69 -25.97
CA CYS A 301 -4.15 -25.67 -25.00
C CYS A 301 -3.48 -24.34 -25.32
N THR A 302 -2.21 -24.37 -25.73
CA THR A 302 -1.50 -23.15 -26.10
C THR A 302 -2.13 -22.47 -27.31
N LEU A 303 -2.59 -23.24 -28.30
CA LEU A 303 -3.23 -22.68 -29.48
C LEU A 303 -4.71 -22.39 -29.30
N LYS A 304 -5.35 -22.97 -28.27
CA LYS A 304 -6.79 -22.87 -28.06
C LYS A 304 -7.56 -23.47 -29.24
N SER A 305 -7.27 -24.72 -29.53
CA SER A 305 -7.92 -25.40 -30.63
C SER A 305 -7.89 -26.90 -30.40
N PHE A 306 -8.65 -27.62 -31.21
CA PHE A 306 -8.67 -29.07 -31.16
C PHE A 306 -7.97 -29.71 -32.35
N THR A 307 -7.57 -28.92 -33.34
CA THR A 307 -6.78 -29.39 -34.47
C THR A 307 -5.57 -28.49 -34.63
N VAL A 308 -4.39 -29.06 -34.45
CA VAL A 308 -3.14 -28.36 -34.71
C VAL A 308 -2.62 -28.80 -36.08
N GLU A 309 -2.25 -27.83 -36.90
CA GLU A 309 -1.61 -28.09 -38.18
C GLU A 309 -0.11 -28.22 -38.01
N LYS A 310 0.54 -28.83 -39.00
CA LYS A 310 1.94 -29.12 -38.86
C LYS A 310 2.74 -27.85 -38.64
N GLY A 311 3.78 -27.97 -37.83
CA GLY A 311 4.58 -26.82 -37.48
C GLY A 311 5.48 -27.16 -36.33
N ILE A 312 5.92 -26.14 -35.63
CA ILE A 312 6.63 -26.31 -34.39
C ILE A 312 6.20 -25.17 -33.49
N TYR A 313 5.85 -25.51 -32.26
CA TYR A 313 5.17 -24.59 -31.36
C TYR A 313 5.90 -24.53 -30.03
N GLN A 314 6.10 -23.32 -29.53
CA GLN A 314 6.66 -23.13 -28.20
C GLN A 314 5.53 -23.28 -27.20
N THR A 315 5.74 -24.16 -26.23
CA THR A 315 4.62 -24.63 -25.45
C THR A 315 4.78 -24.27 -23.98
N SER A 316 6.01 -24.21 -23.50
CA SER A 316 6.30 -23.92 -22.10
C SER A 316 7.79 -23.71 -21.96
N ASN A 317 8.23 -23.52 -20.73
CA ASN A 317 9.65 -23.49 -20.40
C ASN A 317 9.98 -24.70 -19.55
N PHE A 318 11.27 -24.90 -19.36
CA PHE A 318 11.80 -26.00 -18.58
C PHE A 318 12.96 -25.46 -17.76
N ARG A 319 13.10 -25.97 -16.54
CA ARG A 319 14.17 -25.52 -15.67
C ARG A 319 14.48 -26.59 -14.64
N VAL A 320 15.76 -26.80 -14.40
CA VAL A 320 16.21 -27.75 -13.40
C VAL A 320 16.05 -27.11 -12.02
N GLN A 321 15.71 -27.93 -11.04
CA GLN A 321 15.40 -27.41 -9.72
C GLN A 321 16.57 -27.63 -8.75
N PRO A 322 16.79 -26.70 -7.83
CA PRO A 322 17.89 -26.83 -6.88
C PRO A 322 17.55 -27.76 -5.73
N THR A 323 18.55 -28.51 -5.26
CA THR A 323 18.43 -29.35 -4.08
C THR A 323 19.54 -28.99 -3.09
N GLU A 324 19.69 -29.78 -2.04
CA GLU A 324 20.93 -29.83 -1.28
C GLU A 324 21.45 -28.48 -0.79
N SER A 325 20.57 -27.60 -0.35
CA SER A 325 20.94 -26.24 0.03
C SER A 325 22.10 -26.22 1.01
N ILE A 326 23.12 -25.41 0.71
CA ILE A 326 24.33 -25.34 1.52
C ILE A 326 24.48 -23.94 2.12
N VAL A 327 25.35 -23.85 3.13
CA VAL A 327 25.64 -22.63 3.85
C VAL A 327 27.11 -22.67 4.27
N ARG A 328 27.82 -21.57 4.10
CA ARG A 328 29.25 -21.55 4.35
C ARG A 328 29.67 -20.28 5.04
N PHE A 329 30.52 -20.42 6.06
CA PHE A 329 30.96 -19.33 6.91
C PHE A 329 32.41 -19.57 7.32
N PRO A 330 33.06 -18.53 7.84
CA PRO A 330 34.46 -18.65 8.26
C PRO A 330 34.65 -19.75 9.30
N ASN A 331 35.90 -20.01 9.67
CA ASN A 331 36.24 -21.04 10.65
C ASN A 331 36.16 -20.52 12.08
N ILE A 332 36.44 -21.40 13.03
CA ILE A 332 36.43 -21.03 14.44
C ILE A 332 37.58 -20.09 14.77
N THR A 333 38.80 -20.61 14.72
CA THR A 333 39.99 -19.81 15.01
C THR A 333 39.94 -19.24 16.42
N ASN A 334 39.05 -18.29 16.65
CA ASN A 334 38.89 -17.66 17.95
C ASN A 334 38.22 -18.58 18.96
N LEU A 335 38.62 -18.48 20.22
CA LEU A 335 38.06 -19.31 21.28
C LEU A 335 37.82 -18.49 22.54
N CYS A 336 38.50 -17.36 22.65
CA CYS A 336 38.35 -16.48 23.80
C CYS A 336 38.77 -17.18 25.09
N PRO A 337 38.97 -16.43 26.16
CA PRO A 337 39.37 -17.02 27.44
C PRO A 337 38.17 -17.29 28.36
N PHE A 338 37.52 -18.43 28.20
CA PHE A 338 36.37 -18.75 29.04
C PHE A 338 36.72 -19.81 30.07
N GLY A 339 37.95 -20.29 30.03
CA GLY A 339 38.41 -21.31 30.96
C GLY A 339 38.92 -20.71 32.26
N GLU A 340 39.63 -19.59 32.15
CA GLU A 340 40.18 -18.92 33.32
C GLU A 340 39.14 -18.82 34.43
N VAL A 341 37.88 -18.60 34.05
CA VAL A 341 36.80 -18.48 35.01
C VAL A 341 36.07 -19.80 35.19
N PHE A 342 36.19 -20.69 34.21
CA PHE A 342 35.55 -21.99 34.27
C PHE A 342 36.23 -22.91 35.28
N ASN A 343 37.23 -23.65 34.80
CA ASN A 343 37.98 -24.56 35.66
C ASN A 343 38.50 -23.88 36.92
N ALA A 344 39.14 -24.66 37.79
CA ALA A 344 39.68 -24.12 39.04
C ALA A 344 40.42 -22.82 38.80
N THR A 345 40.36 -21.92 39.78
CA THR A 345 41.03 -20.63 39.69
C THR A 345 40.81 -19.80 40.95
N ARG A 346 41.69 -18.83 41.17
CA ARG A 346 41.60 -17.97 42.34
C ARG A 346 40.60 -16.84 42.11
N PHE A 347 39.53 -16.84 42.91
CA PHE A 347 38.49 -15.82 42.80
C PHE A 347 38.74 -14.71 43.81
N ALA A 348 37.83 -13.75 43.83
CA ALA A 348 38.00 -12.56 44.63
C ALA A 348 36.81 -12.35 45.58
N SER A 349 36.93 -11.32 46.41
CA SER A 349 35.89 -10.95 47.37
C SER A 349 34.77 -10.21 46.65
N VAL A 350 33.72 -9.87 47.37
CA VAL A 350 32.49 -9.41 46.75
C VAL A 350 32.57 -7.93 46.40
N TYR A 351 33.28 -7.14 47.22
CA TYR A 351 33.50 -5.75 46.85
C TYR A 351 34.75 -5.63 45.99
N ALA A 352 35.55 -6.69 45.94
CA ALA A 352 36.67 -6.79 45.02
C ALA A 352 36.23 -7.54 43.77
N TRP A 353 34.95 -7.39 43.42
CA TRP A 353 34.38 -7.97 42.22
C TRP A 353 35.12 -7.49 40.97
N ASN A 354 35.45 -8.44 40.10
CA ASN A 354 36.32 -8.15 38.98
C ASN A 354 35.55 -7.52 37.84
N ARG A 355 36.20 -7.44 36.67
CA ARG A 355 35.64 -6.75 35.51
C ARG A 355 36.46 -7.21 34.32
N LYS A 356 35.86 -7.23 33.13
CA LYS A 356 36.58 -7.66 31.93
C LYS A 356 36.00 -7.09 30.65
N ARG A 357 36.83 -6.33 29.94
CA ARG A 357 36.48 -5.86 28.60
C ARG A 357 36.81 -7.08 27.73
N ILE A 358 35.82 -7.57 26.98
CA ILE A 358 35.92 -8.76 26.15
C ILE A 358 36.01 -8.32 24.69
N SER A 359 37.09 -8.73 24.02
CA SER A 359 37.30 -8.38 22.62
C SER A 359 36.74 -9.47 21.72
N ASN A 360 36.76 -9.21 20.42
CA ASN A 360 36.24 -10.12 19.41
C ASN A 360 36.55 -11.55 19.76
N CYS A 361 35.77 -12.49 19.25
CA CYS A 361 36.05 -13.88 19.58
C CYS A 361 34.92 -14.79 19.12
N VAL A 362 35.10 -16.09 19.24
CA VAL A 362 34.02 -17.02 18.93
C VAL A 362 33.42 -17.52 20.23
N ALA A 363 32.11 -17.34 20.37
CA ALA A 363 31.39 -17.77 21.57
C ALA A 363 31.23 -19.29 21.59
N ASP A 364 30.71 -19.81 22.70
CA ASP A 364 30.50 -21.24 22.86
C ASP A 364 29.48 -21.52 23.96
N TYR A 365 28.72 -20.50 24.34
CA TYR A 365 27.71 -20.65 25.38
C TYR A 365 26.89 -21.92 25.19
N SER A 366 26.63 -22.26 23.93
CA SER A 366 25.86 -23.46 23.61
C SER A 366 26.33 -24.65 24.43
N VAL A 367 27.55 -24.56 24.96
CA VAL A 367 28.12 -25.62 25.76
C VAL A 367 27.84 -25.38 27.23
N LEU A 368 27.94 -24.14 27.66
CA LEU A 368 27.58 -23.78 29.02
C LEU A 368 26.07 -23.87 29.22
N TYR A 369 25.31 -23.66 28.15
CA TYR A 369 23.86 -23.79 28.25
C TYR A 369 23.45 -25.24 28.44
N ASN A 370 24.10 -26.13 27.70
CA ASN A 370 23.85 -27.55 27.82
C ASN A 370 24.64 -28.18 28.97
N SER A 371 25.47 -27.38 29.65
CA SER A 371 26.25 -27.90 30.76
C SER A 371 25.36 -28.21 31.95
N ALA A 372 24.74 -27.17 32.53
CA ALA A 372 23.76 -27.25 33.61
C ALA A 372 24.29 -28.01 34.82
N SER A 373 25.58 -27.84 35.10
CA SER A 373 26.18 -28.52 36.24
C SER A 373 26.38 -27.51 37.36
N PHE A 374 25.44 -26.58 37.49
CA PHE A 374 25.53 -25.51 38.46
C PHE A 374 24.22 -25.40 39.22
N SER A 375 24.28 -24.69 40.34
CA SER A 375 23.06 -24.44 41.11
C SER A 375 22.23 -23.36 40.47
N THR A 376 22.83 -22.55 39.60
CA THR A 376 22.20 -21.32 39.15
C THR A 376 22.55 -21.06 37.70
N PHE A 377 21.54 -20.86 36.87
CA PHE A 377 21.74 -20.42 35.49
C PHE A 377 20.54 -19.53 35.14
N LYS A 378 20.63 -18.24 35.43
CA LYS A 378 19.49 -17.36 35.28
C LYS A 378 19.84 -16.13 34.44
N CYS A 379 19.22 -16.02 33.27
CA CYS A 379 19.29 -14.80 32.49
C CYS A 379 17.96 -14.09 32.40
N TYR A 380 17.98 -12.88 32.92
CA TYR A 380 16.91 -11.93 32.86
C TYR A 380 17.22 -11.06 31.66
N GLY A 381 16.50 -11.32 30.59
CA GLY A 381 16.93 -11.04 29.24
C GLY A 381 16.44 -12.21 28.42
N VAL A 382 16.97 -12.41 27.22
CA VAL A 382 16.38 -13.39 26.32
C VAL A 382 16.88 -14.77 26.73
N SER A 383 16.26 -15.81 26.20
CA SER A 383 16.67 -17.18 26.45
C SER A 383 18.06 -17.42 25.88
N PRO A 384 18.86 -18.31 26.45
CA PRO A 384 20.17 -18.59 25.88
C PRO A 384 20.12 -19.34 24.57
N THR A 385 18.99 -19.96 24.25
CA THR A 385 18.75 -20.44 22.90
C THR A 385 18.80 -19.31 21.89
N LYS A 386 18.27 -18.15 22.25
CA LYS A 386 18.33 -16.98 21.39
C LYS A 386 19.64 -16.21 21.54
N LEU A 387 20.62 -16.76 22.25
CA LEU A 387 21.81 -16.00 22.56
C LEU A 387 23.02 -16.40 21.72
N ASN A 388 23.08 -17.65 21.24
CA ASN A 388 24.28 -18.18 20.59
C ASN A 388 24.34 -17.83 19.11
N ASP A 389 23.63 -16.81 18.69
CA ASP A 389 23.45 -16.53 17.27
C ASP A 389 23.46 -15.04 17.05
N LEU A 390 24.08 -14.30 17.95
CA LEU A 390 23.98 -12.85 17.97
C LEU A 390 25.36 -12.24 17.80
N CYS A 391 25.39 -10.90 17.80
CA CYS A 391 26.63 -10.13 17.70
C CYS A 391 26.53 -8.89 18.59
N PHE A 392 27.27 -8.88 19.69
CA PHE A 392 27.24 -7.75 20.62
C PHE A 392 28.46 -6.86 20.45
N THR A 393 28.58 -5.85 21.30
CA THR A 393 29.78 -5.05 21.31
C THR A 393 30.72 -5.53 22.39
N ASN A 394 30.24 -5.64 23.62
CA ASN A 394 31.04 -6.18 24.69
C ASN A 394 30.14 -6.92 25.67
N VAL A 395 30.71 -7.91 26.33
CA VAL A 395 30.09 -8.59 27.45
C VAL A 395 31.00 -8.41 28.64
N TYR A 396 30.43 -8.21 29.82
CA TYR A 396 31.24 -7.98 30.99
C TYR A 396 31.08 -9.10 32.01
N ALA A 397 32.20 -9.44 32.63
CA ALA A 397 32.30 -10.59 33.52
C ALA A 397 32.84 -10.11 34.85
N ASP A 398 32.01 -10.16 35.88
CA ASP A 398 32.42 -9.82 37.23
C ASP A 398 32.31 -11.08 38.09
N SER A 399 33.28 -11.29 38.96
CA SER A 399 33.37 -12.56 39.67
C SER A 399 33.66 -12.35 41.15
N PHE A 400 33.03 -13.18 41.98
CA PHE A 400 33.15 -13.16 43.43
C PHE A 400 32.52 -14.45 43.97
N VAL A 401 32.68 -14.68 45.27
CA VAL A 401 32.12 -15.85 45.94
C VAL A 401 31.25 -15.39 47.09
N ILE A 402 30.01 -15.90 47.17
CA ILE A 402 29.09 -15.62 48.26
C ILE A 402 28.61 -16.96 48.83
N ARG A 403 27.77 -16.88 49.85
CA ARG A 403 27.16 -18.08 50.43
C ARG A 403 25.95 -18.50 49.61
N GLY A 404 25.48 -19.73 49.88
CA GLY A 404 24.37 -20.25 49.10
C GLY A 404 23.02 -19.72 49.53
N ASP A 405 22.88 -19.33 50.79
CA ASP A 405 21.59 -18.96 51.34
C ASP A 405 21.23 -17.51 51.08
N GLU A 406 21.92 -16.90 50.11
CA GLU A 406 21.77 -15.48 49.81
C GLU A 406 21.84 -15.17 48.33
N VAL A 407 21.82 -16.15 47.45
CA VAL A 407 22.01 -15.93 46.02
C VAL A 407 20.75 -15.32 45.42
N ARG A 408 19.61 -15.46 46.10
CA ARG A 408 18.37 -14.88 45.62
C ARG A 408 18.23 -13.42 45.96
N GLN A 409 19.23 -12.86 46.65
CA GLN A 409 19.44 -11.43 46.72
C GLN A 409 19.94 -10.85 45.41
N ILE A 410 20.27 -11.68 44.44
CA ILE A 410 20.82 -11.21 43.18
C ILE A 410 19.76 -11.38 42.10
N ALA A 411 19.06 -10.28 41.84
CA ALA A 411 18.10 -10.13 40.78
C ALA A 411 18.00 -8.64 40.53
N PRO A 412 17.77 -8.19 39.29
CA PRO A 412 17.79 -6.75 39.03
C PRO A 412 16.60 -6.06 39.65
N GLY A 413 16.87 -5.42 40.78
CA GLY A 413 15.83 -4.97 41.67
C GLY A 413 15.70 -5.98 42.80
N GLN A 414 16.33 -5.70 43.93
CA GLN A 414 16.36 -6.61 45.07
C GLN A 414 16.62 -5.80 46.32
N THR A 415 16.97 -6.50 47.40
CA THR A 415 17.35 -5.85 48.64
C THR A 415 18.39 -6.67 49.40
N GLY A 416 18.79 -6.20 50.56
CA GLY A 416 19.78 -6.90 51.36
C GLY A 416 21.19 -6.41 51.11
N LYS A 417 22.08 -6.81 52.02
CA LYS A 417 23.40 -6.18 52.14
C LYS A 417 24.32 -6.46 50.97
N ILE A 418 23.95 -7.37 50.08
CA ILE A 418 24.74 -7.58 48.87
C ILE A 418 24.07 -6.89 47.70
N ALA A 419 22.78 -6.61 47.82
CA ALA A 419 22.15 -5.71 46.87
C ALA A 419 22.24 -4.26 47.31
N ASP A 420 22.03 -3.98 48.59
CA ASP A 420 22.13 -2.60 49.07
C ASP A 420 23.58 -2.16 49.12
N TYR A 421 24.42 -2.94 49.79
CA TYR A 421 25.84 -2.65 49.82
C TYR A 421 26.53 -3.69 48.95
N ASN A 422 27.86 -3.55 48.83
CA ASN A 422 28.78 -4.58 48.34
C ASN A 422 28.69 -4.89 46.85
N TYR A 423 27.59 -4.48 46.19
CA TYR A 423 27.30 -4.75 44.78
C TYR A 423 25.99 -4.06 44.46
N LYS A 424 25.78 -3.80 43.16
CA LYS A 424 24.53 -3.21 42.73
C LYS A 424 24.24 -3.55 41.27
N LEU A 425 23.06 -4.05 41.02
CA LEU A 425 22.51 -4.28 39.70
C LEU A 425 21.76 -3.04 39.24
N PRO A 426 21.41 -2.93 37.97
CA PRO A 426 20.35 -2.00 37.60
C PRO A 426 19.01 -2.67 37.76
N ASP A 427 17.94 -2.04 37.31
CA ASP A 427 16.65 -2.69 37.35
C ASP A 427 16.32 -3.40 36.05
N ASP A 428 16.64 -2.79 34.92
CA ASP A 428 16.53 -3.44 33.62
C ASP A 428 17.82 -4.19 33.33
N PHE A 429 17.68 -5.39 32.79
CA PHE A 429 18.84 -6.26 32.73
C PHE A 429 18.82 -7.08 31.45
N THR A 430 20.03 -7.39 30.96
CA THR A 430 20.22 -8.21 29.78
C THR A 430 20.83 -9.57 30.10
N GLY A 431 21.86 -9.56 30.94
CA GLY A 431 22.78 -10.68 31.02
C GLY A 431 22.25 -11.87 31.79
N CYS A 432 23.17 -12.76 32.09
CA CYS A 432 22.86 -13.98 32.81
C CYS A 432 23.76 -14.12 34.01
N VAL A 433 23.27 -14.85 35.00
CA VAL A 433 24.02 -15.06 36.23
C VAL A 433 24.11 -16.56 36.46
N ILE A 434 25.31 -17.02 36.81
CA ILE A 434 25.61 -18.42 36.96
C ILE A 434 26.34 -18.58 38.28
N ALA A 435 25.87 -19.53 39.09
CA ALA A 435 26.56 -19.79 40.34
C ALA A 435 26.49 -21.28 40.63
N TRP A 436 27.47 -21.76 41.39
CA TRP A 436 27.59 -23.16 41.74
C TRP A 436 28.35 -23.24 43.05
N ASN A 437 28.07 -24.28 43.82
CA ASN A 437 28.76 -24.46 45.07
C ASN A 437 30.20 -24.87 44.83
N SER A 438 31.10 -24.33 45.64
CA SER A 438 32.47 -24.81 45.64
C SER A 438 32.96 -25.20 47.03
N ASN A 439 32.10 -25.85 47.83
CA ASN A 439 32.46 -26.18 49.20
C ASN A 439 33.55 -27.25 49.26
N ASN A 440 33.59 -28.12 48.25
CA ASN A 440 34.61 -29.15 48.15
C ASN A 440 36.01 -28.58 48.07
N LEU A 441 36.16 -27.42 47.44
CA LEU A 441 37.49 -26.88 47.22
C LEU A 441 37.72 -25.60 48.01
N ASP A 442 36.71 -24.78 48.17
CA ASP A 442 36.92 -23.47 48.77
C ASP A 442 36.59 -23.43 50.25
N SER A 443 35.91 -24.44 50.79
CA SER A 443 35.82 -24.60 52.23
C SER A 443 36.89 -25.58 52.69
N LYS A 444 37.37 -25.38 53.91
CA LYS A 444 38.41 -26.24 54.44
C LYS A 444 38.22 -26.35 55.95
N VAL A 445 38.78 -27.43 56.51
CA VAL A 445 38.84 -27.62 57.94
C VAL A 445 39.82 -26.61 58.52
N GLY A 446 39.47 -26.01 59.64
CA GLY A 446 40.19 -24.86 60.11
C GLY A 446 39.48 -23.61 59.62
N GLY A 447 39.23 -23.54 58.32
CA GLY A 447 38.32 -22.56 57.78
C GLY A 447 38.99 -21.58 56.84
N ASN A 448 38.15 -20.94 56.05
CA ASN A 448 38.58 -19.95 55.08
C ASN A 448 37.92 -18.64 55.43
N TYR A 449 38.69 -17.74 56.02
CA TYR A 449 38.21 -16.43 56.43
C TYR A 449 38.88 -15.33 55.63
N ASN A 450 39.42 -15.71 54.47
CA ASN A 450 40.07 -14.80 53.57
C ASN A 450 39.09 -14.12 52.62
N TYR A 451 37.82 -14.46 52.72
CA TYR A 451 36.78 -13.91 51.86
C TYR A 451 35.89 -13.03 52.73
N LEU A 452 35.79 -11.76 52.37
CA LEU A 452 35.21 -10.74 53.23
C LEU A 452 34.08 -10.02 52.53
N TYR A 453 33.39 -9.18 53.31
CA TYR A 453 32.36 -8.32 52.76
C TYR A 453 32.21 -7.08 53.63
N ARG A 454 31.94 -5.96 52.98
CA ARG A 454 31.59 -4.73 53.66
C ARG A 454 30.19 -4.85 54.22
N LEU A 455 29.96 -4.30 55.40
CA LEU A 455 28.64 -4.34 56.01
C LEU A 455 28.19 -2.96 56.47
N PHE A 456 28.92 -1.91 56.10
CA PHE A 456 28.54 -0.57 56.51
C PHE A 456 28.78 0.40 55.36
N ARG A 457 27.79 1.27 55.15
CA ARG A 457 27.91 2.41 54.25
C ARG A 457 26.84 3.43 54.60
N LYS A 458 27.10 4.70 54.31
CA LYS A 458 26.12 5.74 54.58
C LYS A 458 24.90 5.61 53.67
N SER A 459 25.10 5.13 52.45
CA SER A 459 24.03 5.09 51.48
C SER A 459 24.16 3.81 50.65
N ASN A 460 23.20 3.63 49.75
CA ASN A 460 23.21 2.49 48.85
C ASN A 460 24.13 2.75 47.66
N LEU A 461 24.03 1.91 46.63
CA LEU A 461 24.95 2.00 45.52
C LEU A 461 24.19 2.27 44.23
N LYS A 462 24.86 2.91 43.31
CA LYS A 462 24.48 2.94 41.92
C LYS A 462 24.97 1.65 41.27
N PRO A 463 24.34 1.22 40.16
CA PRO A 463 24.67 -0.08 39.54
C PRO A 463 26.14 -0.25 39.20
N PHE A 464 26.72 -1.31 39.76
CA PHE A 464 28.13 -1.68 39.62
C PHE A 464 29.06 -0.59 40.11
N GLU A 465 28.68 0.08 41.19
CA GLU A 465 29.62 0.91 41.92
C GLU A 465 30.60 0.03 42.67
N ARG A 466 31.74 0.61 43.03
CA ARG A 466 32.84 -0.15 43.60
C ARG A 466 33.55 0.68 44.65
N ASP A 467 33.80 0.07 45.81
CA ASP A 467 34.60 0.72 46.82
C ASP A 467 35.55 -0.28 47.44
N ILE A 468 36.83 0.09 47.49
CA ILE A 468 37.86 -0.76 48.05
C ILE A 468 38.40 -0.05 49.29
N SER A 469 38.13 1.25 49.37
CA SER A 469 38.65 2.05 50.47
C SER A 469 37.95 1.68 51.77
N THR A 470 38.72 1.18 52.72
CA THR A 470 38.20 0.78 54.02
C THR A 470 38.64 1.77 55.08
N GLU A 471 37.65 2.37 55.73
CA GLU A 471 37.91 3.36 56.77
C GLU A 471 37.01 3.10 57.96
N ILE A 472 37.44 3.51 59.14
CA ILE A 472 36.75 3.20 60.39
C ILE A 472 35.42 3.94 60.44
N TYR A 473 34.33 3.18 60.29
CA TYR A 473 33.03 3.74 59.94
C TYR A 473 32.37 4.39 61.15
N GLN A 474 32.33 5.72 61.14
CA GLN A 474 31.94 6.51 62.31
C GLN A 474 30.42 6.60 62.41
N ALA A 475 29.90 6.19 63.57
CA ALA A 475 28.56 6.52 64.00
C ALA A 475 28.58 7.30 65.32
N GLY A 476 29.70 7.90 65.66
CA GLY A 476 29.86 8.56 66.94
C GLY A 476 29.44 10.01 66.98
N SER A 477 29.52 10.68 65.82
CA SER A 477 29.38 12.12 65.57
C SER A 477 30.55 12.91 66.15
N THR A 478 31.49 12.23 66.73
CA THR A 478 32.73 12.84 67.17
C THR A 478 33.90 12.19 66.45
N PRO A 479 34.89 12.95 66.04
CA PRO A 479 36.02 12.38 65.31
C PRO A 479 36.88 11.47 66.19
N CYS A 480 37.23 10.29 65.69
CA CYS A 480 38.00 9.36 66.50
C CYS A 480 39.39 9.09 65.95
N ASN A 481 40.13 10.14 65.57
CA ASN A 481 41.59 10.11 65.36
C ASN A 481 42.03 9.19 64.22
N GLY A 482 41.07 8.70 63.43
CA GLY A 482 41.33 7.57 62.58
C GLY A 482 41.65 6.31 63.36
N VAL A 483 41.21 6.21 64.61
CA VAL A 483 41.47 5.05 65.43
C VAL A 483 40.12 4.43 65.80
N GLU A 484 40.14 3.18 66.26
CA GLU A 484 38.91 2.44 66.50
C GLU A 484 38.30 2.79 67.85
N GLY A 485 37.33 1.98 68.29
CA GLY A 485 36.72 2.13 69.60
C GLY A 485 35.20 2.22 69.47
N PHE A 486 34.61 3.01 70.37
CA PHE A 486 33.16 3.14 70.40
C PHE A 486 32.66 3.94 69.23
N ASN A 487 31.66 3.38 68.54
CA ASN A 487 30.82 4.07 67.56
C ASN A 487 31.61 4.60 66.36
N CYS A 488 32.72 3.90 66.11
CA CYS A 488 33.62 4.07 64.99
C CYS A 488 34.04 2.62 64.81
N TYR A 489 33.57 1.93 63.76
CA TYR A 489 33.89 0.52 63.65
C TYR A 489 34.49 0.21 62.30
N PHE A 490 35.12 -0.95 62.21
CA PHE A 490 35.60 -1.42 60.93
C PHE A 490 34.43 -1.82 60.04
N PRO A 491 34.41 -1.34 58.81
CA PRO A 491 33.23 -1.53 57.94
C PRO A 491 33.18 -2.88 57.23
N LEU A 492 34.13 -3.76 57.45
CA LEU A 492 34.22 -5.01 56.71
C LEU A 492 33.91 -6.18 57.63
N GLN A 493 33.50 -7.28 57.03
CA GLN A 493 33.18 -8.50 57.76
C GLN A 493 33.65 -9.70 56.95
N SER A 494 34.30 -10.63 57.65
CA SER A 494 34.85 -11.83 57.02
C SER A 494 33.84 -12.95 57.08
N TYR A 495 33.94 -13.86 56.13
CA TYR A 495 33.09 -15.03 56.14
C TYR A 495 33.70 -16.13 56.99
N GLY A 496 32.90 -16.68 57.90
CA GLY A 496 33.34 -17.81 58.69
C GLY A 496 32.92 -19.13 58.07
N PHE A 497 33.85 -19.77 57.36
CA PHE A 497 33.50 -21.00 56.65
C PHE A 497 34.14 -22.20 57.32
N GLN A 498 33.49 -23.36 57.16
CA GLN A 498 33.89 -24.64 57.70
C GLN A 498 33.19 -25.72 56.89
N PRO A 499 33.78 -26.91 56.76
CA PRO A 499 33.14 -27.93 55.92
C PRO A 499 31.90 -28.53 56.53
N THR A 500 31.72 -28.41 57.84
CA THR A 500 30.53 -28.91 58.52
C THR A 500 29.42 -27.86 58.59
N ASN A 501 29.49 -26.83 57.76
CA ASN A 501 28.45 -25.81 57.77
C ASN A 501 27.19 -26.34 57.11
N GLY A 502 26.05 -25.79 57.50
CA GLY A 502 24.78 -26.19 56.95
C GLY A 502 24.59 -25.73 55.52
N VAL A 503 23.53 -26.20 54.88
CA VAL A 503 23.29 -25.90 53.47
C VAL A 503 22.95 -24.42 53.31
N GLY A 504 23.52 -23.79 52.30
CA GLY A 504 23.48 -22.36 52.16
C GLY A 504 24.68 -21.65 52.74
N TYR A 505 25.32 -22.24 53.74
CA TYR A 505 26.58 -21.70 54.29
C TYR A 505 27.78 -22.36 53.61
N GLN A 506 27.74 -22.34 52.28
CA GLN A 506 28.78 -22.97 51.48
C GLN A 506 29.30 -21.91 50.52
N PRO A 507 30.56 -21.97 50.12
CA PRO A 507 31.05 -21.02 49.13
C PRO A 507 30.48 -21.28 47.75
N TYR A 508 29.82 -20.26 47.23
CA TYR A 508 29.19 -20.34 45.91
C TYR A 508 29.88 -19.35 45.00
N ARG A 509 30.57 -19.86 44.00
CA ARG A 509 31.33 -19.02 43.08
C ARG A 509 30.38 -18.41 42.06
N VAL A 510 30.40 -17.08 41.98
CA VAL A 510 29.43 -16.31 41.21
C VAL A 510 30.08 -15.68 40.00
N VAL A 511 29.37 -15.67 38.88
CA VAL A 511 29.77 -14.95 37.68
C VAL A 511 28.50 -14.33 37.08
N VAL A 512 28.62 -13.10 36.60
CA VAL A 512 27.49 -12.37 36.04
C VAL A 512 27.88 -11.93 34.63
N LEU A 513 26.89 -11.75 33.78
CA LEU A 513 27.13 -11.25 32.43
C LEU A 513 26.45 -9.90 32.25
N SER A 514 27.11 -9.02 31.51
CA SER A 514 26.62 -7.66 31.29
C SER A 514 27.03 -7.23 29.90
N PHE A 515 26.04 -6.95 29.06
CA PHE A 515 26.26 -6.90 27.63
C PHE A 515 26.30 -5.47 27.12
N GLU A 516 26.90 -5.27 25.95
CA GLU A 516 27.01 -3.93 25.36
C GLU A 516 26.43 -3.91 23.95
N LEU A 517 25.60 -2.91 23.68
CA LEU A 517 24.98 -2.76 22.37
C LEU A 517 25.10 -1.32 21.86
N LEU A 518 24.21 -0.46 22.34
CA LEU A 518 24.22 0.95 21.93
C LEU A 518 24.53 1.08 20.45
N HIS A 519 25.11 2.22 20.07
CA HIS A 519 25.46 2.48 18.68
C HIS A 519 26.79 1.84 18.32
N ALA A 520 27.41 2.34 17.26
CA ALA A 520 28.69 1.82 16.79
C ALA A 520 28.54 0.42 16.21
N PRO A 521 29.63 -0.17 15.73
CA PRO A 521 29.58 -1.51 15.15
C PRO A 521 29.94 -2.60 16.14
N ALA A 522 29.02 -3.56 16.37
CA ALA A 522 29.30 -4.65 17.29
C ALA A 522 30.70 -5.21 17.10
N THR A 523 31.34 -5.57 18.20
CA THR A 523 32.69 -6.12 18.16
C THR A 523 32.68 -7.62 18.44
N VAL A 524 31.68 -8.08 19.18
CA VAL A 524 31.56 -9.49 19.52
C VAL A 524 30.59 -10.20 18.58
N CYS A 525 30.71 -11.52 18.51
CA CYS A 525 29.85 -12.36 17.69
C CYS A 525 29.90 -13.82 18.14
N GLY A 526 28.80 -14.53 17.94
CA GLY A 526 28.72 -15.93 18.33
C GLY A 526 29.45 -16.88 17.41
N PRO A 527 28.95 -18.11 17.30
CA PRO A 527 29.56 -19.13 16.46
C PRO A 527 28.90 -19.20 15.09
N LYS A 528 29.23 -20.22 14.31
CA LYS A 528 28.65 -20.37 12.98
C LYS A 528 28.69 -21.81 12.46
N LYS A 529 27.60 -22.22 11.83
CA LYS A 529 27.46 -23.55 11.25
C LYS A 529 27.95 -23.60 9.81
N SER A 530 28.46 -24.76 9.40
CA SER A 530 28.97 -24.94 8.04
C SER A 530 28.72 -26.37 7.56
N THR A 531 27.54 -26.61 7.00
CA THR A 531 27.19 -27.94 6.49
C THR A 531 28.29 -28.51 5.61
N ASN A 532 28.21 -28.22 4.32
CA ASN A 532 29.19 -28.71 3.37
C ASN A 532 28.95 -28.16 1.96
N LEU A 533 29.94 -28.31 1.10
CA LEU A 533 29.82 -27.81 -0.27
C LEU A 533 29.85 -28.95 -1.29
N VAL A 534 28.78 -29.07 -2.06
CA VAL A 534 28.66 -30.10 -3.07
C VAL A 534 29.44 -29.72 -4.33
N LYS A 535 28.91 -30.05 -5.50
CA LYS A 535 29.55 -29.72 -6.76
C LYS A 535 28.88 -30.42 -7.92
N ASN A 536 28.41 -29.64 -8.89
CA ASN A 536 27.74 -30.20 -10.06
C ASN A 536 26.30 -30.61 -9.77
N LYS A 537 25.62 -29.81 -8.96
CA LYS A 537 24.23 -30.09 -8.60
C LYS A 537 23.52 -28.79 -8.26
N CYS A 538 22.79 -28.24 -9.23
CA CYS A 538 22.08 -26.98 -9.01
C CYS A 538 21.67 -26.92 -7.56
N VAL A 539 22.17 -25.93 -6.84
CA VAL A 539 22.10 -25.87 -5.40
C VAL A 539 21.70 -24.45 -5.00
N ASN A 540 21.24 -24.32 -3.77
CA ASN A 540 20.88 -23.03 -3.20
C ASN A 540 21.92 -22.73 -2.14
N PHE A 541 22.75 -21.72 -2.38
CA PHE A 541 23.95 -21.51 -1.57
C PHE A 541 23.93 -20.16 -0.88
N ASN A 542 24.70 -20.09 0.20
CA ASN A 542 24.96 -18.86 0.94
C ASN A 542 26.41 -18.89 1.38
N PHE A 543 27.21 -17.94 0.88
CA PHE A 543 28.62 -17.80 1.22
C PHE A 543 28.79 -16.52 2.02
N ASN A 544 28.78 -16.66 3.35
CA ASN A 544 28.87 -15.58 4.32
C ASN A 544 28.21 -14.29 3.86
N GLY A 545 26.98 -14.40 3.38
CA GLY A 545 26.25 -13.22 2.96
C GLY A 545 25.77 -13.30 1.53
N LEU A 546 26.60 -13.84 0.65
CA LEU A 546 26.23 -13.99 -0.76
C LEU A 546 25.19 -15.08 -0.88
N THR A 547 23.96 -14.71 -1.23
CA THR A 547 22.89 -15.67 -1.41
C THR A 547 22.67 -15.89 -2.91
N GLY A 548 22.65 -17.15 -3.33
CA GLY A 548 22.40 -17.42 -4.74
C GLY A 548 21.98 -18.83 -5.06
N THR A 549 21.88 -19.13 -6.35
CA THR A 549 21.51 -20.46 -6.84
C THR A 549 22.39 -20.80 -8.03
N GLY A 550 22.73 -22.07 -8.14
CA GLY A 550 23.47 -22.50 -9.32
C GLY A 550 24.32 -23.72 -9.03
N VAL A 551 25.04 -24.12 -10.05
CA VAL A 551 26.04 -25.18 -10.00
C VAL A 551 27.36 -24.57 -9.61
N LEU A 552 28.06 -25.24 -8.69
CA LEU A 552 29.37 -24.83 -8.21
C LEU A 552 30.42 -25.73 -8.83
N THR A 553 31.52 -25.15 -9.27
CA THR A 553 32.55 -25.92 -9.95
C THR A 553 33.94 -25.45 -9.55
N GLU A 554 34.90 -26.37 -9.53
CA GLU A 554 36.28 -26.02 -9.22
C GLU A 554 36.82 -25.04 -10.25
N SER A 555 37.48 -24.00 -9.77
CA SER A 555 37.95 -22.94 -10.63
C SER A 555 39.42 -23.12 -10.99
N ASN A 556 39.89 -22.22 -11.86
CA ASN A 556 41.31 -22.11 -12.14
C ASN A 556 41.74 -20.65 -12.27
N LYS A 557 40.94 -19.72 -11.77
CA LYS A 557 41.33 -18.32 -11.63
C LYS A 557 42.01 -18.10 -10.29
N LYS A 558 42.66 -16.94 -10.17
CA LYS A 558 43.45 -16.62 -8.98
C LYS A 558 43.10 -15.21 -8.51
N PHE A 559 42.31 -15.12 -7.46
CA PHE A 559 41.96 -13.83 -6.87
C PHE A 559 43.20 -13.19 -6.26
N LEU A 560 43.07 -11.96 -5.82
CA LEU A 560 44.12 -11.44 -4.94
C LEU A 560 43.76 -11.77 -3.50
N PRO A 561 44.73 -11.95 -2.62
CA PRO A 561 44.41 -12.56 -1.32
C PRO A 561 43.71 -11.62 -0.37
N PHE A 562 42.80 -10.83 -0.89
CA PHE A 562 41.82 -10.14 -0.06
C PHE A 562 40.47 -10.06 -0.73
N GLN A 563 40.31 -10.64 -1.92
CA GLN A 563 39.09 -10.57 -2.69
C GLN A 563 38.25 -11.81 -2.43
N GLN A 564 36.96 -11.61 -2.19
CA GLN A 564 36.04 -12.67 -1.84
C GLN A 564 35.36 -13.31 -3.04
N PHE A 565 34.70 -12.51 -3.86
CA PHE A 565 33.98 -13.03 -5.01
C PHE A 565 34.30 -12.21 -6.24
N GLY A 566 34.06 -12.80 -7.40
CA GLY A 566 34.30 -12.17 -8.67
C GLY A 566 33.01 -11.87 -9.41
N ARG A 567 33.06 -10.83 -10.23
CA ARG A 567 31.89 -10.38 -10.96
C ARG A 567 32.20 -10.36 -12.44
N ASP A 568 31.15 -10.43 -13.25
CA ASP A 568 31.26 -10.35 -14.69
C ASP A 568 31.02 -8.92 -15.17
N ILE A 569 31.21 -8.70 -16.45
CA ILE A 569 30.72 -7.51 -17.11
C ILE A 569 29.21 -7.66 -17.17
N ALA A 570 28.49 -6.57 -16.90
CA ALA A 570 27.05 -6.55 -16.62
C ALA A 570 26.77 -6.95 -15.18
N ASP A 571 27.84 -7.12 -14.40
CA ASP A 571 27.76 -7.16 -12.94
C ASP A 571 26.92 -8.29 -12.37
N THR A 572 27.30 -9.54 -12.62
CA THR A 572 26.69 -10.69 -11.95
C THR A 572 27.77 -11.52 -11.30
N THR A 573 27.52 -11.97 -10.08
CA THR A 573 28.48 -12.80 -9.36
C THR A 573 28.72 -14.10 -10.12
N ASP A 574 29.97 -14.39 -10.42
CA ASP A 574 30.27 -15.61 -11.15
C ASP A 574 31.37 -16.45 -10.54
N ALA A 575 32.04 -15.97 -9.50
CA ALA A 575 32.98 -16.77 -8.75
C ALA A 575 32.89 -16.41 -7.29
N VAL A 576 33.22 -17.35 -6.41
CA VAL A 576 33.32 -17.09 -4.99
C VAL A 576 34.58 -17.77 -4.46
N ARG A 577 34.90 -17.43 -3.22
CA ARG A 577 35.98 -18.09 -2.49
C ARG A 577 35.38 -18.71 -1.24
N ASP A 578 35.69 -19.98 -1.00
CA ASP A 578 35.12 -20.64 0.16
C ASP A 578 35.84 -20.16 1.41
N PRO A 579 35.13 -19.63 2.39
CA PRO A 579 35.82 -19.05 3.55
C PRO A 579 36.71 -20.03 4.29
N GLN A 580 36.27 -21.27 4.44
CA GLN A 580 37.00 -22.21 5.28
C GLN A 580 38.26 -22.73 4.58
N THR A 581 38.14 -23.22 3.36
CA THR A 581 39.28 -23.79 2.67
C THR A 581 39.99 -22.79 1.75
N LEU A 582 39.34 -21.66 1.42
CA LEU A 582 39.94 -20.57 0.63
C LEU A 582 40.29 -21.02 -0.78
N GLU A 583 39.32 -21.60 -1.46
CA GLU A 583 39.49 -21.97 -2.87
C GLU A 583 38.40 -21.34 -3.71
N ILE A 584 38.75 -21.02 -4.93
CA ILE A 584 37.87 -20.29 -5.83
C ILE A 584 36.98 -21.28 -6.55
N LEU A 585 35.69 -20.96 -6.63
CA LEU A 585 34.70 -21.82 -7.26
C LEU A 585 33.84 -20.98 -8.19
N ASP A 586 33.66 -21.45 -9.42
CA ASP A 586 32.78 -20.77 -10.36
C ASP A 586 31.32 -21.12 -10.09
N ILE A 587 30.46 -20.19 -10.46
CA ILE A 587 29.03 -20.28 -10.25
C ILE A 587 28.36 -20.20 -11.60
N THR A 588 27.92 -21.33 -12.10
CA THR A 588 27.17 -21.28 -13.34
C THR A 588 25.69 -21.49 -13.07
N PRO A 589 24.79 -20.86 -13.81
CA PRO A 589 23.37 -21.09 -13.59
C PRO A 589 22.98 -22.50 -13.96
N CYS A 590 21.92 -23.00 -13.33
CA CYS A 590 21.40 -24.30 -13.70
C CYS A 590 20.35 -24.14 -14.80
N SER A 591 20.15 -25.22 -15.55
CA SER A 591 19.65 -25.14 -16.91
C SER A 591 18.21 -24.68 -16.98
N PHE A 592 17.95 -23.78 -17.93
CA PHE A 592 16.61 -23.38 -18.29
C PHE A 592 16.54 -23.31 -19.81
N GLY A 593 15.33 -23.37 -20.34
CA GLY A 593 15.17 -23.26 -21.78
C GLY A 593 13.76 -23.54 -22.23
N GLY A 594 13.40 -23.10 -23.43
CA GLY A 594 12.07 -23.36 -23.93
C GLY A 594 11.87 -24.79 -24.36
N VAL A 595 10.61 -25.20 -24.42
CA VAL A 595 10.23 -26.51 -24.91
C VAL A 595 9.31 -26.31 -26.10
N SER A 596 9.65 -26.97 -27.22
CA SER A 596 8.84 -26.87 -28.43
C SER A 596 8.35 -28.25 -28.81
N VAL A 597 7.17 -28.28 -29.43
CA VAL A 597 6.53 -29.51 -29.84
C VAL A 597 6.41 -29.52 -31.36
N ILE A 598 6.90 -30.58 -31.98
CA ILE A 598 6.91 -30.77 -33.42
C ILE A 598 5.84 -31.80 -33.74
N THR A 599 4.85 -31.40 -34.53
CA THR A 599 3.75 -32.26 -34.89
C THR A 599 3.50 -32.24 -36.40
N PRO A 600 3.25 -33.41 -37.01
CA PRO A 600 2.86 -33.43 -38.42
C PRO A 600 1.45 -32.92 -38.68
N GLY A 601 0.69 -32.58 -37.66
CA GLY A 601 -0.69 -32.13 -37.81
C GLY A 601 -1.62 -33.24 -37.37
N THR A 602 -2.64 -32.87 -36.60
CA THR A 602 -3.54 -33.86 -36.00
C THR A 602 -4.39 -34.56 -37.03
N ASN A 603 -4.43 -34.04 -38.25
CA ASN A 603 -5.13 -34.62 -39.38
C ASN A 603 -4.25 -35.60 -40.14
N THR A 604 -3.10 -35.93 -39.57
CA THR A 604 -2.17 -36.86 -40.20
C THR A 604 -1.79 -37.93 -39.20
N SER A 605 -1.63 -37.53 -37.95
CA SER A 605 -1.12 -38.40 -36.90
C SER A 605 -1.20 -37.64 -35.59
N ASN A 606 -1.04 -38.37 -34.49
CA ASN A 606 -0.99 -37.79 -33.16
C ASN A 606 0.35 -38.01 -32.49
N GLN A 607 1.32 -38.52 -33.23
CA GLN A 607 2.68 -38.60 -32.72
C GLN A 607 3.29 -37.20 -32.65
N VAL A 608 4.35 -37.08 -31.86
CA VAL A 608 4.90 -35.79 -31.52
C VAL A 608 6.38 -35.97 -31.21
N ALA A 609 7.17 -34.93 -31.50
CA ALA A 609 8.55 -34.86 -31.07
C ALA A 609 8.76 -33.60 -30.26
N VAL A 610 9.80 -33.57 -29.44
CA VAL A 610 9.96 -32.51 -28.45
C VAL A 610 11.39 -31.98 -28.51
N LEU A 611 11.52 -30.67 -28.60
CA LEU A 611 12.82 -30.00 -28.61
C LEU A 611 13.00 -29.26 -27.29
N TYR A 612 14.07 -29.58 -26.57
CA TYR A 612 14.49 -28.83 -25.41
C TYR A 612 15.59 -27.89 -25.88
N GLN A 613 15.32 -26.60 -25.87
CA GLN A 613 16.16 -25.66 -26.59
C GLN A 613 17.42 -25.38 -25.81
N ASP A 614 18.56 -25.47 -26.51
CA ASP A 614 19.92 -25.32 -26.01
C ASP A 614 20.10 -25.89 -24.61
N VAL A 615 19.59 -27.11 -24.43
CA VAL A 615 19.83 -27.88 -23.22
C VAL A 615 20.63 -29.11 -23.61
N ASN A 616 21.64 -29.41 -22.81
CA ASN A 616 22.41 -30.62 -23.06
C ASN A 616 21.54 -31.83 -22.79
N CYS A 617 21.58 -32.78 -23.72
CA CYS A 617 20.56 -33.80 -23.76
C CYS A 617 20.75 -34.87 -22.69
N THR A 618 21.61 -34.63 -21.72
CA THR A 618 21.89 -35.59 -20.64
C THR A 618 21.19 -35.18 -19.36
N GLU A 619 20.59 -33.99 -19.37
CA GLU A 619 19.95 -33.46 -18.18
C GLU A 619 18.50 -33.11 -18.45
N VAL A 620 17.85 -33.87 -19.32
CA VAL A 620 16.48 -33.56 -19.74
C VAL A 620 15.49 -33.95 -18.65
N PRO A 621 15.49 -35.19 -18.12
CA PRO A 621 14.47 -35.45 -17.11
C PRO A 621 15.00 -35.29 -15.69
N SER A 640 14.60 -45.57 -27.12
CA SER A 640 14.02 -44.38 -27.73
C SER A 640 15.06 -43.58 -28.51
N ASN A 641 14.65 -42.41 -28.98
CA ASN A 641 15.47 -41.58 -29.85
C ASN A 641 15.81 -40.28 -29.14
N VAL A 642 17.03 -40.17 -28.65
CA VAL A 642 17.56 -38.91 -28.16
C VAL A 642 18.68 -38.50 -29.11
N PHE A 643 18.57 -37.28 -29.63
CA PHE A 643 19.45 -36.79 -30.67
C PHE A 643 19.87 -35.39 -30.29
N GLN A 644 21.16 -35.12 -30.35
CA GLN A 644 21.69 -33.84 -29.94
C GLN A 644 21.89 -32.94 -31.15
N THR A 645 21.44 -31.71 -31.04
CA THR A 645 21.48 -30.73 -32.10
C THR A 645 22.21 -29.50 -31.58
N ARG A 646 22.72 -28.69 -32.49
CA ARG A 646 23.21 -27.37 -32.14
C ARG A 646 22.09 -26.48 -31.61
N ALA A 647 20.83 -26.90 -31.74
CA ALA A 647 19.69 -26.12 -31.29
C ALA A 647 19.04 -26.69 -30.04
N GLY A 648 19.56 -27.78 -29.49
CA GLY A 648 19.01 -28.40 -28.31
C GLY A 648 18.92 -29.90 -28.43
N CYS A 649 18.17 -30.49 -27.50
CA CYS A 649 18.00 -31.93 -27.49
C CYS A 649 16.63 -32.32 -28.02
N LEU A 650 16.62 -33.19 -29.03
CA LEU A 650 15.42 -33.62 -29.71
C LEU A 650 15.07 -35.03 -29.27
N ILE A 651 13.81 -35.23 -28.89
CA ILE A 651 13.34 -36.53 -28.41
C ILE A 651 12.11 -36.92 -29.22
N GLY A 652 12.13 -38.14 -29.74
CA GLY A 652 10.99 -38.68 -30.46
C GLY A 652 11.10 -38.65 -31.97
N ALA A 653 12.26 -38.31 -32.51
CA ALA A 653 12.53 -38.35 -33.93
C ALA A 653 13.84 -39.09 -34.14
N GLU A 654 13.92 -39.87 -35.21
CA GLU A 654 15.14 -40.58 -35.54
C GLU A 654 15.95 -39.80 -36.57
N HIS A 655 17.27 -39.89 -36.43
CA HIS A 655 18.19 -39.20 -37.32
C HIS A 655 18.55 -40.09 -38.50
N VAL A 656 18.31 -39.60 -39.71
CA VAL A 656 18.64 -40.34 -40.92
C VAL A 656 19.83 -39.66 -41.60
N ASN A 657 20.35 -40.31 -42.64
CA ASN A 657 21.52 -39.82 -43.35
C ASN A 657 21.20 -39.22 -44.70
N ASN A 658 19.98 -39.41 -45.19
CA ASN A 658 19.51 -38.78 -46.42
C ASN A 658 19.43 -37.27 -46.25
N SER A 659 19.07 -36.54 -47.30
CA SER A 659 18.84 -35.12 -47.19
C SER A 659 17.73 -34.73 -48.13
N TYR A 660 16.69 -34.13 -47.59
CA TYR A 660 15.50 -33.75 -48.34
C TYR A 660 15.36 -32.24 -48.33
N GLU A 661 14.31 -31.76 -48.96
CA GLU A 661 13.93 -30.36 -48.85
C GLU A 661 13.32 -30.12 -47.48
N CYS A 662 13.55 -28.93 -46.94
CA CYS A 662 13.15 -28.68 -45.56
C CYS A 662 11.64 -28.69 -45.43
N ASP A 663 11.17 -29.27 -44.33
CA ASP A 663 9.74 -29.41 -44.09
C ASP A 663 9.30 -28.61 -42.87
N ILE A 664 9.84 -28.96 -41.72
CA ILE A 664 9.60 -28.27 -40.46
C ILE A 664 10.97 -27.83 -39.97
N PRO A 665 11.22 -26.56 -39.83
CA PRO A 665 12.58 -26.10 -39.51
C PRO A 665 12.91 -26.21 -38.04
N ILE A 666 13.93 -26.98 -37.71
CA ILE A 666 14.40 -27.09 -36.34
C ILE A 666 15.43 -26.02 -36.05
N GLY A 667 16.48 -25.96 -36.84
CA GLY A 667 17.49 -24.92 -36.69
C GLY A 667 18.87 -25.44 -36.97
N ALA A 668 19.79 -24.50 -37.20
CA ALA A 668 21.18 -24.80 -37.49
C ALA A 668 21.34 -25.82 -38.61
N GLY A 669 20.48 -25.72 -39.62
CA GLY A 669 20.54 -26.61 -40.74
C GLY A 669 19.74 -27.88 -40.63
N ILE A 670 19.05 -28.11 -39.52
CA ILE A 670 18.32 -29.35 -39.27
C ILE A 670 16.84 -29.09 -39.48
N CYS A 671 16.19 -29.99 -40.23
CA CYS A 671 14.74 -30.01 -40.35
C CYS A 671 14.16 -31.37 -39.98
N ALA A 672 12.84 -31.43 -39.85
CA ALA A 672 12.13 -32.64 -39.45
C ALA A 672 11.01 -32.89 -40.42
N SER A 673 10.60 -34.15 -40.54
CA SER A 673 9.46 -34.49 -41.38
C SER A 673 8.80 -35.75 -40.84
N TYR A 674 7.57 -35.98 -41.28
CA TYR A 674 6.84 -37.19 -40.92
C TYR A 674 6.89 -38.15 -42.09
N GLN A 675 7.99 -38.90 -42.21
CA GLN A 675 8.14 -39.66 -43.44
C GLN A 675 8.44 -41.13 -43.23
N THR A 676 9.44 -41.41 -42.42
CA THR A 676 10.08 -42.72 -42.40
C THR A 676 10.00 -43.36 -41.02
N GLN A 690 5.12 -42.78 -41.15
CA GLN A 690 5.42 -43.89 -40.25
C GLN A 690 6.01 -43.38 -38.95
N SER A 691 6.93 -42.43 -39.06
CA SER A 691 7.49 -41.78 -37.89
C SER A 691 8.14 -40.46 -38.30
N ILE A 692 8.62 -39.74 -37.30
CA ILE A 692 9.30 -38.47 -37.45
C ILE A 692 10.78 -38.74 -37.68
N ILE A 693 11.34 -38.08 -38.69
CA ILE A 693 12.76 -38.14 -38.97
C ILE A 693 13.30 -36.71 -38.90
N ALA A 694 14.58 -36.62 -38.54
CA ALA A 694 15.31 -35.38 -38.54
C ALA A 694 16.52 -35.54 -39.44
N TYR A 695 16.79 -34.53 -40.26
CA TYR A 695 17.83 -34.66 -41.28
C TYR A 695 18.46 -33.29 -41.52
N THR A 696 19.61 -33.30 -42.18
CA THR A 696 20.24 -32.09 -42.69
C THR A 696 19.64 -31.73 -44.04
N MET A 697 19.20 -30.48 -44.19
CA MET A 697 18.40 -30.13 -45.36
C MET A 697 19.27 -30.03 -46.60
N SER A 698 18.63 -30.22 -47.75
CA SER A 698 19.26 -30.10 -49.04
C SER A 698 18.91 -28.73 -49.62
N LEU A 699 19.90 -28.08 -50.23
CA LEU A 699 19.65 -26.78 -50.84
C LEU A 699 19.12 -26.90 -52.25
N GLY A 700 19.22 -28.07 -52.87
CA GLY A 700 18.79 -28.23 -54.23
C GLY A 700 19.56 -29.35 -54.89
N ALA A 701 19.34 -29.50 -56.18
CA ALA A 701 19.95 -30.55 -56.97
C ALA A 701 21.17 -30.00 -57.70
N GLU A 702 22.30 -30.70 -57.59
CA GLU A 702 23.53 -30.24 -58.22
C GLU A 702 23.44 -30.38 -59.74
N ASN A 703 24.15 -29.50 -60.44
CA ASN A 703 24.06 -29.40 -61.88
C ASN A 703 25.31 -28.69 -62.37
N SER A 704 26.21 -29.41 -63.00
CA SER A 704 27.37 -28.81 -63.64
C SER A 704 27.04 -28.50 -65.08
N VAL A 705 27.29 -27.27 -65.49
CA VAL A 705 26.94 -26.80 -66.82
C VAL A 705 28.04 -27.17 -67.78
N ALA A 706 27.65 -27.57 -68.98
CA ALA A 706 28.58 -28.06 -70.00
C ALA A 706 29.31 -26.89 -70.67
N TYR A 707 30.21 -26.28 -69.91
CA TYR A 707 30.92 -25.11 -70.38
C TYR A 707 32.17 -25.50 -71.16
N SER A 708 32.26 -25.05 -72.40
CA SER A 708 33.53 -25.02 -73.12
C SER A 708 33.68 -23.64 -73.72
N ASN A 709 34.77 -23.42 -74.42
CA ASN A 709 35.06 -22.10 -74.94
C ASN A 709 34.62 -21.92 -76.38
N ASN A 710 33.92 -22.91 -76.95
CA ASN A 710 33.26 -22.69 -78.23
C ASN A 710 31.93 -23.42 -78.31
N SER A 711 31.23 -23.58 -77.20
CA SER A 711 29.94 -24.23 -77.18
C SER A 711 28.85 -23.26 -76.74
N ILE A 712 27.68 -23.39 -77.34
CA ILE A 712 26.54 -22.54 -77.06
C ILE A 712 25.28 -23.41 -77.08
N ALA A 713 24.30 -23.02 -76.27
CA ALA A 713 22.99 -23.64 -76.27
C ALA A 713 21.98 -22.58 -76.65
N ILE A 714 21.06 -22.92 -77.55
CA ILE A 714 20.07 -22.00 -78.05
C ILE A 714 18.71 -22.66 -77.96
N PRO A 715 17.66 -21.96 -77.53
CA PRO A 715 16.36 -22.59 -77.38
C PRO A 715 15.63 -22.72 -78.71
N THR A 716 14.85 -23.78 -78.84
CA THR A 716 14.08 -24.01 -80.06
C THR A 716 12.58 -23.85 -79.85
N ASN A 717 12.12 -23.64 -78.63
CA ASN A 717 10.70 -23.49 -78.39
C ASN A 717 10.52 -22.52 -77.22
N PHE A 718 9.28 -22.33 -76.78
CA PHE A 718 9.01 -21.49 -75.62
C PHE A 718 7.73 -21.96 -74.96
N THR A 719 7.53 -21.50 -73.73
CA THR A 719 6.25 -21.63 -73.06
C THR A 719 5.80 -20.25 -72.58
N ILE A 720 4.50 -20.02 -72.67
CA ILE A 720 3.86 -18.86 -72.08
C ILE A 720 3.43 -19.25 -70.67
N SER A 721 3.96 -18.58 -69.67
CA SER A 721 3.57 -18.90 -68.30
C SER A 721 2.92 -17.68 -67.66
N VAL A 722 2.03 -17.92 -66.70
CA VAL A 722 1.39 -16.85 -65.95
C VAL A 722 1.35 -17.22 -64.48
N THR A 723 1.80 -16.32 -63.64
CA THR A 723 1.88 -16.53 -62.20
C THR A 723 1.15 -15.41 -61.47
N THR A 724 0.92 -15.61 -60.18
CA THR A 724 0.25 -14.61 -59.36
C THR A 724 1.18 -13.99 -58.33
N GLU A 725 0.83 -12.78 -57.93
CA GLU A 725 1.51 -12.10 -56.83
C GLU A 725 0.48 -11.34 -56.01
N ILE A 726 0.47 -11.56 -54.70
CA ILE A 726 -0.56 -11.03 -53.80
C ILE A 726 0.07 -9.98 -52.91
N LEU A 727 -0.59 -8.82 -52.78
CA LEU A 727 -0.03 -7.76 -51.95
C LEU A 727 -1.10 -7.08 -51.12
N PRO A 728 -0.88 -6.91 -49.81
CA PRO A 728 -1.77 -6.07 -49.00
C PRO A 728 -1.63 -4.59 -49.27
N VAL A 729 -2.75 -3.89 -49.36
CA VAL A 729 -2.66 -2.45 -49.54
C VAL A 729 -3.23 -1.71 -48.34
N SER A 730 -4.27 -2.24 -47.69
CA SER A 730 -4.88 -1.53 -46.58
C SER A 730 -5.09 -2.44 -45.39
N MET A 731 -5.47 -1.84 -44.27
CA MET A 731 -5.96 -2.53 -43.09
C MET A 731 -7.16 -1.77 -42.59
N THR A 732 -7.76 -2.26 -41.50
CA THR A 732 -9.03 -1.70 -41.04
C THR A 732 -8.83 -0.45 -40.21
N LYS A 733 -9.69 0.53 -40.45
CA LYS A 733 -9.68 1.77 -39.70
C LYS A 733 -10.49 1.62 -38.43
N THR A 734 -9.83 1.74 -37.30
CA THR A 734 -10.48 1.62 -36.01
C THR A 734 -10.35 2.94 -35.28
N SER A 735 -11.34 3.20 -34.43
CA SER A 735 -11.27 4.35 -33.54
C SER A 735 -11.58 3.87 -32.14
N VAL A 736 -10.95 4.53 -31.17
CA VAL A 736 -11.25 4.28 -29.77
C VAL A 736 -11.68 5.59 -29.15
N ASP A 737 -12.47 5.49 -28.10
CA ASP A 737 -12.84 6.63 -27.27
C ASP A 737 -12.21 6.39 -25.91
N CYS A 738 -11.03 6.97 -25.70
CA CYS A 738 -10.28 6.84 -24.45
C CYS A 738 -11.15 6.85 -23.21
N THR A 739 -12.00 7.86 -23.06
CA THR A 739 -12.76 8.00 -21.84
C THR A 739 -13.74 6.86 -21.65
N MET A 740 -14.37 6.41 -22.71
CA MET A 740 -15.35 5.34 -22.58
C MET A 740 -14.69 3.99 -22.38
N TYR A 741 -13.41 3.87 -22.73
CA TYR A 741 -12.70 2.62 -22.51
C TYR A 741 -12.15 2.56 -21.09
N ILE A 742 -11.55 3.67 -20.64
CA ILE A 742 -10.89 3.66 -19.34
C ILE A 742 -11.92 3.75 -18.21
N CYS A 743 -12.96 4.56 -18.39
CA CYS A 743 -13.90 4.82 -17.30
C CYS A 743 -15.26 4.18 -17.54
N GLY A 744 -15.74 4.22 -18.77
CA GLY A 744 -17.02 3.59 -19.05
C GLY A 744 -18.19 4.33 -18.43
N ASP A 745 -18.25 5.64 -18.67
CA ASP A 745 -19.38 6.47 -18.25
C ASP A 745 -19.61 6.41 -16.75
N SER A 746 -18.63 6.94 -16.02
CA SER A 746 -18.71 7.10 -14.57
C SER A 746 -17.93 8.35 -14.19
N THR A 747 -18.61 9.30 -13.55
CA THR A 747 -18.02 10.62 -13.35
C THR A 747 -16.86 10.59 -12.35
N GLU A 748 -16.81 9.60 -11.48
CA GLU A 748 -15.71 9.52 -10.54
C GLU A 748 -14.40 9.23 -11.25
N CYS A 749 -14.37 8.20 -12.10
CA CYS A 749 -13.16 7.89 -12.86
C CYS A 749 -12.83 9.01 -13.81
N SER A 750 -13.84 9.65 -14.40
CA SER A 750 -13.59 10.66 -15.42
C SER A 750 -12.94 11.91 -14.85
N ASN A 751 -13.16 12.21 -13.58
CA ASN A 751 -12.52 13.37 -12.99
C ASN A 751 -11.08 13.09 -12.59
N LEU A 752 -10.80 11.89 -12.11
CA LEU A 752 -9.44 11.49 -11.86
C LEU A 752 -8.60 11.47 -13.12
N LEU A 753 -9.20 11.14 -14.26
CA LEU A 753 -8.52 11.05 -15.53
C LEU A 753 -8.01 12.40 -16.02
N LEU A 754 -8.73 13.47 -15.72
CA LEU A 754 -8.29 14.81 -16.06
C LEU A 754 -6.92 15.16 -15.52
N GLN A 755 -6.48 14.48 -14.47
CA GLN A 755 -5.17 14.75 -13.89
C GLN A 755 -4.03 14.21 -14.73
N TYR A 756 -4.32 13.48 -15.80
CA TYR A 756 -3.27 12.90 -16.60
C TYR A 756 -2.94 13.73 -17.82
N GLY A 757 -3.59 14.85 -18.01
CA GLY A 757 -3.19 15.79 -19.03
C GLY A 757 -3.92 15.53 -20.34
N SER A 758 -3.15 15.28 -21.39
CA SER A 758 -3.69 15.17 -22.73
C SER A 758 -3.29 13.88 -23.42
N PHE A 759 -3.05 12.81 -22.66
CA PHE A 759 -2.66 11.55 -23.27
C PHE A 759 -3.73 11.04 -24.24
N CYS A 760 -4.98 11.31 -23.94
CA CYS A 760 -6.05 10.73 -24.71
C CYS A 760 -6.46 11.59 -25.90
N THR A 761 -5.89 12.77 -26.04
CA THR A 761 -6.01 13.48 -27.30
C THR A 761 -4.91 13.06 -28.26
N GLN A 762 -3.73 12.74 -27.73
CA GLN A 762 -2.67 12.17 -28.53
C GLN A 762 -3.04 10.82 -29.11
N LEU A 763 -3.61 9.93 -28.29
CA LEU A 763 -3.96 8.62 -28.83
C LEU A 763 -4.94 8.73 -29.98
N ASN A 764 -5.95 9.58 -29.86
CA ASN A 764 -6.90 9.77 -30.93
C ASN A 764 -6.28 10.41 -32.16
N ARG A 765 -5.38 11.37 -31.97
CA ARG A 765 -4.68 11.93 -33.11
C ARG A 765 -3.91 10.86 -33.86
N ALA A 766 -3.24 9.97 -33.15
CA ALA A 766 -2.48 8.91 -33.79
C ALA A 766 -3.38 7.97 -34.59
N LEU A 767 -4.49 7.54 -33.98
CA LEU A 767 -5.37 6.63 -34.70
C LEU A 767 -6.05 7.28 -35.89
N THR A 768 -6.35 8.58 -35.81
CA THR A 768 -6.92 9.27 -36.96
C THR A 768 -5.91 9.41 -38.08
N GLY A 769 -4.67 9.73 -37.74
CA GLY A 769 -3.62 9.79 -38.74
C GLY A 769 -3.38 8.49 -39.44
N ILE A 770 -3.55 7.35 -38.76
CA ILE A 770 -3.40 6.09 -39.49
C ILE A 770 -4.68 5.63 -40.17
N ALA A 771 -5.84 6.15 -39.80
CA ALA A 771 -7.03 5.80 -40.55
C ALA A 771 -7.20 6.62 -41.83
N VAL A 772 -6.58 7.79 -41.92
CA VAL A 772 -6.63 8.54 -43.17
C VAL A 772 -5.68 7.97 -44.21
N GLU A 773 -4.51 7.52 -43.79
CA GLU A 773 -3.58 6.97 -44.75
C GLU A 773 -3.99 5.60 -45.29
N GLN A 774 -4.97 4.93 -44.69
CA GLN A 774 -5.45 3.70 -45.30
C GLN A 774 -6.23 3.96 -46.57
N ASP A 775 -6.95 5.06 -46.64
CA ASP A 775 -7.60 5.47 -47.87
C ASP A 775 -6.63 6.08 -48.85
N LYS A 776 -5.62 6.78 -48.35
CA LYS A 776 -4.56 7.22 -49.26
C LYS A 776 -3.82 6.04 -49.88
N ASN A 777 -3.66 4.93 -49.16
CA ASN A 777 -3.00 3.76 -49.72
C ASN A 777 -3.73 3.20 -50.92
N THR A 778 -5.06 3.08 -50.83
CA THR A 778 -5.85 2.51 -51.90
C THR A 778 -5.94 3.45 -53.09
N GLN A 779 -6.05 4.75 -52.83
CA GLN A 779 -6.17 5.70 -53.92
C GLN A 779 -4.96 5.66 -54.85
N GLU A 780 -3.77 5.40 -54.33
CA GLU A 780 -2.58 5.45 -55.16
C GLU A 780 -2.27 4.13 -55.84
N VAL A 781 -2.90 3.03 -55.45
CA VAL A 781 -2.76 1.81 -56.21
C VAL A 781 -3.77 1.75 -57.33
N PHE A 782 -5.00 2.21 -57.08
CA PHE A 782 -6.05 1.89 -58.02
C PHE A 782 -6.49 3.04 -58.92
N ALA A 783 -6.41 4.28 -58.47
CA ALA A 783 -6.82 5.41 -59.30
C ALA A 783 -5.63 5.82 -60.16
N GLN A 784 -5.26 4.93 -61.08
CA GLN A 784 -4.16 5.18 -62.02
C GLN A 784 -4.69 5.39 -63.42
N VAL A 785 -5.95 5.79 -63.54
CA VAL A 785 -6.60 6.08 -64.80
C VAL A 785 -7.37 7.38 -64.63
N LYS A 786 -7.52 8.10 -65.73
CA LYS A 786 -8.41 9.24 -65.78
C LYS A 786 -9.80 8.85 -66.30
N GLN A 787 -9.85 8.12 -67.40
CA GLN A 787 -11.10 7.64 -67.96
C GLN A 787 -11.43 6.25 -67.42
N ILE A 788 -12.70 5.93 -67.44
CA ILE A 788 -13.16 4.58 -67.21
C ILE A 788 -13.36 3.95 -68.58
N TYR A 789 -12.43 3.10 -68.98
CA TYR A 789 -12.50 2.49 -70.29
C TYR A 789 -13.37 1.25 -70.25
N LYS A 790 -14.12 1.06 -71.33
CA LYS A 790 -14.95 -0.11 -71.50
C LYS A 790 -14.45 -0.92 -72.69
N THR A 791 -14.67 -2.21 -72.63
CA THR A 791 -14.21 -3.09 -73.69
C THR A 791 -15.29 -3.22 -74.76
N PRO A 792 -14.93 -3.60 -75.98
CA PRO A 792 -15.92 -3.64 -77.05
C PRO A 792 -16.88 -4.80 -76.88
N PRO A 793 -18.08 -4.70 -77.42
CA PRO A 793 -19.02 -5.82 -77.29
C PRO A 793 -18.60 -7.08 -78.02
N ILE A 794 -18.10 -6.97 -79.24
CA ILE A 794 -17.61 -8.14 -79.98
C ILE A 794 -16.11 -8.26 -79.73
N LYS A 795 -15.72 -9.35 -79.10
CA LYS A 795 -14.40 -9.50 -78.50
C LYS A 795 -13.59 -10.54 -79.26
N ASP A 796 -12.88 -10.09 -80.29
CA ASP A 796 -11.98 -10.98 -81.02
C ASP A 796 -10.57 -10.45 -80.88
N PHE A 797 -9.80 -11.06 -79.99
CA PHE A 797 -8.46 -10.60 -79.63
C PHE A 797 -7.39 -11.53 -80.18
N GLY A 798 -7.62 -12.11 -81.35
CA GLY A 798 -6.64 -12.93 -82.01
C GLY A 798 -6.52 -14.35 -81.52
N GLY A 799 -7.54 -14.87 -80.85
CA GLY A 799 -7.49 -16.17 -80.25
C GLY A 799 -7.31 -16.17 -78.76
N PHE A 800 -6.90 -15.05 -78.19
CA PHE A 800 -6.76 -14.92 -76.75
C PHE A 800 -8.13 -14.72 -76.12
N ASN A 801 -8.32 -15.28 -74.95
CA ASN A 801 -9.62 -15.37 -74.30
C ASN A 801 -9.46 -14.83 -72.89
N PHE A 802 -10.09 -13.69 -72.62
CA PHE A 802 -9.96 -13.02 -71.32
C PHE A 802 -11.24 -13.12 -70.50
N SER A 803 -12.05 -14.15 -70.72
CA SER A 803 -13.40 -14.14 -70.16
C SER A 803 -13.43 -14.40 -68.66
N GLN A 804 -12.43 -15.05 -68.10
CA GLN A 804 -12.39 -15.30 -66.67
C GLN A 804 -11.83 -14.14 -65.87
N ILE A 805 -11.37 -13.07 -66.51
CA ILE A 805 -10.87 -11.90 -65.80
C ILE A 805 -11.57 -10.63 -66.22
N LEU A 806 -12.48 -10.71 -67.04
CA LEU A 806 -13.28 -9.55 -67.40
C LEU A 806 -14.56 -9.53 -66.56
N PRO A 807 -15.14 -8.36 -66.32
CA PRO A 807 -16.30 -8.29 -65.42
C PRO A 807 -17.47 -9.12 -65.91
N ASP A 808 -18.24 -9.59 -64.95
CA ASP A 808 -19.38 -10.47 -65.18
C ASP A 808 -20.64 -9.80 -64.64
N PRO A 809 -21.61 -9.44 -65.48
CA PRO A 809 -22.76 -8.68 -64.99
C PRO A 809 -23.67 -9.47 -64.06
N SER A 810 -23.84 -10.77 -64.30
CA SER A 810 -24.70 -11.60 -63.47
C SER A 810 -24.08 -11.97 -62.13
N LYS A 811 -22.91 -11.43 -61.80
CA LYS A 811 -22.20 -11.76 -60.57
C LYS A 811 -22.42 -10.66 -59.53
N PRO A 812 -22.00 -10.89 -58.27
CA PRO A 812 -22.12 -9.83 -57.25
C PRO A 812 -21.09 -8.74 -57.40
N SER A 813 -21.54 -7.48 -57.40
CA SER A 813 -20.74 -6.27 -57.53
C SER A 813 -20.11 -6.14 -58.91
N LYS A 814 -20.55 -6.91 -59.91
CA LYS A 814 -20.00 -6.85 -61.27
C LYS A 814 -18.51 -7.22 -61.27
N ARG A 815 -18.16 -8.23 -60.50
CA ARG A 815 -16.79 -8.70 -60.43
C ARG A 815 -16.51 -9.71 -61.54
N SER A 816 -15.24 -9.92 -61.79
CA SER A 816 -14.81 -10.99 -62.68
C SER A 816 -14.94 -12.34 -61.98
N PHE A 817 -14.80 -13.40 -62.76
CA PHE A 817 -14.94 -14.74 -62.21
C PHE A 817 -13.82 -15.05 -61.21
N ILE A 818 -12.63 -14.52 -61.44
CA ILE A 818 -11.51 -14.80 -60.54
C ILE A 818 -11.50 -13.84 -59.36
N GLU A 819 -12.10 -12.66 -59.51
CA GLU A 819 -12.25 -11.79 -58.36
C GLU A 819 -13.24 -12.31 -57.34
N ASP A 820 -14.12 -13.23 -57.73
CA ASP A 820 -15.03 -13.88 -56.81
C ASP A 820 -14.36 -14.97 -55.99
N LEU A 821 -13.59 -15.85 -56.63
CA LEU A 821 -12.85 -16.85 -55.88
C LEU A 821 -11.98 -16.21 -54.81
N LEU A 822 -11.52 -15.00 -55.03
CA LEU A 822 -10.69 -14.32 -54.06
C LEU A 822 -11.49 -13.76 -52.90
N PHE A 823 -12.69 -13.25 -53.15
CA PHE A 823 -13.51 -12.73 -52.06
C PHE A 823 -14.21 -13.83 -51.28
N ASN A 824 -14.16 -15.07 -51.75
CA ASN A 824 -14.70 -16.18 -51.01
C ASN A 824 -13.64 -16.91 -50.18
N LYS A 825 -12.36 -16.72 -50.48
CA LYS A 825 -11.34 -17.47 -49.79
C LYS A 825 -10.88 -16.73 -48.54
N VAL A 826 -10.87 -15.41 -48.58
CA VAL A 826 -10.51 -14.61 -47.40
C VAL A 826 -11.60 -13.63 -47.06
N PHE A 855 -17.99 -1.95 -29.17
CA PHE A 855 -18.47 -2.67 -28.00
C PHE A 855 -18.37 -1.83 -26.75
N ASN A 856 -17.19 -1.26 -26.48
CA ASN A 856 -17.10 -0.24 -25.45
C ASN A 856 -16.04 0.79 -25.79
N GLY A 857 -16.46 1.82 -26.52
CA GLY A 857 -15.54 2.82 -27.02
C GLY A 857 -14.76 2.44 -28.25
N LEU A 858 -15.05 1.30 -28.86
CA LEU A 858 -14.32 0.81 -30.02
C LEU A 858 -15.25 0.82 -31.23
N THR A 859 -14.82 1.45 -32.32
CA THR A 859 -15.60 1.45 -33.54
C THR A 859 -14.70 1.19 -34.74
N VAL A 860 -15.35 0.79 -35.83
CA VAL A 860 -14.69 0.50 -37.09
C VAL A 860 -15.28 1.42 -38.14
N LEU A 861 -14.44 2.19 -38.79
CA LEU A 861 -14.87 3.12 -39.82
C LEU A 861 -14.81 2.47 -41.19
N PRO A 862 -15.76 2.77 -42.07
CA PRO A 862 -15.78 2.15 -43.39
C PRO A 862 -14.78 2.82 -44.31
N PRO A 863 -14.25 2.08 -45.29
CA PRO A 863 -13.36 2.69 -46.26
C PRO A 863 -14.10 3.58 -47.25
N LEU A 864 -13.38 4.57 -47.78
CA LEU A 864 -14.00 5.57 -48.63
C LEU A 864 -14.43 4.99 -49.96
N LEU A 865 -13.59 4.16 -50.57
CA LEU A 865 -13.95 3.44 -51.77
C LEU A 865 -14.60 2.11 -51.40
N THR A 866 -15.77 1.85 -51.94
CA THR A 866 -16.43 0.58 -51.76
C THR A 866 -15.71 -0.49 -52.56
N ASP A 867 -16.15 -1.74 -52.45
CA ASP A 867 -15.55 -2.79 -53.27
C ASP A 867 -16.01 -2.72 -54.71
N GLU A 868 -17.20 -2.17 -54.93
CA GLU A 868 -17.72 -1.96 -56.27
C GLU A 868 -16.87 -0.96 -57.04
N MET A 869 -16.49 0.12 -56.37
CA MET A 869 -15.64 1.13 -56.99
C MET A 869 -14.27 0.58 -57.35
N ILE A 870 -13.69 -0.24 -56.50
CA ILE A 870 -12.37 -0.79 -56.80
C ILE A 870 -12.44 -1.82 -57.92
N ALA A 871 -13.53 -2.59 -57.99
CA ALA A 871 -13.66 -3.48 -59.13
C ALA A 871 -13.88 -2.71 -60.42
N GLN A 872 -14.58 -1.59 -60.37
CA GLN A 872 -14.65 -0.69 -61.51
C GLN A 872 -13.29 -0.17 -61.94
N TYR A 873 -12.43 0.22 -61.01
CA TYR A 873 -11.09 0.68 -61.36
C TYR A 873 -10.27 -0.41 -62.02
N THR A 874 -10.31 -1.63 -61.51
CA THR A 874 -9.52 -2.67 -62.15
C THR A 874 -10.08 -3.06 -63.51
N SER A 875 -11.39 -2.99 -63.72
CA SER A 875 -11.88 -3.27 -65.05
C SER A 875 -11.54 -2.16 -66.04
N ALA A 876 -11.46 -0.91 -65.61
CA ALA A 876 -10.95 0.11 -66.49
C ALA A 876 -9.47 -0.06 -66.83
N LEU A 877 -8.63 -0.46 -65.87
CA LEU A 877 -7.24 -0.74 -66.22
C LEU A 877 -7.13 -1.90 -67.20
N LEU A 878 -7.91 -2.95 -66.98
CA LEU A 878 -7.84 -4.13 -67.80
C LEU A 878 -8.40 -3.92 -69.19
N ALA A 879 -9.40 -3.08 -69.36
CA ALA A 879 -9.87 -2.76 -70.69
C ALA A 879 -8.97 -1.80 -71.43
N GLY A 880 -8.24 -0.95 -70.72
CA GLY A 880 -7.24 -0.10 -71.30
C GLY A 880 -6.08 -0.89 -71.85
N THR A 881 -5.62 -1.91 -71.12
CA THR A 881 -4.47 -2.64 -71.61
C THR A 881 -4.81 -3.66 -72.69
N ILE A 882 -5.98 -4.29 -72.66
CA ILE A 882 -6.35 -5.24 -73.69
C ILE A 882 -6.51 -4.55 -75.04
N THR A 883 -6.68 -3.25 -75.03
CA THR A 883 -7.24 -2.57 -76.18
C THR A 883 -6.32 -1.49 -76.73
N SER A 884 -5.44 -0.94 -75.89
CA SER A 884 -4.55 0.12 -76.30
C SER A 884 -3.09 -0.15 -76.00
N GLY A 885 -2.76 -1.31 -75.45
CA GLY A 885 -1.41 -1.52 -74.97
C GLY A 885 -1.04 -0.55 -73.87
N TRP A 886 0.19 -0.05 -73.96
CA TRP A 886 0.76 0.85 -72.97
C TRP A 886 0.57 2.32 -73.33
N THR A 887 -0.26 2.63 -74.30
CA THR A 887 -0.41 4.01 -74.72
C THR A 887 -1.28 4.82 -73.78
N PHE A 888 -2.19 4.20 -73.05
CA PHE A 888 -3.11 4.96 -72.22
C PHE A 888 -2.45 5.42 -70.93
N GLY A 889 -1.34 4.80 -70.56
CA GLY A 889 -0.62 5.25 -69.39
C GLY A 889 0.37 6.37 -69.67
N ALA A 890 0.41 6.84 -70.92
CA ALA A 890 1.26 7.96 -71.29
C ALA A 890 0.50 9.11 -71.91
N GLY A 891 -0.80 8.98 -72.10
CA GLY A 891 -1.57 9.99 -72.80
C GLY A 891 -2.94 9.46 -73.14
N ALA A 892 -3.44 9.87 -74.29
CA ALA A 892 -4.68 9.33 -74.80
C ALA A 892 -4.48 7.89 -75.27
N ALA A 893 -5.50 7.07 -75.03
CA ALA A 893 -5.47 5.69 -75.46
C ALA A 893 -5.59 5.58 -76.97
N LEU A 894 -4.66 4.88 -77.59
CA LEU A 894 -4.70 4.61 -79.02
C LEU A 894 -4.86 3.13 -79.25
N GLN A 895 -5.91 2.74 -79.96
CA GLN A 895 -6.18 1.33 -80.17
C GLN A 895 -5.20 0.73 -81.16
N ILE A 896 -4.98 -0.57 -81.00
CA ILE A 896 -4.10 -1.38 -81.84
C ILE A 896 -4.65 -2.79 -81.76
N PRO A 897 -4.62 -3.58 -82.83
CA PRO A 897 -5.08 -4.97 -82.73
C PRO A 897 -4.22 -5.77 -81.77
N PHE A 898 -4.82 -6.75 -81.10
CA PHE A 898 -4.15 -7.37 -79.96
C PHE A 898 -2.91 -8.17 -80.37
N ALA A 899 -2.93 -8.82 -81.53
CA ALA A 899 -1.76 -9.59 -81.93
C ALA A 899 -0.61 -8.70 -82.35
N MET A 900 -0.89 -7.51 -82.85
CA MET A 900 0.19 -6.58 -83.16
C MET A 900 0.81 -6.02 -81.89
N GLN A 901 0.00 -5.84 -80.86
CA GLN A 901 0.53 -5.47 -79.55
C GLN A 901 1.41 -6.59 -78.99
N MET A 902 0.96 -7.84 -79.10
CA MET A 902 1.76 -8.98 -78.69
C MET A 902 3.08 -9.04 -79.46
N ALA A 903 3.09 -8.70 -80.74
CA ALA A 903 4.32 -8.64 -81.50
C ALA A 903 5.27 -7.54 -81.03
N TYR A 904 4.75 -6.36 -80.70
CA TYR A 904 5.60 -5.35 -80.08
C TYR A 904 6.22 -5.82 -78.77
N ARG A 905 5.44 -6.50 -77.93
CA ARG A 905 6.00 -7.02 -76.69
C ARG A 905 7.05 -8.09 -76.94
N PHE A 906 6.90 -8.91 -77.96
CA PHE A 906 7.95 -9.86 -78.31
C PHE A 906 9.21 -9.13 -78.76
N ASN A 907 9.07 -8.06 -79.53
CA ASN A 907 10.22 -7.23 -79.85
C ASN A 907 10.89 -6.70 -78.61
N GLY A 908 10.12 -6.38 -77.57
CA GLY A 908 10.71 -5.81 -76.38
C GLY A 908 11.57 -6.76 -75.58
N ILE A 909 11.40 -8.06 -75.78
CA ILE A 909 12.27 -9.05 -75.15
C ILE A 909 13.32 -9.60 -76.11
N GLY A 910 13.46 -9.04 -77.30
CA GLY A 910 14.47 -9.47 -78.22
C GLY A 910 14.15 -10.66 -79.09
N VAL A 911 12.88 -10.93 -79.37
CA VAL A 911 12.50 -11.91 -80.36
C VAL A 911 11.88 -11.16 -81.53
N THR A 912 12.00 -11.71 -82.73
CA THR A 912 11.44 -11.02 -83.88
C THR A 912 9.94 -11.28 -83.99
N GLN A 913 9.29 -10.50 -84.85
CA GLN A 913 7.84 -10.48 -84.90
C GLN A 913 7.26 -11.65 -85.66
N ASN A 914 7.95 -12.11 -86.69
CA ASN A 914 7.53 -13.32 -87.39
C ASN A 914 7.43 -14.52 -86.46
N VAL A 915 8.17 -14.56 -85.36
CA VAL A 915 8.05 -15.66 -84.42
C VAL A 915 6.71 -15.64 -83.71
N LEU A 916 6.13 -14.46 -83.49
CA LEU A 916 4.76 -14.42 -82.98
C LEU A 916 3.76 -14.72 -84.08
N TYR A 917 3.93 -14.14 -85.25
CA TYR A 917 2.86 -14.27 -86.24
C TYR A 917 2.78 -15.67 -86.81
N GLU A 918 3.87 -16.43 -86.77
CA GLU A 918 3.85 -17.79 -87.27
C GLU A 918 3.47 -18.80 -86.21
N ASN A 919 3.36 -18.39 -84.97
CA ASN A 919 3.02 -19.26 -83.85
C ASN A 919 1.84 -18.70 -83.09
N GLN A 920 1.04 -17.88 -83.75
CA GLN A 920 -0.09 -17.24 -83.09
C GLN A 920 -1.03 -18.22 -82.40
N LYS A 921 -1.50 -19.24 -83.09
CA LYS A 921 -2.47 -20.13 -82.46
C LYS A 921 -1.87 -20.92 -81.31
N LEU A 922 -0.61 -21.30 -81.41
CA LEU A 922 0.02 -22.03 -80.32
C LEU A 922 0.23 -21.13 -79.11
N ILE A 923 0.63 -19.88 -79.33
CA ILE A 923 0.85 -18.94 -78.23
C ILE A 923 -0.47 -18.61 -77.55
N ALA A 924 -1.54 -18.49 -78.34
CA ALA A 924 -2.85 -18.24 -77.77
C ALA A 924 -3.41 -19.43 -77.01
N ASN A 925 -3.20 -20.65 -77.51
CA ASN A 925 -3.61 -21.82 -76.77
C ASN A 925 -2.85 -21.97 -75.47
N GLN A 926 -1.54 -21.76 -75.47
CA GLN A 926 -0.78 -21.80 -74.23
C GLN A 926 -1.26 -20.76 -73.23
N PHE A 927 -1.54 -19.55 -73.69
CA PHE A 927 -2.04 -18.53 -72.77
C PHE A 927 -3.40 -18.93 -72.19
N ASN A 928 -4.32 -19.42 -73.03
CA ASN A 928 -5.64 -19.80 -72.52
C ASN A 928 -5.56 -20.95 -71.53
N SER A 929 -4.75 -21.94 -71.83
CA SER A 929 -4.59 -23.07 -70.95
C SER A 929 -3.88 -22.71 -69.66
N ALA A 930 -3.07 -21.67 -69.65
CA ALA A 930 -2.40 -21.25 -68.43
C ALA A 930 -3.25 -20.32 -67.58
N ILE A 931 -4.16 -19.57 -68.19
CA ILE A 931 -5.16 -18.84 -67.41
C ILE A 931 -6.16 -19.81 -66.80
N GLY A 932 -6.43 -20.93 -67.48
CA GLY A 932 -7.31 -21.93 -66.92
C GLY A 932 -6.78 -22.63 -65.68
N LYS A 933 -5.48 -22.57 -65.43
CA LYS A 933 -4.92 -23.25 -64.27
C LYS A 933 -4.87 -22.37 -63.03
N ILE A 934 -4.72 -21.05 -63.20
CA ILE A 934 -4.90 -20.14 -62.07
C ILE A 934 -6.23 -20.41 -61.40
N GLN A 935 -7.27 -20.58 -62.21
CA GLN A 935 -8.62 -20.74 -61.70
C GLN A 935 -8.77 -22.02 -60.90
N ASP A 936 -8.12 -23.11 -61.34
CA ASP A 936 -8.13 -24.34 -60.57
C ASP A 936 -7.34 -24.20 -59.28
N SER A 937 -6.09 -23.76 -59.37
CA SER A 937 -5.25 -23.65 -58.20
C SER A 937 -5.85 -22.74 -57.13
N LEU A 938 -6.61 -21.72 -57.52
CA LEU A 938 -7.27 -20.93 -56.50
C LEU A 938 -8.58 -21.56 -56.04
N SER A 939 -9.39 -22.06 -56.97
CA SER A 939 -10.65 -22.69 -56.63
C SER A 939 -10.49 -23.92 -55.74
N SER A 940 -9.30 -24.52 -55.70
CA SER A 940 -9.09 -25.74 -54.93
C SER A 940 -8.59 -25.45 -53.53
N ALA A 944 -3.63 -19.97 -50.10
CA ALA A 944 -2.76 -19.26 -51.04
C ALA A 944 -2.79 -17.75 -50.79
N LEU A 945 -3.89 -17.26 -50.24
CA LEU A 945 -3.98 -15.86 -49.82
C LEU A 945 -3.59 -15.70 -48.36
N GLY A 946 -2.46 -16.29 -47.97
CA GLY A 946 -2.02 -16.19 -46.60
C GLY A 946 -1.52 -14.82 -46.22
N LYS A 947 -0.95 -14.06 -47.15
CA LYS A 947 -0.48 -12.73 -46.82
C LYS A 947 -1.63 -11.77 -46.54
N LEU A 948 -2.78 -12.00 -47.16
CA LEU A 948 -3.94 -11.19 -46.83
C LEU A 948 -4.63 -11.65 -45.57
N GLN A 949 -4.62 -12.96 -45.31
CA GLN A 949 -5.20 -13.50 -44.11
C GLN A 949 -4.43 -13.09 -42.87
N ASP A 950 -3.11 -12.95 -42.97
CA ASP A 950 -2.32 -12.63 -41.80
C ASP A 950 -2.57 -11.22 -41.29
N VAL A 951 -2.78 -10.25 -42.17
CA VAL A 951 -3.02 -8.91 -41.66
C VAL A 951 -4.39 -8.80 -41.03
N VAL A 952 -5.37 -9.56 -41.51
CA VAL A 952 -6.66 -9.63 -40.83
C VAL A 952 -6.52 -10.25 -39.44
N ASN A 953 -5.84 -11.40 -39.38
CA ASN A 953 -5.65 -12.08 -38.10
C ASN A 953 -4.92 -11.23 -37.09
N GLN A 954 -3.84 -10.54 -37.48
CA GLN A 954 -3.09 -9.73 -36.52
C GLN A 954 -3.95 -8.63 -35.92
N ASN A 955 -4.72 -7.94 -36.74
CA ASN A 955 -5.57 -6.87 -36.23
C ASN A 955 -6.63 -7.39 -35.29
N ALA A 956 -7.28 -8.51 -35.62
CA ALA A 956 -8.26 -9.09 -34.72
C ALA A 956 -7.65 -9.58 -33.41
N GLN A 957 -6.49 -10.22 -33.48
CA GLN A 957 -5.80 -10.66 -32.27
C GLN A 957 -5.41 -9.50 -31.39
N ALA A 958 -5.12 -8.33 -31.96
CA ALA A 958 -4.81 -7.19 -31.11
C ALA A 958 -6.06 -6.56 -30.52
N LEU A 959 -7.13 -6.45 -31.31
CA LEU A 959 -8.36 -5.89 -30.76
C LEU A 959 -8.95 -6.76 -29.67
N ASN A 960 -8.74 -8.07 -29.73
CA ASN A 960 -9.26 -8.92 -28.67
C ASN A 960 -8.44 -8.78 -27.39
N THR A 961 -7.12 -8.72 -27.53
CA THR A 961 -6.27 -8.45 -26.38
C THR A 961 -6.59 -7.13 -25.72
N LEU A 962 -7.02 -6.13 -26.49
CA LEU A 962 -7.39 -4.85 -25.87
C LEU A 962 -8.62 -4.99 -24.99
N VAL A 963 -9.63 -5.72 -25.44
CA VAL A 963 -10.85 -5.86 -24.65
C VAL A 963 -10.64 -6.80 -23.48
N LYS A 964 -9.85 -7.86 -23.65
CA LYS A 964 -9.60 -8.78 -22.57
C LYS A 964 -8.81 -8.18 -21.42
N GLN A 965 -8.31 -6.96 -21.58
CA GLN A 965 -7.62 -6.28 -20.49
C GLN A 965 -8.56 -5.50 -19.61
N LEU A 966 -9.82 -5.36 -19.99
CA LEU A 966 -10.81 -4.67 -19.19
C LEU A 966 -11.28 -5.53 -18.03
N SER A 967 -10.63 -6.68 -17.85
CA SER A 967 -10.99 -7.58 -16.76
C SER A 967 -9.78 -8.03 -16.00
N SER A 968 -8.82 -7.13 -15.80
CA SER A 968 -7.69 -7.37 -14.92
C SER A 968 -7.70 -6.33 -13.83
N ASN A 969 -7.17 -6.70 -12.67
CA ASN A 969 -7.19 -5.82 -11.51
C ASN A 969 -6.05 -4.82 -11.53
N PHE A 970 -4.88 -5.23 -12.01
CA PHE A 970 -3.64 -4.48 -11.89
C PHE A 970 -3.32 -4.14 -10.45
N GLY A 971 -3.76 -4.96 -9.50
CA GLY A 971 -3.54 -4.68 -8.10
C GLY A 971 -4.63 -3.84 -7.48
N ALA A 972 -5.87 -4.26 -7.63
CA ALA A 972 -7.00 -3.60 -7.03
C ALA A 972 -7.93 -4.67 -6.49
N ILE A 973 -9.00 -4.25 -5.84
CA ILE A 973 -9.90 -5.23 -5.23
C ILE A 973 -10.81 -5.89 -6.25
N SER A 974 -11.17 -5.21 -7.33
CA SER A 974 -11.91 -5.86 -8.40
C SER A 974 -11.56 -5.18 -9.71
N SER A 975 -12.29 -5.56 -10.76
CA SER A 975 -12.14 -4.98 -12.09
C SER A 975 -13.31 -4.10 -12.47
N VAL A 976 -14.27 -3.92 -11.56
CA VAL A 976 -15.50 -3.21 -11.85
C VAL A 976 -15.51 -1.93 -11.04
N LEU A 977 -15.86 -0.82 -11.68
CA LEU A 977 -15.94 0.43 -10.95
C LEU A 977 -17.20 0.50 -10.09
N ASN A 978 -18.24 -0.23 -10.45
CA ASN A 978 -19.42 -0.32 -9.60
C ASN A 978 -19.22 -1.21 -8.40
N ASP A 979 -18.06 -1.86 -8.28
CA ASP A 979 -17.73 -2.61 -7.08
C ASP A 979 -16.75 -1.88 -6.18
N ILE A 980 -15.94 -0.97 -6.73
CA ILE A 980 -15.15 -0.12 -5.86
C ILE A 980 -15.95 1.08 -5.40
N LEU A 981 -16.95 1.49 -6.16
CA LEU A 981 -17.85 2.54 -5.72
C LEU A 981 -19.02 2.02 -4.89
N SER A 982 -18.96 0.78 -4.42
CA SER A 982 -20.02 0.22 -3.59
C SER A 982 -19.53 -0.36 -2.27
N ARG A 983 -18.25 -0.72 -2.16
CA ARG A 983 -17.73 -1.18 -0.88
C ARG A 983 -16.48 -0.42 -0.50
N LEU A 984 -16.48 0.89 -0.76
CA LEU A 984 -15.39 1.75 -0.34
C LEU A 984 -15.91 3.17 -0.29
N ASP A 985 -15.46 3.91 0.71
CA ASP A 985 -15.78 5.32 0.79
C ASP A 985 -14.90 6.12 -0.15
N PRO A 986 -15.35 7.29 -0.58
CA PRO A 986 -14.64 8.04 -1.63
C PRO A 986 -13.16 8.22 -1.35
N PRO A 987 -12.73 8.44 -0.10
CA PRO A 987 -11.28 8.57 0.12
C PRO A 987 -10.51 7.29 -0.13
N GLU A 988 -11.15 6.13 -0.01
CA GLU A 988 -10.47 4.87 -0.25
C GLU A 988 -10.64 4.35 -1.66
N ALA A 989 -11.66 4.82 -2.37
CA ALA A 989 -11.88 4.36 -3.73
C ALA A 989 -11.02 5.10 -4.73
N GLU A 990 -10.52 6.28 -4.39
CA GLU A 990 -9.57 6.97 -5.26
C GLU A 990 -8.32 6.14 -5.48
N VAL A 991 -7.80 5.55 -4.41
CA VAL A 991 -6.55 4.80 -4.50
C VAL A 991 -6.73 3.55 -5.33
N GLN A 992 -7.93 2.99 -5.32
CA GLN A 992 -8.19 1.78 -6.06
C GLN A 992 -8.58 2.07 -7.51
N ILE A 993 -9.17 3.23 -7.76
CA ILE A 993 -9.51 3.62 -9.12
C ILE A 993 -8.25 4.02 -9.88
N ASP A 994 -7.31 4.67 -9.21
CA ASP A 994 -6.07 5.03 -9.88
C ASP A 994 -5.28 3.82 -10.34
N ARG A 995 -5.30 2.73 -9.60
CA ARG A 995 -4.60 1.53 -10.02
C ARG A 995 -5.18 0.95 -11.30
N LEU A 996 -6.48 1.07 -11.50
CA LEU A 996 -7.10 0.65 -12.74
C LEU A 996 -6.82 1.63 -13.87
N ILE A 997 -6.87 2.93 -13.58
CA ILE A 997 -6.60 3.93 -14.60
C ILE A 997 -5.21 3.74 -15.19
N THR A 998 -4.21 3.56 -14.32
CA THR A 998 -2.85 3.40 -14.81
C THR A 998 -2.70 2.20 -15.71
N GLY A 999 -3.25 1.06 -15.32
CA GLY A 999 -3.18 -0.14 -16.13
C GLY A 999 -3.88 0.00 -17.46
N ARG A 1000 -5.10 0.50 -17.46
CA ARG A 1000 -5.84 0.67 -18.70
C ARG A 1000 -5.20 1.68 -19.64
N LEU A 1001 -4.60 2.74 -19.12
CA LEU A 1001 -3.87 3.66 -19.96
C LEU A 1001 -2.66 2.99 -20.59
N GLN A 1002 -1.91 2.23 -19.80
CA GLN A 1002 -0.79 1.49 -20.35
C GLN A 1002 -1.22 0.57 -21.47
N SER A 1003 -2.31 -0.15 -21.30
CA SER A 1003 -2.75 -1.09 -22.31
C SER A 1003 -3.22 -0.41 -23.58
N LEU A 1004 -3.96 0.68 -23.47
CA LEU A 1004 -4.37 1.44 -24.63
C LEU A 1004 -3.18 2.03 -25.38
N GLN A 1005 -2.17 2.50 -24.67
CA GLN A 1005 -1.04 3.09 -25.36
C GLN A 1005 -0.16 2.03 -26.01
N THR A 1006 -0.08 0.84 -25.43
CA THR A 1006 0.60 -0.25 -26.13
C THR A 1006 -0.12 -0.63 -27.42
N TYR A 1007 -1.45 -0.72 -27.37
CA TYR A 1007 -2.22 -0.93 -28.59
C TYR A 1007 -1.91 0.14 -29.64
N VAL A 1008 -1.80 1.39 -29.24
CA VAL A 1008 -1.62 2.44 -30.24
C VAL A 1008 -0.20 2.44 -30.80
N THR A 1009 0.80 2.04 -30.03
CA THR A 1009 2.15 1.95 -30.59
C THR A 1009 2.26 0.82 -31.61
N GLN A 1010 1.73 -0.36 -31.28
CA GLN A 1010 1.87 -1.47 -32.20
C GLN A 1010 1.11 -1.28 -33.51
N GLN A 1011 0.05 -0.49 -33.50
CA GLN A 1011 -0.65 -0.12 -34.72
C GLN A 1011 0.15 0.83 -35.60
N LEU A 1012 0.87 1.78 -35.02
CA LEU A 1012 1.77 2.61 -35.81
C LEU A 1012 2.84 1.77 -36.48
N ILE A 1013 3.38 0.79 -35.75
CA ILE A 1013 4.44 -0.02 -36.33
C ILE A 1013 3.90 -0.97 -37.40
N ARG A 1014 2.67 -1.43 -37.27
CA ARG A 1014 2.06 -2.27 -38.29
C ARG A 1014 1.59 -1.50 -39.51
N ALA A 1015 1.12 -0.28 -39.32
CA ALA A 1015 0.75 0.57 -40.43
C ALA A 1015 1.94 1.02 -41.26
N ALA A 1016 3.10 1.28 -40.63
CA ALA A 1016 4.29 1.61 -41.41
C ALA A 1016 4.73 0.47 -42.31
N GLU A 1017 4.35 -0.75 -42.01
CA GLU A 1017 4.68 -1.89 -42.84
C GLU A 1017 3.67 -2.10 -43.95
N ILE A 1018 2.38 -1.90 -43.66
CA ILE A 1018 1.37 -1.94 -44.71
C ILE A 1018 1.61 -0.83 -45.73
N ARG A 1019 2.18 0.29 -45.29
CA ARG A 1019 2.40 1.42 -46.17
C ARG A 1019 3.45 1.11 -47.23
N ALA A 1020 4.50 0.41 -46.85
CA ALA A 1020 5.54 0.02 -47.79
C ALA A 1020 5.07 -1.01 -48.80
N SER A 1021 4.22 -1.94 -48.38
CA SER A 1021 3.61 -2.88 -49.29
C SER A 1021 2.72 -2.20 -50.31
N ALA A 1022 1.88 -1.27 -49.89
CA ALA A 1022 1.08 -0.50 -50.82
C ALA A 1022 1.91 0.39 -51.73
N ASN A 1023 3.05 0.87 -51.26
CA ASN A 1023 3.94 1.63 -52.13
C ASN A 1023 4.60 0.76 -53.19
N LEU A 1024 4.89 -0.49 -52.87
CA LEU A 1024 5.37 -1.43 -53.86
C LEU A 1024 4.28 -1.84 -54.85
N ALA A 1025 3.05 -2.04 -54.38
CA ALA A 1025 1.93 -2.33 -55.26
C ALA A 1025 1.65 -1.21 -56.23
N ALA A 1026 1.79 0.04 -55.80
CA ALA A 1026 1.60 1.16 -56.69
C ALA A 1026 2.67 1.26 -57.76
N THR A 1027 3.89 0.85 -57.47
CA THR A 1027 4.97 0.81 -58.44
C THR A 1027 4.81 -0.35 -59.43
N LYS A 1028 4.38 -1.51 -58.96
CA LYS A 1028 4.07 -2.60 -59.86
C LYS A 1028 2.90 -2.31 -60.76
N MET A 1029 1.87 -1.61 -60.30
CA MET A 1029 0.81 -1.23 -61.20
C MET A 1029 1.28 -0.30 -62.31
N SER A 1030 2.23 0.59 -62.01
CA SER A 1030 2.76 1.49 -63.03
C SER A 1030 3.69 0.77 -63.99
N GLU A 1031 4.55 -0.10 -63.48
CA GLU A 1031 5.63 -0.64 -64.27
C GLU A 1031 5.35 -2.00 -64.89
N CYS A 1032 4.38 -2.75 -64.39
CA CYS A 1032 4.03 -4.03 -64.98
C CYS A 1032 2.70 -4.03 -65.69
N VAL A 1033 1.76 -3.17 -65.29
CA VAL A 1033 0.45 -3.13 -65.90
C VAL A 1033 0.35 -2.05 -66.98
N LEU A 1034 0.91 -0.87 -66.74
CA LEU A 1034 0.91 0.17 -67.77
C LEU A 1034 2.20 0.22 -68.55
N GLY A 1035 3.06 -0.77 -68.41
CA GLY A 1035 4.26 -0.83 -69.22
C GLY A 1035 4.75 -2.24 -69.43
N GLN A 1036 5.90 -2.38 -70.06
CA GLN A 1036 6.67 -3.62 -70.09
C GLN A 1036 7.97 -3.39 -69.36
N SER A 1037 8.23 -4.18 -68.32
CA SER A 1037 9.43 -3.96 -67.53
C SER A 1037 10.59 -4.80 -68.05
N LYS A 1038 11.79 -4.24 -67.95
CA LYS A 1038 13.03 -4.93 -68.23
C LYS A 1038 13.76 -5.38 -66.96
N ARG A 1039 13.39 -4.84 -65.81
CA ARG A 1039 13.97 -5.29 -64.55
C ARG A 1039 13.76 -6.78 -64.37
N VAL A 1040 14.80 -7.48 -63.91
CA VAL A 1040 14.74 -8.93 -63.80
C VAL A 1040 13.98 -9.30 -62.54
N ASP A 1041 13.01 -10.21 -62.68
CA ASP A 1041 12.22 -10.75 -61.58
C ASP A 1041 11.45 -9.68 -60.81
N PHE A 1042 10.95 -8.69 -61.52
CA PHE A 1042 10.12 -7.68 -60.91
C PHE A 1042 8.64 -7.87 -61.23
N CYS A 1043 8.35 -8.44 -62.38
CA CYS A 1043 7.01 -8.70 -62.85
C CYS A 1043 6.91 -10.15 -63.27
N GLY A 1044 7.32 -11.04 -62.39
CA GLY A 1044 7.29 -12.48 -62.63
C GLY A 1044 8.67 -13.05 -62.82
N LYS A 1045 8.71 -14.31 -63.20
CA LYS A 1045 9.95 -15.02 -63.46
C LYS A 1045 9.94 -15.53 -64.88
N GLY A 1046 10.88 -15.07 -65.68
CA GLY A 1046 10.90 -15.19 -67.11
C GLY A 1046 11.15 -13.84 -67.70
N TYR A 1047 10.76 -13.65 -68.95
CA TYR A 1047 10.83 -12.35 -69.60
C TYR A 1047 9.44 -11.74 -69.62
N HIS A 1048 9.29 -10.59 -68.98
CA HIS A 1048 7.97 -10.00 -68.82
C HIS A 1048 7.34 -9.67 -70.15
N LEU A 1049 6.14 -10.19 -70.39
CA LEU A 1049 5.32 -9.73 -71.49
C LEU A 1049 4.27 -8.75 -71.02
N MET A 1050 3.39 -9.12 -70.09
CA MET A 1050 2.33 -8.22 -69.69
C MET A 1050 1.77 -8.65 -68.34
N SER A 1051 0.98 -7.78 -67.72
CA SER A 1051 0.44 -8.04 -66.39
C SER A 1051 -1.01 -7.58 -66.35
N PHE A 1052 -1.82 -8.27 -65.53
CA PHE A 1052 -3.23 -7.96 -65.34
C PHE A 1052 -3.55 -7.82 -63.86
N PRO A 1053 -4.22 -6.76 -63.44
CA PRO A 1053 -4.62 -6.63 -62.04
C PRO A 1053 -5.99 -7.20 -61.72
N GLN A 1054 -6.12 -7.69 -60.48
CA GLN A 1054 -7.38 -8.16 -59.92
C GLN A 1054 -7.47 -7.68 -58.49
N SER A 1055 -8.66 -7.23 -58.09
CA SER A 1055 -8.82 -6.75 -56.73
C SER A 1055 -9.06 -7.91 -55.77
N ALA A 1056 -8.60 -7.74 -54.54
CA ALA A 1056 -8.75 -8.72 -53.47
C ALA A 1056 -9.30 -7.98 -52.27
N PRO A 1057 -9.72 -8.70 -51.22
CA PRO A 1057 -10.29 -8.03 -50.03
C PRO A 1057 -9.55 -6.80 -49.49
N HIS A 1058 -8.29 -6.88 -49.14
CA HIS A 1058 -7.56 -5.70 -48.72
C HIS A 1058 -6.28 -5.55 -49.51
N GLY A 1059 -6.29 -5.95 -50.76
CA GLY A 1059 -5.10 -5.91 -51.55
C GLY A 1059 -5.36 -6.14 -53.00
N VAL A 1060 -4.30 -6.54 -53.69
CA VAL A 1060 -4.35 -6.68 -55.14
C VAL A 1060 -3.55 -7.91 -55.53
N VAL A 1061 -4.04 -8.61 -56.55
CA VAL A 1061 -3.38 -9.73 -57.17
C VAL A 1061 -2.94 -9.30 -58.55
N PHE A 1062 -1.68 -9.54 -58.88
CA PHE A 1062 -1.19 -9.36 -60.24
C PHE A 1062 -1.04 -10.71 -60.88
N LEU A 1063 -1.53 -10.84 -62.11
CA LEU A 1063 -1.30 -11.99 -62.97
C LEU A 1063 -0.25 -11.61 -63.99
N HIS A 1064 0.93 -12.19 -63.86
CA HIS A 1064 2.07 -11.87 -64.71
C HIS A 1064 2.17 -12.89 -65.83
N VAL A 1065 2.24 -12.42 -67.06
CA VAL A 1065 2.42 -13.24 -68.24
C VAL A 1065 3.84 -13.03 -68.74
N THR A 1066 4.63 -14.11 -68.74
CA THR A 1066 6.01 -14.07 -69.17
C THR A 1066 6.30 -15.15 -70.21
N TYR A 1067 7.39 -14.92 -70.92
CA TYR A 1067 7.94 -15.82 -71.93
C TYR A 1067 9.06 -16.61 -71.30
N VAL A 1068 9.08 -17.93 -71.51
CA VAL A 1068 10.13 -18.79 -70.98
C VAL A 1068 10.68 -19.62 -72.12
N PRO A 1069 11.98 -19.57 -72.41
CA PRO A 1069 12.53 -20.40 -73.49
C PRO A 1069 12.64 -21.86 -73.10
N ALA A 1070 12.57 -22.73 -74.11
CA ALA A 1070 12.49 -24.16 -73.85
C ALA A 1070 13.20 -24.93 -74.96
N GLN A 1071 13.54 -26.17 -74.63
CA GLN A 1071 14.05 -27.17 -75.56
C GLN A 1071 15.31 -26.76 -76.28
N GLU A 1072 16.41 -26.59 -75.55
CA GLU A 1072 17.64 -26.07 -76.09
C GLU A 1072 18.48 -27.15 -76.77
N LYS A 1073 19.27 -26.72 -77.75
CA LYS A 1073 20.27 -27.57 -78.39
C LYS A 1073 21.62 -26.91 -78.24
N ASN A 1074 22.69 -27.70 -78.23
CA ASN A 1074 24.00 -27.09 -78.41
C ASN A 1074 24.45 -27.09 -79.86
N PHE A 1075 25.21 -26.06 -80.19
CA PHE A 1075 25.93 -25.87 -81.43
C PHE A 1075 27.34 -25.46 -81.06
N THR A 1076 28.19 -25.21 -82.05
CA THR A 1076 29.50 -24.62 -81.77
C THR A 1076 29.53 -23.20 -82.32
N THR A 1077 30.25 -22.32 -81.66
CA THR A 1077 30.26 -20.90 -81.98
C THR A 1077 31.65 -20.41 -82.31
N ALA A 1078 31.68 -19.22 -82.90
CA ALA A 1078 32.87 -18.44 -83.13
C ALA A 1078 32.50 -16.98 -82.91
N PRO A 1079 33.45 -16.16 -82.53
CA PRO A 1079 33.15 -14.74 -82.35
C PRO A 1079 33.04 -13.94 -83.65
N ALA A 1080 33.75 -14.37 -84.69
CA ALA A 1080 33.82 -13.64 -85.93
C ALA A 1080 34.11 -14.64 -87.04
N ILE A 1081 33.97 -14.18 -88.28
CA ILE A 1081 34.25 -15.00 -89.45
C ILE A 1081 35.32 -14.29 -90.27
N CYS A 1082 36.34 -15.01 -90.70
CA CYS A 1082 37.37 -14.41 -91.54
C CYS A 1082 37.06 -14.72 -93.00
N HIS A 1083 37.16 -13.71 -93.84
CA HIS A 1083 36.86 -13.84 -95.25
C HIS A 1083 37.53 -12.70 -95.99
N ASP A 1084 38.30 -13.04 -97.02
CA ASP A 1084 39.04 -12.05 -97.81
C ASP A 1084 39.98 -11.23 -96.95
N GLY A 1085 40.48 -11.82 -95.87
CA GLY A 1085 41.36 -11.09 -94.99
C GLY A 1085 40.68 -10.14 -94.05
N LYS A 1086 39.36 -10.15 -93.99
CA LYS A 1086 38.60 -9.28 -93.11
C LYS A 1086 37.89 -10.09 -92.04
N ALA A 1087 37.54 -9.43 -90.95
CA ALA A 1087 36.82 -10.04 -89.84
C ALA A 1087 35.40 -9.51 -89.78
N HIS A 1088 34.44 -10.43 -89.74
CA HIS A 1088 33.02 -10.09 -89.79
C HIS A 1088 32.37 -10.48 -88.47
N PHE A 1089 31.52 -9.61 -87.98
CA PHE A 1089 30.78 -9.78 -86.76
C PHE A 1089 29.29 -9.69 -87.06
N PRO A 1090 28.45 -10.44 -86.34
CA PRO A 1090 27.02 -10.38 -86.63
C PRO A 1090 26.39 -9.09 -86.15
N ARG A 1091 25.44 -8.60 -86.94
CA ARG A 1091 24.79 -7.35 -86.61
C ARG A 1091 23.91 -7.48 -85.37
N GLU A 1092 23.09 -8.53 -85.30
CA GLU A 1092 22.26 -8.74 -84.11
C GLU A 1092 22.11 -10.20 -83.73
N GLY A 1093 23.10 -11.04 -83.99
CA GLY A 1093 22.89 -12.42 -83.65
C GLY A 1093 24.09 -13.15 -83.10
N VAL A 1094 24.15 -14.45 -83.37
CA VAL A 1094 25.28 -15.29 -83.07
C VAL A 1094 25.57 -16.17 -84.26
N PHE A 1095 26.85 -16.37 -84.53
CA PHE A 1095 27.30 -17.36 -85.50
C PHE A 1095 27.25 -18.74 -84.89
N VAL A 1096 26.59 -19.69 -85.56
CA VAL A 1096 26.51 -21.05 -85.06
C VAL A 1096 26.84 -22.02 -86.18
N SER A 1097 27.13 -23.26 -85.79
CA SER A 1097 27.51 -24.32 -86.72
C SER A 1097 26.74 -25.57 -86.38
N ASN A 1098 26.08 -26.17 -87.37
CA ASN A 1098 25.38 -27.41 -87.10
C ASN A 1098 26.27 -28.64 -87.22
N GLY A 1099 27.57 -28.44 -87.38
CA GLY A 1099 28.50 -29.53 -87.52
C GLY A 1099 29.38 -29.31 -88.74
N THR A 1100 28.75 -28.84 -89.83
CA THR A 1100 29.46 -28.60 -91.07
C THR A 1100 29.18 -27.25 -91.71
N HIS A 1101 28.11 -26.53 -91.34
CA HIS A 1101 27.77 -25.28 -91.98
C HIS A 1101 27.60 -24.18 -90.93
N TRP A 1102 27.75 -22.95 -91.38
CA TRP A 1102 27.76 -21.79 -90.50
C TRP A 1102 26.60 -20.86 -90.83
N PHE A 1103 25.83 -20.51 -89.80
CA PHE A 1103 24.64 -19.68 -89.93
C PHE A 1103 24.69 -18.56 -88.91
N VAL A 1104 23.71 -17.65 -88.99
CA VAL A 1104 23.44 -16.64 -87.97
C VAL A 1104 22.05 -16.90 -87.40
N THR A 1105 21.93 -16.92 -86.08
CA THR A 1105 20.63 -16.88 -85.46
C THR A 1105 20.48 -15.62 -84.63
N GLN A 1106 19.24 -15.37 -84.22
CA GLN A 1106 18.99 -14.51 -83.10
C GLN A 1106 19.15 -15.30 -81.81
N ARG A 1107 19.48 -14.60 -80.74
CA ARG A 1107 20.07 -15.28 -79.60
C ARG A 1107 19.08 -16.06 -78.74
N ASN A 1108 17.79 -15.75 -78.78
CA ASN A 1108 16.83 -16.41 -77.92
C ASN A 1108 15.95 -17.42 -78.63
N PHE A 1109 16.00 -17.52 -79.95
CA PHE A 1109 15.14 -18.44 -80.66
C PHE A 1109 15.89 -18.93 -81.88
N TYR A 1110 15.92 -20.22 -82.09
CA TYR A 1110 16.75 -20.79 -83.14
C TYR A 1110 16.09 -20.62 -84.49
N GLU A 1111 16.77 -19.91 -85.38
CA GLU A 1111 16.24 -19.60 -86.72
C GLU A 1111 17.42 -19.25 -87.60
N PRO A 1112 18.07 -20.24 -88.18
CA PRO A 1112 19.36 -20.00 -88.85
C PRO A 1112 19.23 -19.38 -90.23
N GLN A 1113 20.20 -18.53 -90.56
CA GLN A 1113 20.20 -17.79 -91.81
C GLN A 1113 21.58 -17.91 -92.44
N ILE A 1114 21.66 -17.72 -93.73
CA ILE A 1114 22.94 -17.70 -94.43
C ILE A 1114 23.68 -16.41 -94.08
N ILE A 1115 24.96 -16.53 -93.79
CA ILE A 1115 25.79 -15.37 -93.49
C ILE A 1115 26.03 -14.57 -94.76
N THR A 1116 25.56 -13.34 -94.79
CA THR A 1116 25.74 -12.45 -95.92
C THR A 1116 26.30 -11.13 -95.42
N THR A 1117 26.53 -10.21 -96.35
CA THR A 1117 26.99 -8.88 -96.00
C THR A 1117 25.86 -7.95 -95.59
N ASP A 1118 24.65 -8.50 -95.40
CA ASP A 1118 23.51 -7.73 -94.92
C ASP A 1118 23.24 -7.97 -93.44
N ASN A 1119 23.73 -9.07 -92.89
CA ASN A 1119 23.52 -9.36 -91.49
C ASN A 1119 24.85 -9.40 -90.73
N THR A 1120 25.95 -9.00 -91.34
CA THR A 1120 27.24 -8.88 -90.67
C THR A 1120 27.82 -7.51 -90.98
N PHE A 1121 28.83 -7.13 -90.20
CA PHE A 1121 29.62 -5.94 -90.50
C PHE A 1121 31.09 -6.27 -90.33
N VAL A 1122 31.94 -5.42 -90.90
CA VAL A 1122 33.38 -5.66 -90.99
C VAL A 1122 34.12 -4.68 -90.12
N SER A 1123 35.17 -5.14 -89.45
CA SER A 1123 36.13 -4.24 -88.83
C SER A 1123 37.44 -4.97 -88.62
N GLY A 1124 38.47 -4.55 -89.34
CA GLY A 1124 39.80 -5.06 -89.11
C GLY A 1124 40.15 -6.25 -89.95
N ASN A 1125 41.33 -6.78 -89.69
CA ASN A 1125 41.83 -7.96 -90.35
C ASN A 1125 41.78 -9.14 -89.38
N CYS A 1126 41.84 -10.34 -89.91
CA CYS A 1126 41.49 -11.48 -89.09
C CYS A 1126 42.71 -12.13 -88.45
N ASP A 1127 43.51 -11.36 -87.71
CA ASP A 1127 44.59 -11.90 -86.91
C ASP A 1127 44.70 -11.30 -85.51
N VAL A 1128 43.75 -10.48 -85.08
CA VAL A 1128 43.74 -9.97 -83.72
C VAL A 1128 42.65 -10.61 -82.85
N VAL A 1129 41.50 -10.96 -83.42
CA VAL A 1129 40.49 -11.72 -82.70
C VAL A 1129 41.00 -13.13 -82.46
N ILE A 1130 40.68 -13.71 -81.31
CA ILE A 1130 41.07 -15.08 -81.03
C ILE A 1130 39.83 -15.96 -81.05
N GLY A 1131 39.84 -16.94 -81.93
CA GLY A 1131 38.69 -17.77 -82.19
C GLY A 1131 38.04 -17.59 -83.54
N ILE A 1132 38.57 -16.71 -84.40
CA ILE A 1132 38.03 -16.56 -85.74
C ILE A 1132 37.99 -17.89 -86.46
N VAL A 1133 36.97 -18.10 -87.28
CA VAL A 1133 36.96 -19.26 -88.16
C VAL A 1133 36.90 -18.77 -89.60
N ASN A 1134 37.33 -19.64 -90.51
CA ASN A 1134 37.33 -19.37 -91.93
C ASN A 1134 36.01 -19.84 -92.53
N ASN A 1135 35.35 -18.96 -93.26
CA ASN A 1135 34.10 -19.30 -93.93
C ASN A 1135 33.80 -18.21 -94.91
N THR A 1136 32.89 -18.48 -95.84
CA THR A 1136 32.58 -17.55 -96.90
C THR A 1136 31.39 -16.69 -96.51
N VAL A 1137 31.51 -15.40 -96.78
CA VAL A 1137 30.44 -14.43 -96.56
C VAL A 1137 29.90 -14.05 -97.92
N TYR A 1138 28.61 -14.26 -98.11
CA TYR A 1138 27.99 -14.19 -99.42
C TYR A 1138 27.51 -12.77 -99.72
N ASP A 1139 27.89 -12.27 -100.86
CA ASP A 1139 27.47 -10.97 -101.35
C ASP A 1139 26.24 -11.12 -102.24
N PRO A 1140 25.15 -10.43 -101.94
CA PRO A 1140 23.94 -10.62 -102.74
C PRO A 1140 23.99 -9.96 -104.11
N LEU A 1141 24.61 -8.80 -104.24
CA LEU A 1141 24.70 -8.12 -105.52
C LEU A 1141 25.55 -8.90 -106.52
N GLN A 1142 26.74 -9.32 -106.11
CA GLN A 1142 27.74 -9.94 -106.97
C GLN A 1142 27.17 -10.96 -107.95
N PRO A 1143 26.43 -11.99 -107.52
CA PRO A 1143 25.80 -12.87 -108.50
C PRO A 1143 24.67 -12.20 -109.26
N GLU A 1144 23.70 -11.65 -108.52
CA GLU A 1144 22.44 -11.21 -109.11
C GLU A 1144 22.67 -10.27 -110.27
N LEU A 1145 23.48 -9.23 -110.05
CA LEU A 1145 23.89 -8.32 -111.10
C LEU A 1145 24.44 -9.09 -112.29
N ASP A 1146 25.27 -10.08 -112.03
CA ASP A 1146 25.93 -10.83 -113.09
C ASP A 1146 25.27 -12.19 -113.35
N ALA B 27 55.39 24.16 3.58
CA ALA B 27 55.67 23.93 2.17
C ALA B 27 54.49 23.27 1.49
N TYR B 28 54.59 23.06 0.19
CA TYR B 28 53.56 22.37 -0.58
C TYR B 28 54.24 21.60 -1.70
N THR B 29 53.44 20.78 -2.38
CA THR B 29 53.92 19.97 -3.48
C THR B 29 52.74 19.37 -4.21
N ASN B 30 53.04 18.41 -5.08
CA ASN B 30 52.10 17.91 -6.07
C ASN B 30 51.98 16.40 -5.95
N SER B 31 50.79 15.93 -5.58
CA SER B 31 50.42 14.57 -5.92
C SER B 31 50.18 14.53 -7.42
N PHE B 32 50.71 13.51 -8.08
CA PHE B 32 50.48 13.39 -9.50
C PHE B 32 49.30 12.46 -9.71
N THR B 33 49.44 11.17 -9.41
CA THR B 33 48.36 10.20 -9.52
C THR B 33 48.41 9.23 -8.35
N ARG B 34 48.84 9.74 -7.19
CA ARG B 34 48.96 8.93 -5.99
C ARG B 34 47.61 8.80 -5.31
N GLY B 35 47.45 7.71 -4.56
CA GLY B 35 46.34 7.59 -3.63
C GLY B 35 45.09 6.93 -4.14
N VAL B 36 45.22 5.85 -4.92
CA VAL B 36 44.08 5.09 -5.41
C VAL B 36 44.05 3.75 -4.68
N TYR B 37 42.92 3.43 -4.08
CA TYR B 37 42.77 2.17 -3.36
C TYR B 37 41.70 1.31 -4.02
N TYR B 38 41.76 0.01 -3.74
CA TYR B 38 40.72 -0.94 -4.11
C TYR B 38 39.46 -0.66 -3.31
N PRO B 39 38.40 -0.13 -3.90
CA PRO B 39 37.23 0.30 -3.12
C PRO B 39 36.36 -0.83 -2.57
N ASP B 40 36.53 -2.07 -3.01
CA ASP B 40 35.75 -3.17 -2.47
C ASP B 40 36.51 -4.47 -2.68
N LYS B 41 35.89 -5.57 -2.26
CA LYS B 41 36.52 -6.88 -2.26
C LYS B 41 36.22 -7.71 -3.49
N VAL B 42 35.70 -7.10 -4.54
CA VAL B 42 35.31 -7.81 -5.75
C VAL B 42 36.52 -7.99 -6.66
N PHE B 43 36.60 -9.14 -7.30
CA PHE B 43 37.62 -9.44 -8.29
C PHE B 43 37.07 -9.15 -9.68
N ARG B 44 37.90 -8.57 -10.53
CA ARG B 44 37.50 -8.24 -11.88
C ARG B 44 38.65 -8.58 -12.82
N SER B 45 38.32 -9.25 -13.92
CA SER B 45 39.31 -9.56 -14.94
C SER B 45 39.44 -8.34 -15.85
N SER B 46 40.03 -8.50 -17.03
CA SER B 46 40.37 -7.35 -17.88
C SER B 46 39.09 -6.60 -18.21
N VAL B 47 38.90 -5.46 -17.55
CA VAL B 47 37.66 -4.70 -17.63
C VAL B 47 37.93 -3.27 -17.16
N LEU B 48 37.02 -2.36 -17.50
CA LEU B 48 37.04 -0.98 -17.06
C LEU B 48 35.81 -0.74 -16.22
N HIS B 49 35.99 -0.22 -15.02
CA HIS B 49 34.90 -0.09 -14.07
C HIS B 49 34.87 1.33 -13.51
N SER B 50 33.70 1.95 -13.53
CA SER B 50 33.52 3.31 -13.05
C SER B 50 32.91 3.31 -11.67
N THR B 51 33.39 4.19 -10.79
CA THR B 51 32.90 4.19 -9.42
C THR B 51 33.00 5.55 -8.77
N GLN B 52 31.97 5.89 -8.01
CA GLN B 52 31.90 7.14 -7.27
C GLN B 52 32.25 6.87 -5.81
N ASP B 53 33.38 7.43 -5.35
CA ASP B 53 33.82 7.21 -3.98
C ASP B 53 34.56 8.43 -3.46
N LEU B 54 35.34 8.26 -2.40
CA LEU B 54 36.13 9.36 -1.83
C LEU B 54 37.57 9.15 -2.23
N PHE B 55 38.07 9.97 -3.14
CA PHE B 55 39.43 9.82 -3.64
C PHE B 55 40.20 11.12 -3.46
N LEU B 56 41.50 10.99 -3.55
CA LEU B 56 42.37 12.15 -3.62
C LEU B 56 42.49 12.58 -5.07
N PRO B 57 42.00 13.77 -5.44
CA PRO B 57 41.99 14.16 -6.84
C PRO B 57 43.39 14.21 -7.43
N PHE B 58 43.48 13.95 -8.73
CA PHE B 58 44.74 13.97 -9.42
C PHE B 58 45.31 15.38 -9.42
N PHE B 59 46.63 15.46 -9.32
CA PHE B 59 47.35 16.74 -9.37
C PHE B 59 46.88 17.71 -8.30
N SER B 60 46.78 17.21 -7.07
CA SER B 60 46.31 17.98 -5.92
C SER B 60 47.45 18.74 -5.27
N ASN B 61 47.08 19.78 -4.53
CA ASN B 61 48.01 20.64 -3.82
C ASN B 61 48.17 20.08 -2.42
N VAL B 62 49.28 19.40 -2.17
CA VAL B 62 49.45 18.55 -0.99
C VAL B 62 50.52 19.18 -0.09
N THR B 63 50.22 19.32 1.20
CA THR B 63 51.17 19.96 2.10
C THR B 63 52.42 19.12 2.28
N TRP B 64 53.38 19.61 3.06
CA TRP B 64 54.67 18.95 3.17
C TRP B 64 55.28 19.29 4.52
N PHE B 65 55.61 18.26 5.31
CA PHE B 65 56.19 18.44 6.63
C PHE B 65 57.55 17.76 6.70
N HIS B 66 58.45 18.38 7.44
CA HIS B 66 59.87 18.05 7.48
C HIS B 66 60.31 17.71 8.90
N ALA B 67 61.47 17.07 8.99
CA ALA B 67 62.07 16.71 10.27
C ALA B 67 63.33 17.51 10.54
N ASN B 81 54.30 17.45 16.06
CA ASN B 81 54.00 18.10 14.80
C ASN B 81 52.51 18.44 14.74
N PRO B 82 52.11 19.35 13.85
CA PRO B 82 50.80 20.00 13.97
C PRO B 82 49.61 19.08 14.16
N VAL B 83 48.54 19.63 14.74
CA VAL B 83 47.28 18.93 14.88
C VAL B 83 46.39 19.23 13.68
N LEU B 84 46.60 18.48 12.60
CA LEU B 84 45.83 18.63 11.37
C LEU B 84 44.42 18.11 11.58
N PRO B 85 43.45 18.54 10.79
CA PRO B 85 42.11 17.94 10.88
C PRO B 85 41.99 16.65 10.09
N PHE B 86 40.77 16.12 10.00
CA PHE B 86 40.46 14.89 9.27
C PHE B 86 39.57 15.15 8.06
N ASN B 87 38.38 15.69 8.30
CA ASN B 87 37.44 16.30 7.38
C ASN B 87 36.70 15.37 6.41
N ASP B 88 37.32 14.30 5.94
CA ASP B 88 36.59 13.24 5.25
C ASP B 88 37.38 11.94 5.17
N GLY B 89 38.58 11.90 5.71
CA GLY B 89 39.54 10.88 5.35
C GLY B 89 40.80 11.53 4.84
N VAL B 90 41.88 10.77 4.88
CA VAL B 90 43.21 11.35 4.74
C VAL B 90 44.11 10.43 3.93
N TYR B 91 44.82 11.01 2.98
CA TYR B 91 45.95 10.37 2.36
C TYR B 91 47.20 10.75 3.13
N PHE B 92 48.14 9.82 3.23
CA PHE B 92 49.32 10.06 4.03
C PHE B 92 50.46 9.28 3.40
N ALA B 93 51.61 9.91 3.29
CA ALA B 93 52.78 9.21 2.80
C ALA B 93 53.97 9.62 3.65
N SER B 94 55.03 8.83 3.57
CA SER B 94 56.18 9.03 4.41
C SER B 94 57.41 8.60 3.64
N THR B 95 58.56 9.17 4.02
CA THR B 95 59.81 8.71 3.45
C THR B 95 60.95 8.99 4.44
N GLU B 96 61.67 7.92 4.77
CA GLU B 96 62.91 8.01 5.53
C GLU B 96 63.60 6.66 5.54
N LYS B 97 64.94 6.67 5.56
CA LYS B 97 65.70 5.43 5.57
C LYS B 97 65.69 4.75 6.94
N SER B 98 65.81 5.52 8.02
CA SER B 98 65.57 5.01 9.36
C SER B 98 64.14 5.33 9.73
N ASN B 99 63.43 4.35 10.30
CA ASN B 99 61.98 4.43 10.48
C ASN B 99 61.66 5.40 11.61
N ILE B 100 61.64 6.69 11.27
CA ILE B 100 61.32 7.75 12.21
C ILE B 100 59.82 7.91 12.45
N ILE B 101 59.01 7.74 11.42
CA ILE B 101 57.57 7.84 11.56
C ILE B 101 57.04 6.57 12.20
N ARG B 102 56.25 6.72 13.25
CA ARG B 102 55.77 5.53 13.96
C ARG B 102 54.27 5.36 13.83
N GLY B 103 53.49 6.35 14.24
CA GLY B 103 52.07 6.15 14.36
C GLY B 103 51.31 7.45 14.38
N TRP B 104 50.05 7.35 14.76
CA TRP B 104 49.12 8.46 14.64
C TRP B 104 48.17 8.40 15.82
N ILE B 105 47.62 9.55 16.16
CA ILE B 105 46.56 9.61 17.17
C ILE B 105 45.41 10.38 16.57
N PHE B 106 44.20 9.91 16.83
CA PHE B 106 42.99 10.47 16.25
C PHE B 106 42.05 10.84 17.38
N GLY B 107 41.06 11.67 17.07
CA GLY B 107 40.03 11.99 18.02
C GLY B 107 39.34 13.31 17.78
N THR B 108 38.20 13.50 18.45
CA THR B 108 37.41 14.72 18.34
C THR B 108 37.85 15.80 19.32
N THR B 109 38.65 15.46 20.33
CA THR B 109 39.17 16.47 21.25
C THR B 109 40.64 16.25 21.54
N LEU B 110 41.19 15.13 21.06
CA LEU B 110 42.54 14.68 21.39
C LEU B 110 42.76 14.72 22.90
N ASP B 111 41.67 14.53 23.66
CA ASP B 111 41.64 14.78 25.09
C ASP B 111 40.71 13.79 25.78
N SER B 112 40.86 13.71 27.11
CA SER B 112 39.89 13.00 27.92
C SER B 112 38.55 13.73 27.87
N LYS B 113 37.55 13.15 28.54
CA LYS B 113 36.15 13.57 28.46
C LYS B 113 35.54 13.12 27.14
N THR B 114 36.35 12.53 26.26
CA THR B 114 35.90 11.84 25.05
C THR B 114 36.97 10.83 24.66
N GLN B 115 36.52 9.80 23.93
CA GLN B 115 37.38 8.70 23.53
C GLN B 115 38.38 9.13 22.45
N SER B 116 39.39 8.31 22.25
CA SER B 116 40.37 8.55 21.19
C SER B 116 41.08 7.27 20.85
N LEU B 117 41.39 7.12 19.57
CA LEU B 117 42.14 6.00 19.04
C LEU B 117 43.62 6.35 19.03
N LEU B 118 44.46 5.35 19.24
CA LEU B 118 45.90 5.53 19.17
C LEU B 118 46.51 4.32 18.47
N ILE B 119 47.04 4.55 17.29
CA ILE B 119 47.87 3.57 16.62
C ILE B 119 49.31 3.97 16.88
N VAL B 120 50.16 2.99 17.12
CA VAL B 120 51.53 3.30 17.49
C VAL B 120 52.42 2.14 17.07
N ASN B 121 53.72 2.35 17.08
CA ASN B 121 54.66 1.26 16.87
C ASN B 121 55.97 1.57 17.55
N ASN B 122 56.14 1.12 18.78
CA ASN B 122 57.41 1.31 19.48
C ASN B 122 58.39 0.27 18.96
N ALA B 123 59.50 0.06 19.66
CA ALA B 123 60.41 -1.01 19.29
C ALA B 123 59.69 -2.35 19.16
N THR B 124 58.89 -2.73 20.16
CA THR B 124 57.98 -3.86 20.00
C THR B 124 56.95 -3.49 18.96
N ASN B 125 56.51 -4.47 18.17
CA ASN B 125 55.80 -4.14 16.94
C ASN B 125 54.39 -3.60 17.21
N VAL B 126 53.61 -3.45 16.14
CA VAL B 126 52.38 -2.67 16.12
C VAL B 126 51.53 -2.90 17.35
N VAL B 127 51.01 -1.83 17.93
CA VAL B 127 50.07 -1.92 19.05
C VAL B 127 49.02 -0.83 18.86
N ILE B 128 47.75 -1.23 18.89
CA ILE B 128 46.63 -0.34 18.68
C ILE B 128 45.81 -0.30 19.95
N LYS B 129 45.28 0.87 20.29
CA LYS B 129 44.42 0.98 21.45
C LYS B 129 43.34 2.01 21.19
N VAL B 130 42.25 1.91 21.92
CA VAL B 130 41.20 2.93 21.86
C VAL B 130 40.75 3.23 23.27
N CYS B 131 41.28 4.29 23.87
CA CYS B 131 40.97 4.57 25.26
C CYS B 131 40.70 6.06 25.43
N GLU B 132 40.67 6.51 26.68
CA GLU B 132 40.55 7.93 26.98
C GLU B 132 41.88 8.44 27.52
N PHE B 133 42.30 9.59 27.02
CA PHE B 133 43.65 10.09 27.27
C PHE B 133 43.62 11.58 27.57
N GLN B 134 44.44 12.00 28.51
CA GLN B 134 44.88 13.39 28.57
C GLN B 134 46.25 13.43 27.90
N PHE B 135 46.28 13.90 26.66
CA PHE B 135 47.43 13.77 25.78
C PHE B 135 48.45 14.87 26.03
N CYS B 136 49.73 14.51 25.91
CA CYS B 136 50.80 15.49 25.92
C CYS B 136 50.65 16.42 24.73
N ASN B 137 50.78 17.73 24.93
CA ASN B 137 50.60 18.67 23.84
C ASN B 137 51.83 18.73 22.94
N ASP B 138 52.89 17.99 23.26
CA ASP B 138 54.06 17.85 22.40
C ASP B 138 54.56 16.41 22.49
N PRO B 139 53.81 15.46 21.95
CA PRO B 139 54.14 14.04 22.16
C PRO B 139 55.17 13.54 21.18
N PHE B 140 55.89 12.50 21.58
CA PHE B 140 56.97 11.94 20.78
C PHE B 140 57.51 10.69 21.47
N LEU B 141 58.42 10.00 20.79
CA LEU B 141 59.04 8.78 21.27
C LEU B 141 60.55 8.92 21.17
N GLY B 142 61.23 8.83 22.32
CA GLY B 142 62.67 9.04 22.31
C GLY B 142 63.41 7.86 21.74
N VAL B 143 64.09 8.08 20.61
CA VAL B 143 64.94 7.08 19.96
C VAL B 143 64.23 5.75 19.80
N MET B 153 67.55 8.80 28.99
CA MET B 153 67.89 9.18 27.63
C MET B 153 67.71 7.96 26.72
N GLU B 154 67.14 8.21 25.53
CA GLU B 154 66.78 7.20 24.54
C GLU B 154 65.61 6.35 24.99
N SER B 155 64.87 6.82 25.99
CA SER B 155 63.65 6.17 26.46
C SER B 155 62.45 6.74 25.72
N GLU B 156 61.36 5.97 25.71
CA GLU B 156 60.30 6.15 24.73
C GLU B 156 59.00 6.61 25.38
N PHE B 157 57.96 6.72 24.56
CA PHE B 157 56.56 6.85 24.96
C PHE B 157 56.26 8.02 25.86
N ARG B 158 56.36 9.22 25.31
CA ARG B 158 56.01 10.46 25.99
C ARG B 158 54.70 10.98 25.42
N VAL B 159 53.76 10.06 25.17
CA VAL B 159 52.56 10.34 24.38
C VAL B 159 51.44 10.92 25.25
N TYR B 160 50.97 10.15 26.22
CA TYR B 160 49.86 10.57 27.06
C TYR B 160 50.27 10.51 28.53
N SER B 161 49.45 11.15 29.37
CA SER B 161 49.65 11.07 30.81
C SER B 161 48.73 10.04 31.46
N SER B 162 47.64 9.68 30.80
CA SER B 162 46.62 8.84 31.41
C SER B 162 46.03 7.93 30.35
N ALA B 163 45.68 6.72 30.79
CA ALA B 163 45.00 5.73 29.97
C ALA B 163 43.80 5.24 30.78
N ASN B 164 42.64 5.85 30.55
CA ASN B 164 41.49 5.62 31.41
C ASN B 164 40.29 5.25 30.55
N ASN B 165 39.29 4.63 31.17
CA ASN B 165 38.03 4.29 30.52
C ASN B 165 38.26 3.43 29.28
N CYS B 166 39.36 2.68 29.28
CA CYS B 166 39.85 2.15 28.02
C CYS B 166 38.96 1.06 27.48
N THR B 167 39.23 0.67 26.24
CA THR B 167 38.38 -0.16 25.40
C THR B 167 39.30 -0.90 24.43
N PHE B 168 38.81 -1.22 23.23
CA PHE B 168 39.49 -2.03 22.22
C PHE B 168 41.00 -1.90 22.28
N GLU B 169 41.70 -3.04 22.27
CA GLU B 169 43.15 -3.05 22.22
C GLU B 169 43.59 -4.17 21.28
N TYR B 170 44.85 -4.11 20.88
CA TYR B 170 45.47 -5.15 20.07
C TYR B 170 46.96 -4.98 20.17
N VAL B 171 47.68 -6.10 20.28
CA VAL B 171 49.13 -6.07 20.34
C VAL B 171 49.63 -7.25 19.51
N SER B 172 50.77 -7.07 18.86
CA SER B 172 51.42 -8.17 18.18
C SER B 172 52.39 -8.88 19.12
N LYS B 187 65.19 4.30 -1.23
CA LYS B 187 64.53 4.31 0.07
C LYS B 187 63.14 3.71 -0.01
N ASN B 188 62.33 3.96 1.03
CA ASN B 188 61.04 3.30 1.17
C ASN B 188 59.94 4.31 1.38
N LEU B 189 58.99 4.33 0.45
CA LEU B 189 57.80 5.16 0.53
C LEU B 189 56.65 4.31 1.03
N ARG B 190 55.85 4.87 1.93
CA ARG B 190 54.80 4.11 2.61
C ARG B 190 53.53 4.94 2.64
N GLU B 191 52.54 4.51 1.87
CA GLU B 191 51.29 5.22 1.76
C GLU B 191 50.19 4.61 2.61
N PHE B 192 49.28 5.47 3.04
CA PHE B 192 48.16 5.08 3.87
C PHE B 192 46.95 5.93 3.54
N VAL B 193 45.81 5.29 3.38
CA VAL B 193 44.55 6.00 3.28
C VAL B 193 43.75 5.62 4.52
N PHE B 194 43.29 6.63 5.25
CA PHE B 194 42.47 6.45 6.43
C PHE B 194 41.09 6.98 6.16
N LYS B 195 40.07 6.18 6.44
CA LYS B 195 38.70 6.68 6.42
C LYS B 195 37.99 6.21 7.67
N ASN B 196 36.85 6.83 7.94
CA ASN B 196 36.05 6.53 9.13
C ASN B 196 34.59 6.62 8.75
N ILE B 197 34.02 5.49 8.34
CA ILE B 197 32.72 5.46 7.70
C ILE B 197 31.71 4.82 8.65
N ASP B 198 30.83 5.66 9.19
CA ASP B 198 29.66 5.32 10.01
C ASP B 198 29.86 4.06 10.86
N GLY B 199 30.97 4.01 11.59
CA GLY B 199 31.24 2.90 12.46
C GLY B 199 32.62 2.27 12.31
N TYR B 200 33.20 2.28 11.12
CA TYR B 200 34.43 1.53 10.90
C TYR B 200 35.56 2.48 10.57
N PHE B 201 36.72 2.19 11.15
CA PHE B 201 37.95 2.89 10.80
C PHE B 201 38.69 1.99 9.84
N LYS B 202 38.83 2.43 8.59
CA LYS B 202 39.45 1.63 7.54
C LYS B 202 40.80 2.19 7.17
N ILE B 203 41.73 1.30 6.84
CA ILE B 203 43.11 1.61 6.60
C ILE B 203 43.58 0.83 5.39
N TYR B 204 43.99 1.54 4.34
CA TYR B 204 44.61 0.93 3.18
C TYR B 204 46.07 1.38 3.16
N SER B 205 46.94 0.56 2.60
CA SER B 205 48.34 0.90 2.65
C SER B 205 49.10 0.22 1.53
N LYS B 206 50.24 0.80 1.19
CA LYS B 206 51.14 0.29 0.16
C LYS B 206 52.56 0.64 0.55
N HIS B 207 53.51 -0.23 0.18
CA HIS B 207 54.92 -0.10 0.52
C HIS B 207 55.74 -0.17 -0.77
N THR B 208 56.20 0.98 -1.24
CA THR B 208 56.98 0.97 -2.46
C THR B 208 58.46 1.24 -2.17
N PRO B 209 59.35 0.58 -2.87
CA PRO B 209 60.77 0.95 -2.78
C PRO B 209 61.15 1.99 -3.84
N ILE B 210 61.77 3.08 -3.41
CA ILE B 210 62.18 4.14 -4.31
C ILE B 210 63.69 4.20 -4.36
N ASN B 211 64.22 4.95 -5.33
CA ASN B 211 65.63 5.30 -5.36
C ASN B 211 65.81 6.80 -5.12
N LEU B 212 64.79 7.44 -4.58
CA LEU B 212 64.89 8.80 -4.05
C LEU B 212 65.53 8.71 -2.67
N VAL B 213 65.50 9.84 -1.95
CA VAL B 213 65.87 9.74 -0.55
C VAL B 213 64.66 10.04 0.33
N ARG B 214 63.97 11.16 0.10
CA ARG B 214 62.83 11.57 0.93
C ARG B 214 61.73 12.31 0.18
N ASP B 215 61.83 12.47 -1.14
CA ASP B 215 60.85 13.26 -1.90
C ASP B 215 59.79 12.38 -2.54
N LEU B 216 58.71 13.03 -3.00
CA LEU B 216 57.53 12.35 -3.54
C LEU B 216 57.70 11.96 -5.00
N PRO B 217 57.87 10.68 -5.30
CA PRO B 217 58.00 10.27 -6.71
C PRO B 217 56.70 10.41 -7.47
N GLN B 218 56.69 10.00 -8.73
CA GLN B 218 55.52 10.10 -9.58
C GLN B 218 55.34 8.80 -10.35
N GLY B 219 54.34 8.03 -9.96
CA GLY B 219 53.98 6.83 -10.66
C GLY B 219 52.55 6.48 -10.33
N PHE B 220 52.22 5.21 -10.54
CA PHE B 220 50.90 4.70 -10.19
C PHE B 220 51.04 3.40 -9.42
N SER B 221 50.38 3.32 -8.27
CA SER B 221 50.22 2.07 -7.54
C SER B 221 48.95 2.17 -6.69
N ALA B 222 48.28 1.04 -6.48
CA ALA B 222 46.99 1.00 -5.82
C ALA B 222 47.11 0.41 -4.42
N LEU B 223 46.39 1.01 -3.49
CA LEU B 223 46.48 0.69 -2.07
C LEU B 223 45.51 -0.43 -1.72
N GLU B 224 46.03 -1.53 -1.16
CA GLU B 224 45.29 -2.72 -0.76
C GLU B 224 44.84 -2.61 0.69
N PRO B 225 43.67 -3.13 1.02
CA PRO B 225 43.15 -2.96 2.38
C PRO B 225 43.94 -3.76 3.40
N LEU B 226 44.40 -3.07 4.44
CA LEU B 226 45.20 -3.70 5.47
C LEU B 226 44.33 -4.27 6.61
N VAL B 227 43.36 -3.48 7.05
CA VAL B 227 42.48 -3.90 8.12
C VAL B 227 41.14 -3.18 8.07
N ASP B 228 40.24 -3.57 8.97
CA ASP B 228 38.92 -2.97 9.05
C ASP B 228 38.47 -2.92 10.51
N LEU B 229 39.45 -2.82 11.41
CA LEU B 229 39.18 -2.77 12.83
C LEU B 229 38.00 -1.86 13.15
N PRO B 230 37.19 -2.23 14.13
CA PRO B 230 36.02 -1.43 14.51
C PRO B 230 36.31 -0.50 15.68
N ILE B 231 35.62 0.63 15.75
CA ILE B 231 35.83 1.58 16.84
C ILE B 231 34.60 2.41 17.12
N GLY B 232 34.40 3.45 16.31
CA GLY B 232 33.26 4.33 16.46
C GLY B 232 33.65 5.59 17.21
N ILE B 233 34.96 5.84 17.24
CA ILE B 233 35.50 7.00 17.93
C ILE B 233 35.41 8.26 17.08
N ASN B 234 34.31 9.00 17.23
CA ASN B 234 34.12 10.23 16.49
C ASN B 234 35.49 10.87 16.26
N ILE B 235 35.82 11.16 15.00
CA ILE B 235 37.14 11.69 14.67
C ILE B 235 36.99 13.02 13.94
N THR B 236 37.67 14.04 14.45
CA THR B 236 37.73 15.32 13.73
C THR B 236 39.14 15.88 13.66
N ARG B 237 40.13 15.28 14.32
CA ARG B 237 41.49 15.80 14.27
C ARG B 237 42.42 14.61 14.29
N PHE B 238 43.72 14.87 14.12
CA PHE B 238 44.70 13.80 14.16
C PHE B 238 46.08 14.41 14.25
N GLN B 239 47.05 13.57 14.58
CA GLN B 239 48.41 14.05 14.77
C GLN B 239 49.39 12.90 14.61
N THR B 240 50.55 13.20 14.07
CA THR B 240 51.61 12.24 13.82
C THR B 240 52.47 12.07 15.07
N LEU B 241 53.21 10.97 15.10
CA LEU B 241 54.14 10.65 16.18
C LEU B 241 55.49 10.31 15.58
N LEU B 242 56.54 10.95 16.07
CA LEU B 242 57.87 10.83 15.48
C LEU B 242 58.89 10.46 16.55
N ALA B 243 59.97 9.84 16.12
CA ALA B 243 61.03 9.38 17.01
C ALA B 243 62.19 10.37 17.01
N LEU B 244 62.48 10.93 18.18
CA LEU B 244 63.66 11.79 18.33
C LEU B 244 64.92 10.95 18.31
N HIS B 245 66.08 11.60 18.36
CA HIS B 245 67.34 10.87 18.42
C HIS B 245 68.27 11.54 19.41
N ARG B 246 68.23 11.10 20.68
CA ARG B 246 69.06 11.69 21.72
C ARG B 246 70.31 10.85 21.91
N SER B 247 71.47 11.47 21.74
CA SER B 247 72.75 10.78 21.84
C SER B 247 73.88 11.79 21.88
N ALA B 264 60.48 13.06 6.03
CA ALA B 264 59.56 13.82 5.21
C ALA B 264 58.19 13.14 5.12
N TYR B 265 57.12 13.93 5.20
CA TYR B 265 55.80 13.31 5.07
C TYR B 265 54.76 14.30 4.58
N TYR B 266 53.79 13.79 3.82
CA TYR B 266 52.83 14.58 3.07
C TYR B 266 51.41 14.20 3.49
N VAL B 267 50.48 15.15 3.33
CA VAL B 267 49.12 14.92 3.78
C VAL B 267 48.11 15.53 2.81
N GLY B 268 47.39 14.68 2.08
CA GLY B 268 46.29 15.12 1.25
C GLY B 268 44.95 14.78 1.88
N TYR B 269 43.89 15.20 1.20
CA TYR B 269 42.54 14.94 1.68
C TYR B 269 41.77 14.20 0.60
N LEU B 270 40.56 13.77 0.96
CA LEU B 270 39.70 12.98 0.09
C LEU B 270 38.39 13.71 -0.13
N GLN B 271 37.99 13.86 -1.38
CA GLN B 271 36.69 14.40 -1.74
C GLN B 271 35.92 13.40 -2.58
N PRO B 272 34.61 13.53 -2.65
CA PRO B 272 33.80 12.61 -3.47
C PRO B 272 34.03 12.83 -4.95
N ARG B 273 34.68 11.88 -5.59
CA ARG B 273 35.04 11.91 -7.00
C ARG B 273 34.35 10.77 -7.72
N THR B 274 34.54 10.73 -9.03
CA THR B 274 34.19 9.57 -9.84
C THR B 274 35.42 9.18 -10.64
N PHE B 275 35.78 7.90 -10.58
CA PHE B 275 36.98 7.44 -11.26
C PHE B 275 36.61 6.33 -12.21
N LEU B 276 37.53 6.04 -13.12
CA LEU B 276 37.44 4.92 -14.04
C LEU B 276 38.68 4.08 -13.83
N LEU B 277 38.53 2.93 -13.20
CA LEU B 277 39.67 2.05 -12.94
C LEU B 277 39.78 1.00 -14.03
N LYS B 278 41.00 0.68 -14.40
CA LYS B 278 41.28 -0.37 -15.36
C LYS B 278 41.88 -1.55 -14.62
N TYR B 279 41.24 -2.71 -14.72
CA TYR B 279 41.71 -3.88 -14.02
C TYR B 279 42.56 -4.74 -14.95
N ASN B 280 43.66 -5.24 -14.41
CA ASN B 280 44.54 -6.19 -15.06
C ASN B 280 43.77 -7.48 -15.36
N GLU B 281 44.41 -8.46 -16.00
CA GLU B 281 43.79 -9.78 -16.06
C GLU B 281 44.03 -10.58 -14.80
N ASN B 282 44.97 -10.18 -13.96
CA ASN B 282 45.15 -10.75 -12.63
C ASN B 282 44.23 -10.11 -11.61
N GLY B 283 43.53 -9.03 -11.96
CA GLY B 283 42.63 -8.37 -11.06
C GLY B 283 43.18 -7.17 -10.34
N THR B 284 44.38 -6.72 -10.68
CA THR B 284 44.99 -5.56 -10.03
C THR B 284 44.72 -4.29 -10.84
N ILE B 285 44.50 -3.18 -10.14
CA ILE B 285 44.28 -1.90 -10.79
C ILE B 285 45.62 -1.39 -11.30
N THR B 286 45.70 -1.12 -12.61
CA THR B 286 46.91 -0.58 -13.18
C THR B 286 46.80 0.88 -13.61
N ASP B 287 45.60 1.42 -13.75
CA ASP B 287 45.46 2.79 -14.23
C ASP B 287 44.10 3.34 -13.85
N ALA B 288 43.98 4.66 -13.88
CA ALA B 288 42.74 5.31 -13.51
C ALA B 288 42.58 6.61 -14.28
N VAL B 289 41.33 7.08 -14.36
CA VAL B 289 40.98 8.33 -15.00
C VAL B 289 40.11 9.12 -14.04
N ASP B 290 40.54 10.33 -13.69
CA ASP B 290 39.71 11.23 -12.89
C ASP B 290 38.71 11.90 -13.80
N CYS B 291 37.43 11.61 -13.62
CA CYS B 291 36.42 12.01 -14.59
C CYS B 291 36.19 13.50 -14.64
N ALA B 292 36.65 14.25 -13.64
CA ALA B 292 36.51 15.70 -13.69
C ALA B 292 37.86 16.31 -13.40
N LEU B 293 38.72 16.33 -14.41
CA LEU B 293 40.03 16.95 -14.32
C LEU B 293 40.19 17.90 -15.49
N ASP B 294 39.67 17.50 -16.64
CA ASP B 294 39.74 18.27 -17.87
C ASP B 294 38.71 17.69 -18.83
N PRO B 295 38.52 18.29 -20.01
CA PRO B 295 37.51 17.75 -20.92
C PRO B 295 37.87 16.41 -21.53
N LEU B 296 39.14 16.12 -21.74
CA LEU B 296 39.50 14.83 -22.32
C LEU B 296 39.16 13.68 -21.39
N SER B 297 39.45 13.83 -20.10
CA SER B 297 39.11 12.80 -19.13
C SER B 297 37.62 12.61 -19.01
N GLU B 298 36.86 13.70 -19.01
CA GLU B 298 35.41 13.62 -19.06
C GLU B 298 34.95 12.82 -20.27
N THR B 299 35.55 13.06 -21.44
CA THR B 299 35.20 12.30 -22.63
C THR B 299 35.47 10.81 -22.41
N LYS B 300 36.64 10.48 -21.86
CA LYS B 300 36.97 9.08 -21.63
C LYS B 300 35.98 8.42 -20.70
N CYS B 301 35.53 9.15 -19.69
CA CYS B 301 34.58 8.57 -18.76
C CYS B 301 33.20 8.43 -19.39
N THR B 302 32.89 9.28 -20.38
CA THR B 302 31.62 9.15 -21.07
C THR B 302 31.61 7.96 -22.01
N LEU B 303 32.73 7.73 -22.70
CA LEU B 303 32.83 6.62 -23.63
C LEU B 303 33.27 5.33 -22.98
N LYS B 304 33.66 5.38 -21.71
CA LYS B 304 34.11 4.20 -20.95
C LYS B 304 35.27 3.51 -21.64
N SER B 305 36.29 4.29 -21.96
CA SER B 305 37.46 3.75 -22.63
C SER B 305 38.62 4.70 -22.42
N PHE B 306 39.83 4.16 -22.48
CA PHE B 306 41.04 4.95 -22.33
C PHE B 306 41.51 5.58 -23.63
N THR B 307 41.05 5.07 -24.77
CA THR B 307 41.42 5.63 -26.07
C THR B 307 40.18 6.22 -26.71
N VAL B 308 40.34 7.39 -27.32
CA VAL B 308 39.27 8.07 -28.02
C VAL B 308 39.67 8.25 -29.47
N GLU B 309 38.71 8.11 -30.38
CA GLU B 309 38.91 8.32 -31.80
C GLU B 309 38.58 9.75 -32.18
N LYS B 310 38.95 10.11 -33.41
CA LYS B 310 38.54 11.38 -33.99
C LYS B 310 37.03 11.50 -33.96
N GLY B 311 36.54 12.67 -33.56
CA GLY B 311 35.11 12.88 -33.47
C GLY B 311 34.79 14.06 -32.59
N ILE B 312 33.51 14.20 -32.32
CA ILE B 312 32.99 15.22 -31.42
C ILE B 312 31.96 14.54 -30.53
N TYR B 313 32.11 14.68 -29.22
CA TYR B 313 31.36 13.89 -28.26
C TYR B 313 30.69 14.80 -27.26
N GLN B 314 29.39 14.60 -27.04
CA GLN B 314 28.71 15.37 -26.03
C GLN B 314 28.96 14.76 -24.66
N THR B 315 29.43 15.58 -23.72
CA THR B 315 29.90 15.07 -22.45
C THR B 315 29.14 15.58 -21.25
N SER B 316 28.55 16.77 -21.30
CA SER B 316 27.89 17.28 -20.10
C SER B 316 26.99 18.45 -20.48
N ASN B 317 26.39 19.07 -19.49
CA ASN B 317 25.64 20.30 -19.67
C ASN B 317 26.38 21.41 -18.96
N PHE B 318 25.82 22.60 -19.05
CA PHE B 318 26.45 23.78 -18.51
C PHE B 318 25.37 24.77 -18.12
N ARG B 319 25.40 25.20 -16.87
CA ARG B 319 24.40 26.11 -16.32
C ARG B 319 25.12 27.20 -15.54
N VAL B 320 24.63 28.42 -15.64
CA VAL B 320 25.14 29.51 -14.81
C VAL B 320 24.49 29.43 -13.44
N GLN B 321 25.25 29.70 -12.43
CA GLN B 321 24.72 29.47 -11.10
C GLN B 321 24.28 30.79 -10.46
N PRO B 322 23.36 30.72 -9.50
CA PRO B 322 22.81 31.95 -8.91
C PRO B 322 23.84 32.74 -8.12
N THR B 323 23.94 34.03 -8.44
CA THR B 323 24.83 34.92 -7.72
C THR B 323 24.39 35.10 -6.26
N GLU B 324 23.12 35.46 -6.06
CA GLU B 324 22.64 35.82 -4.73
C GLU B 324 21.15 35.52 -4.61
N SER B 325 20.65 35.59 -3.38
CA SER B 325 19.26 35.29 -3.05
C SER B 325 18.57 36.55 -2.55
N ILE B 326 17.65 37.09 -3.34
CA ILE B 326 16.85 38.22 -2.89
C ILE B 326 15.52 37.71 -2.36
N VAL B 327 14.88 38.54 -1.53
CA VAL B 327 13.57 38.25 -0.97
C VAL B 327 12.73 39.51 -1.06
N ARG B 328 11.48 39.35 -1.47
CA ARG B 328 10.56 40.49 -1.49
C ARG B 328 9.26 40.06 -0.82
N PHE B 329 8.85 40.83 0.18
CA PHE B 329 7.70 40.55 1.04
C PHE B 329 6.95 41.85 1.27
N PRO B 330 5.71 41.79 1.71
CA PRO B 330 4.98 43.02 2.04
C PRO B 330 5.36 43.56 3.40
N ASN B 331 5.22 44.87 3.56
CA ASN B 331 5.47 45.51 4.85
C ASN B 331 4.25 45.33 5.73
N ILE B 332 4.32 44.37 6.64
CA ILE B 332 3.22 44.07 7.55
C ILE B 332 3.74 44.20 8.97
N THR B 333 3.16 45.13 9.72
CA THR B 333 3.29 45.21 11.16
C THR B 333 1.97 44.74 11.75
N ASN B 334 1.78 44.98 13.04
CA ASN B 334 0.52 44.60 13.69
C ASN B 334 0.32 43.10 13.62
N LEU B 335 1.08 42.35 14.42
CA LEU B 335 1.11 40.89 14.43
C LEU B 335 -0.30 40.31 14.42
N CYS B 336 -0.44 39.06 13.96
CA CYS B 336 -1.77 38.46 14.00
C CYS B 336 -2.23 38.28 15.44
N PRO B 337 -3.39 38.84 15.76
CA PRO B 337 -3.96 38.57 17.09
C PRO B 337 -4.51 37.16 17.16
N PHE B 338 -3.62 36.21 17.44
CA PHE B 338 -4.00 34.83 17.67
C PHE B 338 -4.47 34.59 19.10
N GLY B 339 -4.34 35.57 19.98
CA GLY B 339 -4.82 35.43 21.34
C GLY B 339 -6.33 35.42 21.47
N GLU B 340 -7.03 36.12 20.57
CA GLU B 340 -8.49 36.20 20.67
C GLU B 340 -9.15 34.83 20.57
N VAL B 341 -8.47 33.87 19.95
CA VAL B 341 -9.05 32.55 19.72
C VAL B 341 -8.46 31.46 20.61
N PHE B 342 -7.14 31.46 20.83
CA PHE B 342 -6.55 30.47 21.72
C PHE B 342 -6.86 30.77 23.17
N ASN B 343 -7.17 32.03 23.47
CA ASN B 343 -7.49 32.48 24.81
C ASN B 343 -8.88 33.09 24.89
N ALA B 344 -9.87 32.42 24.34
CA ALA B 344 -11.26 32.83 24.51
C ALA B 344 -11.86 32.16 25.74
N THR B 345 -12.69 32.92 26.46
CA THR B 345 -13.44 32.39 27.59
C THR B 345 -14.74 31.75 27.15
N ARG B 346 -14.94 31.59 25.86
CA ARG B 346 -16.13 30.97 25.30
C ARG B 346 -15.72 30.09 24.14
N PHE B 347 -16.29 28.88 24.12
CA PHE B 347 -16.12 27.97 23.00
C PHE B 347 -17.48 27.39 22.64
N ALA B 348 -17.88 27.59 21.39
CA ALA B 348 -19.16 27.08 20.94
C ALA B 348 -19.14 25.56 20.89
N SER B 349 -20.26 24.96 20.52
CA SER B 349 -20.42 23.52 20.45
C SER B 349 -20.16 23.03 19.03
N VAL B 350 -20.16 21.69 18.87
CA VAL B 350 -19.69 21.09 17.63
C VAL B 350 -20.61 21.32 16.45
N TYR B 351 -21.90 21.56 16.66
CA TYR B 351 -22.83 21.75 15.56
C TYR B 351 -23.11 23.22 15.26
N ALA B 352 -22.55 24.13 16.06
CA ALA B 352 -22.64 25.57 15.80
C ALA B 352 -21.27 26.21 16.02
N TRP B 353 -20.24 25.58 15.47
CA TRP B 353 -18.86 26.04 15.62
C TRP B 353 -18.70 27.49 15.14
N ASN B 354 -17.77 28.21 15.75
CA ASN B 354 -17.56 29.60 15.39
C ASN B 354 -16.31 29.75 14.53
N ARG B 355 -16.44 30.55 13.48
CA ARG B 355 -15.38 30.79 12.51
C ARG B 355 -14.93 32.23 12.60
N LYS B 356 -13.64 32.45 12.81
CA LYS B 356 -13.06 33.78 12.77
C LYS B 356 -12.07 33.86 11.62
N ARG B 357 -12.23 34.89 10.79
CA ARG B 357 -11.35 35.11 9.66
C ARG B 357 -10.16 35.97 10.08
N ILE B 358 -8.96 35.52 9.74
CA ILE B 358 -7.72 36.22 10.04
C ILE B 358 -7.14 36.75 8.74
N SER B 359 -6.64 37.98 8.79
CA SER B 359 -6.16 38.71 7.63
C SER B 359 -5.29 39.87 8.11
N ASN B 360 -4.52 40.43 7.16
CA ASN B 360 -3.74 41.66 7.37
C ASN B 360 -2.92 41.59 8.65
N CYS B 361 -1.95 40.66 8.68
CA CYS B 361 -1.03 40.55 9.81
C CYS B 361 0.02 39.52 9.50
N VAL B 362 1.22 39.73 10.04
CA VAL B 362 2.20 38.65 10.06
C VAL B 362 1.71 37.57 11.01
N ALA B 363 1.77 36.33 10.55
CA ALA B 363 1.34 35.19 11.36
C ALA B 363 2.59 34.45 11.84
N ASP B 364 2.87 34.58 13.13
CA ASP B 364 4.03 33.92 13.73
C ASP B 364 3.57 32.64 14.40
N TYR B 365 3.73 31.52 13.69
CA TYR B 365 3.54 30.20 14.25
C TYR B 365 4.74 29.78 15.09
N SER B 366 5.74 30.64 15.22
CA SER B 366 6.88 30.37 16.08
C SER B 366 6.51 30.49 17.55
N VAL B 367 5.54 31.34 17.86
CA VAL B 367 5.03 31.42 19.23
C VAL B 367 4.01 30.31 19.48
N LEU B 368 3.79 29.44 18.50
CA LEU B 368 2.85 28.33 18.58
C LEU B 368 3.52 26.98 18.40
N TYR B 369 4.57 26.90 17.59
CA TYR B 369 5.17 25.62 17.25
C TYR B 369 6.22 25.22 18.28
N ASN B 370 6.99 26.19 18.76
CA ASN B 370 7.89 25.98 19.89
C ASN B 370 7.17 26.06 21.23
N SER B 371 5.84 25.98 21.23
CA SER B 371 5.04 26.01 22.44
C SER B 371 4.50 24.60 22.69
N ALA B 372 5.00 23.95 23.73
CA ALA B 372 4.63 22.58 24.06
C ALA B 372 3.47 22.61 25.03
N SER B 373 2.29 23.01 24.54
CA SER B 373 1.13 23.09 25.42
C SER B 373 -0.13 22.51 24.79
N PHE B 374 -0.06 21.85 23.64
CA PHE B 374 -1.22 21.27 22.99
C PHE B 374 -1.05 19.76 22.89
N SER B 375 -2.18 19.06 22.82
CA SER B 375 -2.19 17.61 22.73
C SER B 375 -2.07 17.07 21.32
N THR B 376 -2.51 17.81 20.31
CA THR B 376 -2.42 17.37 18.92
C THR B 376 -2.16 18.60 18.06
N PHE B 377 -1.16 18.49 17.16
CA PHE B 377 -0.81 19.53 16.18
C PHE B 377 -0.55 18.83 14.85
N LYS B 378 -1.61 18.62 14.05
CA LYS B 378 -1.53 17.82 12.84
C LYS B 378 -1.83 18.68 11.62
N CYS B 379 -0.82 18.91 10.80
CA CYS B 379 -0.97 19.69 9.58
C CYS B 379 -1.16 18.76 8.39
N TYR B 380 -1.88 19.24 7.38
CA TYR B 380 -2.20 18.45 6.20
C TYR B 380 -1.98 19.32 4.97
N GLY B 381 -1.05 18.91 4.12
CA GLY B 381 -0.65 19.68 2.96
C GLY B 381 0.50 20.63 3.20
N VAL B 382 0.83 20.89 4.47
CA VAL B 382 1.93 21.76 4.84
C VAL B 382 2.71 21.05 5.94
N SER B 383 3.86 21.63 6.27
CA SER B 383 4.66 21.14 7.39
C SER B 383 4.75 22.23 8.44
N PRO B 384 4.40 21.94 9.69
CA PRO B 384 4.24 23.01 10.68
C PRO B 384 5.52 23.78 10.98
N THR B 385 6.64 23.38 10.37
CA THR B 385 7.90 24.08 10.55
C THR B 385 8.23 25.04 9.42
N LYS B 386 7.44 25.04 8.36
CA LYS B 386 7.69 25.89 7.19
C LYS B 386 6.61 26.95 7.00
N LEU B 387 5.81 27.19 8.03
CA LEU B 387 4.68 28.12 7.92
C LEU B 387 5.11 29.57 7.96
N ASN B 388 6.35 29.85 8.37
CA ASN B 388 6.84 31.22 8.44
C ASN B 388 7.53 31.66 7.15
N ASP B 389 7.63 30.78 6.16
CA ASP B 389 8.21 31.11 4.87
C ASP B 389 7.16 31.33 3.79
N LEU B 390 5.91 30.99 4.05
CA LEU B 390 4.85 31.07 3.08
C LEU B 390 4.09 32.39 3.23
N CYS B 391 3.15 32.61 2.31
CA CYS B 391 2.20 33.69 2.45
C CYS B 391 0.83 33.17 2.03
N PHE B 392 -0.20 33.61 2.74
CA PHE B 392 -1.53 33.06 2.55
C PHE B 392 -2.51 34.17 2.20
N THR B 393 -3.59 33.77 1.55
CA THR B 393 -4.62 34.70 1.10
C THR B 393 -5.60 35.03 2.22
N ASN B 394 -6.04 34.02 2.95
CA ASN B 394 -6.95 34.19 4.08
C ASN B 394 -6.56 33.19 5.15
N VAL B 395 -7.14 33.35 6.34
CA VAL B 395 -7.10 32.31 7.35
C VAL B 395 -8.52 32.12 7.90
N TYR B 396 -8.92 30.87 8.05
CA TYR B 396 -10.14 30.55 8.78
C TYR B 396 -9.78 29.79 10.04
N ALA B 397 -10.12 30.33 11.20
CA ALA B 397 -9.93 29.65 12.47
C ALA B 397 -11.30 29.18 12.94
N ASP B 398 -11.50 27.88 12.97
CA ASP B 398 -12.74 27.30 13.49
C ASP B 398 -12.47 26.77 14.89
N SER B 399 -13.18 27.32 15.88
CA SER B 399 -12.84 27.05 17.27
C SER B 399 -14.04 26.51 18.02
N PHE B 400 -13.87 25.35 18.66
CA PHE B 400 -14.98 24.75 19.37
C PHE B 400 -14.44 23.77 20.41
N VAL B 401 -15.31 22.92 20.95
CA VAL B 401 -14.94 21.94 21.95
C VAL B 401 -15.70 20.64 21.65
N ILE B 402 -15.03 19.50 21.84
CA ILE B 402 -15.59 18.20 21.52
C ILE B 402 -15.37 17.26 22.69
N ARG B 403 -15.90 16.05 22.55
CA ARG B 403 -15.57 14.96 23.44
C ARG B 403 -14.16 14.47 23.13
N GLY B 404 -13.50 13.92 24.16
CA GLY B 404 -12.10 13.57 24.02
C GLY B 404 -11.86 12.44 23.04
N ASP B 405 -12.90 11.66 22.73
CA ASP B 405 -12.73 10.54 21.83
C ASP B 405 -12.57 11.01 20.39
N GLU B 406 -13.57 11.71 19.86
CA GLU B 406 -13.56 12.06 18.44
C GLU B 406 -12.67 13.27 18.16
N VAL B 407 -11.41 13.18 18.61
CA VAL B 407 -10.39 14.09 18.13
C VAL B 407 -9.76 13.59 16.84
N ARG B 408 -9.83 12.28 16.58
CA ARG B 408 -9.47 11.72 15.29
C ARG B 408 -10.58 11.87 14.26
N GLN B 409 -11.71 12.45 14.66
CA GLN B 409 -12.81 12.75 13.76
C GLN B 409 -12.60 14.07 13.02
N ILE B 410 -11.65 14.88 13.46
CA ILE B 410 -11.26 16.08 12.75
C ILE B 410 -10.03 15.74 11.93
N ALA B 411 -10.26 15.34 10.68
CA ALA B 411 -9.21 14.82 9.83
C ALA B 411 -9.71 14.88 8.39
N PRO B 412 -8.81 14.88 7.41
CA PRO B 412 -9.27 14.92 6.02
C PRO B 412 -9.75 13.56 5.54
N GLY B 413 -11.07 13.39 5.45
CA GLY B 413 -11.66 12.20 4.87
C GLY B 413 -11.93 11.13 5.91
N GLN B 414 -13.18 10.99 6.35
CA GLN B 414 -13.49 10.05 7.41
C GLN B 414 -15.00 9.93 7.58
N THR B 415 -15.39 8.93 8.37
CA THR B 415 -16.77 8.64 8.70
C THR B 415 -16.90 8.53 10.21
N GLY B 416 -17.95 9.14 10.73
CA GLY B 416 -18.18 9.13 12.17
C GLY B 416 -19.30 10.07 12.54
N LYS B 417 -19.90 9.78 13.69
CA LYS B 417 -21.12 10.48 14.09
C LYS B 417 -20.85 11.97 14.32
N ILE B 418 -19.62 12.32 14.69
CA ILE B 418 -19.26 13.73 14.78
C ILE B 418 -18.95 14.29 13.39
N ALA B 419 -18.21 13.53 12.58
CA ALA B 419 -17.86 13.97 11.25
C ALA B 419 -19.00 13.91 10.26
N ASP B 420 -19.96 13.01 10.46
CA ASP B 420 -21.04 12.88 9.49
C ASP B 420 -22.22 13.80 9.78
N TYR B 421 -22.25 14.45 10.94
CA TYR B 421 -23.41 15.26 11.30
C TYR B 421 -23.09 16.69 11.75
N ASN B 422 -21.96 16.94 12.42
CA ASN B 422 -21.73 18.24 13.04
C ASN B 422 -20.58 19.04 12.45
N TYR B 423 -19.60 18.38 11.84
CA TYR B 423 -18.46 19.11 11.28
C TYR B 423 -17.75 18.26 10.24
N LYS B 424 -17.47 18.85 9.08
CA LYS B 424 -16.82 18.13 8.00
C LYS B 424 -15.66 18.94 7.47
N LEU B 425 -14.60 18.25 7.07
CA LEU B 425 -13.51 18.83 6.32
C LEU B 425 -13.41 18.13 4.97
N PRO B 426 -13.11 18.87 3.90
CA PRO B 426 -12.96 18.23 2.60
C PRO B 426 -11.76 17.30 2.57
N ASP B 427 -11.79 16.34 1.65
CA ASP B 427 -10.60 15.51 1.44
C ASP B 427 -9.47 16.34 0.85
N ASP B 428 -9.78 17.47 0.24
CA ASP B 428 -8.78 18.41 -0.27
C ASP B 428 -8.47 19.47 0.78
N PHE B 429 -8.17 19.01 1.98
CA PHE B 429 -7.87 19.92 3.08
C PHE B 429 -6.42 20.35 3.02
N THR B 430 -6.16 21.55 3.53
CA THR B 430 -4.80 22.08 3.60
C THR B 430 -4.74 23.07 4.77
N GLY B 431 -4.16 22.61 5.87
CA GLY B 431 -4.13 23.39 7.09
C GLY B 431 -3.87 22.50 8.28
N CYS B 432 -3.76 23.13 9.44
CA CYS B 432 -3.41 22.42 10.66
C CYS B 432 -4.62 22.30 11.59
N VAL B 433 -4.55 21.29 12.46
CA VAL B 433 -5.58 21.00 13.44
C VAL B 433 -4.89 20.91 14.79
N ILE B 434 -5.32 21.74 15.74
CA ILE B 434 -4.74 21.76 17.08
C ILE B 434 -5.82 21.40 18.09
N ALA B 435 -5.47 20.54 19.04
CA ALA B 435 -6.40 20.15 20.08
C ALA B 435 -5.66 20.08 21.41
N TRP B 436 -6.31 20.62 22.46
CA TRP B 436 -5.75 20.57 23.80
C TRP B 436 -6.88 20.42 24.81
N ASN B 437 -6.56 19.76 25.92
CA ASN B 437 -7.59 19.28 26.84
C ASN B 437 -8.21 20.41 27.63
N SER B 438 -9.47 20.22 28.02
CA SER B 438 -10.20 21.22 28.78
C SER B 438 -11.29 20.57 29.62
N ASN B 439 -11.03 20.43 30.91
CA ASN B 439 -12.09 20.25 31.90
C ASN B 439 -11.77 21.15 33.09
N ASN B 440 -10.61 21.81 33.03
CA ASN B 440 -10.22 22.80 34.01
C ASN B 440 -10.72 24.19 33.66
N LEU B 441 -11.46 24.33 32.58
CA LEU B 441 -12.08 25.60 32.21
C LEU B 441 -13.56 25.39 31.91
N TYR B 451 -22.31 22.72 27.15
CA TYR B 451 -21.52 22.17 26.06
C TYR B 451 -22.35 21.16 25.27
N LEU B 452 -23.53 21.59 24.84
CA LEU B 452 -24.53 20.69 24.27
C LEU B 452 -24.22 20.44 22.79
N TYR B 453 -23.34 19.48 22.55
CA TYR B 453 -22.85 19.05 21.25
C TYR B 453 -23.65 17.82 20.76
N ARG B 454 -23.12 17.11 19.77
CA ARG B 454 -23.64 15.81 19.35
C ARG B 454 -25.05 15.82 18.78
N LEU B 455 -25.22 16.41 17.59
CA LEU B 455 -26.48 16.42 16.85
C LEU B 455 -26.60 15.22 15.91
N PHE B 456 -27.81 14.90 15.46
CA PHE B 456 -28.08 13.80 14.53
C PHE B 456 -29.18 14.22 13.57
N ARG B 457 -29.03 13.89 12.27
CA ARG B 457 -29.84 14.50 11.23
C ARG B 457 -30.00 13.60 10.02
N LYS B 458 -30.48 14.21 8.94
CA LYS B 458 -30.59 13.61 7.61
C LYS B 458 -29.49 14.08 6.66
N SER B 459 -28.93 15.27 6.90
CA SER B 459 -28.08 15.98 5.95
C SER B 459 -26.83 15.20 5.56
N ASN B 460 -26.19 14.59 6.55
CA ASN B 460 -24.89 13.95 6.40
C ASN B 460 -23.81 14.94 5.99
N LEU B 461 -24.18 16.22 5.85
CA LEU B 461 -23.28 17.35 5.99
C LEU B 461 -22.07 17.34 5.05
N LYS B 462 -22.29 17.56 3.76
CA LYS B 462 -21.22 17.83 2.80
C LYS B 462 -20.36 18.97 3.34
N PRO B 463 -19.05 18.97 3.02
CA PRO B 463 -18.07 19.60 3.92
C PRO B 463 -18.26 21.08 4.15
N PHE B 464 -17.75 21.54 5.30
CA PHE B 464 -17.66 22.94 5.72
C PHE B 464 -19.00 23.63 5.84
N GLU B 465 -20.11 22.91 5.75
CA GLU B 465 -21.42 23.46 6.06
C GLU B 465 -21.82 23.03 7.47
N ARG B 466 -22.63 23.86 8.13
CA ARG B 466 -23.14 23.51 9.44
C ARG B 466 -24.64 23.72 9.50
N ASP B 467 -25.32 22.78 10.16
CA ASP B 467 -26.78 22.74 10.23
C ASP B 467 -27.22 23.09 11.64
N ILE B 468 -28.05 24.12 11.78
CA ILE B 468 -28.61 24.49 13.08
C ILE B 468 -30.13 24.58 12.95
N SER B 469 -30.82 23.77 13.76
CA SER B 469 -32.27 23.65 13.76
C SER B 469 -32.69 22.63 14.81
N THR B 470 -33.96 22.60 15.18
CA THR B 470 -34.47 21.57 16.07
C THR B 470 -35.88 21.14 15.67
N GLU B 471 -35.97 20.03 14.94
CA GLU B 471 -37.24 19.35 14.71
C GLU B 471 -37.03 17.86 14.96
N ILE B 472 -37.86 17.33 15.83
CA ILE B 472 -37.56 16.15 16.63
C ILE B 472 -37.57 14.87 15.82
N TYR B 473 -36.65 13.96 16.16
CA TYR B 473 -36.64 12.59 15.70
C TYR B 473 -37.52 11.68 16.55
N GLN B 474 -38.49 12.28 17.24
CA GLN B 474 -39.46 11.57 18.05
C GLN B 474 -40.57 11.02 17.16
N ALA B 475 -40.83 9.71 17.29
CA ALA B 475 -41.88 9.04 16.54
C ALA B 475 -42.77 8.27 17.50
N ASN B 487 -38.83 5.65 22.07
CA ASN B 487 -40.01 6.40 22.45
C ASN B 487 -39.96 7.83 21.90
N CYS B 488 -38.85 8.51 22.16
CA CYS B 488 -38.62 9.87 21.68
C CYS B 488 -37.13 10.09 21.52
N TYR B 489 -36.77 10.96 20.59
CA TYR B 489 -35.39 11.28 20.32
C TYR B 489 -35.27 12.77 20.06
N PHE B 490 -34.05 13.28 20.19
CA PHE B 490 -33.77 14.71 20.04
C PHE B 490 -32.36 14.88 19.48
N PRO B 491 -32.19 15.72 18.47
CA PRO B 491 -30.88 15.84 17.81
C PRO B 491 -29.87 16.65 18.60
N LEU B 492 -29.69 16.31 19.87
CA LEU B 492 -28.76 17.02 20.75
C LEU B 492 -28.49 16.14 21.96
N GLN B 493 -27.31 16.25 22.56
CA GLN B 493 -26.99 15.42 23.71
C GLN B 493 -26.03 16.16 24.63
N SER B 494 -26.33 16.14 25.92
CA SER B 494 -25.53 16.90 26.87
C SER B 494 -24.18 16.25 27.07
N TYR B 495 -23.24 17.06 27.56
CA TYR B 495 -21.87 16.65 27.81
C TYR B 495 -21.60 16.78 29.30
N GLY B 496 -21.24 15.67 29.94
CA GLY B 496 -20.88 15.68 31.35
C GLY B 496 -19.38 15.84 31.56
N PHE B 497 -19.01 16.03 32.82
CA PHE B 497 -17.61 16.17 33.19
C PHE B 497 -17.43 15.93 34.68
N VAL B 503 -9.77 10.43 31.25
CA VAL B 503 -9.47 10.98 29.93
C VAL B 503 -10.41 10.37 28.89
N GLY B 504 -10.77 11.16 27.90
CA GLY B 504 -11.71 10.73 26.88
C GLY B 504 -13.11 11.26 27.05
N TYR B 505 -13.45 11.82 28.22
CA TYR B 505 -14.73 12.47 28.41
C TYR B 505 -14.54 13.81 29.10
N GLN B 506 -13.43 14.48 28.79
CA GLN B 506 -13.22 15.87 29.21
C GLN B 506 -13.08 16.70 27.94
N PRO B 507 -13.93 17.69 27.73
CA PRO B 507 -14.05 18.30 26.39
C PRO B 507 -12.79 18.98 25.88
N TYR B 508 -12.21 18.40 24.82
CA TYR B 508 -11.03 18.98 24.20
C TYR B 508 -11.40 20.22 23.39
N ARG B 509 -10.67 21.30 23.62
CA ARG B 509 -10.77 22.48 22.78
C ARG B 509 -9.98 22.27 21.49
N VAL B 510 -10.62 22.58 20.36
CA VAL B 510 -10.05 22.32 19.04
C VAL B 510 -10.10 23.59 18.22
N VAL B 511 -8.97 23.92 17.58
CA VAL B 511 -8.85 25.04 16.64
C VAL B 511 -8.36 24.48 15.32
N VAL B 512 -9.11 24.74 14.26
CA VAL B 512 -8.84 24.24 12.92
C VAL B 512 -8.46 25.44 12.06
N LEU B 513 -7.20 25.51 11.64
CA LEU B 513 -6.78 26.57 10.75
C LEU B 513 -6.95 26.14 9.30
N SER B 514 -7.36 27.08 8.47
CA SER B 514 -7.61 26.80 7.07
C SER B 514 -6.94 27.87 6.24
N PHE B 515 -6.02 27.46 5.37
CA PHE B 515 -5.30 28.34 4.48
C PHE B 515 -5.76 28.12 3.05
N GLU B 516 -5.48 29.10 2.20
CA GLU B 516 -5.63 28.94 0.77
C GLU B 516 -4.36 29.47 0.13
N LEU B 517 -3.86 28.75 -0.87
CA LEU B 517 -2.58 29.09 -1.47
C LEU B 517 -2.75 30.24 -2.45
N LEU B 518 -1.63 30.89 -2.75
CA LEU B 518 -1.67 32.15 -3.48
C LEU B 518 -2.22 32.00 -4.88
N HIS B 519 -3.36 32.63 -5.13
CA HIS B 519 -3.81 32.93 -6.47
C HIS B 519 -4.21 34.40 -6.50
N ALA B 520 -4.63 34.91 -5.34
CA ALA B 520 -4.92 36.30 -5.06
C ALA B 520 -3.77 36.91 -4.27
N PRO B 521 -3.75 38.24 -4.08
CA PRO B 521 -2.70 38.85 -3.25
C PRO B 521 -2.62 38.24 -1.87
N ALA B 522 -1.41 38.14 -1.33
CA ALA B 522 -1.25 37.68 0.04
C ALA B 522 -1.48 38.85 0.98
N THR B 523 -2.13 38.57 2.10
CA THR B 523 -2.37 39.57 3.12
C THR B 523 -1.95 39.14 4.52
N VAL B 524 -2.06 37.86 4.86
CA VAL B 524 -1.59 37.33 6.14
C VAL B 524 -0.45 36.39 5.84
N CYS B 525 0.78 36.83 6.09
CA CYS B 525 1.88 36.07 5.54
C CYS B 525 3.12 36.26 6.39
N GLY B 526 3.95 35.22 6.41
CA GLY B 526 4.93 34.99 7.45
C GLY B 526 5.86 36.12 7.78
N PRO B 527 6.43 36.07 8.98
CA PRO B 527 7.40 37.10 9.40
C PRO B 527 8.77 36.87 8.80
N LYS B 528 9.00 37.37 7.58
CA LYS B 528 10.26 37.20 6.88
C LYS B 528 10.80 38.55 6.49
N LYS B 529 12.09 38.78 6.75
CA LYS B 529 12.69 40.08 6.51
C LYS B 529 13.01 40.26 5.03
N SER B 530 12.47 41.32 4.44
CA SER B 530 12.61 41.59 3.02
C SER B 530 13.92 42.34 2.76
N THR B 531 14.62 41.93 1.71
CA THR B 531 15.88 42.55 1.34
C THR B 531 15.74 43.35 0.06
N ASN B 532 16.88 43.90 -0.38
CA ASN B 532 16.92 44.70 -1.60
C ASN B 532 16.72 43.80 -2.81
N LEU B 533 16.79 44.40 -3.99
CA LEU B 533 16.65 43.65 -5.23
C LEU B 533 17.65 44.15 -6.25
N VAL B 534 18.09 43.24 -7.12
CA VAL B 534 19.10 43.51 -8.13
C VAL B 534 18.60 43.02 -9.48
N LYS B 535 19.30 43.42 -10.54
CA LYS B 535 18.87 43.08 -11.89
C LYS B 535 20.06 42.65 -12.73
N ASN B 536 19.78 41.89 -13.78
CA ASN B 536 20.77 41.40 -14.75
C ASN B 536 21.75 40.41 -14.15
N LYS B 537 21.32 39.61 -13.18
CA LYS B 537 22.12 38.52 -12.65
C LYS B 537 21.20 37.35 -12.33
N CYS B 538 21.61 36.14 -12.68
CA CYS B 538 20.81 34.98 -12.32
C CYS B 538 20.79 34.86 -10.80
N VAL B 539 19.61 35.03 -10.22
CA VAL B 539 19.42 35.13 -8.78
C VAL B 539 18.32 34.17 -8.36
N ASN B 540 18.27 33.91 -7.05
CA ASN B 540 17.16 33.22 -6.40
C ASN B 540 16.22 34.25 -5.81
N PHE B 541 15.00 34.31 -6.32
CA PHE B 541 14.01 35.24 -5.80
C PHE B 541 12.95 34.47 -5.01
N ASN B 542 12.33 35.16 -4.06
CA ASN B 542 11.32 34.58 -3.17
C ASN B 542 10.11 35.49 -3.05
N PHE B 543 9.56 35.92 -4.19
CA PHE B 543 8.46 36.89 -4.21
C PHE B 543 7.23 36.32 -3.54
N ASN B 544 6.97 36.74 -2.30
CA ASN B 544 5.75 36.40 -1.56
C ASN B 544 5.57 34.90 -1.38
N GLY B 545 6.66 34.15 -1.36
CA GLY B 545 6.61 32.70 -1.33
C GLY B 545 6.89 32.05 -2.66
N LEU B 546 6.50 32.69 -3.76
CA LEU B 546 6.84 32.22 -5.11
C LEU B 546 8.34 32.39 -5.32
N THR B 547 9.06 31.28 -5.16
CA THR B 547 10.50 31.32 -5.27
C THR B 547 10.98 30.60 -6.53
N GLY B 548 12.15 30.99 -7.00
CA GLY B 548 12.70 30.46 -8.23
C GLY B 548 14.03 31.11 -8.55
N THR B 549 14.47 30.87 -9.78
CA THR B 549 15.79 31.31 -10.23
C THR B 549 15.72 31.89 -11.62
N GLY B 550 16.35 33.04 -11.81
CA GLY B 550 16.38 33.64 -13.13
C GLY B 550 17.00 35.02 -13.09
N VAL B 551 16.97 35.66 -14.26
CA VAL B 551 17.45 37.02 -14.41
C VAL B 551 16.27 37.97 -14.61
N LEU B 552 16.24 39.02 -13.79
CA LEU B 552 15.15 39.99 -13.75
C LEU B 552 15.48 41.19 -14.63
N THR B 553 14.45 41.92 -15.04
CA THR B 553 14.63 43.07 -15.91
C THR B 553 13.44 44.02 -15.77
N GLU B 554 13.67 45.30 -16.02
CA GLU B 554 12.58 46.25 -16.15
C GLU B 554 11.81 45.94 -17.43
N SER B 555 10.48 45.86 -17.31
CA SER B 555 9.63 45.28 -18.34
C SER B 555 8.75 46.34 -18.98
N ASN B 556 8.41 46.10 -20.24
CA ASN B 556 7.47 46.93 -20.98
C ASN B 556 6.13 46.22 -21.18
N LYS B 557 5.82 45.28 -20.30
CA LYS B 557 4.52 44.62 -20.31
C LYS B 557 3.50 45.52 -19.62
N LYS B 558 2.33 45.67 -20.24
CA LYS B 558 1.33 46.61 -19.76
C LYS B 558 0.29 45.91 -18.90
N PHE B 559 0.71 45.54 -17.69
CA PHE B 559 -0.22 45.05 -16.70
C PHE B 559 -1.31 46.08 -16.45
N LEU B 560 -2.43 45.61 -15.89
CA LEU B 560 -3.50 46.47 -15.41
C LEU B 560 -3.72 46.21 -13.93
N PRO B 561 -4.09 47.24 -13.16
CA PRO B 561 -3.95 47.21 -11.70
C PRO B 561 -4.34 45.91 -11.01
N PHE B 562 -5.31 45.18 -11.56
CA PHE B 562 -5.72 43.94 -10.93
C PHE B 562 -4.72 42.82 -11.20
N GLN B 563 -3.88 42.95 -12.23
CA GLN B 563 -3.01 41.86 -12.63
C GLN B 563 -1.74 41.83 -11.79
N GLN B 564 -1.32 40.64 -11.39
CA GLN B 564 -0.22 40.45 -10.47
C GLN B 564 1.01 39.80 -11.09
N PHE B 565 0.89 38.61 -11.67
CA PHE B 565 2.03 37.99 -12.34
C PHE B 565 1.56 37.42 -13.67
N GLY B 566 2.46 37.46 -14.65
CA GLY B 566 2.14 37.01 -15.98
C GLY B 566 2.62 35.59 -16.22
N ARG B 567 2.25 35.08 -17.40
CA ARG B 567 2.68 33.76 -17.84
C ARG B 567 2.30 33.57 -19.29
N ASP B 568 3.16 32.86 -20.02
CA ASP B 568 2.81 32.50 -21.38
C ASP B 568 2.23 31.09 -21.46
N ILE B 569 3.04 30.08 -21.16
CA ILE B 569 2.60 28.69 -21.22
C ILE B 569 3.15 27.98 -19.99
N ALA B 570 2.92 26.66 -19.95
CA ALA B 570 3.62 25.73 -19.05
C ALA B 570 3.44 26.07 -17.57
N ASP B 571 2.56 27.02 -17.25
CA ASP B 571 2.35 27.44 -15.87
C ASP B 571 3.64 27.94 -15.24
N THR B 572 4.48 28.58 -16.04
CA THR B 572 5.72 29.18 -15.58
C THR B 572 5.53 30.70 -15.54
N THR B 573 5.91 31.30 -14.42
CA THR B 573 5.81 32.73 -14.24
C THR B 573 6.80 33.45 -15.15
N ASP B 574 6.36 34.55 -15.77
CA ASP B 574 7.23 35.34 -16.63
C ASP B 574 7.47 36.75 -16.12
N ALA B 575 6.46 37.41 -15.58
CA ALA B 575 6.66 38.70 -14.95
C ALA B 575 6.07 38.65 -13.55
N VAL B 576 6.41 39.63 -12.75
CA VAL B 576 5.87 39.73 -11.41
C VAL B 576 5.62 41.20 -11.11
N ARG B 577 4.76 41.48 -10.15
CA ARG B 577 4.61 42.82 -9.62
C ARG B 577 5.37 42.87 -8.31
N ASP B 578 6.30 43.81 -8.18
CA ASP B 578 7.06 43.94 -6.94
C ASP B 578 6.11 44.22 -5.79
N PRO B 579 6.10 43.37 -4.75
CA PRO B 579 5.18 43.62 -3.63
C PRO B 579 5.44 44.91 -2.89
N GLN B 580 6.68 45.39 -2.85
CA GLN B 580 7.02 46.56 -2.04
C GLN B 580 7.05 47.86 -2.83
N THR B 581 7.23 47.81 -4.15
CA THR B 581 7.22 49.06 -4.91
C THR B 581 6.31 49.01 -6.12
N LEU B 582 5.53 47.94 -6.29
CA LEU B 582 4.58 47.83 -7.39
C LEU B 582 5.18 47.83 -8.80
N GLU B 583 6.45 47.49 -8.90
CA GLU B 583 7.16 47.43 -10.16
C GLU B 583 6.95 46.07 -10.80
N ILE B 584 6.82 46.06 -12.12
CA ILE B 584 6.65 44.84 -12.89
C ILE B 584 7.99 44.43 -13.47
N LEU B 585 8.44 43.24 -13.12
CA LEU B 585 9.74 42.72 -13.51
C LEU B 585 9.57 41.52 -14.43
N ASP B 586 10.34 41.53 -15.52
CA ASP B 586 10.43 40.43 -16.47
C ASP B 586 11.46 39.41 -15.98
N ILE B 587 11.14 38.13 -16.16
CA ILE B 587 11.99 37.03 -15.72
C ILE B 587 12.42 36.24 -16.94
N THR B 588 13.71 35.93 -17.05
CA THR B 588 14.25 35.09 -18.10
C THR B 588 15.15 34.00 -17.51
N PRO B 589 15.13 32.79 -18.05
CA PRO B 589 16.08 31.76 -17.59
C PRO B 589 17.50 32.15 -17.91
N CYS B 590 18.40 31.95 -16.94
CA CYS B 590 19.80 32.21 -17.23
C CYS B 590 20.38 31.07 -18.07
N SER B 591 21.49 31.37 -18.72
CA SER B 591 21.93 30.59 -19.87
C SER B 591 22.32 29.16 -19.48
N PHE B 592 21.99 28.23 -20.36
CA PHE B 592 22.28 26.82 -20.18
C PHE B 592 22.45 26.18 -21.54
N GLY B 593 23.18 25.08 -21.57
CA GLY B 593 23.39 24.40 -22.83
C GLY B 593 24.16 23.13 -22.67
N GLY B 594 24.48 22.52 -23.80
CA GLY B 594 25.28 21.31 -23.83
C GLY B 594 26.73 21.62 -24.14
N VAL B 595 27.60 20.71 -23.75
CA VAL B 595 29.03 20.89 -23.94
C VAL B 595 29.53 19.71 -24.77
N SER B 596 30.19 20.01 -25.88
CA SER B 596 30.83 18.97 -26.68
C SER B 596 32.32 19.21 -26.75
N VAL B 597 33.08 18.14 -26.91
CA VAL B 597 34.53 18.25 -26.97
C VAL B 597 35.02 17.58 -28.24
N ILE B 598 35.81 18.32 -29.01
CA ILE B 598 36.36 17.93 -30.29
C ILE B 598 37.78 17.43 -30.07
N THR B 599 38.08 16.22 -30.53
CA THR B 599 39.38 15.62 -30.38
C THR B 599 39.85 14.99 -31.67
N PRO B 600 41.14 15.17 -32.03
CA PRO B 600 41.70 14.43 -33.17
C PRO B 600 42.00 12.96 -32.89
N GLY B 601 41.61 12.44 -31.75
CA GLY B 601 41.98 11.11 -31.33
C GLY B 601 43.19 11.13 -30.43
N THR B 602 43.17 10.25 -29.43
CA THR B 602 44.27 10.18 -28.49
C THR B 602 45.49 9.48 -29.07
N ASN B 603 45.30 8.69 -30.12
CA ASN B 603 46.46 8.13 -30.81
C ASN B 603 47.21 9.22 -31.55
N THR B 604 46.50 10.27 -31.96
CA THR B 604 47.10 11.39 -32.67
C THR B 604 47.79 12.34 -31.71
N SER B 605 47.02 13.30 -31.18
CA SER B 605 47.55 14.28 -30.25
C SER B 605 46.65 14.44 -29.04
N ASN B 606 47.23 14.75 -27.90
CA ASN B 606 46.48 14.94 -26.66
C ASN B 606 45.88 16.34 -26.56
N GLN B 607 45.28 16.80 -27.66
CA GLN B 607 44.67 18.12 -27.69
C GLN B 607 43.15 18.03 -27.57
N VAL B 608 42.50 19.17 -27.41
CA VAL B 608 41.05 19.22 -27.27
C VAL B 608 40.56 20.63 -27.56
N ALA B 609 39.39 20.73 -28.19
CA ALA B 609 38.65 21.97 -28.30
C ALA B 609 37.24 21.76 -27.78
N VAL B 610 36.58 22.83 -27.33
CA VAL B 610 35.32 22.69 -26.61
C VAL B 610 34.28 23.61 -27.22
N LEU B 611 33.08 23.09 -27.43
CA LEU B 611 31.96 23.84 -27.98
C LEU B 611 30.87 23.95 -26.92
N TYR B 612 30.49 25.20 -26.62
CA TYR B 612 29.39 25.51 -25.73
C TYR B 612 28.18 25.83 -26.58
N GLN B 613 27.24 24.91 -26.65
CA GLN B 613 26.20 24.93 -27.66
C GLN B 613 25.14 25.97 -27.34
N ASP B 614 24.91 26.87 -28.27
CA ASP B 614 23.83 27.86 -28.19
C ASP B 614 24.03 28.80 -27.01
N VAL B 615 25.18 29.48 -26.99
CA VAL B 615 25.47 30.44 -25.94
C VAL B 615 26.37 31.51 -26.52
N ASN B 616 26.36 32.68 -25.90
CA ASN B 616 27.25 33.76 -26.32
C ASN B 616 28.65 33.48 -25.83
N CYS B 617 29.64 33.82 -26.62
CA CYS B 617 31.01 33.50 -26.25
C CYS B 617 31.49 34.58 -25.30
N THR B 618 30.66 34.88 -24.30
CA THR B 618 30.91 35.95 -23.36
C THR B 618 30.46 35.63 -21.94
N GLU B 619 29.86 34.47 -21.72
CA GLU B 619 29.53 34.01 -20.38
C GLU B 619 30.08 32.60 -20.18
N VAL B 620 31.35 32.43 -20.50
CA VAL B 620 32.00 31.15 -20.31
C VAL B 620 33.27 31.31 -19.47
N THR B 638 40.96 27.28 -20.31
CA THR B 638 39.98 27.44 -21.38
C THR B 638 39.46 28.87 -21.43
N GLY B 639 40.35 29.81 -21.72
CA GLY B 639 39.95 31.20 -21.80
C GLY B 639 40.65 32.07 -22.83
N SER B 640 41.19 31.49 -23.91
CA SER B 640 41.78 32.29 -24.98
C SER B 640 41.64 31.52 -26.28
N ASN B 641 41.56 32.24 -27.40
CA ASN B 641 41.24 31.73 -28.74
C ASN B 641 39.75 31.40 -28.90
N VAL B 642 38.88 32.19 -28.29
CA VAL B 642 37.45 31.98 -28.46
C VAL B 642 37.02 32.42 -29.85
N PHE B 643 35.92 31.83 -30.33
CA PHE B 643 35.43 32.05 -31.68
C PHE B 643 33.94 31.73 -31.68
N GLN B 644 33.13 32.66 -32.16
CA GLN B 644 31.69 32.49 -32.07
C GLN B 644 31.11 32.01 -33.41
N THR B 645 30.48 30.84 -33.40
CA THR B 645 29.83 30.32 -34.58
C THR B 645 28.32 30.43 -34.45
N ARG B 646 27.60 29.87 -35.40
CA ARG B 646 26.14 29.79 -35.35
C ARG B 646 25.66 28.61 -34.52
N ALA B 647 26.57 27.70 -34.16
CA ALA B 647 26.24 26.53 -33.36
C ALA B 647 26.58 26.70 -31.89
N GLY B 648 27.30 27.77 -31.54
CA GLY B 648 27.67 28.03 -30.16
C GLY B 648 28.95 28.83 -30.06
N CYS B 649 29.69 28.58 -28.99
CA CYS B 649 30.95 29.27 -28.75
C CYS B 649 32.07 28.25 -28.68
N LEU B 650 33.10 28.44 -29.50
CA LEU B 650 34.20 27.51 -29.64
C LEU B 650 35.44 28.03 -28.93
N ILE B 651 36.07 27.17 -28.13
CA ILE B 651 37.26 27.56 -27.39
C ILE B 651 38.33 26.51 -27.62
N GLY B 652 39.47 26.93 -28.15
CA GLY B 652 40.57 26.01 -28.39
C GLY B 652 40.89 25.71 -29.84
N ALA B 653 40.35 26.50 -30.77
CA ALA B 653 40.62 26.31 -32.18
C ALA B 653 40.82 27.68 -32.83
N GLU B 654 41.74 27.74 -33.79
CA GLU B 654 41.98 28.97 -34.51
C GLU B 654 41.20 28.97 -35.81
N HIS B 655 40.64 30.13 -36.14
CA HIS B 655 39.83 30.30 -37.33
C HIS B 655 40.71 30.69 -38.51
N VAL B 656 40.66 29.90 -39.57
CA VAL B 656 41.42 30.15 -40.77
C VAL B 656 40.49 30.66 -41.87
N ASN B 657 41.07 31.29 -42.89
CA ASN B 657 40.31 31.76 -44.04
C ASN B 657 40.16 30.71 -45.13
N ASN B 658 40.96 29.65 -45.10
CA ASN B 658 40.93 28.64 -46.15
C ASN B 658 39.62 27.85 -46.11
N SER B 659 39.53 26.88 -47.00
CA SER B 659 38.45 25.91 -46.98
C SER B 659 39.01 24.55 -47.37
N TYR B 660 38.52 23.51 -46.71
CA TYR B 660 38.95 22.15 -46.94
C TYR B 660 37.71 21.28 -46.98
N GLU B 661 37.90 20.01 -47.28
CA GLU B 661 36.81 19.06 -47.12
C GLU B 661 36.57 18.80 -45.64
N CYS B 662 35.33 18.46 -45.30
CA CYS B 662 34.97 18.35 -43.89
C CYS B 662 35.69 17.17 -43.25
N ASP B 663 36.13 17.38 -42.01
CA ASP B 663 36.78 16.33 -41.24
C ASP B 663 35.96 16.01 -40.00
N ILE B 664 35.75 16.99 -39.12
CA ILE B 664 34.86 16.86 -37.98
C ILE B 664 33.80 17.93 -38.09
N PRO B 665 32.51 17.58 -38.24
CA PRO B 665 31.46 18.58 -38.44
C PRO B 665 31.12 19.30 -37.15
N ILE B 666 31.17 20.62 -37.16
CA ILE B 666 30.75 21.40 -36.00
C ILE B 666 29.31 21.80 -36.22
N GLY B 667 28.99 22.29 -37.40
CA GLY B 667 27.62 22.62 -37.76
C GLY B 667 27.55 23.96 -38.45
N ALA B 668 26.41 24.21 -39.09
CA ALA B 668 26.12 25.43 -39.84
C ALA B 668 27.26 25.78 -40.79
N GLY B 669 27.76 24.78 -41.49
CA GLY B 669 28.82 24.95 -42.45
C GLY B 669 30.22 24.87 -41.91
N ILE B 670 30.41 24.80 -40.60
CA ILE B 670 31.73 24.88 -39.98
C ILE B 670 32.22 23.49 -39.65
N CYS B 671 33.45 23.19 -40.04
CA CYS B 671 34.13 21.93 -39.74
C CYS B 671 35.45 22.23 -39.04
N ALA B 672 36.03 21.19 -38.45
CA ALA B 672 37.22 21.34 -37.63
C ALA B 672 38.20 20.21 -37.94
N SER B 673 39.48 20.54 -37.91
CA SER B 673 40.49 19.53 -38.24
C SER B 673 41.74 19.75 -37.41
N TYR B 674 42.63 18.76 -37.45
CA TYR B 674 43.89 18.80 -36.74
C TYR B 674 45.02 18.97 -37.74
N GLN B 675 45.51 20.20 -37.87
CA GLN B 675 46.65 20.52 -38.71
C GLN B 675 46.93 22.02 -38.64
N THR B 676 48.05 22.43 -39.23
CA THR B 676 48.32 23.85 -39.47
C THR B 676 48.31 24.69 -38.19
N GLN B 690 50.85 21.85 -35.90
CA GLN B 690 49.43 21.47 -35.86
C GLN B 690 48.79 21.91 -34.57
N SER B 691 47.70 22.67 -34.62
CA SER B 691 47.01 22.86 -33.36
C SER B 691 45.59 22.29 -33.33
N ILE B 692 44.62 23.00 -33.89
CA ILE B 692 43.26 22.55 -34.22
C ILE B 692 42.65 23.75 -34.93
N ILE B 693 41.95 23.53 -36.03
CA ILE B 693 41.48 24.62 -36.86
C ILE B 693 39.99 24.48 -37.11
N ALA B 694 39.33 25.62 -37.25
CA ALA B 694 37.91 25.68 -37.57
C ALA B 694 37.74 26.50 -38.84
N TYR B 695 37.07 25.93 -39.83
CA TYR B 695 36.97 26.56 -41.15
C TYR B 695 35.59 26.34 -41.73
N THR B 696 35.30 27.07 -42.80
CA THR B 696 34.11 26.83 -43.61
C THR B 696 34.40 25.77 -44.66
N MET B 697 33.59 24.72 -44.69
CA MET B 697 33.91 23.57 -45.52
C MET B 697 33.73 23.86 -47.01
N SER B 698 34.60 23.25 -47.81
CA SER B 698 34.51 23.35 -49.25
C SER B 698 33.65 22.22 -49.79
N LEU B 699 32.95 22.51 -50.86
CA LEU B 699 32.04 21.52 -51.44
C LEU B 699 32.70 20.65 -52.48
N GLY B 700 33.80 21.11 -53.06
CA GLY B 700 34.51 20.33 -54.04
C GLY B 700 35.25 21.27 -54.97
N ALA B 701 36.03 20.65 -55.85
CA ALA B 701 36.70 21.42 -56.88
C ALA B 701 35.69 21.99 -57.85
N GLU B 702 36.07 23.06 -58.52
CA GLU B 702 35.18 23.77 -59.40
C GLU B 702 35.70 23.65 -60.83
N ASN B 703 34.79 23.54 -61.78
CA ASN B 703 35.28 23.57 -63.16
C ASN B 703 34.17 23.94 -64.12
N SER B 704 34.51 24.78 -65.07
CA SER B 704 33.68 25.10 -66.21
C SER B 704 33.89 24.08 -67.32
N VAL B 705 32.78 23.60 -67.85
CA VAL B 705 32.79 22.73 -69.01
C VAL B 705 32.97 23.62 -70.23
N ALA B 706 33.69 23.11 -71.23
CA ALA B 706 33.99 23.89 -72.43
C ALA B 706 32.83 23.83 -73.43
N TYR B 707 31.66 24.26 -72.98
CA TYR B 707 30.47 24.16 -73.81
C TYR B 707 30.52 25.17 -74.95
N SER B 708 30.19 24.70 -76.15
CA SER B 708 29.89 25.59 -77.26
C SER B 708 28.79 24.97 -78.13
N ASN B 709 28.35 25.64 -79.17
CA ASN B 709 27.24 25.11 -79.94
C ASN B 709 27.66 24.16 -81.06
N ASN B 710 28.95 23.90 -81.24
CA ASN B 710 29.35 22.89 -82.20
C ASN B 710 30.57 22.11 -81.75
N SER B 711 30.75 21.92 -80.45
CA SER B 711 31.88 21.20 -79.89
C SER B 711 31.40 19.93 -79.21
N ILE B 712 32.19 18.87 -79.30
CA ILE B 712 31.86 17.59 -78.67
C ILE B 712 33.14 16.98 -78.11
N ALA B 713 32.99 16.10 -77.14
CA ALA B 713 34.09 15.35 -76.55
C ALA B 713 33.78 13.86 -76.60
N ILE B 714 34.68 13.08 -77.20
CA ILE B 714 34.49 11.65 -77.39
C ILE B 714 35.62 10.93 -76.66
N PRO B 715 35.34 9.84 -75.94
CA PRO B 715 36.41 9.08 -75.29
C PRO B 715 37.19 8.20 -76.24
N THR B 716 38.48 8.06 -75.97
CA THR B 716 39.35 7.23 -76.81
C THR B 716 39.87 5.97 -76.09
N ASN B 717 39.50 5.80 -74.82
CA ASN B 717 39.93 4.65 -74.06
C ASN B 717 38.91 4.41 -72.97
N PHE B 718 39.15 3.40 -72.15
CA PHE B 718 38.27 3.09 -71.03
C PHE B 718 39.06 2.44 -69.91
N THR B 719 38.46 2.39 -68.73
CA THR B 719 38.92 1.56 -67.64
C THR B 719 37.81 0.64 -67.18
N ILE B 720 38.20 -0.50 -66.63
CA ILE B 720 37.29 -1.45 -65.97
C ILE B 720 37.39 -1.24 -64.47
N SER B 721 36.28 -0.88 -63.83
CA SER B 721 36.25 -0.68 -62.39
C SER B 721 35.53 -1.83 -61.71
N VAL B 722 35.94 -2.13 -60.48
CA VAL B 722 35.17 -2.98 -59.58
C VAL B 722 35.07 -2.27 -58.23
N THR B 723 33.86 -2.21 -57.69
CA THR B 723 33.61 -1.55 -56.41
C THR B 723 32.72 -2.41 -55.52
N THR B 724 32.89 -2.25 -54.22
CA THR B 724 32.12 -3.01 -53.25
C THR B 724 30.88 -2.24 -52.80
N GLU B 725 29.86 -3.01 -52.43
CA GLU B 725 28.71 -2.49 -51.71
C GLU B 725 28.36 -3.51 -50.63
N ILE B 726 28.07 -3.05 -49.43
CA ILE B 726 27.85 -3.94 -48.29
C ILE B 726 26.47 -3.66 -47.71
N LEU B 727 25.70 -4.71 -47.45
CA LEU B 727 24.36 -4.52 -46.95
C LEU B 727 24.04 -5.53 -45.86
N PRO B 728 23.39 -5.10 -44.77
CA PRO B 728 22.92 -6.05 -43.76
C PRO B 728 21.69 -6.80 -44.21
N VAL B 729 21.58 -8.07 -43.82
CA VAL B 729 20.37 -8.82 -44.11
C VAL B 729 19.69 -9.40 -42.88
N SER B 730 20.33 -9.49 -41.71
CA SER B 730 19.65 -10.05 -40.55
C SER B 730 20.28 -9.58 -39.25
N MET B 731 19.51 -9.72 -38.17
CA MET B 731 19.92 -9.54 -36.78
C MET B 731 19.91 -10.87 -36.05
N THR B 732 20.49 -10.87 -34.86
CA THR B 732 20.45 -12.04 -33.99
C THR B 732 19.06 -12.25 -33.42
N LYS B 733 18.66 -13.51 -33.36
CA LYS B 733 17.36 -13.92 -32.86
C LYS B 733 17.47 -14.14 -31.36
N THR B 734 16.82 -13.30 -30.59
CA THR B 734 16.83 -13.43 -29.15
C THR B 734 15.41 -13.61 -28.65
N SER B 735 15.30 -14.26 -27.51
CA SER B 735 14.03 -14.40 -26.81
C SER B 735 14.24 -14.07 -25.35
N VAL B 736 13.20 -13.51 -24.75
CA VAL B 736 13.21 -13.23 -23.31
C VAL B 736 11.99 -13.90 -22.71
N ASP B 737 12.19 -14.59 -21.60
CA ASP B 737 11.09 -15.09 -20.79
C ASP B 737 10.64 -13.97 -19.86
N CYS B 738 9.48 -13.37 -20.15
CA CYS B 738 9.00 -12.23 -19.38
C CYS B 738 8.92 -12.55 -17.89
N THR B 739 8.36 -13.69 -17.54
CA THR B 739 8.17 -14.04 -16.14
C THR B 739 9.51 -14.25 -15.43
N MET B 740 10.50 -14.82 -16.10
CA MET B 740 11.77 -15.08 -15.44
C MET B 740 12.65 -13.85 -15.38
N TYR B 741 12.46 -12.89 -16.27
CA TYR B 741 13.17 -11.62 -16.14
C TYR B 741 12.57 -10.79 -15.03
N ILE B 742 11.24 -10.74 -14.95
CA ILE B 742 10.59 -9.90 -13.96
C ILE B 742 10.67 -10.45 -12.55
N CYS B 743 10.50 -11.76 -12.37
CA CYS B 743 10.29 -12.33 -11.05
C CYS B 743 11.42 -13.25 -10.59
N GLY B 744 12.21 -13.76 -11.51
CA GLY B 744 13.35 -14.59 -11.14
C GLY B 744 13.02 -15.86 -10.43
N ASP B 745 11.93 -16.54 -10.80
CA ASP B 745 11.53 -17.82 -10.21
C ASP B 745 11.31 -17.70 -8.70
N SER B 746 10.36 -16.85 -8.33
CA SER B 746 9.82 -16.78 -6.99
C SER B 746 8.30 -16.69 -7.07
N THR B 747 7.61 -17.51 -6.29
CA THR B 747 6.17 -17.66 -6.45
C THR B 747 5.40 -16.40 -6.09
N GLU B 748 5.90 -15.62 -5.14
CA GLU B 748 5.18 -14.45 -4.67
C GLU B 748 5.18 -13.30 -5.67
N CYS B 749 6.31 -13.05 -6.33
CA CYS B 749 6.31 -12.21 -7.52
C CYS B 749 5.39 -12.73 -8.60
N SER B 750 5.35 -14.05 -8.81
CA SER B 750 4.56 -14.60 -9.90
C SER B 750 3.07 -14.39 -9.70
N ASN B 751 2.58 -14.57 -8.48
CA ASN B 751 1.15 -14.35 -8.25
C ASN B 751 0.78 -12.88 -8.36
N LEU B 752 1.69 -11.98 -7.98
CA LEU B 752 1.42 -10.55 -8.16
C LEU B 752 1.44 -10.15 -9.62
N LEU B 753 2.35 -10.74 -10.41
CA LEU B 753 2.43 -10.42 -11.82
C LEU B 753 1.28 -11.01 -12.62
N LEU B 754 0.73 -12.13 -12.15
CA LEU B 754 -0.48 -12.69 -12.76
C LEU B 754 -1.63 -11.70 -12.81
N GLN B 755 -1.56 -10.61 -12.06
CA GLN B 755 -2.63 -9.63 -11.98
C GLN B 755 -2.61 -8.62 -13.12
N TYR B 756 -1.63 -8.70 -14.00
CA TYR B 756 -1.47 -7.70 -15.05
C TYR B 756 -2.05 -8.14 -16.38
N GLY B 757 -2.56 -9.35 -16.48
CA GLY B 757 -3.21 -9.76 -17.70
C GLY B 757 -2.24 -10.40 -18.66
N SER B 758 -2.38 -10.08 -19.94
CA SER B 758 -1.58 -10.69 -20.99
C SER B 758 -0.44 -9.80 -21.45
N PHE B 759 0.17 -9.02 -20.56
CA PHE B 759 1.28 -8.17 -20.97
C PHE B 759 2.49 -8.98 -21.41
N CYS B 760 2.75 -10.12 -20.78
CA CYS B 760 3.91 -10.93 -21.12
C CYS B 760 3.69 -11.83 -22.33
N THR B 761 2.44 -12.21 -22.62
CA THR B 761 2.15 -12.97 -23.82
C THR B 761 2.34 -12.13 -25.07
N GLN B 762 1.94 -10.85 -25.01
CA GLN B 762 2.16 -9.93 -26.11
C GLN B 762 3.64 -9.76 -26.41
N LEU B 763 4.47 -9.62 -25.39
CA LEU B 763 5.89 -9.37 -25.62
C LEU B 763 6.57 -10.57 -26.25
N ASN B 764 6.22 -11.78 -25.82
CA ASN B 764 6.77 -12.97 -26.43
C ASN B 764 6.30 -13.15 -27.86
N ARG B 765 5.05 -12.81 -28.16
CA ARG B 765 4.63 -12.83 -29.55
C ARG B 765 5.42 -11.84 -30.39
N ALA B 766 5.64 -10.63 -29.86
CA ALA B 766 6.38 -9.62 -30.60
C ALA B 766 7.78 -10.08 -30.89
N LEU B 767 8.48 -10.65 -29.91
CA LEU B 767 9.82 -11.11 -30.15
C LEU B 767 9.90 -12.34 -31.05
N THR B 768 8.89 -13.21 -31.02
CA THR B 768 8.91 -14.37 -31.90
C THR B 768 8.69 -13.99 -33.36
N GLY B 769 7.81 -13.02 -33.62
CA GLY B 769 7.66 -12.55 -34.98
C GLY B 769 8.94 -12.01 -35.59
N ILE B 770 9.70 -11.22 -34.82
CA ILE B 770 10.99 -10.72 -35.23
C ILE B 770 11.95 -11.83 -35.61
N ALA B 771 12.03 -12.88 -34.81
CA ALA B 771 12.93 -14.00 -35.07
C ALA B 771 12.52 -14.82 -36.27
N VAL B 772 11.22 -14.95 -36.53
CA VAL B 772 10.80 -15.64 -37.74
C VAL B 772 11.06 -14.78 -38.98
N GLU B 773 11.05 -13.46 -38.84
CA GLU B 773 11.33 -12.60 -39.99
C GLU B 773 12.80 -12.64 -40.40
N GLN B 774 13.71 -12.92 -39.48
CA GLN B 774 15.13 -12.91 -39.79
C GLN B 774 15.53 -14.06 -40.69
N ASP B 775 14.82 -15.18 -40.67
CA ASP B 775 15.12 -16.28 -41.57
C ASP B 775 14.55 -16.05 -42.95
N LYS B 776 13.42 -15.38 -43.03
CA LYS B 776 12.84 -15.03 -44.32
C LYS B 776 13.64 -13.95 -45.03
N ASN B 777 14.24 -13.03 -44.30
CA ASN B 777 15.21 -12.10 -44.88
C ASN B 777 16.29 -12.83 -45.65
N THR B 778 16.91 -13.84 -45.03
CA THR B 778 18.02 -14.56 -45.63
C THR B 778 17.58 -15.47 -46.75
N GLN B 779 16.42 -16.10 -46.61
CA GLN B 779 15.88 -16.90 -47.70
C GLN B 779 15.61 -16.04 -48.92
N GLU B 780 15.12 -14.83 -48.72
CA GLU B 780 14.82 -13.96 -49.85
C GLU B 780 16.07 -13.40 -50.51
N VAL B 781 17.15 -13.18 -49.76
CA VAL B 781 18.35 -12.69 -50.42
C VAL B 781 19.10 -13.82 -51.14
N PHE B 782 19.27 -14.96 -50.50
CA PHE B 782 20.25 -15.92 -51.00
C PHE B 782 19.66 -17.11 -51.75
N ALA B 783 18.49 -17.62 -51.39
CA ALA B 783 17.96 -18.80 -52.04
C ALA B 783 17.20 -18.44 -53.32
N GLN B 784 17.90 -17.73 -54.19
CA GLN B 784 17.37 -17.22 -55.45
C GLN B 784 17.77 -18.09 -56.63
N VAL B 785 17.95 -19.38 -56.42
CA VAL B 785 18.48 -20.23 -57.48
C VAL B 785 17.85 -21.60 -57.34
N LYS B 786 17.48 -22.17 -58.48
CA LYS B 786 16.84 -23.49 -58.50
C LYS B 786 17.84 -24.59 -58.19
N GLN B 787 18.91 -24.66 -58.95
CA GLN B 787 19.88 -25.74 -58.88
C GLN B 787 21.13 -25.23 -58.20
N ILE B 788 21.98 -26.15 -57.78
CA ILE B 788 23.29 -25.81 -57.25
C ILE B 788 24.29 -26.04 -58.36
N TYR B 789 24.66 -24.97 -59.03
CA TYR B 789 25.53 -25.03 -60.19
C TYR B 789 26.99 -25.13 -59.80
N LYS B 790 27.77 -25.82 -60.64
CA LYS B 790 29.19 -26.00 -60.43
C LYS B 790 29.99 -25.50 -61.62
N THR B 791 31.16 -24.96 -61.36
CA THR B 791 32.09 -24.57 -62.41
C THR B 791 32.83 -25.80 -62.93
N PRO B 792 33.22 -25.79 -64.21
CA PRO B 792 33.95 -26.94 -64.75
C PRO B 792 35.37 -26.97 -64.22
N PRO B 793 36.04 -28.13 -64.26
CA PRO B 793 37.38 -28.25 -63.67
C PRO B 793 38.45 -27.40 -64.34
N ILE B 794 38.30 -27.06 -65.62
CA ILE B 794 39.20 -26.11 -66.27
C ILE B 794 38.83 -24.70 -65.81
N LYS B 795 39.65 -23.72 -66.17
CA LYS B 795 39.31 -22.34 -65.90
C LYS B 795 39.59 -21.48 -67.11
N ASP B 796 39.28 -21.97 -68.31
CA ASP B 796 39.52 -21.23 -69.53
C ASP B 796 38.39 -20.23 -69.72
N PHE B 797 38.56 -19.03 -69.17
CA PHE B 797 37.54 -17.99 -69.23
C PHE B 797 37.99 -16.79 -70.04
N GLY B 798 38.75 -17.00 -71.10
CA GLY B 798 39.15 -15.90 -71.95
C GLY B 798 40.22 -15.00 -71.37
N GLY B 799 41.02 -15.48 -70.44
CA GLY B 799 41.99 -14.67 -69.77
C GLY B 799 41.51 -14.04 -68.50
N PHE B 800 40.24 -14.19 -68.16
CA PHE B 800 39.70 -13.69 -66.92
C PHE B 800 39.93 -14.69 -65.80
N ASN B 801 40.24 -14.19 -64.62
CA ASN B 801 40.72 -15.01 -63.52
C ASN B 801 39.83 -14.75 -62.32
N PHE B 802 39.08 -15.76 -61.90
CA PHE B 802 38.09 -15.61 -60.84
C PHE B 802 38.52 -16.36 -59.58
N SER B 803 39.80 -16.65 -59.43
CA SER B 803 40.23 -17.56 -58.39
C SER B 803 40.06 -16.99 -57.00
N GLN B 804 40.09 -15.68 -56.83
CA GLN B 804 39.94 -15.11 -55.50
C GLN B 804 38.51 -15.08 -55.02
N ILE B 805 37.53 -15.38 -55.88
CA ILE B 805 36.13 -15.37 -55.49
C ILE B 805 35.44 -16.69 -55.74
N LEU B 806 36.12 -17.67 -56.24
CA LEU B 806 35.55 -19.01 -56.29
C LEU B 806 35.88 -19.77 -55.02
N PRO B 807 35.11 -20.80 -54.67
CA PRO B 807 35.31 -21.47 -53.39
C PRO B 807 36.66 -22.17 -53.27
N ASP B 808 37.12 -22.30 -52.03
CA ASP B 808 38.42 -22.88 -51.72
C ASP B 808 38.25 -24.33 -51.32
N PRO B 809 38.65 -25.30 -52.15
CA PRO B 809 38.36 -26.71 -51.82
C PRO B 809 39.12 -27.23 -50.61
N SER B 810 40.19 -26.56 -50.18
CA SER B 810 40.95 -26.99 -49.01
C SER B 810 40.48 -26.28 -47.74
N LYS B 811 39.23 -26.48 -47.36
CA LYS B 811 38.67 -25.85 -46.18
C LYS B 811 37.44 -26.64 -45.73
N PRO B 812 37.16 -26.67 -44.43
CA PRO B 812 35.87 -27.22 -43.99
C PRO B 812 34.68 -26.37 -44.42
N SER B 813 34.85 -25.05 -44.44
CA SER B 813 33.76 -24.14 -44.78
C SER B 813 33.62 -23.92 -46.28
N LYS B 814 34.66 -24.18 -47.06
CA LYS B 814 34.64 -24.02 -48.51
C LYS B 814 34.33 -22.59 -48.93
N ARG B 815 34.76 -21.62 -48.13
CA ARG B 815 34.58 -20.23 -48.51
C ARG B 815 35.64 -19.82 -49.52
N SER B 816 35.46 -18.66 -50.11
CA SER B 816 36.46 -18.13 -51.00
C SER B 816 37.45 -17.30 -50.22
N PHE B 817 38.50 -16.85 -50.90
CA PHE B 817 39.53 -16.04 -50.28
C PHE B 817 38.95 -14.74 -49.72
N ILE B 818 38.08 -14.09 -50.49
CA ILE B 818 37.53 -12.81 -50.07
C ILE B 818 36.46 -13.01 -49.01
N GLU B 819 35.74 -14.12 -49.06
CA GLU B 819 34.81 -14.45 -48.00
C GLU B 819 35.52 -14.85 -46.71
N ASP B 820 36.74 -15.36 -46.78
CA ASP B 820 37.55 -15.56 -45.59
C ASP B 820 38.07 -14.25 -45.03
N LEU B 821 38.45 -13.31 -45.89
CA LEU B 821 38.82 -12.00 -45.38
C LEU B 821 37.66 -11.30 -44.70
N LEU B 822 36.44 -11.43 -45.23
CA LEU B 822 35.33 -10.73 -44.64
C LEU B 822 34.91 -11.31 -43.30
N PHE B 823 35.14 -12.59 -43.07
CA PHE B 823 34.69 -13.21 -41.83
C PHE B 823 35.68 -13.03 -40.69
N ASN B 824 36.84 -12.46 -40.93
CA ASN B 824 37.80 -12.15 -39.89
C ASN B 824 37.81 -10.68 -39.52
N LYS B 825 36.92 -9.88 -40.09
CA LYS B 825 36.85 -8.47 -39.81
C LYS B 825 35.60 -8.07 -39.05
N VAL B 826 34.60 -8.94 -38.97
CA VAL B 826 33.38 -8.62 -38.25
C VAL B 826 33.22 -9.53 -37.05
N LYS B 854 24.45 -17.57 -20.93
CA LYS B 854 23.15 -17.72 -20.31
C LYS B 854 22.90 -16.62 -19.27
N PHE B 855 21.64 -16.23 -19.13
CA PHE B 855 21.28 -15.09 -18.29
C PHE B 855 19.89 -15.24 -17.72
N ASN B 856 19.32 -14.12 -17.28
CA ASN B 856 18.06 -14.10 -16.56
C ASN B 856 16.84 -14.22 -17.46
N GLY B 857 16.75 -15.32 -18.21
CA GLY B 857 15.67 -15.51 -19.15
C GLY B 857 16.00 -15.17 -20.58
N LEU B 858 17.23 -14.76 -20.87
CA LEU B 858 17.63 -14.35 -22.21
C LEU B 858 18.20 -15.54 -22.96
N THR B 859 17.83 -15.65 -24.23
CA THR B 859 18.23 -16.77 -25.07
C THR B 859 18.52 -16.28 -26.48
N VAL B 860 19.49 -16.91 -27.13
CA VAL B 860 19.83 -16.64 -28.52
C VAL B 860 19.56 -17.91 -29.32
N LEU B 861 18.67 -17.82 -30.28
CA LEU B 861 18.40 -18.94 -31.16
C LEU B 861 19.37 -18.96 -32.33
N PRO B 862 19.69 -20.12 -32.88
CA PRO B 862 20.56 -20.17 -34.05
C PRO B 862 19.79 -19.97 -35.34
N PRO B 863 20.42 -19.42 -36.37
CA PRO B 863 19.76 -19.29 -37.67
C PRO B 863 19.47 -20.64 -38.31
N LEU B 864 18.43 -20.68 -39.14
CA LEU B 864 18.04 -21.91 -39.81
C LEU B 864 19.10 -22.36 -40.79
N LEU B 865 19.65 -21.44 -41.57
CA LEU B 865 20.74 -21.73 -42.48
C LEU B 865 22.07 -21.50 -41.77
N THR B 866 22.91 -22.52 -41.78
CA THR B 866 24.32 -22.34 -41.47
C THR B 866 24.93 -21.39 -42.49
N ASP B 867 26.11 -20.86 -42.18
CA ASP B 867 26.74 -20.05 -43.20
C ASP B 867 27.60 -20.87 -44.16
N GLU B 868 27.79 -22.15 -43.90
CA GLU B 868 28.20 -23.06 -44.95
C GLU B 868 27.16 -23.13 -46.06
N MET B 869 25.89 -23.26 -45.71
CA MET B 869 24.81 -23.22 -46.66
C MET B 869 24.74 -21.91 -47.41
N ILE B 870 25.00 -20.79 -46.74
CA ILE B 870 24.98 -19.50 -47.41
C ILE B 870 26.14 -19.39 -48.39
N ALA B 871 27.32 -19.85 -48.00
CA ALA B 871 28.44 -19.86 -48.93
C ALA B 871 28.19 -20.78 -50.11
N GLN B 872 27.44 -21.85 -49.90
CA GLN B 872 27.09 -22.75 -50.98
C GLN B 872 26.04 -22.17 -51.91
N TYR B 873 25.13 -21.34 -51.41
CA TYR B 873 24.24 -20.60 -52.31
C TYR B 873 25.00 -19.56 -53.12
N THR B 874 25.95 -18.86 -52.49
CA THR B 874 26.66 -17.81 -53.22
C THR B 874 27.58 -18.37 -54.29
N SER B 875 28.26 -19.48 -54.03
CA SER B 875 29.09 -20.06 -55.07
C SER B 875 28.30 -20.58 -56.26
N ALA B 876 27.07 -21.04 -56.04
CA ALA B 876 26.22 -21.48 -57.14
C ALA B 876 25.71 -20.31 -57.95
N LEU B 877 25.35 -19.22 -57.29
CA LEU B 877 25.05 -17.99 -58.02
C LEU B 877 26.23 -17.53 -58.85
N LEU B 878 27.44 -17.69 -58.35
CA LEU B 878 28.62 -17.28 -59.10
C LEU B 878 28.88 -18.15 -60.31
N ALA B 879 28.81 -19.47 -60.16
CA ALA B 879 28.98 -20.38 -61.28
C ALA B 879 27.88 -20.29 -62.30
N GLY B 880 26.66 -19.91 -61.91
CA GLY B 880 25.64 -19.65 -62.88
C GLY B 880 25.96 -18.48 -63.78
N THR B 881 26.46 -17.40 -63.19
CA THR B 881 26.83 -16.20 -63.93
C THR B 881 28.04 -16.40 -64.82
N ILE B 882 29.07 -17.09 -64.34
CA ILE B 882 30.30 -17.19 -65.11
C ILE B 882 30.12 -18.16 -66.28
N THR B 883 29.13 -19.03 -66.21
CA THR B 883 28.95 -20.06 -67.21
C THR B 883 27.77 -19.81 -68.14
N SER B 884 26.76 -19.09 -67.71
CA SER B 884 25.56 -18.94 -68.51
C SER B 884 25.11 -17.51 -68.67
N GLY B 885 25.83 -16.54 -68.14
CA GLY B 885 25.43 -15.17 -68.26
C GLY B 885 24.18 -14.84 -67.48
N TRP B 886 23.11 -14.48 -68.16
CA TRP B 886 21.85 -14.17 -67.51
C TRP B 886 20.74 -15.15 -67.84
N THR B 887 21.04 -16.26 -68.49
CA THR B 887 19.98 -17.15 -68.91
C THR B 887 19.45 -18.00 -67.77
N PHE B 888 20.28 -18.31 -66.78
CA PHE B 888 19.81 -19.12 -65.66
C PHE B 888 18.87 -18.36 -64.74
N GLY B 889 18.82 -17.03 -64.82
CA GLY B 889 17.88 -16.27 -64.04
C GLY B 889 16.50 -16.16 -64.64
N ALA B 890 16.33 -16.61 -65.88
CA ALA B 890 15.05 -16.57 -66.56
C ALA B 890 14.54 -17.94 -66.95
N GLY B 891 15.31 -18.99 -66.71
CA GLY B 891 14.89 -20.33 -67.06
C GLY B 891 16.03 -21.30 -66.88
N ALA B 892 16.22 -22.20 -67.83
CA ALA B 892 17.32 -23.14 -67.78
C ALA B 892 18.61 -22.47 -68.18
N ALA B 893 19.70 -22.91 -67.57
CA ALA B 893 21.01 -22.32 -67.84
C ALA B 893 21.51 -22.75 -69.20
N LEU B 894 21.86 -21.79 -70.04
CA LEU B 894 22.36 -22.05 -71.38
C LEU B 894 23.81 -21.57 -71.44
N GLN B 895 24.73 -22.49 -71.65
CA GLN B 895 26.13 -22.13 -71.65
C GLN B 895 26.47 -21.25 -72.85
N ILE B 896 27.46 -20.39 -72.66
CA ILE B 896 27.97 -19.48 -73.68
C ILE B 896 29.41 -19.22 -73.29
N PRO B 897 30.35 -19.06 -74.21
CA PRO B 897 31.73 -18.73 -73.80
C PRO B 897 31.83 -17.34 -73.19
N PHE B 898 32.76 -17.18 -72.24
CA PHE B 898 32.76 -15.98 -71.42
C PHE B 898 33.09 -14.72 -72.19
N ALA B 899 34.01 -14.78 -73.16
CA ALA B 899 34.28 -13.61 -73.97
C ALA B 899 33.07 -13.19 -74.79
N MET B 900 32.29 -14.13 -75.29
CA MET B 900 31.11 -13.77 -76.05
C MET B 900 30.02 -13.19 -75.17
N GLN B 901 29.95 -13.63 -73.93
CA GLN B 901 29.02 -13.04 -72.98
C GLN B 901 29.45 -11.63 -72.61
N MET B 902 30.75 -11.42 -72.44
CA MET B 902 31.31 -10.09 -72.22
C MET B 902 31.02 -9.17 -73.40
N ALA B 903 31.04 -9.71 -74.61
CA ALA B 903 30.71 -8.93 -75.79
C ALA B 903 29.23 -8.62 -75.90
N TYR B 904 28.34 -9.51 -75.46
CA TYR B 904 26.93 -9.18 -75.34
C TYR B 904 26.71 -8.04 -74.37
N ARG B 905 27.43 -8.04 -73.25
CA ARG B 905 27.29 -6.99 -72.26
C ARG B 905 27.84 -5.67 -72.74
N PHE B 906 28.90 -5.67 -73.55
CA PHE B 906 29.35 -4.42 -74.14
C PHE B 906 28.31 -3.80 -75.05
N ASN B 907 27.52 -4.61 -75.73
CA ASN B 907 26.40 -4.10 -76.51
C ASN B 907 25.34 -3.47 -75.64
N GLY B 908 25.14 -3.97 -74.43
CA GLY B 908 24.09 -3.46 -73.58
C GLY B 908 24.36 -2.08 -73.06
N ILE B 909 25.63 -1.68 -73.00
CA ILE B 909 25.97 -0.30 -72.63
C ILE B 909 26.23 0.57 -73.84
N GLY B 910 25.96 0.10 -75.04
CA GLY B 910 26.09 0.91 -76.22
C GLY B 910 27.47 0.98 -76.83
N VAL B 911 28.32 0.01 -76.58
CA VAL B 911 29.60 -0.08 -77.24
C VAL B 911 29.53 -1.21 -78.24
N THR B 912 30.17 -1.03 -79.36
CA THR B 912 30.13 -2.01 -80.43
C THR B 912 31.08 -3.16 -80.09
N GLN B 913 30.69 -4.37 -80.45
CA GLN B 913 31.29 -5.53 -79.79
C GLN B 913 32.65 -5.94 -80.32
N ASN B 914 33.14 -5.36 -81.41
CA ASN B 914 34.54 -5.57 -81.74
C ASN B 914 35.48 -4.79 -80.84
N VAL B 915 35.00 -3.76 -80.15
CA VAL B 915 35.81 -3.07 -79.17
C VAL B 915 36.23 -4.01 -78.06
N LEU B 916 35.43 -5.04 -77.79
CA LEU B 916 35.84 -6.03 -76.82
C LEU B 916 36.83 -7.03 -77.40
N TYR B 917 36.56 -7.56 -78.58
CA TYR B 917 37.37 -8.64 -79.10
C TYR B 917 38.75 -8.15 -79.51
N GLU B 918 38.88 -6.88 -79.90
CA GLU B 918 40.16 -6.33 -80.26
C GLU B 918 40.95 -5.84 -79.06
N ASN B 919 40.36 -5.84 -77.87
CA ASN B 919 41.01 -5.38 -76.65
C ASN B 919 40.89 -6.39 -75.54
N GLN B 920 40.60 -7.65 -75.87
CA GLN B 920 40.36 -8.68 -74.88
C GLN B 920 41.45 -8.79 -73.82
N LYS B 921 42.72 -8.83 -74.21
CA LYS B 921 43.79 -9.00 -73.24
C LYS B 921 43.89 -7.81 -72.29
N LEU B 922 43.82 -6.60 -72.81
CA LEU B 922 43.86 -5.42 -71.96
C LEU B 922 42.68 -5.40 -71.02
N ILE B 923 41.49 -5.76 -71.49
CA ILE B 923 40.30 -5.72 -70.65
C ILE B 923 40.40 -6.76 -69.54
N ALA B 924 40.93 -7.94 -69.85
CA ALA B 924 41.12 -8.98 -68.85
C ALA B 924 42.18 -8.61 -67.83
N ASN B 925 43.29 -8.01 -68.24
CA ASN B 925 44.27 -7.48 -67.30
C ASN B 925 43.69 -6.42 -66.38
N GLN B 926 42.91 -5.48 -66.91
CA GLN B 926 42.30 -4.49 -66.04
C GLN B 926 41.34 -5.10 -65.03
N PHE B 927 40.51 -6.05 -65.46
CA PHE B 927 39.68 -6.76 -64.49
C PHE B 927 40.52 -7.40 -63.40
N ASN B 928 41.59 -8.10 -63.80
CA ASN B 928 42.41 -8.84 -62.84
C ASN B 928 43.09 -7.91 -61.84
N SER B 929 43.61 -6.77 -62.30
CA SER B 929 44.19 -5.82 -61.37
C SER B 929 43.16 -5.21 -60.44
N ALA B 930 41.97 -4.87 -60.94
CA ALA B 930 40.94 -4.33 -60.08
C ALA B 930 40.47 -5.34 -59.04
N ILE B 931 40.46 -6.63 -59.38
CA ILE B 931 40.09 -7.63 -58.39
C ILE B 931 41.18 -7.78 -57.36
N GLY B 932 42.44 -7.70 -57.79
CA GLY B 932 43.54 -7.71 -56.85
C GLY B 932 43.55 -6.55 -55.89
N LYS B 933 43.13 -5.37 -56.32
CA LYS B 933 43.11 -4.24 -55.41
C LYS B 933 42.08 -4.35 -54.30
N ILE B 934 41.06 -5.20 -54.46
CA ILE B 934 39.99 -5.25 -53.48
C ILE B 934 40.46 -5.90 -52.19
N GLN B 935 41.23 -6.99 -52.28
CA GLN B 935 41.77 -7.58 -51.05
C GLN B 935 42.66 -6.60 -50.30
N ASP B 936 43.58 -5.94 -50.99
CA ASP B 936 44.40 -4.93 -50.34
C ASP B 936 43.55 -3.84 -49.69
N SER B 937 42.51 -3.39 -50.39
CA SER B 937 41.60 -2.43 -49.78
C SER B 937 40.80 -3.03 -48.63
N LEU B 938 40.82 -4.36 -48.48
CA LEU B 938 40.10 -5.01 -47.39
C LEU B 938 41.04 -5.43 -46.27
N SER B 939 42.05 -6.23 -46.57
CA SER B 939 43.02 -6.67 -45.57
C SER B 939 44.09 -5.61 -45.32
N ALA B 944 34.74 0.54 -44.00
CA ALA B 944 34.55 -0.66 -44.80
C ALA B 944 33.34 -1.44 -44.32
N LEU B 945 33.55 -2.37 -43.40
CA LEU B 945 32.49 -3.21 -42.86
C LEU B 945 31.89 -2.62 -41.59
N GLY B 946 31.86 -1.30 -41.48
CA GLY B 946 31.23 -0.66 -40.35
C GLY B 946 29.72 -0.78 -40.34
N LYS B 947 29.10 -0.92 -41.51
CA LYS B 947 27.65 -1.09 -41.57
C LYS B 947 27.22 -2.42 -40.97
N LEU B 948 28.08 -3.43 -41.01
CA LEU B 948 27.78 -4.69 -40.38
C LEU B 948 28.15 -4.71 -38.92
N GLN B 949 29.15 -3.92 -38.52
CA GLN B 949 29.52 -3.83 -37.13
C GLN B 949 28.51 -3.03 -36.32
N ASP B 950 27.94 -1.96 -36.89
CA ASP B 950 26.93 -1.19 -36.20
C ASP B 950 25.72 -2.01 -35.77
N VAL B 951 25.24 -2.93 -36.58
CA VAL B 951 24.07 -3.71 -36.19
C VAL B 951 24.39 -4.57 -34.97
N VAL B 952 25.51 -5.27 -35.02
CA VAL B 952 25.97 -6.08 -33.89
C VAL B 952 26.17 -5.24 -32.64
N ASN B 953 26.77 -4.06 -32.79
CA ASN B 953 27.04 -3.20 -31.65
C ASN B 953 25.75 -2.68 -31.02
N GLN B 954 24.84 -2.16 -31.84
CA GLN B 954 23.57 -1.66 -31.30
C GLN B 954 22.78 -2.75 -30.62
N ASN B 955 22.82 -3.97 -31.16
CA ASN B 955 22.05 -5.01 -30.49
C ASN B 955 22.69 -5.45 -29.19
N ALA B 956 24.01 -5.63 -29.16
CA ALA B 956 24.64 -6.02 -27.91
C ALA B 956 24.50 -4.95 -26.85
N GLN B 957 24.61 -3.69 -27.24
CA GLN B 957 24.46 -2.60 -26.30
C GLN B 957 23.03 -2.46 -25.80
N ALA B 958 22.03 -2.76 -26.63
CA ALA B 958 20.66 -2.72 -26.12
C ALA B 958 20.34 -3.91 -25.24
N LEU B 959 21.04 -5.03 -25.41
CA LEU B 959 20.84 -6.15 -24.53
C LEU B 959 21.58 -6.01 -23.20
N ASN B 960 22.65 -5.24 -23.17
CA ASN B 960 23.38 -4.98 -21.93
C ASN B 960 22.59 -4.06 -20.99
N THR B 961 21.87 -3.09 -21.53
CA THR B 961 21.03 -2.21 -20.74
C THR B 961 19.88 -2.92 -20.05
N LEU B 962 19.25 -3.89 -20.70
CA LEU B 962 18.18 -4.64 -20.09
C LEU B 962 18.66 -5.42 -18.86
N VAL B 963 19.86 -5.98 -18.93
CA VAL B 963 20.40 -6.68 -17.78
C VAL B 963 20.83 -5.70 -16.70
N LYS B 964 21.41 -4.57 -17.05
CA LYS B 964 21.79 -3.60 -16.04
C LYS B 964 20.60 -2.99 -15.33
N GLN B 965 19.44 -2.94 -15.97
CA GLN B 965 18.24 -2.40 -15.33
C GLN B 965 17.69 -3.29 -14.25
N LEU B 966 18.28 -4.44 -13.98
CA LEU B 966 17.77 -5.30 -12.92
C LEU B 966 18.33 -4.95 -11.55
N SER B 967 19.43 -4.20 -11.51
CA SER B 967 19.91 -3.68 -10.24
C SER B 967 19.48 -2.23 -10.03
N SER B 968 18.19 -1.96 -10.01
CA SER B 968 17.65 -0.66 -9.66
C SER B 968 16.42 -0.89 -8.81
N ASN B 969 16.24 -0.10 -7.75
CA ASN B 969 15.10 -0.35 -6.88
C ASN B 969 13.81 0.23 -7.41
N PHE B 970 13.89 1.24 -8.28
CA PHE B 970 12.72 1.97 -8.77
C PHE B 970 11.93 2.59 -7.64
N GLY B 971 12.58 2.90 -6.53
CA GLY B 971 11.90 3.49 -5.40
C GLY B 971 11.39 2.50 -4.38
N ALA B 972 11.95 1.30 -4.34
CA ALA B 972 11.72 0.34 -3.27
C ALA B 972 12.93 0.38 -2.36
N ILE B 973 12.91 -0.45 -1.31
CA ILE B 973 14.05 -0.40 -0.39
C ILE B 973 15.29 -0.97 -1.05
N SER B 974 15.16 -2.07 -1.77
CA SER B 974 16.29 -2.68 -2.44
C SER B 974 15.84 -3.20 -3.79
N SER B 975 16.77 -3.81 -4.51
CA SER B 975 16.54 -4.26 -5.87
C SER B 975 16.70 -5.77 -6.01
N VAL B 976 16.73 -6.50 -4.89
CA VAL B 976 16.92 -7.94 -4.90
C VAL B 976 15.75 -8.58 -4.16
N LEU B 977 14.99 -9.41 -4.87
CA LEU B 977 13.67 -9.87 -4.44
C LEU B 977 13.69 -10.73 -3.19
N ASN B 978 14.86 -11.12 -2.69
CA ASN B 978 14.88 -11.87 -1.44
C ASN B 978 15.04 -10.96 -0.23
N ASP B 979 15.97 -10.01 -0.27
CA ASP B 979 16.21 -9.15 0.88
C ASP B 979 14.98 -8.29 1.18
N ILE B 980 14.21 -7.92 0.16
CA ILE B 980 12.95 -7.25 0.43
C ILE B 980 12.02 -8.25 1.11
N LEU B 981 12.15 -9.51 0.74
CA LEU B 981 11.18 -10.51 1.18
C LEU B 981 11.51 -11.14 2.52
N SER B 982 12.76 -11.11 2.97
CA SER B 982 13.15 -11.71 4.23
C SER B 982 13.42 -10.63 5.26
N ARG B 983 12.94 -9.42 4.99
CA ARG B 983 13.09 -8.33 5.96
C ARG B 983 11.78 -7.58 6.12
N LEU B 984 10.71 -8.11 5.54
CA LEU B 984 9.39 -7.55 5.78
C LEU B 984 8.38 -8.69 5.72
N ASP B 985 7.18 -8.42 6.25
CA ASP B 985 6.09 -9.38 6.23
C ASP B 985 5.08 -9.01 5.15
N PRO B 986 4.27 -9.97 4.68
CA PRO B 986 3.69 -9.89 3.32
C PRO B 986 3.03 -8.56 3.00
N PRO B 987 2.11 -8.06 3.83
CA PRO B 987 1.41 -6.83 3.42
C PRO B 987 2.34 -5.64 3.33
N GLU B 988 3.48 -5.70 4.00
CA GLU B 988 4.50 -4.68 3.84
C GLU B 988 5.36 -4.91 2.62
N ALA B 989 5.60 -6.17 2.24
CA ALA B 989 6.50 -6.47 1.15
C ALA B 989 5.84 -6.36 -0.21
N GLU B 990 4.58 -6.77 -0.32
CA GLU B 990 3.83 -6.64 -1.56
C GLU B 990 3.89 -5.22 -2.13
N VAL B 991 3.91 -4.21 -1.26
CA VAL B 991 4.01 -2.84 -1.74
C VAL B 991 5.31 -2.60 -2.50
N GLN B 992 6.43 -3.06 -1.96
CA GLN B 992 7.71 -2.85 -2.63
C GLN B 992 7.85 -3.72 -3.86
N ILE B 993 7.32 -4.94 -3.80
CA ILE B 993 7.44 -5.85 -4.92
C ILE B 993 6.63 -5.33 -6.10
N ASP B 994 5.53 -4.65 -5.85
CA ASP B 994 4.82 -4.05 -6.97
C ASP B 994 5.58 -2.92 -7.64
N ARG B 995 6.34 -2.12 -6.90
CA ARG B 995 7.21 -1.12 -7.52
C ARG B 995 8.30 -1.74 -8.36
N LEU B 996 8.97 -2.77 -7.82
CA LEU B 996 9.95 -3.51 -8.61
C LEU B 996 9.35 -4.06 -9.89
N ILE B 997 8.16 -4.66 -9.81
CA ILE B 997 7.51 -5.21 -10.98
C ILE B 997 7.23 -4.12 -12.00
N THR B 998 6.72 -2.98 -11.56
CA THR B 998 6.41 -1.92 -12.49
C THR B 998 7.64 -1.44 -13.25
N GLY B 999 8.75 -1.22 -12.54
CA GLY B 999 9.96 -0.81 -13.22
C GLY B 999 10.48 -1.85 -14.19
N ARG B 1000 10.51 -3.11 -13.79
CA ARG B 1000 11.05 -4.16 -14.64
C ARG B 1000 10.17 -4.45 -15.84
N LEU B 1001 8.88 -4.22 -15.74
CA LEU B 1001 8.03 -4.36 -16.91
C LEU B 1001 8.17 -3.19 -17.88
N GLN B 1002 8.35 -1.98 -17.36
CA GLN B 1002 8.64 -0.85 -18.22
C GLN B 1002 9.93 -1.02 -19.01
N SER B 1003 10.97 -1.56 -18.37
CA SER B 1003 12.23 -1.80 -19.09
C SER B 1003 12.07 -2.77 -20.24
N LEU B 1004 11.34 -3.84 -20.03
CA LEU B 1004 11.12 -4.83 -21.07
C LEU B 1004 10.25 -4.29 -22.20
N GLN B 1005 9.29 -3.44 -21.91
CA GLN B 1005 8.54 -2.83 -23.00
C GLN B 1005 9.38 -1.90 -23.84
N THR B 1006 10.23 -1.10 -23.20
CA THR B 1006 11.16 -0.27 -23.96
C THR B 1006 12.04 -1.11 -24.86
N TYR B 1007 12.58 -2.21 -24.33
CA TYR B 1007 13.43 -3.08 -25.13
C TYR B 1007 12.68 -3.63 -26.34
N VAL B 1008 11.48 -4.16 -26.14
CA VAL B 1008 10.78 -4.82 -27.24
C VAL B 1008 10.34 -3.81 -28.29
N THR B 1009 9.89 -2.63 -27.87
CA THR B 1009 9.48 -1.62 -28.86
C THR B 1009 10.66 -1.20 -29.73
N GLN B 1010 11.84 -1.02 -29.13
CA GLN B 1010 12.98 -0.69 -29.96
C GLN B 1010 13.45 -1.82 -30.84
N GLN B 1011 13.33 -3.08 -30.42
CA GLN B 1011 13.65 -4.16 -31.33
C GLN B 1011 12.69 -4.22 -32.50
N LEU B 1012 11.41 -3.92 -32.29
CA LEU B 1012 10.46 -3.83 -33.37
C LEU B 1012 10.81 -2.72 -34.36
N ILE B 1013 11.25 -1.57 -33.86
CA ILE B 1013 11.60 -0.48 -34.76
C ILE B 1013 12.90 -0.77 -35.50
N ARG B 1014 13.82 -1.46 -34.84
CA ARG B 1014 15.09 -1.79 -35.46
C ARG B 1014 15.00 -2.96 -36.44
N ALA B 1015 14.01 -3.83 -36.30
CA ALA B 1015 13.88 -4.91 -37.26
C ALA B 1015 13.25 -4.48 -38.58
N ALA B 1016 12.36 -3.49 -38.53
CA ALA B 1016 11.80 -2.94 -39.75
C ALA B 1016 12.82 -2.20 -40.59
N GLU B 1017 13.89 -1.72 -39.98
CA GLU B 1017 15.00 -1.12 -40.71
C GLU B 1017 15.91 -2.14 -41.35
N ILE B 1018 16.03 -3.32 -40.74
CA ILE B 1018 16.82 -4.41 -41.29
C ILE B 1018 16.06 -5.07 -42.43
N ARG B 1019 14.75 -5.07 -42.35
CA ARG B 1019 13.93 -5.65 -43.41
C ARG B 1019 13.96 -4.81 -44.67
N ALA B 1020 13.94 -3.48 -44.54
CA ALA B 1020 14.04 -2.62 -45.71
C ALA B 1020 15.39 -2.75 -46.38
N SER B 1021 16.41 -3.16 -45.65
CA SER B 1021 17.74 -3.36 -46.19
C SER B 1021 17.88 -4.71 -46.88
N ALA B 1022 17.33 -5.76 -46.30
CA ALA B 1022 17.28 -7.04 -46.96
C ALA B 1022 16.41 -7.04 -48.21
N ASN B 1023 15.39 -6.18 -48.25
CA ASN B 1023 14.60 -6.01 -49.46
C ASN B 1023 15.38 -5.36 -50.58
N LEU B 1024 16.20 -4.36 -50.28
CA LEU B 1024 17.11 -3.76 -51.23
C LEU B 1024 18.16 -4.75 -51.71
N ALA B 1025 18.67 -5.58 -50.82
CA ALA B 1025 19.60 -6.63 -51.21
C ALA B 1025 18.98 -7.65 -52.15
N ALA B 1026 17.74 -8.09 -51.90
CA ALA B 1026 17.08 -9.02 -52.81
C ALA B 1026 16.90 -8.46 -54.21
N THR B 1027 16.52 -7.18 -54.33
CA THR B 1027 16.40 -6.51 -55.60
C THR B 1027 17.73 -6.35 -56.29
N LYS B 1028 18.79 -6.04 -55.56
CA LYS B 1028 20.11 -6.01 -56.16
C LYS B 1028 20.57 -7.37 -56.63
N MET B 1029 20.31 -8.43 -55.87
CA MET B 1029 20.72 -9.75 -56.33
C MET B 1029 19.97 -10.16 -57.57
N SER B 1030 18.71 -9.76 -57.69
CA SER B 1030 17.94 -10.07 -58.88
C SER B 1030 18.42 -9.26 -60.08
N GLU B 1031 18.66 -7.98 -59.88
CA GLU B 1031 18.81 -7.07 -60.99
C GLU B 1031 20.25 -6.76 -61.37
N CYS B 1032 21.21 -7.06 -60.50
CA CYS B 1032 22.61 -6.76 -60.79
C CYS B 1032 23.46 -8.00 -60.93
N VAL B 1033 22.95 -9.12 -60.42
CA VAL B 1033 23.67 -10.38 -60.48
C VAL B 1033 23.03 -11.31 -61.48
N LEU B 1034 21.71 -11.35 -61.54
CA LEU B 1034 20.99 -12.16 -62.51
C LEU B 1034 20.64 -11.41 -63.77
N GLY B 1035 21.09 -10.17 -63.92
CA GLY B 1035 20.89 -9.48 -65.17
C GLY B 1035 21.82 -8.30 -65.28
N GLN B 1036 21.63 -7.53 -66.34
CA GLN B 1036 22.34 -6.28 -66.55
C GLN B 1036 21.38 -5.11 -66.40
N SER B 1037 21.76 -4.13 -65.62
CA SER B 1037 20.89 -3.02 -65.25
C SER B 1037 21.20 -1.77 -66.06
N LYS B 1038 20.16 -1.04 -66.41
CA LYS B 1038 20.31 0.27 -67.02
C LYS B 1038 19.95 1.40 -66.07
N ARG B 1039 19.48 1.08 -64.86
CA ARG B 1039 19.23 2.07 -63.82
C ARG B 1039 20.53 2.71 -63.36
N VAL B 1040 20.60 4.04 -63.38
CA VAL B 1040 21.84 4.76 -63.12
C VAL B 1040 22.20 4.70 -61.65
N ASP B 1041 23.40 4.21 -61.37
CA ASP B 1041 23.94 4.13 -60.01
C ASP B 1041 23.32 3.07 -59.11
N PHE B 1042 22.59 2.13 -59.69
CA PHE B 1042 21.98 1.08 -58.89
C PHE B 1042 22.99 -0.04 -58.65
N CYS B 1043 23.96 -0.14 -59.54
CA CYS B 1043 24.99 -1.16 -59.46
C CYS B 1043 26.39 -0.57 -59.61
N GLY B 1044 26.69 0.50 -58.87
CA GLY B 1044 27.98 1.15 -58.95
C GLY B 1044 28.06 2.39 -59.82
N LYS B 1045 29.27 2.93 -59.99
CA LYS B 1045 29.48 4.13 -60.80
C LYS B 1045 30.04 3.72 -62.16
N GLY B 1046 29.39 4.16 -63.23
CA GLY B 1046 29.78 3.79 -64.57
C GLY B 1046 28.66 3.05 -65.21
N TYR B 1047 28.94 2.43 -66.34
CA TYR B 1047 27.96 1.60 -67.02
C TYR B 1047 28.09 0.17 -66.54
N HIS B 1048 27.03 -0.32 -65.89
CA HIS B 1048 27.06 -1.62 -65.27
C HIS B 1048 27.36 -2.71 -66.28
N LEU B 1049 28.44 -3.45 -66.05
CA LEU B 1049 28.72 -4.65 -66.83
C LEU B 1049 28.19 -5.89 -66.15
N MET B 1050 28.66 -6.19 -64.94
CA MET B 1050 28.17 -7.38 -64.22
C MET B 1050 28.49 -7.23 -62.75
N SER B 1051 27.90 -8.09 -61.93
CA SER B 1051 28.09 -8.03 -60.49
C SER B 1051 28.22 -9.44 -59.92
N PHE B 1052 29.03 -9.57 -58.87
CA PHE B 1052 29.33 -10.84 -58.20
C PHE B 1052 28.98 -10.74 -56.71
N PRO B 1053 28.28 -11.73 -56.15
CA PRO B 1053 27.98 -11.69 -54.72
C PRO B 1053 28.96 -12.48 -53.86
N GLN B 1054 29.13 -12.01 -52.64
CA GLN B 1054 29.92 -12.70 -51.62
C GLN B 1054 29.16 -12.60 -50.31
N SER B 1055 29.24 -13.63 -49.48
CA SER B 1055 28.52 -13.64 -48.22
C SER B 1055 29.38 -13.05 -47.13
N ALA B 1056 28.78 -12.25 -46.28
CA ALA B 1056 29.48 -11.67 -45.14
C ALA B 1056 28.74 -12.13 -43.89
N PRO B 1057 29.23 -11.89 -42.69
CA PRO B 1057 28.45 -12.28 -41.50
C PRO B 1057 27.26 -11.35 -41.29
N HIS B 1058 26.06 -11.91 -41.41
CA HIS B 1058 24.77 -11.21 -41.34
C HIS B 1058 24.56 -10.27 -42.53
N GLY B 1059 25.24 -10.47 -43.63
CA GLY B 1059 25.12 -9.53 -44.71
C GLY B 1059 25.62 -10.08 -46.02
N VAL B 1060 25.66 -9.19 -47.01
CA VAL B 1060 26.11 -9.55 -48.34
C VAL B 1060 26.99 -8.42 -48.86
N VAL B 1061 27.94 -8.79 -49.71
CA VAL B 1061 28.83 -7.87 -50.38
C VAL B 1061 28.64 -8.07 -51.88
N PHE B 1062 28.51 -6.99 -52.60
CA PHE B 1062 28.36 -7.01 -54.05
C PHE B 1062 29.59 -6.36 -54.65
N LEU B 1063 30.26 -7.09 -55.53
CA LEU B 1063 31.36 -6.54 -56.31
C LEU B 1063 30.81 -6.19 -57.68
N HIS B 1064 30.66 -4.89 -57.95
CA HIS B 1064 30.13 -4.40 -59.21
C HIS B 1064 31.27 -4.09 -60.17
N VAL B 1065 31.22 -4.68 -61.35
CA VAL B 1065 32.10 -4.39 -62.46
C VAL B 1065 31.40 -3.43 -63.41
N THR B 1066 32.03 -2.28 -63.63
CA THR B 1066 31.48 -1.25 -64.51
C THR B 1066 32.56 -0.80 -65.51
N TYR B 1067 32.07 -0.10 -66.53
CA TYR B 1067 32.87 0.45 -67.63
C TYR B 1067 32.94 1.96 -67.47
N VAL B 1068 34.13 2.53 -67.43
CA VAL B 1068 34.30 3.95 -67.22
C VAL B 1068 35.05 4.55 -68.40
N PRO B 1069 34.49 5.50 -69.15
CA PRO B 1069 35.21 6.07 -70.29
C PRO B 1069 36.39 6.93 -69.86
N ALA B 1070 37.40 7.02 -70.73
CA ALA B 1070 38.65 7.65 -70.36
C ALA B 1070 39.33 8.27 -71.57
N GLN B 1071 40.12 9.31 -71.32
CA GLN B 1071 40.99 9.95 -72.30
C GLN B 1071 40.22 10.53 -73.49
N GLU B 1072 39.41 11.53 -73.22
CA GLU B 1072 38.58 12.09 -74.27
C GLU B 1072 39.34 13.15 -75.09
N LYS B 1073 38.95 13.28 -76.35
CA LYS B 1073 39.39 14.36 -77.21
C LYS B 1073 38.18 15.18 -77.61
N ASN B 1074 38.43 16.45 -77.96
CA ASN B 1074 37.37 17.32 -78.44
C ASN B 1074 37.39 17.34 -79.96
N PHE B 1075 36.23 17.58 -80.55
CA PHE B 1075 36.00 17.59 -81.98
C PHE B 1075 34.97 18.65 -82.30
N THR B 1076 34.88 18.99 -83.57
CA THR B 1076 33.79 19.77 -84.13
C THR B 1076 32.69 18.81 -84.54
N THR B 1077 31.45 19.26 -84.49
CA THR B 1077 30.32 18.39 -84.71
C THR B 1077 29.22 19.15 -85.44
N ALA B 1078 28.24 18.41 -85.94
CA ALA B 1078 27.14 18.96 -86.71
C ALA B 1078 25.98 18.00 -86.63
N PRO B 1079 24.75 18.47 -86.68
CA PRO B 1079 23.61 17.57 -86.58
C PRO B 1079 23.28 16.80 -87.85
N ALA B 1080 23.46 17.41 -89.01
CA ALA B 1080 23.13 16.75 -90.27
C ALA B 1080 24.19 17.12 -91.29
N ILE B 1081 24.08 16.54 -92.48
CA ILE B 1081 25.00 16.85 -93.57
C ILE B 1081 24.21 17.02 -94.85
N CYS B 1082 24.51 18.07 -95.60
CA CYS B 1082 23.74 18.38 -96.80
C CYS B 1082 24.49 17.91 -98.04
N HIS B 1083 23.79 17.17 -98.89
CA HIS B 1083 24.38 16.64 -100.11
C HIS B 1083 23.27 16.43 -101.12
N ASP B 1084 23.45 16.95 -102.34
CA ASP B 1084 22.43 16.92 -103.39
C ASP B 1084 21.13 17.58 -102.96
N GLY B 1085 21.18 18.55 -102.08
CA GLY B 1085 19.96 19.14 -101.59
C GLY B 1085 19.18 18.26 -100.63
N LYS B 1086 19.82 17.26 -100.05
CA LYS B 1086 19.16 16.39 -99.08
C LYS B 1086 19.92 16.43 -97.77
N ALA B 1087 19.18 16.30 -96.67
CA ALA B 1087 19.76 16.25 -95.34
C ALA B 1087 19.99 14.80 -94.94
N HIS B 1088 21.16 14.52 -94.38
CA HIS B 1088 21.55 13.18 -93.96
C HIS B 1088 21.80 13.20 -92.46
N PHE B 1089 21.30 12.26 -91.79
CA PHE B 1089 21.41 12.04 -90.36
C PHE B 1089 22.10 10.74 -90.09
N PRO B 1090 22.88 10.62 -89.01
CA PRO B 1090 23.51 9.34 -88.73
C PRO B 1090 22.51 8.32 -88.23
N ARG B 1091 22.72 7.07 -88.63
CA ARG B 1091 21.86 5.99 -88.17
C ARG B 1091 22.09 5.70 -86.70
N GLU B 1092 23.32 5.39 -86.32
CA GLU B 1092 23.79 5.50 -84.95
C GLU B 1092 25.16 6.17 -85.01
N GLY B 1093 25.43 7.04 -84.06
CA GLY B 1093 26.67 7.75 -84.03
C GLY B 1093 26.48 9.25 -84.14
N VAL B 1094 27.60 9.94 -84.18
CA VAL B 1094 27.66 11.38 -84.39
C VAL B 1094 28.62 11.68 -85.52
N PHE B 1095 28.32 12.71 -86.28
CA PHE B 1095 29.27 13.28 -87.24
C PHE B 1095 30.28 14.12 -86.50
N VAL B 1096 31.56 13.84 -86.71
CA VAL B 1096 32.64 14.60 -86.10
C VAL B 1096 33.63 15.02 -87.17
N SER B 1097 34.41 16.04 -86.86
CA SER B 1097 35.41 16.57 -87.78
C SER B 1097 36.76 16.62 -87.08
N ASN B 1098 37.79 16.09 -87.72
CA ASN B 1098 39.13 16.13 -87.14
C ASN B 1098 39.87 17.41 -87.47
N GLY B 1099 39.22 18.35 -88.12
CA GLY B 1099 39.83 19.61 -88.50
C GLY B 1099 39.57 19.92 -89.94
N THR B 1100 39.63 18.89 -90.80
CA THR B 1100 39.39 19.07 -92.22
C THR B 1100 38.45 18.04 -92.83
N HIS B 1101 38.24 16.89 -92.19
CA HIS B 1101 37.45 15.82 -92.75
C HIS B 1101 36.33 15.45 -91.79
N TRP B 1102 35.27 14.85 -92.33
CA TRP B 1102 34.10 14.48 -91.56
C TRP B 1102 33.96 12.96 -91.50
N PHE B 1103 33.58 12.44 -90.33
CA PHE B 1103 33.40 11.02 -90.10
C PHE B 1103 32.14 10.80 -89.29
N VAL B 1104 31.68 9.54 -89.25
CA VAL B 1104 30.69 9.08 -88.27
C VAL B 1104 31.43 8.23 -87.25
N THR B 1105 31.09 8.41 -85.98
CA THR B 1105 31.61 7.53 -84.95
C THR B 1105 30.46 7.08 -84.06
N GLN B 1106 30.69 6.00 -83.34
CA GLN B 1106 29.80 5.64 -82.24
C GLN B 1106 30.03 6.58 -81.07
N ARG B 1107 28.99 6.78 -80.27
CA ARG B 1107 29.00 7.90 -79.35
C ARG B 1107 29.86 7.71 -78.11
N ASN B 1108 30.28 6.50 -77.78
CA ASN B 1108 30.96 6.26 -76.52
C ASN B 1108 32.40 5.83 -76.67
N PHE B 1109 32.85 5.50 -77.88
CA PHE B 1109 34.22 5.10 -78.14
C PHE B 1109 34.59 5.66 -79.49
N TYR B 1110 35.71 6.34 -79.58
CA TYR B 1110 36.07 7.02 -80.83
C TYR B 1110 36.58 6.03 -81.86
N GLU B 1111 35.83 5.88 -82.95
CA GLU B 1111 36.13 4.92 -83.99
C GLU B 1111 35.59 5.45 -85.30
N PRO B 1112 36.34 6.30 -85.98
CA PRO B 1112 35.81 7.06 -87.13
C PRO B 1112 35.76 6.29 -88.43
N GLN B 1113 34.66 6.50 -89.17
CA GLN B 1113 34.45 5.86 -90.45
C GLN B 1113 33.97 6.89 -91.46
N ILE B 1114 34.06 6.55 -92.75
CA ILE B 1114 33.67 7.52 -93.76
C ILE B 1114 32.17 7.44 -94.00
N ILE B 1115 31.58 8.58 -94.31
CA ILE B 1115 30.13 8.74 -94.36
C ILE B 1115 29.62 8.20 -95.68
N THR B 1116 28.82 7.14 -95.61
CA THR B 1116 28.25 6.50 -96.78
C THR B 1116 26.74 6.51 -96.66
N THR B 1117 26.07 5.90 -97.63
CA THR B 1117 24.62 5.76 -97.61
C THR B 1117 24.16 4.61 -96.73
N ASP B 1118 25.08 3.83 -96.16
CA ASP B 1118 24.72 2.77 -95.25
C ASP B 1118 24.97 3.19 -93.81
N ASN B 1119 25.64 4.31 -93.64
CA ASN B 1119 25.89 4.96 -92.37
C ASN B 1119 24.78 5.87 -91.94
N THR B 1120 23.95 6.35 -92.86
CA THR B 1120 23.10 7.50 -92.66
C THR B 1120 21.72 7.16 -93.17
N PHE B 1121 20.79 8.07 -92.91
CA PHE B 1121 19.52 8.06 -93.60
C PHE B 1121 19.17 9.49 -94.00
N VAL B 1122 18.24 9.60 -94.93
CA VAL B 1122 17.87 10.87 -95.55
C VAL B 1122 16.52 11.29 -95.02
N SER B 1123 16.32 12.59 -94.87
CA SER B 1123 15.01 13.13 -94.58
C SER B 1123 14.98 14.60 -94.93
N GLY B 1124 14.12 14.99 -95.86
CA GLY B 1124 13.94 16.38 -96.21
C GLY B 1124 15.09 16.98 -96.98
N ASN B 1125 15.03 18.29 -97.13
CA ASN B 1125 16.04 19.05 -97.84
C ASN B 1125 16.81 19.90 -96.83
N CYS B 1126 17.99 20.37 -97.22
CA CYS B 1126 18.85 21.08 -96.28
C CYS B 1126 18.53 22.56 -96.23
N ASP B 1127 17.37 22.91 -95.66
CA ASP B 1127 16.98 24.30 -95.49
C ASP B 1127 16.38 24.55 -94.11
N VAL B 1128 16.10 23.47 -93.38
CA VAL B 1128 15.31 23.52 -92.17
C VAL B 1128 16.12 23.23 -90.91
N VAL B 1129 17.26 22.57 -91.04
CA VAL B 1129 18.06 22.16 -89.89
C VAL B 1129 19.03 23.27 -89.57
N ILE B 1130 19.14 23.61 -88.29
CA ILE B 1130 20.02 24.68 -87.81
C ILE B 1130 21.39 24.07 -87.59
N GLY B 1131 22.37 24.56 -88.33
CA GLY B 1131 23.72 24.09 -88.20
C GLY B 1131 24.14 23.01 -89.17
N ILE B 1132 23.40 22.82 -90.27
CA ILE B 1132 23.75 21.81 -91.24
C ILE B 1132 25.04 22.18 -91.97
N VAL B 1133 25.76 21.18 -92.42
CA VAL B 1133 27.10 21.35 -92.97
C VAL B 1133 27.19 20.63 -94.30
N ASN B 1134 28.02 21.16 -95.20
CA ASN B 1134 28.21 20.59 -96.52
C ASN B 1134 29.30 19.54 -96.50
N ASN B 1135 29.02 18.38 -97.08
CA ASN B 1135 30.02 17.36 -97.29
C ASN B 1135 29.47 16.37 -98.30
N THR B 1136 30.29 15.43 -98.69
CA THR B 1136 29.93 14.42 -99.67
C THR B 1136 29.61 13.11 -98.97
N VAL B 1137 28.52 12.47 -99.39
CA VAL B 1137 28.09 11.20 -98.84
C VAL B 1137 28.33 10.15 -99.91
N TYR B 1138 29.09 9.13 -99.57
CA TYR B 1138 29.63 8.21 -100.56
C TYR B 1138 28.70 7.03 -100.77
N ASP B 1139 28.44 6.72 -102.00
CA ASP B 1139 27.63 5.59 -102.45
C ASP B 1139 28.56 4.48 -102.91
N PRO B 1140 28.37 3.23 -102.47
CA PRO B 1140 29.28 2.16 -102.90
C PRO B 1140 28.93 1.57 -104.26
N LEU B 1141 27.64 1.57 -104.57
CA LEU B 1141 27.18 0.85 -105.75
C LEU B 1141 27.74 1.43 -107.03
N GLN B 1142 27.59 2.74 -107.24
CA GLN B 1142 27.98 3.31 -108.53
C GLN B 1142 29.49 3.31 -108.76
N PRO B 1143 30.36 3.40 -107.75
CA PRO B 1143 31.77 3.14 -108.00
C PRO B 1143 32.10 1.66 -108.03
N GLU B 1144 31.13 0.79 -107.72
CA GLU B 1144 31.30 -0.60 -108.11
C GLU B 1144 30.99 -0.76 -109.60
N LEU B 1145 30.02 0.01 -110.10
CA LEU B 1145 29.60 -0.12 -111.49
C LEU B 1145 30.52 0.65 -112.44
N ASP B 1146 31.70 1.04 -111.97
CA ASP B 1146 32.66 1.82 -112.74
C ASP B 1146 32.04 3.05 -113.41
N ALA C 27 -40.24 43.59 -22.98
CA ALA C 27 -40.10 42.71 -21.83
C ALA C 27 -38.90 41.79 -21.98
N TYR C 28 -38.35 41.68 -23.20
CA TYR C 28 -37.18 40.85 -23.43
C TYR C 28 -36.33 41.42 -24.55
N THR C 29 -35.04 41.07 -24.52
CA THR C 29 -34.10 41.36 -25.58
C THR C 29 -33.13 40.20 -25.70
N ASN C 30 -32.14 40.38 -26.57
CA ASN C 30 -31.14 39.37 -26.86
C ASN C 30 -29.77 39.87 -26.45
N SER C 31 -29.12 39.14 -25.54
CA SER C 31 -27.71 39.38 -25.25
C SER C 31 -26.88 38.69 -26.32
N PHE C 32 -26.23 39.48 -27.16
CA PHE C 32 -25.58 38.92 -28.32
C PHE C 32 -24.21 38.36 -27.98
N THR C 33 -23.27 39.22 -27.61
CA THR C 33 -21.97 38.78 -27.12
C THR C 33 -21.67 39.37 -25.75
N ARG C 34 -22.60 40.13 -25.19
CA ARG C 34 -22.37 40.87 -23.96
C ARG C 34 -22.07 39.94 -22.80
N GLY C 35 -21.26 40.41 -21.87
CA GLY C 35 -21.07 39.77 -20.60
C GLY C 35 -19.78 38.99 -20.40
N VAL C 36 -18.71 39.38 -21.06
CA VAL C 36 -17.43 38.70 -20.91
C VAL C 36 -16.57 39.49 -19.94
N TYR C 37 -15.83 38.79 -19.09
CA TYR C 37 -14.95 39.46 -18.15
C TYR C 37 -13.59 38.78 -18.14
N TYR C 38 -12.59 39.49 -17.60
CA TYR C 38 -11.28 38.91 -17.37
C TYR C 38 -11.38 37.98 -16.17
N PRO C 39 -11.22 36.67 -16.33
CA PRO C 39 -11.49 35.75 -15.22
C PRO C 39 -10.40 35.64 -14.17
N ASP C 40 -9.20 36.15 -14.43
CA ASP C 40 -8.13 36.06 -13.44
C ASP C 40 -7.09 37.14 -13.69
N LYS C 41 -6.10 37.20 -12.80
CA LYS C 41 -5.14 38.28 -12.73
C LYS C 41 -3.86 38.03 -13.51
N VAL C 42 -3.87 37.09 -14.45
CA VAL C 42 -2.67 36.77 -15.22
C VAL C 42 -2.67 37.57 -16.51
N PHE C 43 -1.59 38.28 -16.77
CA PHE C 43 -1.43 38.94 -18.06
C PHE C 43 -1.12 37.89 -19.14
N ARG C 44 -1.64 38.10 -20.34
CA ARG C 44 -1.42 37.16 -21.43
C ARG C 44 -1.15 37.90 -22.74
N SER C 45 -0.07 37.52 -23.39
CA SER C 45 0.44 38.28 -24.53
C SER C 45 -0.49 38.27 -25.74
N SER C 46 -0.58 37.12 -26.41
CA SER C 46 -1.39 37.00 -27.61
C SER C 46 -2.03 35.61 -27.70
N VAL C 47 -2.08 34.89 -26.59
CA VAL C 47 -2.63 33.55 -26.53
C VAL C 47 -4.09 33.56 -26.95
N LEU C 48 -4.55 32.47 -27.55
CA LEU C 48 -5.94 32.06 -27.53
C LEU C 48 -6.12 31.17 -26.31
N HIS C 49 -6.86 31.64 -25.32
CA HIS C 49 -6.90 30.93 -24.05
C HIS C 49 -8.29 30.40 -23.80
N SER C 50 -8.39 29.15 -23.41
CA SER C 50 -9.69 28.54 -23.14
C SER C 50 -9.90 28.42 -21.64
N THR C 51 -11.13 28.69 -21.20
CA THR C 51 -11.41 28.71 -19.77
C THR C 51 -12.82 28.21 -19.49
N GLN C 52 -12.95 27.51 -18.37
CA GLN C 52 -14.25 27.11 -17.82
C GLN C 52 -14.60 28.06 -16.69
N ASP C 53 -15.70 28.79 -16.84
CA ASP C 53 -16.10 29.75 -15.82
C ASP C 53 -17.58 30.04 -15.96
N LEU C 54 -18.11 30.78 -15.00
CA LEU C 54 -19.53 31.15 -15.02
C LEU C 54 -19.74 32.35 -15.93
N PHE C 55 -20.46 32.17 -17.02
CA PHE C 55 -20.62 33.20 -18.04
C PHE C 55 -22.08 33.35 -18.40
N LEU C 56 -22.36 34.33 -19.23
CA LEU C 56 -23.70 34.58 -19.75
C LEU C 56 -23.72 34.13 -21.20
N PRO C 57 -24.36 33.00 -21.53
CA PRO C 57 -24.20 32.42 -22.87
C PRO C 57 -24.59 33.39 -23.97
N PHE C 58 -23.87 33.31 -25.09
CA PHE C 58 -24.14 34.18 -26.21
C PHE C 58 -25.58 34.02 -26.67
N PHE C 59 -26.12 35.11 -27.22
CA PHE C 59 -27.48 35.13 -27.75
C PHE C 59 -28.46 34.53 -26.75
N SER C 60 -28.57 35.20 -25.62
CA SER C 60 -29.50 34.76 -24.59
C SER C 60 -30.69 35.70 -24.51
N ASN C 61 -31.68 35.26 -23.75
CA ASN C 61 -32.96 35.93 -23.61
C ASN C 61 -32.96 36.70 -22.30
N VAL C 62 -32.72 38.01 -22.35
CA VAL C 62 -32.52 38.80 -21.13
C VAL C 62 -33.75 39.66 -20.87
N THR C 63 -34.18 39.70 -19.61
CA THR C 63 -35.35 40.44 -19.18
C THR C 63 -35.15 41.94 -19.39
N TRP C 64 -36.24 42.70 -19.38
CA TRP C 64 -36.18 44.11 -19.68
C TRP C 64 -37.14 44.83 -18.74
N PHE C 65 -36.61 45.67 -17.87
CA PHE C 65 -37.37 46.28 -16.81
C PHE C 65 -37.49 47.78 -17.06
N HIS C 66 -38.43 48.40 -16.34
CA HIS C 66 -38.76 49.81 -16.53
C HIS C 66 -39.08 50.43 -15.17
N ALA C 67 -39.41 51.72 -15.20
CA ALA C 67 -39.75 52.47 -13.99
C ALA C 67 -40.91 51.85 -13.23
N ASN C 81 -39.67 47.84 -10.23
CA ASN C 81 -38.59 47.42 -9.35
C ASN C 81 -38.93 46.14 -8.61
N PRO C 82 -39.04 45.03 -9.35
CA PRO C 82 -39.47 43.78 -8.74
C PRO C 82 -38.40 43.13 -7.88
N VAL C 83 -38.64 41.90 -7.45
CA VAL C 83 -37.63 41.13 -6.74
C VAL C 83 -37.43 39.79 -7.45
N LEU C 84 -36.17 39.43 -7.67
CA LEU C 84 -35.78 38.25 -8.43
C LEU C 84 -34.67 37.53 -7.68
N PRO C 85 -34.35 36.28 -8.05
CA PRO C 85 -33.23 35.60 -7.40
C PRO C 85 -31.88 35.92 -8.05
N PHE C 86 -30.82 35.47 -7.36
CA PHE C 86 -29.47 35.55 -7.89
C PHE C 86 -29.17 34.38 -8.81
N ASN C 87 -29.37 33.16 -8.32
CA ASN C 87 -29.44 31.88 -9.00
C ASN C 87 -28.10 31.29 -9.45
N ASP C 88 -27.12 32.11 -9.81
CA ASP C 88 -25.70 31.81 -9.69
C ASP C 88 -24.90 33.08 -9.49
N GLY C 89 -25.28 34.12 -10.20
CA GLY C 89 -24.58 35.37 -10.38
C GLY C 89 -25.45 36.10 -11.36
N VAL C 90 -25.12 37.36 -11.61
CA VAL C 90 -26.03 38.20 -12.39
C VAL C 90 -25.22 39.10 -13.30
N TYR C 91 -25.63 39.14 -14.56
CA TYR C 91 -25.28 40.23 -15.46
C TYR C 91 -26.36 41.30 -15.37
N PHE C 92 -25.93 42.55 -15.35
CA PHE C 92 -26.84 43.65 -15.05
C PHE C 92 -26.38 44.85 -15.89
N ALA C 93 -27.15 45.21 -16.89
CA ALA C 93 -26.77 46.37 -17.68
C ALA C 93 -27.75 47.52 -17.44
N SER C 94 -27.21 48.72 -17.32
CA SER C 94 -28.04 49.89 -17.10
C SER C 94 -27.71 50.94 -18.15
N THR C 95 -28.66 51.83 -18.36
CA THR C 95 -28.61 52.81 -19.44
C THR C 95 -29.16 54.14 -18.93
N GLU C 96 -29.60 55.02 -19.84
CA GLU C 96 -30.14 56.32 -19.47
C GLU C 96 -29.08 57.22 -18.83
N LYS C 97 -28.22 57.78 -19.68
CA LYS C 97 -27.12 58.67 -19.27
C LYS C 97 -27.49 59.58 -18.11
N SER C 98 -28.70 60.13 -18.09
CA SER C 98 -29.15 60.95 -16.97
C SER C 98 -29.35 60.05 -15.75
N ASN C 99 -28.60 60.33 -14.69
CA ASN C 99 -28.52 59.47 -13.52
C ASN C 99 -29.92 59.16 -12.96
N ILE C 100 -30.28 57.87 -13.00
CA ILE C 100 -31.50 57.41 -12.35
C ILE C 100 -31.20 56.19 -11.47
N ILE C 101 -30.16 55.45 -11.81
CA ILE C 101 -29.92 54.13 -11.23
C ILE C 101 -28.96 54.26 -10.05
N ARG C 102 -29.36 53.72 -8.89
CA ARG C 102 -28.65 53.97 -7.62
C ARG C 102 -28.55 52.67 -6.83
N GLY C 103 -27.50 51.90 -7.07
CA GLY C 103 -27.15 50.79 -6.20
C GLY C 103 -28.16 49.66 -6.19
N TRP C 104 -27.86 48.65 -5.36
CA TRP C 104 -28.65 47.43 -5.29
C TRP C 104 -28.72 46.96 -3.85
N ILE C 105 -29.54 45.95 -3.62
CA ILE C 105 -29.57 45.23 -2.35
C ILE C 105 -29.69 43.75 -2.65
N PHE C 106 -29.07 42.92 -1.82
CA PHE C 106 -29.11 41.47 -2.03
C PHE C 106 -29.48 40.78 -0.73
N GLY C 107 -29.91 39.52 -0.85
CA GLY C 107 -30.22 38.72 0.32
C GLY C 107 -31.31 37.71 0.04
N THR C 108 -31.64 36.95 1.09
CA THR C 108 -32.64 35.89 1.00
C THR C 108 -34.05 36.36 1.35
N THR C 109 -34.19 37.30 2.28
CA THR C 109 -35.52 37.80 2.63
C THR C 109 -35.64 39.31 2.66
N LEU C 110 -34.53 40.05 2.61
CA LEU C 110 -34.55 41.51 2.64
C LEU C 110 -35.28 42.02 3.88
N ASP C 111 -35.11 41.31 4.98
CA ASP C 111 -35.99 41.46 6.13
C ASP C 111 -35.14 41.59 7.39
N SER C 112 -35.81 41.53 8.53
CA SER C 112 -35.15 41.72 9.82
C SER C 112 -34.46 40.44 10.28
N LYS C 113 -33.32 40.62 10.95
CA LYS C 113 -32.66 39.61 11.78
C LYS C 113 -31.92 38.56 10.93
N THR C 114 -31.71 38.88 9.66
CA THR C 114 -30.87 38.07 8.78
C THR C 114 -30.02 39.01 7.93
N GLN C 115 -28.95 38.46 7.37
CA GLN C 115 -27.96 39.28 6.67
C GLN C 115 -28.44 39.69 5.29
N SER C 116 -28.19 40.95 4.95
CA SER C 116 -28.56 41.55 3.68
C SER C 116 -27.67 42.76 3.46
N LEU C 117 -27.14 42.89 2.26
CA LEU C 117 -26.12 43.89 1.97
C LEU C 117 -26.62 44.90 0.95
N LEU C 118 -25.94 46.04 0.89
CA LEU C 118 -26.43 47.20 0.16
C LEU C 118 -25.26 47.99 -0.37
N ILE C 119 -25.22 48.17 -1.69
CA ILE C 119 -24.38 49.16 -2.35
C ILE C 119 -25.29 50.30 -2.76
N VAL C 120 -24.82 51.54 -2.59
CA VAL C 120 -25.65 52.71 -2.85
C VAL C 120 -24.81 53.78 -3.54
N ASN C 121 -25.49 54.72 -4.16
CA ASN C 121 -24.88 55.97 -4.58
C ASN C 121 -25.72 57.11 -4.01
N ASN C 122 -25.11 58.29 -3.96
CA ASN C 122 -25.75 59.51 -3.45
C ASN C 122 -25.37 60.63 -4.40
N ALA C 123 -25.49 61.87 -3.92
CA ALA C 123 -24.75 62.95 -4.55
C ALA C 123 -23.31 62.54 -4.86
N THR C 124 -22.58 62.07 -3.84
CA THR C 124 -21.21 61.59 -4.05
C THR C 124 -20.93 60.26 -3.37
N ASN C 125 -21.65 59.94 -2.29
CA ASN C 125 -21.23 58.84 -1.42
C ASN C 125 -21.53 57.48 -2.04
N VAL C 126 -20.71 56.51 -1.68
CA VAL C 126 -20.84 55.13 -2.14
C VAL C 126 -20.75 54.25 -0.90
N VAL C 127 -21.91 53.91 -0.35
CA VAL C 127 -22.00 53.21 0.93
C VAL C 127 -22.28 51.74 0.67
N ILE C 128 -21.44 50.89 1.24
CA ILE C 128 -21.62 49.45 1.15
C ILE C 128 -21.68 48.88 2.55
N LYS C 129 -22.81 48.29 2.89
CA LYS C 129 -23.03 47.87 4.27
C LYS C 129 -23.80 46.55 4.28
N VAL C 130 -23.58 45.76 5.33
CA VAL C 130 -24.21 44.45 5.44
C VAL C 130 -24.84 44.27 6.81
N CYS C 131 -26.16 44.45 6.90
CA CYS C 131 -26.82 44.46 8.20
C CYS C 131 -28.06 43.58 8.15
N GLU C 132 -28.91 43.75 9.17
CA GLU C 132 -30.24 43.17 9.19
C GLU C 132 -31.27 44.30 9.16
N PHE C 133 -31.85 44.53 7.99
CA PHE C 133 -32.69 45.72 7.80
C PHE C 133 -34.15 45.34 7.96
N GLN C 134 -35.04 46.28 7.70
CA GLN C 134 -36.46 45.95 7.54
C GLN C 134 -36.95 46.77 6.36
N PHE C 135 -36.88 46.18 5.17
CA PHE C 135 -36.98 46.92 3.92
C PHE C 135 -38.44 47.21 3.58
N CYS C 136 -38.65 48.31 2.88
CA CYS C 136 -39.97 48.88 2.62
C CYS C 136 -40.82 47.97 1.73
N ASN C 137 -42.06 48.39 1.48
CA ASN C 137 -42.85 47.78 0.42
C ASN C 137 -42.33 48.19 -0.95
N ASP C 138 -41.95 49.46 -1.10
CA ASP C 138 -41.36 49.96 -2.34
C ASP C 138 -40.12 50.74 -1.97
N PRO C 139 -39.05 50.06 -1.52
CA PRO C 139 -37.86 50.78 -1.05
C PRO C 139 -37.08 51.45 -2.18
N PHE C 140 -37.56 52.63 -2.56
CA PHE C 140 -36.92 53.45 -3.59
C PHE C 140 -36.67 54.84 -3.03
N LEU C 141 -35.45 55.34 -3.21
CA LEU C 141 -35.02 56.61 -2.64
C LEU C 141 -35.81 57.80 -3.20
N GLY C 142 -35.64 58.08 -4.48
CA GLY C 142 -36.30 59.21 -5.10
C GLY C 142 -35.62 60.54 -4.84
N VAL C 143 -35.90 61.53 -5.68
CA VAL C 143 -35.40 62.88 -5.44
C VAL C 143 -36.59 63.80 -5.21
N MET C 153 -39.77 70.08 -4.58
CA MET C 153 -39.81 69.14 -3.47
C MET C 153 -38.45 68.47 -3.31
N GLU C 154 -38.18 67.46 -4.13
CA GLU C 154 -36.84 66.89 -4.30
C GLU C 154 -36.22 66.35 -3.01
N SER C 155 -36.82 65.32 -2.40
CA SER C 155 -36.26 64.73 -1.19
C SER C 155 -36.00 63.24 -1.39
N GLU C 156 -35.54 62.52 -0.37
CA GLU C 156 -35.00 61.20 -0.65
C GLU C 156 -35.07 60.18 0.50
N PHE C 157 -34.45 59.03 0.29
CA PHE C 157 -34.34 57.93 1.26
C PHE C 157 -35.67 57.35 1.72
N ARG C 158 -36.34 56.59 0.87
CA ARG C 158 -37.28 55.62 1.40
C ARG C 158 -36.77 54.22 1.11
N VAL C 159 -35.92 53.69 2.00
CA VAL C 159 -35.24 52.42 1.74
C VAL C 159 -35.50 51.41 2.86
N TYR C 160 -35.02 51.70 4.07
CA TYR C 160 -35.05 50.74 5.16
C TYR C 160 -35.33 51.45 6.48
N SER C 161 -35.64 50.65 7.51
CA SER C 161 -35.92 51.20 8.83
C SER C 161 -35.36 50.35 9.97
N SER C 162 -34.36 49.51 9.70
CA SER C 162 -33.68 48.77 10.75
C SER C 162 -32.21 48.61 10.35
N ALA C 163 -31.33 48.61 11.34
CA ALA C 163 -29.90 48.52 11.07
C ALA C 163 -29.18 47.62 12.07
N ASN C 164 -29.95 46.90 12.88
CA ASN C 164 -29.41 46.07 13.95
C ASN C 164 -28.50 44.97 13.41
N ASN C 165 -27.44 44.69 14.17
CA ASN C 165 -26.50 43.60 13.89
C ASN C 165 -25.90 43.73 12.49
N CYS C 166 -25.16 44.81 12.31
CA CYS C 166 -24.42 45.00 11.08
C CYS C 166 -23.01 44.41 11.26
N THR C 167 -22.67 43.43 10.43
CA THR C 167 -21.41 42.70 10.55
C THR C 167 -20.45 43.07 9.41
N PHE C 168 -20.64 44.25 8.83
CA PHE C 168 -19.69 44.80 7.86
C PHE C 168 -20.02 46.28 7.63
N GLU C 169 -19.02 47.08 7.31
CA GLU C 169 -19.24 48.50 7.05
C GLU C 169 -18.30 48.94 5.94
N TYR C 170 -18.67 50.05 5.29
CA TYR C 170 -17.80 50.78 4.36
C TYR C 170 -18.50 52.06 3.94
N VAL C 171 -17.73 53.13 3.72
CA VAL C 171 -18.25 54.38 3.20
C VAL C 171 -17.19 54.95 2.26
N SER C 172 -17.65 55.54 1.15
CA SER C 172 -16.80 56.30 0.25
C SER C 172 -15.75 55.42 -0.41
N LYS C 187 -27.16 58.19 -24.45
CA LYS C 187 -27.16 57.43 -23.21
C LYS C 187 -25.75 56.97 -22.85
N ASN C 188 -25.60 56.38 -21.66
CA ASN C 188 -24.33 55.86 -21.19
C ASN C 188 -24.57 54.50 -20.54
N LEU C 189 -23.92 53.48 -21.08
CA LEU C 189 -24.14 52.09 -20.70
C LEU C 189 -23.20 51.69 -19.58
N ARG C 190 -23.71 51.01 -18.56
CA ARG C 190 -22.92 50.55 -17.42
C ARG C 190 -23.25 49.10 -17.17
N GLU C 191 -22.29 48.21 -17.48
CA GLU C 191 -22.47 46.79 -17.29
C GLU C 191 -21.87 46.37 -15.96
N PHE C 192 -22.44 45.31 -15.39
CA PHE C 192 -21.97 44.80 -14.11
C PHE C 192 -22.17 43.29 -14.08
N VAL C 193 -21.17 42.59 -13.58
CA VAL C 193 -21.30 41.19 -13.24
C VAL C 193 -21.11 41.10 -11.74
N PHE C 194 -22.09 40.51 -11.06
CA PHE C 194 -21.99 40.24 -9.63
C PHE C 194 -21.98 38.74 -9.43
N LYS C 195 -20.99 38.23 -8.69
CA LYS C 195 -21.02 36.81 -8.39
C LYS C 195 -20.61 36.57 -6.95
N ASN C 196 -21.38 35.71 -6.29
CA ASN C 196 -21.15 35.37 -4.89
C ASN C 196 -20.78 33.91 -4.80
N ILE C 197 -19.48 33.62 -4.97
CA ILE C 197 -18.93 32.29 -4.76
C ILE C 197 -17.71 32.45 -3.87
N ASP C 198 -17.06 31.33 -3.55
CA ASP C 198 -15.81 31.23 -2.80
C ASP C 198 -15.71 32.21 -1.64
N GLY C 199 -16.76 32.30 -0.82
CA GLY C 199 -16.73 33.16 0.35
C GLY C 199 -16.42 34.61 0.07
N TYR C 200 -16.85 35.13 -1.09
CA TYR C 200 -16.67 36.52 -1.44
C TYR C 200 -17.95 37.04 -2.09
N PHE C 201 -17.84 38.29 -2.55
CA PHE C 201 -18.84 38.87 -3.45
C PHE C 201 -18.05 39.73 -4.42
N LYS C 202 -17.86 39.24 -5.64
CA LYS C 202 -16.98 39.87 -6.61
C LYS C 202 -17.81 40.69 -7.58
N ILE C 203 -17.26 41.82 -7.99
CA ILE C 203 -17.97 42.78 -8.82
C ILE C 203 -17.07 43.22 -9.96
N TYR C 204 -17.46 42.84 -11.18
CA TYR C 204 -16.79 43.31 -12.39
C TYR C 204 -17.70 44.33 -13.05
N SER C 205 -17.13 45.30 -13.74
CA SER C 205 -17.98 46.31 -14.34
C SER C 205 -17.26 46.96 -15.51
N LYS C 206 -18.02 47.74 -16.28
CA LYS C 206 -17.46 48.52 -17.38
C LYS C 206 -18.49 49.54 -17.83
N HIS C 207 -18.07 50.80 -17.94
CA HIS C 207 -18.97 51.91 -18.26
C HIS C 207 -18.59 52.47 -19.63
N THR C 208 -19.13 51.88 -20.67
CA THR C 208 -18.84 52.36 -22.00
C THR C 208 -19.77 53.51 -22.37
N PRO C 209 -19.37 54.35 -23.32
CA PRO C 209 -20.30 55.33 -23.86
C PRO C 209 -21.16 54.72 -24.96
N ILE C 210 -22.37 55.23 -25.17
CA ILE C 210 -23.22 54.81 -26.27
C ILE C 210 -23.91 56.02 -26.87
N ASN C 211 -24.52 55.81 -28.03
CA ASN C 211 -25.35 56.81 -28.68
C ASN C 211 -26.64 56.18 -29.19
N LEU C 212 -27.15 55.22 -28.42
CA LEU C 212 -28.36 54.48 -28.78
C LEU C 212 -29.59 55.14 -28.19
N VAL C 213 -30.74 54.61 -28.57
CA VAL C 213 -32.02 55.24 -28.25
C VAL C 213 -32.67 54.55 -27.07
N ARG C 214 -33.08 53.30 -27.23
CA ARG C 214 -33.64 52.51 -26.14
C ARG C 214 -33.20 51.06 -26.27
N ASP C 215 -32.03 50.83 -26.84
CA ASP C 215 -31.62 49.51 -27.30
C ASP C 215 -30.40 49.02 -26.55
N LEU C 216 -30.33 47.70 -26.35
CA LEU C 216 -29.12 47.06 -25.83
C LEU C 216 -28.11 46.96 -26.96
N PRO C 217 -26.99 47.69 -26.89
CA PRO C 217 -26.04 47.71 -28.02
C PRO C 217 -25.52 46.33 -28.36
N GLN C 218 -24.85 46.26 -29.50
CA GLN C 218 -24.41 45.00 -30.08
C GLN C 218 -22.93 45.13 -30.40
N GLY C 219 -22.08 44.55 -29.58
CA GLY C 219 -20.65 44.63 -29.79
C GLY C 219 -19.94 43.81 -28.72
N PHE C 220 -18.62 43.92 -28.72
CA PHE C 220 -17.84 43.19 -27.74
C PHE C 220 -17.21 44.12 -26.71
N SER C 221 -17.19 43.66 -25.47
CA SER C 221 -16.63 44.38 -24.33
C SER C 221 -16.30 43.40 -23.23
N ALA C 222 -15.19 43.63 -22.53
CA ALA C 222 -14.78 42.77 -21.43
C ALA C 222 -14.77 43.58 -20.14
N LEU C 223 -15.12 42.92 -19.04
CA LEU C 223 -15.44 43.60 -17.79
C LEU C 223 -14.35 43.32 -16.76
N GLU C 224 -13.63 44.34 -16.40
CA GLU C 224 -12.51 44.18 -15.50
C GLU C 224 -12.97 44.29 -14.05
N PRO C 225 -12.48 43.43 -13.17
CA PRO C 225 -12.98 43.42 -11.80
C PRO C 225 -12.71 44.74 -11.11
N LEU C 226 -13.72 45.26 -10.42
CA LEU C 226 -13.56 46.50 -9.68
C LEU C 226 -13.18 46.23 -8.24
N VAL C 227 -14.01 45.49 -7.51
CA VAL C 227 -13.76 45.17 -6.12
C VAL C 227 -14.17 43.72 -5.86
N ASP C 228 -13.70 43.23 -4.72
CA ASP C 228 -14.16 41.97 -4.17
C ASP C 228 -14.40 42.20 -2.68
N LEU C 229 -15.59 41.86 -2.22
CA LEU C 229 -15.92 42.05 -0.82
C LEU C 229 -15.82 40.72 -0.08
N PRO C 230 -14.99 40.67 0.95
CA PRO C 230 -14.81 39.42 1.69
C PRO C 230 -15.99 39.26 2.62
N ILE C 231 -17.14 38.87 2.09
CA ILE C 231 -18.28 38.75 3.00
C ILE C 231 -18.47 37.35 3.56
N GLY C 232 -18.97 36.43 2.73
CA GLY C 232 -19.50 35.19 3.25
C GLY C 232 -20.96 35.44 3.62
N ILE C 233 -21.92 35.02 2.80
CA ILE C 233 -23.30 35.48 2.96
C ILE C 233 -24.30 34.41 2.53
N ASN C 234 -25.59 34.77 2.57
CA ASN C 234 -26.68 33.97 2.00
C ASN C 234 -27.53 34.80 1.05
N ILE C 235 -27.19 34.83 -0.24
CA ILE C 235 -27.98 35.57 -1.23
C ILE C 235 -28.75 34.58 -2.08
N THR C 236 -30.08 34.72 -2.07
CA THR C 236 -30.93 34.00 -3.02
C THR C 236 -31.92 34.93 -3.71
N ARG C 237 -31.72 36.25 -3.62
CA ARG C 237 -32.62 37.23 -4.20
C ARG C 237 -31.89 38.57 -4.21
N PHE C 238 -32.42 39.51 -4.99
CA PHE C 238 -31.88 40.86 -4.99
C PHE C 238 -32.91 41.83 -5.52
N GLN C 239 -32.67 43.11 -5.24
CA GLN C 239 -33.51 44.19 -5.72
C GLN C 239 -32.64 45.34 -6.20
N THR C 240 -33.21 46.14 -7.09
CA THR C 240 -32.65 47.40 -7.54
C THR C 240 -33.21 48.54 -6.70
N LEU C 241 -32.48 49.65 -6.66
CA LEU C 241 -32.93 50.85 -5.97
C LEU C 241 -32.81 52.02 -6.94
N LEU C 242 -33.95 52.63 -7.28
CA LEU C 242 -33.99 53.73 -8.23
C LEU C 242 -34.27 55.03 -7.50
N ALA C 243 -34.23 56.12 -8.25
CA ALA C 243 -34.57 57.45 -7.73
C ALA C 243 -35.72 57.99 -8.56
N LEU C 244 -36.95 57.72 -8.12
CA LEU C 244 -38.16 58.11 -8.83
C LEU C 244 -38.74 59.34 -8.15
N HIS C 245 -38.99 60.39 -8.94
CA HIS C 245 -39.35 61.72 -8.42
C HIS C 245 -40.43 61.68 -7.36
N ARG C 246 -40.20 62.40 -6.25
CA ARG C 246 -41.25 62.65 -5.26
C ARG C 246 -41.80 64.06 -5.34
N SER C 247 -41.76 64.70 -6.50
CA SER C 247 -42.26 66.04 -6.71
C SER C 247 -43.77 66.11 -6.46
N ALA C 264 -33.81 52.25 -18.39
CA ALA C 264 -34.15 50.84 -18.30
C ALA C 264 -32.93 50.00 -17.89
N TYR C 265 -33.19 48.81 -17.36
CA TYR C 265 -32.10 47.95 -16.94
C TYR C 265 -32.41 46.49 -17.26
N TYR C 266 -31.39 45.78 -17.74
CA TYR C 266 -31.53 44.43 -18.25
C TYR C 266 -30.84 43.46 -17.31
N VAL C 267 -31.48 42.34 -17.04
CA VAL C 267 -30.95 41.33 -16.15
C VAL C 267 -30.71 40.04 -16.93
N GLY C 268 -29.61 39.37 -16.61
CA GLY C 268 -29.28 38.10 -17.22
C GLY C 268 -28.63 37.20 -16.20
N TYR C 269 -28.70 35.90 -16.44
CA TYR C 269 -28.19 34.93 -15.50
C TYR C 269 -26.99 34.21 -16.09
N LEU C 270 -26.16 33.64 -15.22
CA LEU C 270 -24.93 32.97 -15.64
C LEU C 270 -25.07 31.47 -15.44
N GLN C 271 -24.39 30.72 -16.29
CA GLN C 271 -24.25 29.28 -16.17
C GLN C 271 -22.78 28.96 -16.38
N PRO C 272 -22.34 27.76 -15.99
CA PRO C 272 -20.97 27.35 -16.28
C PRO C 272 -20.81 27.05 -17.77
N ARG C 273 -19.83 27.67 -18.40
CA ARG C 273 -19.59 27.51 -19.82
C ARG C 273 -18.10 27.33 -20.05
N THR C 274 -17.73 27.16 -21.32
CA THR C 274 -16.33 27.12 -21.72
C THR C 274 -16.14 28.10 -22.85
N PHE C 275 -15.24 29.05 -22.67
CA PHE C 275 -15.04 30.09 -23.66
C PHE C 275 -13.60 30.04 -24.16
N LEU C 276 -13.40 30.69 -25.31
CA LEU C 276 -12.10 30.80 -25.97
C LEU C 276 -11.81 32.28 -26.19
N LEU C 277 -11.01 32.86 -25.31
CA LEU C 277 -10.71 34.28 -25.37
C LEU C 277 -9.56 34.55 -26.33
N LYS C 278 -9.76 35.56 -27.18
CA LYS C 278 -8.78 35.98 -28.17
C LYS C 278 -8.06 37.23 -27.67
N TYR C 279 -7.12 37.02 -26.77
CA TYR C 279 -6.31 38.13 -26.25
C TYR C 279 -5.57 38.83 -27.38
N ASN C 280 -5.13 40.05 -27.10
CA ASN C 280 -4.46 40.88 -28.09
C ASN C 280 -3.16 41.38 -27.48
N GLU C 281 -2.33 42.04 -28.29
CA GLU C 281 -0.98 42.35 -27.87
C GLU C 281 -0.93 43.58 -26.97
N ASN C 282 -1.84 43.66 -26.01
CA ASN C 282 -1.74 44.62 -24.92
C ASN C 282 -2.22 43.91 -23.66
N GLY C 283 -2.59 42.64 -23.80
CA GLY C 283 -3.21 41.90 -22.73
C GLY C 283 -4.68 42.19 -22.57
N THR C 284 -5.40 42.48 -23.65
CA THR C 284 -6.81 42.85 -23.59
C THR C 284 -7.64 41.90 -24.45
N ILE C 285 -8.77 41.46 -23.92
CA ILE C 285 -9.69 40.54 -24.58
C ILE C 285 -10.49 41.29 -25.64
N THR C 286 -10.42 40.83 -26.88
CA THR C 286 -11.11 41.54 -27.95
C THR C 286 -12.13 40.68 -28.68
N ASP C 287 -12.08 39.37 -28.44
CA ASP C 287 -13.08 38.48 -29.02
C ASP C 287 -13.16 37.21 -28.19
N ALA C 288 -14.25 36.47 -28.38
CA ALA C 288 -14.46 35.25 -27.63
C ALA C 288 -15.39 34.34 -28.42
N VAL C 289 -15.27 33.04 -28.16
CA VAL C 289 -16.12 32.02 -28.76
C VAL C 289 -16.83 31.29 -27.65
N ASP C 290 -18.15 31.21 -27.74
CA ASP C 290 -18.96 30.42 -26.83
C ASP C 290 -19.24 29.10 -27.51
N CYS C 291 -18.29 28.18 -27.41
CA CYS C 291 -18.59 26.83 -27.87
C CYS C 291 -19.53 26.17 -26.88
N ALA C 292 -20.34 25.24 -27.38
CA ALA C 292 -21.63 24.80 -26.82
C ALA C 292 -22.75 25.72 -27.24
N LEU C 293 -22.51 26.62 -28.18
CA LEU C 293 -23.57 27.36 -28.84
C LEU C 293 -24.10 26.60 -30.06
N ASP C 294 -23.21 26.30 -31.01
CA ASP C 294 -23.58 25.63 -32.25
C ASP C 294 -22.40 24.77 -32.67
N PRO C 295 -22.57 23.91 -33.69
CA PRO C 295 -21.47 23.01 -34.06
C PRO C 295 -20.20 23.71 -34.55
N LEU C 296 -20.34 24.82 -35.26
CA LEU C 296 -19.16 25.55 -35.72
C LEU C 296 -18.33 26.06 -34.55
N SER C 297 -18.99 26.45 -33.48
CA SER C 297 -18.28 26.90 -32.28
C SER C 297 -17.52 25.75 -31.63
N GLU C 298 -18.11 24.56 -31.63
CA GLU C 298 -17.38 23.40 -31.14
C GLU C 298 -16.15 23.12 -31.97
N THR C 299 -16.27 23.26 -33.29
CA THR C 299 -15.09 23.12 -34.14
C THR C 299 -14.02 24.12 -33.75
N LYS C 300 -14.40 25.38 -33.57
CA LYS C 300 -13.42 26.40 -33.21
C LYS C 300 -12.78 26.12 -31.86
N CYS C 301 -13.54 25.53 -30.93
CA CYS C 301 -12.96 25.17 -29.65
C CYS C 301 -11.96 24.02 -29.79
N THR C 302 -12.33 22.96 -30.51
CA THR C 302 -11.46 21.79 -30.54
C THR C 302 -10.26 22.02 -31.45
N LEU C 303 -10.36 22.96 -32.38
CA LEU C 303 -9.24 23.29 -33.24
C LEU C 303 -8.39 24.42 -32.71
N LYS C 304 -8.84 25.09 -31.65
CA LYS C 304 -8.16 26.23 -31.04
C LYS C 304 -7.80 27.28 -32.09
N SER C 305 -8.84 27.80 -32.75
CA SER C 305 -8.65 28.79 -33.79
C SER C 305 -9.98 29.38 -34.22
N PHE C 306 -9.95 30.67 -34.56
CA PHE C 306 -11.13 31.39 -35.00
C PHE C 306 -11.41 31.18 -36.48
N THR C 307 -10.44 30.66 -37.22
CA THR C 307 -10.61 30.27 -38.61
C THR C 307 -10.54 28.75 -38.70
N VAL C 308 -11.40 28.16 -39.52
CA VAL C 308 -11.30 26.76 -39.86
C VAL C 308 -11.34 26.62 -41.37
N GLU C 309 -10.67 25.60 -41.87
CA GLU C 309 -10.59 25.32 -43.29
C GLU C 309 -11.51 24.16 -43.62
N LYS C 310 -11.86 24.03 -44.90
CA LYS C 310 -12.83 23.02 -45.28
C LYS C 310 -12.32 21.64 -44.94
N GLY C 311 -13.26 20.77 -44.57
CA GLY C 311 -12.89 19.44 -44.14
C GLY C 311 -14.00 18.84 -43.31
N ILE C 312 -13.68 17.70 -42.70
CA ILE C 312 -14.56 17.05 -41.76
C ILE C 312 -13.77 16.86 -40.48
N TYR C 313 -14.38 17.18 -39.35
CA TYR C 313 -13.65 17.27 -38.09
C TYR C 313 -14.41 16.56 -37.00
N GLN C 314 -13.77 15.60 -36.34
CA GLN C 314 -14.33 14.97 -35.17
C GLN C 314 -14.29 15.93 -34.00
N THR C 315 -15.43 16.23 -33.43
CA THR C 315 -15.51 17.26 -32.42
C THR C 315 -15.91 16.73 -31.05
N SER C 316 -16.81 15.76 -30.99
CA SER C 316 -17.24 15.22 -29.70
C SER C 316 -17.75 13.81 -29.90
N ASN C 317 -18.12 13.17 -28.81
CA ASN C 317 -18.81 11.91 -28.86
C ASN C 317 -20.26 12.12 -28.47
N PHE C 318 -21.03 11.06 -28.60
CA PHE C 318 -22.45 11.10 -28.34
C PHE C 318 -22.85 9.74 -27.80
N ARG C 319 -23.83 9.74 -26.90
CA ARG C 319 -24.32 8.48 -26.35
C ARG C 319 -25.68 8.68 -25.74
N VAL C 320 -26.50 7.64 -25.81
CA VAL C 320 -27.83 7.68 -25.21
C VAL C 320 -27.73 7.36 -23.74
N GLN C 321 -28.54 8.05 -22.93
CA GLN C 321 -28.56 7.96 -21.48
C GLN C 321 -29.65 7.03 -21.00
N PRO C 322 -29.42 6.32 -19.91
CA PRO C 322 -30.44 5.40 -19.39
C PRO C 322 -31.69 6.13 -18.92
N THR C 323 -32.85 5.67 -19.41
CA THR C 323 -34.10 6.31 -19.05
C THR C 323 -34.43 6.13 -17.58
N GLU C 324 -34.33 4.90 -17.08
CA GLU C 324 -34.73 4.59 -15.72
C GLU C 324 -33.85 3.47 -15.19
N SER C 325 -34.28 2.85 -14.10
CA SER C 325 -33.58 1.72 -13.49
C SER C 325 -34.59 0.63 -13.20
N ILE C 326 -34.17 -0.63 -13.32
CA ILE C 326 -35.02 -1.76 -13.00
C ILE C 326 -34.23 -2.74 -12.15
N VAL C 327 -34.95 -3.57 -11.42
CA VAL C 327 -34.37 -4.56 -10.52
C VAL C 327 -35.18 -5.83 -10.63
N ARG C 328 -34.50 -6.97 -10.72
CA ARG C 328 -35.18 -8.25 -10.74
C ARG C 328 -34.58 -9.16 -9.67
N PHE C 329 -35.42 -10.03 -9.14
CA PHE C 329 -35.05 -10.88 -8.02
C PHE C 329 -36.03 -12.04 -7.97
N PRO C 330 -35.66 -13.10 -7.27
CA PRO C 330 -36.52 -14.28 -7.15
C PRO C 330 -37.71 -13.99 -6.25
N ASN C 331 -38.84 -14.64 -6.51
CA ASN C 331 -40.05 -14.44 -5.71
C ASN C 331 -39.81 -14.75 -4.23
N ILE C 332 -40.10 -15.97 -3.83
CA ILE C 332 -39.93 -16.39 -2.44
C ILE C 332 -39.79 -17.91 -2.33
N THR C 333 -40.73 -18.62 -2.94
CA THR C 333 -40.71 -20.08 -2.91
C THR C 333 -40.91 -20.60 -1.50
N ASN C 334 -40.83 -19.71 -0.52
CA ASN C 334 -41.00 -20.08 0.88
C ASN C 334 -41.48 -18.90 1.73
N LEU C 335 -42.78 -18.60 1.63
CA LEU C 335 -43.35 -17.50 2.39
C LEU C 335 -42.89 -17.53 3.85
N CYS C 336 -42.38 -18.68 4.29
CA CYS C 336 -41.88 -18.86 5.66
C CYS C 336 -43.02 -18.86 6.68
N PRO C 337 -42.80 -19.38 7.88
CA PRO C 337 -43.87 -19.40 8.89
C PRO C 337 -43.78 -18.26 9.90
N PHE C 338 -44.93 -17.72 10.32
CA PHE C 338 -44.92 -16.63 11.29
C PHE C 338 -46.32 -16.41 11.87
N GLY C 339 -47.29 -17.18 11.38
CA GLY C 339 -48.65 -17.06 11.85
C GLY C 339 -48.91 -17.88 13.11
N GLU C 340 -48.33 -19.07 13.15
CA GLU C 340 -48.50 -19.97 14.29
C GLU C 340 -48.32 -19.21 15.61
N VAL C 341 -47.38 -18.27 15.62
CA VAL C 341 -47.12 -17.48 16.81
C VAL C 341 -47.88 -16.16 16.78
N PHE C 342 -48.28 -15.72 15.59
CA PHE C 342 -49.01 -14.47 15.45
C PHE C 342 -50.44 -14.61 15.95
N ASN C 343 -51.35 -15.02 15.07
CA ASN C 343 -52.74 -15.19 15.43
C ASN C 343 -52.92 -16.07 16.66
N ALA C 344 -54.17 -16.23 17.09
CA ALA C 344 -54.47 -17.05 18.26
C ALA C 344 -53.71 -18.36 18.23
N THR C 345 -53.34 -18.86 19.40
CA THR C 345 -52.60 -20.11 19.52
C THR C 345 -52.30 -20.45 20.97
N ARG C 346 -52.05 -21.74 21.23
CA ARG C 346 -51.75 -22.18 22.58
C ARG C 346 -50.29 -21.94 22.93
N PHE C 347 -50.05 -21.10 23.93
CA PHE C 347 -48.70 -20.79 24.37
C PHE C 347 -48.31 -21.65 25.56
N ALA C 348 -47.11 -21.42 26.06
CA ALA C 348 -46.56 -22.24 27.11
C ALA C 348 -46.14 -21.42 28.33
N SER C 349 -45.70 -22.12 29.36
CA SER C 349 -45.25 -21.51 30.60
C SER C 349 -43.86 -20.94 30.41
N VAL C 350 -43.34 -20.28 31.45
CA VAL C 350 -42.14 -19.47 31.29
C VAL C 350 -40.88 -20.33 31.36
N TYR C 351 -40.89 -21.39 32.16
CA TYR C 351 -39.78 -22.32 32.16
C TYR C 351 -39.97 -23.37 31.08
N ALA C 352 -41.19 -23.47 30.55
CA ALA C 352 -41.47 -24.30 29.40
C ALA C 352 -41.40 -23.45 28.13
N TRP C 353 -40.52 -22.44 28.16
CA TRP C 353 -40.27 -21.59 27.02
C TRP C 353 -39.79 -22.39 25.82
N ASN C 354 -40.37 -22.10 24.67
CA ASN C 354 -40.17 -22.92 23.49
C ASN C 354 -38.86 -22.56 22.80
N ARG C 355 -38.70 -23.07 21.58
CA ARG C 355 -37.45 -22.93 20.83
C ARG C 355 -37.78 -23.29 19.39
N LYS C 356 -37.06 -22.71 18.43
CA LYS C 356 -37.32 -23.01 17.03
C LYS C 356 -36.12 -22.76 16.14
N ARG C 357 -35.65 -23.82 15.47
CA ARG C 357 -34.62 -23.72 14.46
C ARG C 357 -35.43 -23.27 13.22
N ILE C 358 -35.06 -22.14 12.64
CA ILE C 358 -35.75 -21.53 11.51
C ILE C 358 -34.91 -21.76 10.25
N SER C 359 -35.50 -22.40 9.26
CA SER C 359 -34.82 -22.69 8.00
C SER C 359 -35.09 -21.58 6.99
N ASN C 360 -34.41 -21.66 5.85
CA ASN C 360 -34.51 -20.67 4.79
C ASN C 360 -35.92 -20.17 4.65
N CYS C 361 -36.11 -18.99 4.06
CA CYS C 361 -37.46 -18.48 3.89
C CYS C 361 -37.46 -16.98 3.64
N VAL C 362 -38.62 -16.46 3.24
CA VAL C 362 -38.71 -15.04 2.96
C VAL C 362 -39.29 -14.33 4.18
N ALA C 363 -38.55 -13.34 4.67
CA ALA C 363 -38.99 -12.58 5.84
C ALA C 363 -40.11 -11.61 5.48
N ASP C 364 -40.67 -10.96 6.49
CA ASP C 364 -41.75 -10.01 6.29
C ASP C 364 -41.90 -9.07 7.48
N TYR C 365 -40.85 -9.00 8.31
CA TYR C 365 -40.86 -8.14 9.48
C TYR C 365 -41.39 -6.76 9.14
N SER C 366 -41.07 -6.28 7.95
CA SER C 366 -41.52 -4.97 7.50
C SER C 366 -43.00 -4.76 7.81
N VAL C 367 -43.71 -5.86 8.04
CA VAL C 367 -45.14 -5.80 8.34
C VAL C 367 -45.34 -5.78 9.84
N LEU C 368 -44.56 -6.57 10.56
CA LEU C 368 -44.60 -6.53 12.02
C LEU C 368 -44.01 -5.23 12.54
N TYR C 369 -43.08 -4.64 11.79
CA TYR C 369 -42.51 -3.37 12.21
C TYR C 369 -43.52 -2.25 12.08
N ASN C 370 -44.28 -2.27 10.98
CA ASN C 370 -45.32 -1.28 10.75
C ASN C 370 -46.62 -1.67 11.45
N SER C 371 -46.64 -2.84 12.11
CA SER C 371 -47.85 -3.28 12.80
C SER C 371 -48.10 -2.44 14.04
N ALA C 372 -47.19 -2.52 15.02
CA ALA C 372 -47.16 -1.71 16.24
C ALA C 372 -48.46 -1.81 17.04
N SER C 373 -49.07 -3.00 17.02
CA SER C 373 -50.31 -3.20 17.74
C SER C 373 -50.03 -3.98 19.01
N PHE C 374 -48.88 -3.70 19.63
CA PHE C 374 -48.43 -4.42 20.80
C PHE C 374 -47.98 -3.42 21.85
N SER C 375 -47.86 -3.92 23.08
CA SER C 375 -47.36 -3.07 24.16
C SER C 375 -45.84 -2.94 24.07
N THR C 376 -45.19 -3.83 23.34
CA THR C 376 -43.74 -3.94 23.42
C THR C 376 -43.18 -4.30 22.06
N PHE C 377 -42.21 -3.51 21.60
CA PHE C 377 -41.46 -3.84 20.39
C PHE C 377 -40.05 -3.30 20.60
N LYS C 378 -39.17 -4.10 21.21
CA LYS C 378 -37.85 -3.61 21.60
C LYS C 378 -36.76 -4.52 21.08
N CYS C 379 -35.94 -4.00 20.17
CA CYS C 379 -34.72 -4.67 19.76
C CYS C 379 -33.46 -3.94 20.21
N TYR C 380 -32.72 -4.65 21.03
CA TYR C 380 -31.41 -4.27 21.50
C TYR C 380 -30.43 -4.93 20.55
N GLY C 381 -29.90 -4.12 19.65
CA GLY C 381 -29.40 -4.57 18.38
C GLY C 381 -29.78 -3.47 17.41
N VAL C 382 -29.75 -3.74 16.12
CA VAL C 382 -29.91 -2.66 15.15
C VAL C 382 -31.40 -2.36 15.02
N SER C 383 -31.71 -1.23 14.39
CA SER C 383 -33.10 -0.86 14.15
C SER C 383 -33.76 -1.85 13.20
N PRO C 384 -35.07 -2.06 13.29
CA PRO C 384 -35.72 -2.99 12.35
C PRO C 384 -35.81 -2.46 10.95
N THR C 385 -35.62 -1.16 10.75
CA THR C 385 -35.39 -0.61 9.43
C THR C 385 -34.15 -1.21 8.78
N LYS C 386 -33.10 -1.42 9.58
CA LYS C 386 -31.91 -2.06 9.09
C LYS C 386 -31.98 -3.58 9.12
N LEU C 387 -33.16 -4.14 9.39
CA LEU C 387 -33.26 -5.57 9.60
C LEU C 387 -33.86 -6.31 8.41
N ASN C 388 -34.70 -5.66 7.61
CA ASN C 388 -35.46 -6.34 6.56
C ASN C 388 -34.68 -6.50 5.27
N ASP C 389 -33.37 -6.44 5.34
CA ASP C 389 -32.54 -6.35 4.14
C ASP C 389 -31.27 -7.17 4.34
N LEU C 390 -31.33 -8.14 5.24
CA LEU C 390 -30.14 -8.84 5.69
C LEU C 390 -30.26 -10.32 5.37
N CYS C 391 -29.23 -11.07 5.73
CA CYS C 391 -29.18 -12.52 5.54
C CYS C 391 -28.48 -13.17 6.75
N PHE C 392 -29.25 -13.86 7.59
CA PHE C 392 -28.68 -14.50 8.78
C PHE C 392 -28.50 -15.98 8.57
N THR C 393 -28.07 -16.68 9.60
CA THR C 393 -28.03 -18.14 9.55
C THR C 393 -29.27 -18.72 10.19
N ASN C 394 -29.56 -18.32 11.42
CA ASN C 394 -30.78 -18.77 12.07
C ASN C 394 -31.28 -17.66 12.98
N VAL C 395 -32.60 -17.64 13.18
CA VAL C 395 -33.24 -16.81 14.19
C VAL C 395 -33.98 -17.74 15.12
N TYR C 396 -33.97 -17.43 16.41
CA TYR C 396 -34.62 -18.30 17.36
C TYR C 396 -35.80 -17.63 18.03
N ALA C 397 -36.85 -18.41 18.23
CA ALA C 397 -38.13 -17.92 18.73
C ALA C 397 -38.50 -18.71 19.97
N ASP C 398 -38.51 -18.05 21.11
CA ASP C 398 -38.94 -18.64 22.36
C ASP C 398 -40.19 -17.91 22.83
N SER C 399 -41.16 -18.67 23.35
CA SER C 399 -42.47 -18.09 23.62
C SER C 399 -42.98 -18.53 24.99
N PHE C 400 -43.63 -17.60 25.68
CA PHE C 400 -44.22 -17.80 27.00
C PHE C 400 -45.12 -16.60 27.29
N VAL C 401 -45.85 -16.67 28.40
CA VAL C 401 -46.75 -15.61 28.83
C VAL C 401 -46.38 -15.20 30.25
N ILE C 402 -46.21 -13.90 30.47
CA ILE C 402 -45.95 -13.33 31.78
C ILE C 402 -46.98 -12.24 32.06
N ARG C 403 -46.88 -11.62 33.24
CA ARG C 403 -47.73 -10.50 33.58
C ARG C 403 -47.18 -9.21 33.01
N GLY C 404 -48.02 -8.17 33.02
CA GLY C 404 -47.61 -6.91 32.43
C GLY C 404 -46.69 -6.09 33.30
N ASP C 405 -46.76 -6.27 34.62
CA ASP C 405 -46.05 -5.41 35.56
C ASP C 405 -44.63 -5.89 35.80
N GLU C 406 -44.13 -6.73 34.90
CA GLU C 406 -42.83 -7.37 35.05
C GLU C 406 -42.06 -7.52 33.76
N VAL C 407 -42.52 -6.91 32.67
CA VAL C 407 -41.90 -7.11 31.36
C VAL C 407 -40.58 -6.35 31.28
N ARG C 408 -40.39 -5.37 32.14
CA ARG C 408 -39.16 -4.60 32.16
C ARG C 408 -38.05 -5.32 32.92
N GLN C 409 -38.35 -6.48 33.48
CA GLN C 409 -37.33 -7.45 33.89
C GLN C 409 -36.64 -8.11 32.72
N ILE C 410 -37.11 -7.87 31.50
CA ILE C 410 -36.55 -8.51 30.33
C ILE C 410 -35.76 -7.48 29.54
N ALA C 411 -34.46 -7.48 29.78
CA ALA C 411 -33.48 -6.69 29.06
C ALA C 411 -32.16 -7.40 29.27
N PRO C 412 -31.24 -7.38 28.30
CA PRO C 412 -30.01 -8.17 28.45
C PRO C 412 -29.10 -7.59 29.52
N GLY C 413 -29.15 -8.22 30.68
CA GLY C 413 -28.62 -7.65 31.89
C GLY C 413 -29.76 -7.05 32.68
N GLN C 414 -30.26 -7.80 33.66
CA GLN C 414 -31.41 -7.40 34.46
C GLN C 414 -31.36 -8.13 35.78
N THR C 415 -32.49 -8.09 36.50
CA THR C 415 -32.61 -8.84 37.73
C THR C 415 -34.04 -9.31 37.96
N GLY C 416 -34.29 -9.97 39.08
CA GLY C 416 -35.62 -10.45 39.38
C GLY C 416 -35.83 -11.89 38.94
N LYS C 417 -36.92 -12.48 39.45
CA LYS C 417 -37.11 -13.93 39.43
C LYS C 417 -37.36 -14.47 38.03
N ILE C 418 -37.57 -13.62 37.03
CA ILE C 418 -37.68 -14.10 35.67
C ILE C 418 -36.37 -13.84 34.93
N ALA C 419 -35.56 -12.93 35.44
CA ALA C 419 -34.20 -12.83 34.96
C ALA C 419 -33.26 -13.73 35.75
N ASP C 420 -33.40 -13.77 37.07
CA ASP C 420 -32.54 -14.63 37.88
C ASP C 420 -32.91 -16.09 37.70
N TYR C 421 -34.18 -16.41 37.90
CA TYR C 421 -34.68 -17.75 37.66
C TYR C 421 -35.50 -17.71 36.39
N ASN C 422 -35.99 -18.89 35.99
CA ASN C 422 -37.08 -19.09 35.02
C ASN C 422 -36.74 -18.75 33.57
N TYR C 423 -35.64 -18.02 33.35
CA TYR C 423 -35.19 -17.55 32.04
C TYR C 423 -33.89 -16.80 32.24
N LYS C 424 -33.10 -16.70 31.16
CA LYS C 424 -31.86 -15.94 31.24
C LYS C 424 -31.46 -15.45 29.87
N LEU C 425 -31.19 -14.16 29.78
CA LEU C 425 -30.62 -13.51 28.61
C LEU C 425 -29.09 -13.52 28.72
N PRO C 426 -28.37 -13.23 27.66
CA PRO C 426 -26.97 -12.82 27.82
C PRO C 426 -26.91 -11.34 28.13
N ASP C 427 -25.72 -10.77 28.14
CA ASP C 427 -25.63 -9.33 28.31
C ASP C 427 -25.55 -8.60 26.99
N ASP C 428 -24.81 -9.13 26.03
CA ASP C 428 -24.79 -8.62 24.68
C ASP C 428 -25.90 -9.27 23.87
N PHE C 429 -26.59 -8.47 23.07
CA PHE C 429 -27.83 -8.96 22.49
C PHE C 429 -28.00 -8.42 21.07
N THR C 430 -28.65 -9.23 20.25
CA THR C 430 -28.96 -8.88 18.86
C THR C 430 -30.46 -8.68 18.64
N GLY C 431 -31.26 -9.60 19.16
CA GLY C 431 -32.62 -9.76 18.71
C GLY C 431 -33.58 -8.72 19.22
N CYS C 432 -34.86 -9.02 19.03
CA CYS C 432 -35.92 -8.12 19.42
C CYS C 432 -36.92 -8.87 20.28
N VAL C 433 -37.62 -8.13 21.12
CA VAL C 433 -38.60 -8.70 22.01
C VAL C 433 -39.92 -7.98 21.78
N ILE C 434 -40.99 -8.76 21.69
CA ILE C 434 -42.32 -8.26 21.36
C ILE C 434 -43.28 -8.84 22.38
N ALA C 435 -44.10 -7.99 22.97
CA ALA C 435 -45.11 -8.49 23.90
C ALA C 435 -46.35 -7.64 23.77
N TRP C 436 -47.49 -8.24 24.09
CA TRP C 436 -48.78 -7.60 23.99
C TRP C 436 -49.70 -8.27 25.00
N ASN C 437 -50.67 -7.51 25.49
CA ASN C 437 -51.61 -8.07 26.44
C ASN C 437 -52.55 -9.04 25.75
N SER C 438 -52.86 -10.13 26.44
CA SER C 438 -53.91 -11.03 25.96
C SER C 438 -54.97 -11.28 27.03
N ASN C 439 -55.35 -10.27 27.79
CA ASN C 439 -56.29 -10.46 28.89
C ASN C 439 -57.70 -10.79 28.38
N ASN C 440 -58.03 -10.29 27.19
CA ASN C 440 -59.31 -10.58 26.56
C ASN C 440 -59.51 -12.06 26.31
N LEU C 441 -58.44 -12.79 26.01
CA LEU C 441 -58.57 -14.18 25.63
C LEU C 441 -57.98 -15.11 26.66
N ASP C 442 -56.88 -14.73 27.29
CA ASP C 442 -56.17 -15.64 28.16
C ASP C 442 -56.53 -15.48 29.63
N SER C 443 -57.18 -14.38 30.00
CA SER C 443 -57.80 -14.31 31.31
C SER C 443 -59.26 -14.70 31.21
N LYS C 444 -59.79 -15.26 32.29
CA LYS C 444 -61.18 -15.71 32.29
C LYS C 444 -61.73 -15.58 33.69
N VAL C 445 -63.05 -15.49 33.78
CA VAL C 445 -63.76 -15.51 35.05
C VAL C 445 -63.65 -16.91 35.62
N GLY C 446 -63.42 -17.01 36.92
CA GLY C 446 -63.03 -18.27 37.50
C GLY C 446 -61.52 -18.33 37.57
N GLY C 447 -60.86 -18.08 36.44
CA GLY C 447 -59.44 -17.82 36.44
C GLY C 447 -58.65 -18.86 35.68
N ASN C 448 -57.44 -18.46 35.33
CA ASN C 448 -56.52 -19.31 34.59
C ASN C 448 -55.28 -19.48 35.45
N TYR C 449 -55.17 -20.66 36.06
CA TYR C 449 -54.04 -20.99 36.92
C TYR C 449 -53.21 -22.10 36.32
N ASN C 450 -53.34 -22.28 35.00
CA ASN C 450 -52.62 -23.28 34.26
C ASN C 450 -51.25 -22.77 33.82
N TYR C 451 -50.93 -21.53 34.13
CA TYR C 451 -49.67 -20.90 33.73
C TYR C 451 -48.87 -20.69 35.01
N LEU C 452 -47.68 -21.27 35.05
CA LEU C 452 -46.91 -21.39 36.27
C LEU C 452 -45.52 -20.81 36.11
N TYR C 453 -44.81 -20.72 37.23
CA TYR C 453 -43.42 -20.30 37.21
C TYR C 453 -42.69 -20.89 38.40
N ARG C 454 -41.42 -21.24 38.18
CA ARG C 454 -40.53 -21.66 39.24
C ARG C 454 -40.15 -20.45 40.06
N LEU C 455 -40.03 -20.62 41.37
CA LEU C 455 -39.64 -19.53 42.25
C LEU C 455 -38.49 -19.93 43.17
N PHE C 456 -37.88 -21.09 42.94
CA PHE C 456 -36.79 -21.53 43.79
C PHE C 456 -35.72 -22.19 42.94
N ARG C 457 -34.47 -21.83 43.22
CA ARG C 457 -33.29 -22.50 42.68
C ARG C 457 -32.10 -22.17 43.55
N LYS C 458 -31.10 -23.06 43.57
CA LYS C 458 -29.90 -22.82 44.35
C LYS C 458 -29.08 -21.68 43.77
N SER C 459 -29.11 -21.52 42.46
CA SER C 459 -28.26 -20.54 41.80
C SER C 459 -29.03 -19.90 40.65
N ASN C 460 -28.38 -18.96 40.00
CA ASN C 460 -28.95 -18.29 38.83
C ASN C 460 -28.77 -19.14 37.58
N LEU C 461 -29.00 -18.55 36.42
CA LEU C 461 -28.97 -19.30 35.17
C LEU C 461 -27.91 -18.72 34.25
N LYS C 462 -27.40 -19.59 33.41
CA LYS C 462 -26.68 -19.21 32.21
C LYS C 462 -27.69 -18.88 31.13
N PRO C 463 -27.32 -18.05 30.14
CA PRO C 463 -28.28 -17.59 29.12
C PRO C 463 -29.01 -18.71 28.40
N PHE C 464 -30.35 -18.65 28.47
CA PHE C 464 -31.27 -19.62 27.89
C PHE C 464 -31.05 -21.02 28.43
N GLU C 465 -30.73 -21.12 29.72
CA GLU C 465 -30.79 -22.40 30.39
C GLU C 465 -32.25 -22.79 30.60
N ARG C 466 -32.48 -24.08 30.81
CA ARG C 466 -33.83 -24.62 30.87
C ARG C 466 -33.90 -25.73 31.90
N ASP C 467 -34.93 -25.67 32.74
CA ASP C 467 -35.19 -26.76 33.67
C ASP C 467 -36.67 -27.04 33.73
N ILE C 468 -37.01 -28.31 33.57
CA ILE C 468 -38.40 -28.75 33.61
C ILE C 468 -38.55 -29.65 34.81
N SER C 469 -37.43 -30.15 35.32
CA SER C 469 -37.45 -31.07 36.45
C SER C 469 -37.87 -30.35 37.71
N THR C 470 -39.00 -30.78 38.27
CA THR C 470 -39.53 -30.20 39.48
C THR C 470 -39.34 -31.17 40.64
N GLU C 471 -38.63 -30.71 41.66
CA GLU C 471 -38.36 -31.52 42.84
C GLU C 471 -38.57 -30.69 44.08
N ILE C 472 -38.88 -31.35 45.20
CA ILE C 472 -39.25 -30.67 46.43
C ILE C 472 -38.03 -29.96 47.02
N TYR C 473 -38.05 -28.63 46.93
CA TYR C 473 -36.84 -27.84 47.08
C TYR C 473 -36.45 -27.69 48.54
N GLN C 474 -35.37 -28.38 48.92
CA GLN C 474 -34.98 -28.54 50.31
C GLN C 474 -34.20 -27.33 50.81
N ALA C 475 -34.71 -26.74 51.90
CA ALA C 475 -33.94 -25.83 52.73
C ALA C 475 -33.82 -26.33 54.15
N GLY C 476 -34.01 -27.63 54.36
CA GLY C 476 -34.04 -28.18 55.70
C GLY C 476 -32.70 -28.63 56.24
N SER C 477 -31.79 -28.98 55.34
CA SER C 477 -30.48 -29.64 55.54
C SER C 477 -30.64 -31.09 56.01
N THR C 478 -31.85 -31.54 56.13
CA THR C 478 -32.14 -32.94 56.41
C THR C 478 -32.96 -33.51 55.28
N PRO C 479 -32.70 -34.75 54.87
CA PRO C 479 -33.44 -35.33 53.75
C PRO C 479 -34.89 -35.61 54.11
N CYS C 480 -35.82 -35.24 53.23
CA CYS C 480 -37.23 -35.42 53.53
C CYS C 480 -37.92 -36.40 52.60
N ASN C 481 -37.31 -37.57 52.36
CA ASN C 481 -37.97 -38.76 51.80
C ASN C 481 -38.49 -38.56 50.38
N GLY C 482 -38.12 -37.45 49.75
CA GLY C 482 -38.84 -37.00 48.57
C GLY C 482 -40.28 -36.64 48.86
N VAL C 483 -40.59 -36.28 50.11
CA VAL C 483 -41.94 -35.91 50.48
C VAL C 483 -41.91 -34.47 50.99
N GLU C 484 -43.07 -33.84 51.05
CA GLU C 484 -43.14 -32.42 51.38
C GLU C 484 -43.07 -32.16 52.87
N GLY C 485 -43.40 -30.95 53.29
CA GLY C 485 -43.45 -30.58 54.69
C GLY C 485 -42.60 -29.35 54.98
N PHE C 486 -42.02 -29.34 56.18
CA PHE C 486 -41.22 -28.20 56.60
C PHE C 486 -39.90 -28.14 55.85
N ASN C 487 -39.61 -26.97 55.30
CA ASN C 487 -38.29 -26.58 54.79
C ASN C 487 -37.82 -27.47 53.63
N CYS C 488 -38.82 -28.00 52.94
CA CYS C 488 -38.71 -28.79 51.71
C CYS C 488 -40.00 -28.33 51.04
N TYR C 489 -39.93 -27.50 50.00
CA TYR C 489 -41.17 -27.00 49.42
C TYR C 489 -41.21 -27.27 47.93
N PHE C 490 -42.41 -27.15 47.36
CA PHE C 490 -42.54 -27.23 45.93
C PHE C 490 -41.96 -25.98 45.28
N PRO C 491 -41.11 -26.14 44.27
CA PRO C 491 -40.37 -25.00 43.70
C PRO C 491 -41.14 -24.19 42.69
N LEU C 492 -42.40 -24.52 42.40
CA LEU C 492 -43.16 -23.88 41.35
C LEU C 492 -44.27 -23.04 41.94
N GLN C 493 -44.72 -22.05 41.18
CA GLN C 493 -45.79 -21.17 41.59
C GLN C 493 -46.68 -20.86 40.40
N SER C 494 -47.99 -20.94 40.62
CA SER C 494 -48.97 -20.72 39.58
C SER C 494 -49.39 -19.26 39.56
N TYR C 495 -49.81 -18.80 38.40
CA TYR C 495 -50.33 -17.44 38.30
C TYR C 495 -51.80 -17.41 38.63
N GLY C 496 -52.18 -16.49 39.52
CA GLY C 496 -53.58 -16.29 39.82
C GLY C 496 -54.19 -15.18 38.98
N PHE C 497 -54.89 -15.57 37.92
CA PHE C 497 -55.44 -14.58 36.99
C PHE C 497 -56.95 -14.48 37.15
N GLN C 498 -57.48 -13.32 36.81
CA GLN C 498 -58.89 -12.99 36.86
C GLN C 498 -59.10 -11.77 35.97
N PRO C 499 -60.29 -11.61 35.38
CA PRO C 499 -60.48 -10.47 34.47
C PRO C 499 -60.56 -9.13 35.19
N THR C 500 -60.86 -9.11 36.47
CA THR C 500 -60.92 -7.89 37.24
C THR C 500 -59.58 -7.54 37.88
N ASN C 501 -58.49 -8.11 37.39
CA ASN C 501 -57.18 -7.79 37.93
C ASN C 501 -56.74 -6.41 37.48
N GLY C 502 -55.89 -5.79 38.28
CA GLY C 502 -55.38 -4.47 37.96
C GLY C 502 -54.39 -4.48 36.81
N VAL C 503 -54.02 -3.29 36.34
CA VAL C 503 -53.14 -3.18 35.18
C VAL C 503 -51.75 -3.68 35.52
N GLY C 504 -51.17 -4.45 34.61
CA GLY C 504 -49.96 -5.19 34.90
C GLY C 504 -50.20 -6.61 35.34
N TYR C 505 -51.35 -6.89 35.95
CA TYR C 505 -51.73 -8.26 36.30
C TYR C 505 -52.60 -8.86 35.20
N GLN C 506 -52.08 -8.77 33.98
CA GLN C 506 -52.78 -9.26 32.80
C GLN C 506 -51.85 -10.22 32.08
N PRO C 507 -52.38 -11.21 31.39
CA PRO C 507 -51.50 -12.09 30.62
C PRO C 507 -50.92 -11.39 29.40
N TYR C 508 -49.59 -11.35 29.35
CA TYR C 508 -48.87 -10.72 28.27
C TYR C 508 -48.08 -11.77 27.53
N ARG C 509 -48.46 -12.02 26.28
CA ARG C 509 -47.83 -13.05 25.49
C ARG C 509 -46.51 -12.55 24.94
N VAL C 510 -45.43 -13.29 25.23
CA VAL C 510 -44.07 -12.83 24.97
C VAL C 510 -43.46 -13.67 23.87
N VAL C 511 -42.68 -13.00 22.99
CA VAL C 511 -41.86 -13.66 21.99
C VAL C 511 -40.54 -12.90 21.91
N VAL C 512 -39.45 -13.64 21.79
CA VAL C 512 -38.11 -13.07 21.74
C VAL C 512 -37.44 -13.55 20.46
N LEU C 513 -36.49 -12.77 19.96
CA LEU C 513 -35.72 -13.16 18.79
C LEU C 513 -34.26 -13.32 19.16
N SER C 514 -33.60 -14.31 18.57
CA SER C 514 -32.21 -14.63 18.86
C SER C 514 -31.56 -15.12 17.58
N PHE C 515 -30.55 -14.41 17.13
CA PHE C 515 -30.09 -14.54 15.75
C PHE C 515 -28.79 -15.33 15.68
N GLU C 516 -28.50 -15.87 14.50
CA GLU C 516 -27.28 -16.65 14.30
C GLU C 516 -26.42 -16.05 13.19
N LEU C 517 -25.18 -15.73 13.54
CA LEU C 517 -24.24 -15.14 12.57
C LEU C 517 -22.83 -15.63 12.81
N LEU C 518 -22.66 -16.94 12.93
CA LEU C 518 -21.35 -17.52 13.17
C LEU C 518 -20.63 -17.81 11.86
N HIS C 519 -20.77 -19.03 11.36
CA HIS C 519 -20.13 -19.44 10.12
C HIS C 519 -21.16 -19.61 9.00
N ALA C 520 -20.70 -20.07 7.84
CA ALA C 520 -21.57 -20.28 6.70
C ALA C 520 -22.13 -18.95 6.18
N PRO C 521 -22.27 -18.86 4.86
CA PRO C 521 -22.78 -17.64 4.22
C PRO C 521 -24.10 -17.90 3.49
N ALA C 522 -24.60 -19.13 3.58
CA ALA C 522 -25.85 -19.50 2.93
C ALA C 522 -27.05 -18.93 3.68
N THR C 523 -27.41 -17.69 3.36
CA THR C 523 -28.55 -17.03 4.00
C THR C 523 -29.74 -16.96 3.05
N VAL C 524 -30.93 -17.10 3.61
CA VAL C 524 -32.16 -17.04 2.83
C VAL C 524 -32.65 -15.61 2.65
N CYS C 525 -32.06 -14.69 3.41
CA CYS C 525 -32.43 -13.28 3.34
C CYS C 525 -33.92 -13.09 3.63
N GLY C 526 -34.37 -11.84 3.58
CA GLY C 526 -35.76 -11.53 3.82
C GLY C 526 -36.53 -11.22 2.55
N PRO C 527 -37.10 -10.03 2.44
CA PRO C 527 -37.85 -9.65 1.25
C PRO C 527 -37.03 -8.85 0.24
N LYS C 528 -37.29 -9.05 -1.05
CA LYS C 528 -36.56 -8.33 -2.09
C LYS C 528 -37.31 -7.07 -2.51
N LYS C 529 -37.82 -7.08 -3.73
CA LYS C 529 -38.57 -5.94 -4.27
C LYS C 529 -38.34 -5.80 -5.77
N SER C 530 -39.08 -6.59 -6.55
CA SER C 530 -38.96 -6.56 -8.00
C SER C 530 -39.39 -5.20 -8.54
N THR C 531 -39.81 -5.18 -9.80
CA THR C 531 -40.25 -3.93 -10.43
C THR C 531 -40.56 -4.12 -11.91
N ASN C 532 -41.34 -5.15 -12.21
CA ASN C 532 -41.72 -5.45 -13.59
C ASN C 532 -40.50 -5.38 -14.51
N LEU C 533 -40.71 -4.93 -15.74
CA LEU C 533 -39.60 -4.83 -16.69
C LEU C 533 -40.01 -4.14 -17.98
N VAL C 534 -39.31 -3.05 -18.30
CA VAL C 534 -39.58 -2.30 -19.52
C VAL C 534 -39.20 -3.16 -20.73
N LYS C 535 -38.71 -2.51 -21.79
CA LYS C 535 -38.32 -3.24 -22.98
C LYS C 535 -38.03 -2.28 -24.13
N ASN C 536 -36.83 -2.39 -24.70
CA ASN C 536 -36.42 -1.54 -25.82
C ASN C 536 -35.96 -0.14 -25.41
N LYS C 537 -35.49 0.02 -24.18
CA LYS C 537 -35.03 1.33 -23.74
C LYS C 537 -33.70 1.16 -23.02
N CYS C 538 -32.81 2.14 -23.17
CA CYS C 538 -31.58 2.13 -22.40
C CYS C 538 -31.94 2.33 -20.94
N VAL C 539 -31.64 1.33 -20.12
CA VAL C 539 -31.96 1.32 -18.71
C VAL C 539 -30.69 0.96 -17.94
N ASN C 540 -30.77 1.08 -16.62
CA ASN C 540 -29.78 0.52 -15.71
C ASN C 540 -30.42 -0.73 -15.13
N PHE C 541 -29.96 -1.90 -15.55
CA PHE C 541 -30.59 -3.11 -15.03
C PHE C 541 -29.79 -3.67 -13.87
N ASN C 542 -30.42 -4.59 -13.16
CA ASN C 542 -29.75 -5.35 -12.11
C ASN C 542 -30.54 -6.65 -11.94
N PHE C 543 -29.92 -7.75 -12.31
CA PHE C 543 -30.50 -9.08 -12.14
C PHE C 543 -29.62 -9.82 -11.15
N ASN C 544 -30.07 -9.92 -9.90
CA ASN C 544 -29.49 -10.73 -8.85
C ASN C 544 -28.12 -10.25 -8.42
N GLY C 545 -27.54 -9.26 -9.08
CA GLY C 545 -26.17 -8.88 -8.79
C GLY C 545 -25.41 -8.60 -10.07
N LEU C 546 -25.89 -9.20 -11.15
CA LEU C 546 -25.49 -8.79 -12.49
C LEU C 546 -25.92 -7.36 -12.71
N THR C 547 -24.96 -6.45 -12.81
CA THR C 547 -25.22 -5.02 -12.90
C THR C 547 -24.65 -4.47 -14.20
N GLY C 548 -25.48 -3.77 -14.94
CA GLY C 548 -25.02 -3.10 -16.14
C GLY C 548 -26.06 -2.15 -16.65
N THR C 549 -25.83 -1.65 -17.86
CA THR C 549 -26.76 -0.72 -18.47
C THR C 549 -26.84 -1.02 -19.96
N GLY C 550 -28.02 -0.82 -20.52
CA GLY C 550 -28.23 -1.13 -21.92
C GLY C 550 -29.70 -1.33 -22.21
N VAL C 551 -29.99 -1.87 -23.39
CA VAL C 551 -31.36 -2.10 -23.80
C VAL C 551 -31.61 -3.60 -23.93
N LEU C 552 -32.73 -4.04 -23.34
CA LEU C 552 -33.08 -5.44 -23.20
C LEU C 552 -34.17 -5.78 -24.20
N THR C 553 -33.94 -6.82 -24.98
CA THR C 553 -34.96 -7.31 -25.91
C THR C 553 -35.19 -8.79 -25.63
N GLU C 554 -36.23 -9.34 -26.24
CA GLU C 554 -36.46 -10.77 -26.14
C GLU C 554 -35.71 -11.52 -27.22
N SER C 555 -35.35 -12.77 -26.92
CA SER C 555 -34.31 -13.47 -27.68
C SER C 555 -34.75 -14.79 -28.28
N ASN C 556 -33.84 -15.48 -28.96
CA ASN C 556 -34.10 -16.80 -29.51
C ASN C 556 -33.03 -17.79 -29.03
N LYS C 557 -32.51 -17.55 -27.84
CA LYS C 557 -31.58 -18.49 -27.25
C LYS C 557 -32.33 -19.48 -26.39
N LYS C 558 -31.64 -20.54 -26.01
CA LYS C 558 -32.19 -21.54 -25.09
C LYS C 558 -31.09 -21.96 -24.14
N PHE C 559 -31.17 -21.49 -22.90
CA PHE C 559 -30.16 -21.83 -21.91
C PHE C 559 -30.32 -23.29 -21.50
N LEU C 560 -29.56 -23.70 -20.49
CA LEU C 560 -29.83 -24.96 -19.81
C LEU C 560 -30.42 -24.64 -18.46
N PRO C 561 -31.38 -25.44 -18.00
CA PRO C 561 -32.17 -25.07 -16.81
C PRO C 561 -31.38 -24.50 -15.66
N PHE C 562 -30.12 -24.89 -15.50
CA PHE C 562 -29.31 -24.36 -14.41
C PHE C 562 -28.53 -23.12 -14.80
N GLN C 563 -28.52 -22.73 -16.08
CA GLN C 563 -27.73 -21.60 -16.53
C GLN C 563 -28.50 -20.30 -16.36
N GLN C 564 -27.81 -19.29 -15.82
CA GLN C 564 -28.47 -18.07 -15.38
C GLN C 564 -28.17 -16.85 -16.24
N PHE C 565 -27.09 -16.85 -16.99
CA PHE C 565 -26.82 -15.78 -17.92
C PHE C 565 -25.77 -16.23 -18.93
N GLY C 566 -25.74 -15.57 -20.08
CA GLY C 566 -24.83 -15.92 -21.15
C GLY C 566 -23.79 -14.83 -21.35
N ARG C 567 -22.68 -15.24 -21.94
CA ARG C 567 -21.65 -14.29 -22.33
C ARG C 567 -20.95 -14.83 -23.56
N ASP C 568 -20.38 -13.92 -24.34
CA ASP C 568 -19.79 -14.23 -25.63
C ASP C 568 -18.28 -14.26 -25.54
N ILE C 569 -17.64 -14.37 -26.70
CA ILE C 569 -16.19 -14.23 -26.80
C ILE C 569 -15.84 -12.83 -26.30
N ALA C 570 -14.64 -12.68 -25.74
CA ALA C 570 -14.20 -11.47 -25.05
C ALA C 570 -14.89 -11.32 -23.69
N ASP C 571 -15.76 -12.28 -23.36
CA ASP C 571 -16.40 -12.37 -22.06
C ASP C 571 -17.12 -11.07 -21.68
N THR C 572 -18.10 -10.67 -22.49
CA THR C 572 -19.05 -9.64 -22.12
C THR C 572 -20.41 -10.30 -22.00
N THR C 573 -21.23 -9.83 -21.06
CA THR C 573 -22.56 -10.40 -20.89
C THR C 573 -23.46 -9.92 -22.01
N ASP C 574 -24.05 -10.86 -22.75
CA ASP C 574 -24.90 -10.47 -23.87
C ASP C 574 -26.28 -11.11 -23.77
N ALA C 575 -26.56 -11.83 -22.69
CA ALA C 575 -27.87 -12.35 -22.41
C ALA C 575 -28.04 -12.49 -20.91
N VAL C 576 -29.28 -12.73 -20.47
CA VAL C 576 -29.55 -12.90 -19.06
C VAL C 576 -30.85 -13.66 -18.93
N ARG C 577 -31.07 -14.26 -17.77
CA ARG C 577 -32.34 -14.87 -17.42
C ARG C 577 -32.97 -14.08 -16.29
N ASP C 578 -34.24 -13.77 -16.42
CA ASP C 578 -34.71 -13.02 -15.27
C ASP C 578 -35.37 -13.95 -14.27
N PRO C 579 -35.16 -13.73 -12.99
CA PRO C 579 -35.45 -14.76 -11.99
C PRO C 579 -36.92 -14.92 -11.61
N GLN C 580 -37.85 -14.35 -12.36
CA GLN C 580 -39.27 -14.53 -12.08
C GLN C 580 -40.07 -15.03 -13.25
N THR C 581 -39.80 -14.59 -14.47
CA THR C 581 -40.50 -15.11 -15.63
C THR C 581 -39.90 -16.40 -16.14
N LEU C 582 -38.60 -16.60 -15.90
CA LEU C 582 -37.80 -17.68 -16.48
C LEU C 582 -37.72 -17.52 -17.97
N GLU C 583 -37.49 -16.30 -18.42
CA GLU C 583 -37.30 -15.98 -19.82
C GLU C 583 -35.93 -15.35 -20.00
N ILE C 584 -35.28 -15.66 -21.11
CA ILE C 584 -33.96 -15.11 -21.38
C ILE C 584 -34.08 -13.91 -22.30
N LEU C 585 -33.26 -12.90 -22.03
CA LEU C 585 -33.32 -11.61 -22.68
C LEU C 585 -31.96 -11.25 -23.24
N ASP C 586 -31.96 -10.73 -24.46
CA ASP C 586 -30.77 -10.18 -25.08
C ASP C 586 -30.44 -8.82 -24.50
N ILE C 587 -29.16 -8.55 -24.38
CA ILE C 587 -28.65 -7.28 -23.88
C ILE C 587 -27.87 -6.63 -25.01
N THR C 588 -28.18 -5.38 -25.31
CA THR C 588 -27.48 -4.65 -26.37
C THR C 588 -27.02 -3.31 -25.83
N PRO C 589 -25.69 -2.98 -26.05
CA PRO C 589 -25.30 -1.67 -25.51
C PRO C 589 -26.14 -0.54 -26.10
N CYS C 590 -26.33 0.52 -25.30
CA CYS C 590 -27.10 1.68 -25.73
C CYS C 590 -26.29 2.56 -26.68
N SER C 591 -26.79 2.68 -27.91
CA SER C 591 -26.15 3.50 -28.95
C SER C 591 -25.20 4.60 -28.51
N PHE C 592 -24.08 4.70 -29.22
CA PHE C 592 -23.06 5.70 -28.97
C PHE C 592 -22.32 5.92 -30.28
N GLY C 593 -21.45 6.92 -30.34
CA GLY C 593 -20.73 7.18 -31.57
C GLY C 593 -19.99 8.47 -31.49
N GLY C 594 -19.40 8.85 -32.61
CA GLY C 594 -18.73 10.12 -32.73
C GLY C 594 -19.59 11.10 -33.51
N VAL C 595 -19.21 12.36 -33.41
CA VAL C 595 -19.90 13.44 -34.10
C VAL C 595 -18.86 14.19 -34.91
N SER C 596 -19.10 14.32 -36.21
CA SER C 596 -18.20 15.09 -37.05
C SER C 596 -18.97 16.23 -37.70
N VAL C 597 -18.33 17.37 -37.86
CA VAL C 597 -18.96 18.49 -38.53
C VAL C 597 -18.26 18.71 -39.87
N ILE C 598 -19.07 18.89 -40.90
CA ILE C 598 -18.62 19.11 -42.26
C ILE C 598 -18.73 20.60 -42.52
N THR C 599 -17.61 21.25 -42.78
CA THR C 599 -17.49 22.67 -42.97
C THR C 599 -17.03 22.98 -44.38
N PRO C 600 -17.69 23.88 -45.09
CA PRO C 600 -17.18 24.27 -46.41
C PRO C 600 -16.06 25.28 -46.32
N GLY C 601 -15.49 25.45 -45.14
CA GLY C 601 -14.49 26.47 -44.89
C GLY C 601 -15.13 27.71 -44.33
N THR C 602 -14.62 28.21 -43.20
CA THR C 602 -15.21 29.39 -42.58
C THR C 602 -14.97 30.65 -43.41
N ASN C 603 -14.00 30.62 -44.32
CA ASN C 603 -13.71 31.71 -45.24
C ASN C 603 -14.65 31.72 -46.43
N THR C 604 -15.67 30.87 -46.42
CA THR C 604 -16.60 30.78 -47.54
C THR C 604 -18.03 30.87 -47.04
N SER C 605 -18.27 30.40 -45.82
CA SER C 605 -19.62 30.34 -45.28
C SER C 605 -19.54 30.07 -43.79
N ASN C 606 -20.70 30.02 -43.16
CA ASN C 606 -20.83 29.61 -41.76
C ASN C 606 -21.74 28.39 -41.64
N GLN C 607 -22.24 27.87 -42.75
CA GLN C 607 -23.07 26.68 -42.74
C GLN C 607 -22.24 25.45 -42.42
N VAL C 608 -22.87 24.48 -41.76
CA VAL C 608 -22.22 23.22 -41.43
C VAL C 608 -23.23 22.11 -41.61
N ALA C 609 -22.73 20.88 -41.80
CA ALA C 609 -23.53 19.68 -41.68
C ALA C 609 -22.93 18.81 -40.59
N VAL C 610 -23.72 17.87 -40.09
CA VAL C 610 -23.26 17.05 -38.96
C VAL C 610 -23.50 15.58 -39.29
N LEU C 611 -22.49 14.76 -39.04
CA LEU C 611 -22.59 13.31 -39.18
C LEU C 611 -22.51 12.68 -37.81
N TYR C 612 -23.46 11.81 -37.53
CA TYR C 612 -23.51 10.98 -36.33
C TYR C 612 -23.08 9.59 -36.75
N GLN C 613 -21.91 9.17 -36.34
CA GLN C 613 -21.27 8.01 -36.94
C GLN C 613 -21.92 6.71 -36.50
N ASP C 614 -22.22 5.86 -37.47
CA ASP C 614 -22.90 4.58 -37.32
C ASP C 614 -24.04 4.61 -36.30
N VAL C 615 -24.91 5.60 -36.47
CA VAL C 615 -26.12 5.71 -35.67
C VAL C 615 -27.30 5.79 -36.62
N ASN C 616 -28.35 5.03 -36.32
CA ASN C 616 -29.58 5.16 -37.06
C ASN C 616 -30.20 6.53 -36.83
N CYS C 617 -30.90 7.05 -37.83
CA CYS C 617 -31.36 8.42 -37.80
C CYS C 617 -32.45 8.66 -36.76
N THR C 618 -33.16 7.62 -36.35
CA THR C 618 -34.26 7.79 -35.40
C THR C 618 -33.79 8.27 -34.03
N GLU C 619 -32.57 7.92 -33.65
CA GLU C 619 -32.10 8.14 -32.28
C GLU C 619 -31.39 9.46 -32.08
N VAL C 620 -31.60 10.44 -32.94
CA VAL C 620 -31.02 11.75 -32.74
C VAL C 620 -32.14 12.78 -32.66
N ASN C 641 -32.69 17.16 -45.97
CA ASN C 641 -32.62 17.39 -44.54
C ASN C 641 -31.83 16.31 -43.81
N VAL C 642 -32.47 15.16 -43.59
CA VAL C 642 -31.92 14.06 -42.81
C VAL C 642 -31.73 12.88 -43.73
N PHE C 643 -30.51 12.34 -43.78
CA PHE C 643 -30.14 11.38 -44.80
C PHE C 643 -29.35 10.25 -44.18
N GLN C 644 -29.67 9.02 -44.51
CA GLN C 644 -29.02 7.88 -43.90
C GLN C 644 -27.98 7.30 -44.85
N THR C 645 -26.72 7.37 -44.47
CA THR C 645 -25.63 6.75 -45.19
C THR C 645 -25.26 5.45 -44.49
N ARG C 646 -24.20 4.81 -44.98
CA ARG C 646 -23.60 3.69 -44.30
C ARG C 646 -22.54 4.12 -43.31
N ALA C 647 -22.10 5.38 -43.40
CA ALA C 647 -21.19 5.98 -42.43
C ALA C 647 -21.91 6.51 -41.20
N GLY C 648 -23.24 6.56 -41.22
CA GLY C 648 -24.00 7.14 -40.13
C GLY C 648 -25.15 7.99 -40.60
N CYS C 649 -25.69 8.84 -39.73
CA CYS C 649 -26.83 9.68 -40.05
C CYS C 649 -26.31 11.10 -40.29
N LEU C 650 -26.73 11.70 -41.38
CA LEU C 650 -26.19 12.99 -41.81
C LEU C 650 -27.31 14.02 -41.82
N ILE C 651 -27.12 15.13 -41.11
CA ILE C 651 -28.12 16.16 -40.94
C ILE C 651 -27.58 17.49 -41.45
N GLY C 652 -28.37 18.16 -42.26
CA GLY C 652 -28.00 19.47 -42.78
C GLY C 652 -27.41 19.49 -44.17
N ALA C 653 -27.55 18.41 -44.93
CA ALA C 653 -27.03 18.32 -46.29
C ALA C 653 -28.09 17.68 -47.16
N GLU C 654 -28.24 18.20 -48.37
CA GLU C 654 -29.21 17.70 -49.33
C GLU C 654 -28.58 16.60 -50.17
N HIS C 655 -29.34 15.54 -50.43
CA HIS C 655 -28.86 14.43 -51.24
C HIS C 655 -29.26 14.65 -52.69
N VAL C 656 -28.31 15.11 -53.51
CA VAL C 656 -28.51 15.26 -54.94
C VAL C 656 -28.29 13.93 -55.64
N ASN C 657 -28.60 13.88 -56.93
CA ASN C 657 -28.51 12.66 -57.72
C ASN C 657 -27.34 12.63 -58.69
N ASN C 658 -26.62 13.73 -58.88
CA ASN C 658 -25.50 13.73 -59.78
C ASN C 658 -24.22 13.33 -59.06
N SER C 659 -23.21 12.97 -59.84
CA SER C 659 -21.95 12.50 -59.29
C SER C 659 -20.84 13.43 -59.70
N TYR C 660 -20.16 14.01 -58.74
CA TYR C 660 -18.99 14.83 -58.99
C TYR C 660 -17.76 14.13 -58.47
N GLU C 661 -16.61 14.76 -58.70
CA GLU C 661 -15.39 14.35 -58.03
C GLU C 661 -15.55 14.53 -56.53
N CYS C 662 -14.80 13.75 -55.76
CA CYS C 662 -14.95 13.85 -54.31
C CYS C 662 -14.35 15.15 -53.81
N ASP C 663 -15.04 15.80 -52.88
CA ASP C 663 -14.58 17.07 -52.33
C ASP C 663 -14.26 16.94 -50.84
N ILE C 664 -15.21 16.54 -50.01
CA ILE C 664 -14.97 16.17 -48.62
C ILE C 664 -15.44 14.74 -48.45
N PRO C 665 -14.57 13.82 -48.05
CA PRO C 665 -14.99 12.42 -47.95
C PRO C 665 -15.85 12.20 -46.72
N ILE C 666 -17.05 11.68 -46.95
CA ILE C 666 -17.91 11.22 -45.87
C ILE C 666 -17.65 9.77 -45.55
N GLY C 667 -17.63 8.92 -46.56
CA GLY C 667 -17.27 7.53 -46.35
C GLY C 667 -18.24 6.63 -47.10
N ALA C 668 -17.85 5.37 -47.24
CA ALA C 668 -18.63 4.34 -47.93
C ALA C 668 -19.15 4.81 -49.28
N GLY C 669 -18.40 5.68 -49.95
CA GLY C 669 -18.74 6.10 -51.29
C GLY C 669 -19.39 7.45 -51.38
N ILE C 670 -19.66 8.12 -50.26
CA ILE C 670 -20.37 9.38 -50.25
C ILE C 670 -19.40 10.49 -49.93
N CYS C 671 -19.58 11.63 -50.60
CA CYS C 671 -18.82 12.85 -50.41
C CYS C 671 -19.79 14.03 -50.31
N ALA C 672 -19.28 15.16 -49.83
CA ALA C 672 -20.09 16.36 -49.68
C ALA C 672 -19.38 17.57 -50.29
N SER C 673 -20.16 18.60 -50.63
CA SER C 673 -19.59 19.81 -51.23
C SER C 673 -20.54 21.01 -51.13
N TYR C 674 -19.95 22.21 -51.16
CA TYR C 674 -20.70 23.45 -51.09
C TYR C 674 -21.00 23.94 -52.50
N GLN C 675 -22.23 23.72 -52.96
CA GLN C 675 -22.63 24.12 -54.30
C GLN C 675 -23.52 25.36 -54.32
N THR C 676 -24.39 25.45 -55.31
CA THR C 676 -25.30 26.58 -55.43
C THR C 676 -26.70 26.12 -55.84
N GLN C 690 -24.04 27.97 -51.54
CA GLN C 690 -25.46 28.28 -51.51
C GLN C 690 -26.21 27.20 -50.75
N SER C 691 -25.58 26.03 -50.61
CA SER C 691 -26.08 24.95 -49.78
C SER C 691 -25.03 23.85 -49.69
N ILE C 692 -25.26 22.84 -48.86
CA ILE C 692 -24.34 21.72 -48.70
C ILE C 692 -25.01 20.47 -49.23
N ILE C 693 -24.38 19.81 -50.18
CA ILE C 693 -24.96 18.67 -50.87
C ILE C 693 -24.09 17.44 -50.65
N ALA C 694 -24.73 16.28 -50.72
CA ALA C 694 -24.09 14.99 -50.50
C ALA C 694 -24.42 14.06 -51.66
N TYR C 695 -23.40 13.38 -52.18
CA TYR C 695 -23.55 12.63 -53.42
C TYR C 695 -22.61 11.44 -53.42
N THR C 696 -22.92 10.46 -54.26
CA THR C 696 -21.97 9.41 -54.60
C THR C 696 -20.90 9.94 -55.53
N MET C 697 -19.64 9.68 -55.19
CA MET C 697 -18.54 10.19 -56.00
C MET C 697 -18.53 9.53 -57.37
N SER C 698 -17.93 10.20 -58.33
CA SER C 698 -17.72 9.63 -59.64
C SER C 698 -16.25 9.28 -59.82
N LEU C 699 -16.01 8.17 -60.50
CA LEU C 699 -14.64 7.73 -60.74
C LEU C 699 -14.00 8.44 -61.91
N GLY C 700 -14.80 8.84 -62.89
CA GLY C 700 -14.28 9.54 -64.05
C GLY C 700 -15.26 9.41 -65.18
N ALA C 701 -14.91 10.06 -66.29
CA ALA C 701 -15.75 10.02 -67.47
C ALA C 701 -15.56 8.71 -68.22
N GLU C 702 -16.63 8.22 -68.83
CA GLU C 702 -16.56 6.95 -69.50
C GLU C 702 -16.01 7.10 -70.91
N ASN C 703 -15.52 5.99 -71.45
CA ASN C 703 -14.74 6.01 -72.68
C ASN C 703 -14.72 4.61 -73.27
N SER C 704 -15.29 4.47 -74.45
CA SER C 704 -15.12 3.27 -75.25
C SER C 704 -14.06 3.54 -76.29
N VAL C 705 -13.13 2.62 -76.42
CA VAL C 705 -12.06 2.72 -77.40
C VAL C 705 -12.51 2.00 -78.65
N ALA C 706 -12.28 2.63 -79.80
CA ALA C 706 -12.77 2.09 -81.07
C ALA C 706 -11.90 0.91 -81.51
N TYR C 707 -11.93 -0.15 -80.71
CA TYR C 707 -11.15 -1.33 -81.01
C TYR C 707 -11.75 -2.11 -82.16
N SER C 708 -10.92 -2.46 -83.12
CA SER C 708 -11.21 -3.51 -84.09
C SER C 708 -9.89 -4.20 -84.45
N ASN C 709 -9.97 -5.22 -85.28
CA ASN C 709 -8.80 -6.02 -85.55
C ASN C 709 -7.98 -5.57 -86.75
N ASN C 710 -8.30 -4.43 -87.36
CA ASN C 710 -7.37 -3.88 -88.34
C ASN C 710 -7.33 -2.36 -88.29
N SER C 711 -7.60 -1.77 -87.13
CA SER C 711 -7.58 -0.33 -86.95
C SER C 711 -6.45 0.07 -86.01
N ILE C 712 -5.81 1.20 -86.31
CA ILE C 712 -4.74 1.70 -85.47
C ILE C 712 -4.82 3.22 -85.41
N ALA C 713 -4.45 3.78 -84.27
CA ALA C 713 -4.41 5.22 -84.07
C ALA C 713 -2.98 5.67 -83.89
N ILE C 714 -2.55 6.63 -84.71
CA ILE C 714 -1.16 7.09 -84.71
C ILE C 714 -1.11 8.60 -84.54
N PRO C 715 -0.32 9.12 -83.62
CA PRO C 715 -0.33 10.56 -83.35
C PRO C 715 0.45 11.35 -84.38
N THR C 716 -0.05 12.56 -84.66
CA THR C 716 0.55 13.41 -85.67
C THR C 716 1.24 14.63 -85.08
N ASN C 717 1.23 14.80 -83.77
CA ASN C 717 1.84 15.96 -83.13
C ASN C 717 2.24 15.55 -81.73
N PHE C 718 2.79 16.48 -80.97
CA PHE C 718 3.18 16.19 -79.60
C PHE C 718 3.13 17.47 -78.80
N THR C 719 3.18 17.31 -77.49
CA THR C 719 3.39 18.41 -76.57
C THR C 719 4.57 18.10 -75.67
N ILE C 720 5.27 19.14 -75.26
CA ILE C 720 6.27 19.06 -74.20
C ILE C 720 5.59 19.44 -72.89
N SER C 721 5.68 18.56 -71.91
CA SER C 721 5.08 18.78 -70.61
C SER C 721 6.16 18.90 -69.54
N VAL C 722 5.93 19.81 -68.58
CA VAL C 722 6.79 19.95 -67.41
C VAL C 722 5.91 19.89 -66.17
N THR C 723 6.23 18.97 -65.27
CA THR C 723 5.47 18.86 -64.03
C THR C 723 6.40 18.78 -62.84
N THR C 724 5.88 19.09 -61.66
CA THR C 724 6.68 19.12 -60.44
C THR C 724 6.40 17.92 -59.55
N GLU C 725 7.38 17.61 -58.72
CA GLU C 725 7.25 16.55 -57.72
C GLU C 725 8.03 16.96 -56.50
N ILE C 726 7.41 16.89 -55.33
CA ILE C 726 7.96 17.43 -54.10
C ILE C 726 8.20 16.32 -53.10
N LEU C 727 9.37 16.33 -52.46
CA LEU C 727 9.73 15.26 -51.53
C LEU C 727 10.42 15.77 -50.28
N PRO C 728 9.95 15.38 -49.10
CA PRO C 728 10.68 15.72 -47.86
C PRO C 728 11.94 14.91 -47.69
N VAL C 729 13.03 15.60 -47.36
CA VAL C 729 14.32 14.98 -47.19
C VAL C 729 14.73 14.90 -45.73
N SER C 730 14.31 15.83 -44.90
CA SER C 730 14.95 16.07 -43.61
C SER C 730 13.90 16.59 -42.65
N MET C 731 14.21 16.51 -41.36
CA MET C 731 13.37 17.19 -40.38
C MET C 731 14.22 17.92 -39.36
N THR C 732 13.58 18.58 -38.41
CA THR C 732 14.26 19.43 -37.44
C THR C 732 14.98 18.58 -36.40
N LYS C 733 16.25 18.90 -36.17
CA LYS C 733 17.03 18.21 -35.16
C LYS C 733 16.80 18.84 -33.81
N THR C 734 16.25 18.06 -32.88
CA THR C 734 15.93 18.56 -31.56
C THR C 734 16.55 17.63 -30.53
N SER C 735 16.96 18.22 -29.42
CA SER C 735 17.39 17.44 -28.28
C SER C 735 16.66 17.90 -27.04
N VAL C 736 16.47 16.97 -26.11
CA VAL C 736 15.90 17.29 -24.81
C VAL C 736 16.84 16.73 -23.76
N ASP C 737 17.23 17.56 -22.81
CA ASP C 737 17.89 17.04 -21.63
C ASP C 737 16.82 16.38 -20.75
N CYS C 738 16.95 15.07 -20.57
CA CYS C 738 15.95 14.32 -19.83
C CYS C 738 15.88 14.77 -18.38
N THR C 739 17.01 15.17 -17.80
CA THR C 739 17.01 15.54 -16.38
C THR C 739 16.39 16.89 -16.16
N MET C 740 16.70 17.86 -17.02
CA MET C 740 16.15 19.20 -16.84
C MET C 740 14.67 19.27 -17.20
N TYR C 741 14.18 18.37 -18.04
CA TYR C 741 12.76 18.33 -18.32
C TYR C 741 11.98 17.84 -17.11
N ILE C 742 12.46 16.79 -16.47
CA ILE C 742 11.72 16.15 -15.40
C ILE C 742 11.89 16.92 -14.10
N CYS C 743 13.12 17.26 -13.74
CA CYS C 743 13.39 17.92 -12.46
C CYS C 743 13.55 19.42 -12.61
N GLY C 744 14.38 19.84 -13.55
CA GLY C 744 14.55 21.25 -13.80
C GLY C 744 15.28 22.01 -12.73
N ASP C 745 16.56 21.70 -12.49
CA ASP C 745 17.36 22.40 -11.49
C ASP C 745 16.77 22.21 -10.10
N SER C 746 16.71 20.95 -9.65
CA SER C 746 16.31 20.62 -8.30
C SER C 746 17.01 19.35 -7.87
N THR C 747 17.86 19.43 -6.85
CA THR C 747 18.63 18.28 -6.43
C THR C 747 17.80 17.23 -5.71
N GLU C 748 16.73 17.62 -5.03
CA GLU C 748 15.87 16.64 -4.40
C GLU C 748 15.27 15.69 -5.43
N CYS C 749 14.87 16.23 -6.58
CA CYS C 749 14.28 15.41 -7.62
C CYS C 749 15.33 14.59 -8.34
N SER C 750 16.53 15.14 -8.50
CA SER C 750 17.58 14.48 -9.28
C SER C 750 18.05 13.20 -8.64
N ASN C 751 18.15 13.16 -7.32
CA ASN C 751 18.62 11.95 -6.65
C ASN C 751 17.57 10.86 -6.65
N LEU C 752 16.30 11.25 -6.62
CA LEU C 752 15.22 10.29 -6.79
C LEU C 752 15.13 9.77 -8.20
N LEU C 753 15.52 10.58 -9.19
CA LEU C 753 15.54 10.12 -10.56
C LEU C 753 16.62 9.08 -10.80
N LEU C 754 17.62 9.01 -9.94
CA LEU C 754 18.68 8.03 -10.10
C LEU C 754 18.21 6.61 -9.78
N GLN C 755 17.04 6.44 -9.21
CA GLN C 755 16.55 5.14 -8.83
C GLN C 755 15.88 4.41 -9.98
N TYR C 756 15.86 4.99 -11.17
CA TYR C 756 15.28 4.35 -12.33
C TYR C 756 16.33 3.87 -13.30
N GLY C 757 17.59 4.17 -13.06
CA GLY C 757 18.65 3.63 -13.87
C GLY C 757 18.97 4.48 -15.07
N SER C 758 19.00 3.85 -16.24
CA SER C 758 19.50 4.49 -17.45
C SER C 758 18.38 4.89 -18.40
N PHE C 759 17.28 5.43 -17.89
CA PHE C 759 16.21 5.86 -18.77
C PHE C 759 16.59 7.11 -19.53
N CYS C 760 17.24 8.07 -18.88
CA CYS C 760 17.57 9.31 -19.55
C CYS C 760 18.75 9.15 -20.50
N THR C 761 19.67 8.26 -20.18
CA THR C 761 20.75 7.96 -21.12
C THR C 761 20.20 7.32 -22.38
N GLN C 762 19.24 6.41 -22.21
CA GLN C 762 18.58 5.80 -23.36
C GLN C 762 17.85 6.83 -24.19
N LEU C 763 17.13 7.74 -23.54
CA LEU C 763 16.36 8.73 -24.29
C LEU C 763 17.27 9.68 -25.07
N ASN C 764 18.35 10.16 -24.45
CA ASN C 764 19.26 11.02 -25.19
C ASN C 764 19.94 10.27 -26.32
N ARG C 765 20.30 9.01 -26.12
CA ARG C 765 20.90 8.23 -27.18
C ARG C 765 19.95 8.01 -28.34
N ALA C 766 18.66 7.80 -28.07
CA ALA C 766 17.70 7.66 -29.14
C ALA C 766 17.53 8.96 -29.92
N LEU C 767 17.42 10.08 -29.23
CA LEU C 767 17.21 11.35 -29.91
C LEU C 767 18.42 11.83 -30.69
N THR C 768 19.62 11.47 -30.25
CA THR C 768 20.83 11.90 -30.95
C THR C 768 21.06 11.11 -32.22
N GLY C 769 20.71 9.83 -32.22
CA GLY C 769 20.85 9.01 -33.39
C GLY C 769 19.97 9.42 -34.54
N ILE C 770 18.83 10.06 -34.26
CA ILE C 770 17.98 10.54 -35.33
C ILE C 770 18.30 11.97 -35.71
N ALA C 771 19.13 12.66 -34.95
CA ALA C 771 19.69 13.92 -35.40
C ALA C 771 20.89 13.71 -36.29
N VAL C 772 21.62 12.61 -36.08
CA VAL C 772 22.72 12.28 -36.97
C VAL C 772 22.19 11.78 -38.32
N GLU C 773 21.08 11.06 -38.31
CA GLU C 773 20.50 10.54 -39.54
C GLU C 773 20.02 11.64 -40.47
N GLN C 774 19.69 12.82 -39.93
CA GLN C 774 19.14 13.88 -40.77
C GLN C 774 20.19 14.49 -41.67
N ASP C 775 21.44 14.56 -41.22
CA ASP C 775 22.49 15.09 -42.08
C ASP C 775 22.91 14.10 -43.16
N LYS C 776 22.90 12.82 -42.83
CA LYS C 776 23.07 11.75 -43.80
C LYS C 776 21.99 11.77 -44.87
N ASN C 777 20.75 12.08 -44.47
CA ASN C 777 19.65 12.18 -45.41
C ASN C 777 19.92 13.19 -46.50
N THR C 778 20.44 14.38 -46.17
CA THR C 778 20.60 15.39 -47.20
C THR C 778 21.94 15.28 -47.90
N GLN C 779 22.95 14.69 -47.25
CA GLN C 779 24.13 14.29 -47.98
C GLN C 779 23.84 13.27 -49.06
N GLU C 780 22.92 12.34 -48.82
CA GLU C 780 22.63 11.31 -49.80
C GLU C 780 21.81 11.82 -50.98
N VAL C 781 21.08 12.92 -50.82
CA VAL C 781 20.31 13.48 -51.93
C VAL C 781 21.13 14.49 -52.71
N PHE C 782 21.84 15.38 -52.05
CA PHE C 782 22.36 16.52 -52.79
C PHE C 782 23.83 16.38 -53.21
N ALA C 783 24.67 15.76 -52.40
CA ALA C 783 26.09 15.64 -52.73
C ALA C 783 26.33 14.41 -53.60
N GLN C 784 25.72 14.44 -54.78
CA GLN C 784 25.81 13.35 -55.74
C GLN C 784 26.72 13.74 -56.91
N VAL C 785 27.51 14.79 -56.73
CA VAL C 785 28.34 15.32 -57.81
C VAL C 785 29.71 15.60 -57.22
N LYS C 786 30.75 15.30 -58.00
CA LYS C 786 32.12 15.42 -57.53
C LYS C 786 32.66 16.84 -57.68
N GLN C 787 32.43 17.46 -58.81
CA GLN C 787 32.89 18.81 -59.08
C GLN C 787 31.73 19.79 -58.99
N ILE C 788 32.06 21.05 -58.81
CA ILE C 788 31.09 22.12 -58.87
C ILE C 788 31.15 22.68 -60.29
N TYR C 789 30.25 22.23 -61.15
CA TYR C 789 30.22 22.69 -62.53
C TYR C 789 29.53 24.04 -62.63
N LYS C 790 30.00 24.85 -63.59
CA LYS C 790 29.44 26.15 -63.90
C LYS C 790 28.98 26.20 -65.35
N THR C 791 27.94 26.98 -65.61
CA THR C 791 27.51 27.21 -66.97
C THR C 791 28.36 28.31 -67.61
N PRO C 792 28.44 28.35 -68.93
CA PRO C 792 29.19 29.41 -69.60
C PRO C 792 28.46 30.73 -69.46
N PRO C 793 29.15 31.85 -69.67
CA PRO C 793 28.45 33.14 -69.67
C PRO C 793 27.54 33.31 -70.88
N ILE C 794 27.89 32.74 -72.02
CA ILE C 794 27.09 32.82 -73.24
C ILE C 794 26.19 31.61 -73.30
N LYS C 795 24.89 31.84 -73.15
CA LYS C 795 23.92 30.76 -72.97
C LYS C 795 23.21 30.42 -74.28
N ASP C 796 23.94 29.80 -75.19
CA ASP C 796 23.40 29.38 -76.48
C ASP C 796 22.95 27.92 -76.37
N PHE C 797 21.66 27.70 -76.16
CA PHE C 797 21.15 26.35 -75.94
C PHE C 797 20.08 25.99 -76.95
N GLY C 798 20.29 26.32 -78.21
CA GLY C 798 19.36 25.95 -79.26
C GLY C 798 18.02 26.62 -79.18
N GLY C 799 17.86 27.64 -78.35
CA GLY C 799 16.61 28.32 -78.16
C GLY C 799 15.98 28.10 -76.81
N PHE C 800 16.43 27.10 -76.06
CA PHE C 800 15.84 26.77 -74.78
C PHE C 800 16.31 27.76 -73.72
N ASN C 801 15.38 28.29 -72.95
CA ASN C 801 15.62 29.36 -72.00
C ASN C 801 15.53 28.79 -70.58
N PHE C 802 16.65 28.74 -69.88
CA PHE C 802 16.75 28.12 -68.55
C PHE C 802 16.91 29.15 -67.44
N SER C 803 16.47 30.38 -67.63
CA SER C 803 16.89 31.44 -66.74
C SER C 803 16.13 31.49 -65.43
N GLN C 804 14.92 30.93 -65.36
CA GLN C 804 14.17 30.91 -64.12
C GLN C 804 14.60 29.81 -63.18
N ILE C 805 15.43 28.86 -63.64
CA ILE C 805 15.92 27.80 -62.79
C ILE C 805 17.42 27.85 -62.58
N LEU C 806 18.09 28.78 -63.16
CA LEU C 806 19.52 28.99 -62.97
C LEU C 806 19.74 29.99 -61.85
N PRO C 807 20.87 29.91 -61.16
CA PRO C 807 21.12 30.84 -60.05
C PRO C 807 21.09 32.27 -60.53
N ASP C 808 20.58 33.15 -59.68
CA ASP C 808 20.56 34.59 -59.95
C ASP C 808 21.53 35.28 -59.01
N PRO C 809 22.73 35.55 -59.53
CA PRO C 809 23.82 36.16 -58.76
C PRO C 809 23.58 37.58 -58.26
N SER C 810 22.48 37.80 -57.57
CA SER C 810 22.23 39.15 -57.05
C SER C 810 21.01 39.18 -56.13
N LYS C 811 20.86 38.13 -55.32
CA LYS C 811 19.74 38.04 -54.40
C LYS C 811 20.14 37.28 -53.13
N PRO C 812 19.16 36.81 -52.36
CA PRO C 812 19.48 36.07 -51.14
C PRO C 812 20.48 34.94 -51.43
N SER C 813 21.76 35.17 -51.14
CA SER C 813 22.78 34.16 -51.39
C SER C 813 22.98 33.94 -52.89
N LYS C 814 22.15 33.09 -53.48
CA LYS C 814 22.23 32.79 -54.90
C LYS C 814 21.31 31.64 -55.28
N ARG C 815 20.00 31.92 -55.32
CA ARG C 815 19.02 30.93 -55.66
C ARG C 815 18.40 31.31 -56.99
N SER C 816 17.85 30.31 -57.66
CA SER C 816 17.10 30.59 -58.86
C SER C 816 15.85 31.38 -58.50
N PHE C 817 15.18 31.88 -59.52
CA PHE C 817 13.90 32.53 -59.31
C PHE C 817 12.85 31.58 -58.76
N ILE C 818 12.89 30.31 -59.18
CA ILE C 818 11.92 29.32 -58.70
C ILE C 818 12.19 28.93 -57.24
N GLU C 819 13.44 28.87 -56.83
CA GLU C 819 13.74 28.50 -55.45
C GLU C 819 13.29 29.55 -54.46
N ASP C 820 13.24 30.82 -54.88
CA ASP C 820 12.77 31.88 -53.99
C ASP C 820 11.28 31.79 -53.71
N LEU C 821 10.46 31.51 -54.73
CA LEU C 821 9.06 31.25 -54.44
C LEU C 821 8.89 30.08 -53.48
N LEU C 822 9.72 29.05 -53.59
CA LEU C 822 9.56 27.89 -52.73
C LEU C 822 10.00 28.19 -51.31
N PHE C 823 11.00 29.03 -51.14
CA PHE C 823 11.41 29.39 -49.79
C PHE C 823 10.55 30.48 -49.18
N ASN C 824 9.73 31.15 -49.98
CA ASN C 824 8.71 32.03 -49.44
C ASN C 824 7.36 31.36 -49.24
N LYS C 825 7.14 30.19 -49.83
CA LYS C 825 5.86 29.52 -49.70
C LYS C 825 5.74 28.77 -48.38
N VAL C 826 6.82 28.17 -47.89
CA VAL C 826 6.79 27.42 -46.64
C VAL C 826 7.16 28.31 -45.46
N LYS C 854 13.72 27.32 -26.78
CA LYS C 854 14.62 27.06 -25.67
C LYS C 854 13.92 27.38 -24.37
N PHE C 855 13.28 26.39 -23.76
CA PHE C 855 12.55 26.68 -22.53
C PHE C 855 13.07 25.89 -21.34
N ASN C 856 13.00 24.56 -21.40
CA ASN C 856 13.49 23.75 -20.30
C ASN C 856 13.95 22.41 -20.85
N GLY C 857 15.23 22.35 -21.21
CA GLY C 857 15.83 21.17 -21.79
C GLY C 857 15.75 21.09 -23.30
N LEU C 858 14.90 21.88 -23.93
CA LEU C 858 14.62 21.72 -25.35
C LEU C 858 15.54 22.57 -26.20
N THR C 859 16.16 21.95 -27.19
CA THR C 859 17.12 22.60 -28.05
C THR C 859 16.88 22.19 -29.49
N VAL C 860 17.25 23.06 -30.41
CA VAL C 860 17.27 22.78 -31.84
C VAL C 860 18.70 22.95 -32.33
N LEU C 861 19.25 21.90 -32.91
CA LEU C 861 20.57 21.96 -33.51
C LEU C 861 20.48 22.39 -34.97
N PRO C 862 21.45 23.15 -35.47
CA PRO C 862 21.39 23.57 -36.86
C PRO C 862 21.86 22.46 -37.78
N PRO C 863 21.28 22.34 -38.98
CA PRO C 863 21.82 21.41 -39.95
C PRO C 863 23.25 21.75 -40.31
N LEU C 864 24.00 20.73 -40.73
CA LEU C 864 25.39 20.91 -41.06
C LEU C 864 25.58 21.71 -42.34
N LEU C 865 24.87 21.36 -43.40
CA LEU C 865 24.91 22.15 -44.62
C LEU C 865 23.92 23.30 -44.50
N THR C 866 24.40 24.49 -44.79
CA THR C 866 23.52 25.64 -44.87
C THR C 866 22.69 25.57 -46.15
N ASP C 867 21.68 26.42 -46.24
CA ASP C 867 20.86 26.46 -47.44
C ASP C 867 21.58 27.09 -48.61
N GLU C 868 22.54 27.96 -48.34
CA GLU C 868 23.42 28.45 -49.40
C GLU C 868 24.27 27.35 -49.97
N MET C 869 24.58 26.31 -49.19
CA MET C 869 25.38 25.21 -49.70
C MET C 869 24.54 24.22 -50.50
N ILE C 870 23.29 24.02 -50.10
CA ILE C 870 22.40 23.15 -50.86
C ILE C 870 22.02 23.80 -52.18
N ALA C 871 21.84 25.12 -52.21
CA ALA C 871 21.60 25.78 -53.48
C ALA C 871 22.79 25.63 -54.42
N GLN C 872 24.00 25.65 -53.89
CA GLN C 872 25.19 25.49 -54.69
C GLN C 872 25.39 24.06 -55.19
N TYR C 873 24.91 23.06 -54.46
CA TYR C 873 24.90 21.71 -54.99
C TYR C 873 23.89 21.55 -56.13
N THR C 874 22.67 22.03 -55.93
CA THR C 874 21.70 21.89 -57.00
C THR C 874 22.06 22.74 -58.22
N SER C 875 22.83 23.79 -58.09
CA SER C 875 23.23 24.52 -59.27
C SER C 875 24.30 23.82 -60.09
N ALA C 876 25.18 23.07 -59.44
CA ALA C 876 26.16 22.25 -60.16
C ALA C 876 25.55 21.01 -60.79
N LEU C 877 24.51 20.43 -60.19
CA LEU C 877 23.79 19.36 -60.87
C LEU C 877 23.11 19.85 -62.15
N LEU C 878 22.50 21.02 -62.09
CA LEU C 878 21.86 21.65 -63.23
C LEU C 878 22.85 22.02 -64.31
N ALA C 879 23.96 22.64 -63.96
CA ALA C 879 24.97 22.94 -64.94
C ALA C 879 25.59 21.69 -65.55
N GLY C 880 25.73 20.62 -64.79
CA GLY C 880 26.21 19.38 -65.36
C GLY C 880 25.26 18.75 -66.34
N THR C 881 23.96 18.84 -66.10
CA THR C 881 23.05 18.19 -67.04
C THR C 881 22.80 19.00 -68.30
N ILE C 882 23.02 20.31 -68.28
CA ILE C 882 22.71 21.15 -69.42
C ILE C 882 23.86 21.21 -70.41
N THR C 883 25.09 21.05 -69.94
CA THR C 883 26.24 21.14 -70.84
C THR C 883 26.74 19.78 -71.25
N SER C 884 26.45 18.75 -70.47
CA SER C 884 27.12 17.48 -70.57
C SER C 884 26.21 16.29 -70.74
N GLY C 885 24.90 16.50 -70.75
CA GLY C 885 24.01 15.36 -70.88
C GLY C 885 24.05 14.47 -69.67
N TRP C 886 24.24 13.17 -69.91
CA TRP C 886 24.27 12.16 -68.87
C TRP C 886 25.67 11.60 -68.64
N THR C 887 26.71 12.30 -69.06
CA THR C 887 28.05 11.77 -68.96
C THR C 887 28.75 12.13 -67.66
N PHE C 888 28.38 13.23 -67.04
CA PHE C 888 29.02 13.60 -65.78
C PHE C 888 28.60 12.66 -64.65
N GLY C 889 27.54 11.90 -64.83
CA GLY C 889 27.12 10.96 -63.82
C GLY C 889 27.67 9.57 -64.03
N ALA C 890 28.59 9.41 -64.97
CA ALA C 890 29.18 8.10 -65.25
C ALA C 890 30.68 8.22 -65.44
N GLY C 891 31.23 9.37 -65.11
CA GLY C 891 32.64 9.63 -65.32
C GLY C 891 32.92 11.10 -65.40
N ALA C 892 33.69 11.52 -66.40
CA ALA C 892 34.00 12.91 -66.60
C ALA C 892 32.96 13.56 -67.51
N ALA C 893 32.68 14.82 -67.24
CA ALA C 893 31.71 15.56 -68.03
C ALA C 893 32.25 15.81 -69.42
N LEU C 894 31.54 15.34 -70.43
CA LEU C 894 31.91 15.58 -71.83
C LEU C 894 30.88 16.50 -72.47
N GLN C 895 31.33 17.60 -73.03
CA GLN C 895 30.40 18.57 -73.59
C GLN C 895 29.77 18.05 -74.87
N ILE C 896 28.56 18.51 -75.13
CA ILE C 896 27.79 18.21 -76.34
C ILE C 896 26.83 19.37 -76.50
N PRO C 897 26.49 19.81 -77.71
CA PRO C 897 25.51 20.89 -77.84
C PRO C 897 24.13 20.42 -77.44
N PHE C 898 23.31 21.37 -76.96
CA PHE C 898 22.10 20.98 -76.24
C PHE C 898 21.03 20.42 -77.16
N ALA C 899 20.88 20.95 -78.37
CA ALA C 899 19.95 20.35 -79.31
C ALA C 899 20.34 18.94 -79.71
N MET C 900 21.64 18.65 -79.77
CA MET C 900 22.09 17.30 -80.04
C MET C 900 21.88 16.36 -78.86
N GLN C 901 21.85 16.90 -77.64
CA GLN C 901 21.49 16.11 -76.47
C GLN C 901 20.00 15.80 -76.46
N MET C 902 19.20 16.79 -76.83
CA MET C 902 17.77 16.61 -77.00
C MET C 902 17.44 15.59 -78.06
N ALA C 903 18.25 15.50 -79.10
CA ALA C 903 18.00 14.49 -80.12
C ALA C 903 18.31 13.08 -79.64
N TYR C 904 19.41 12.89 -78.92
CA TYR C 904 19.67 11.62 -78.25
C TYR C 904 18.51 11.23 -77.37
N ARG C 905 17.98 12.16 -76.61
CA ARG C 905 16.90 11.85 -75.73
C ARG C 905 15.60 11.52 -76.47
N PHE C 906 15.32 12.15 -77.61
CA PHE C 906 14.22 11.71 -78.45
C PHE C 906 14.43 10.31 -78.98
N ASN C 907 15.65 9.96 -79.37
CA ASN C 907 15.95 8.58 -79.73
C ASN C 907 15.63 7.61 -78.59
N GLY C 908 15.93 8.00 -77.35
CA GLY C 908 15.71 7.14 -76.22
C GLY C 908 14.26 6.85 -75.89
N ILE C 909 13.31 7.53 -76.54
CA ILE C 909 11.91 7.18 -76.37
C ILE C 909 11.28 6.64 -77.64
N GLY C 910 12.04 6.44 -78.70
CA GLY C 910 11.53 5.82 -79.89
C GLY C 910 11.17 6.73 -81.05
N VAL C 911 11.59 7.98 -81.03
CA VAL C 911 11.32 8.92 -82.11
C VAL C 911 12.64 9.21 -82.81
N THR C 912 12.63 9.25 -84.13
CA THR C 912 13.85 9.57 -84.85
C THR C 912 14.23 11.02 -84.60
N GLN C 913 15.50 11.33 -84.82
CA GLN C 913 16.00 12.62 -84.38
C GLN C 913 15.76 13.72 -85.39
N ASN C 914 15.51 13.39 -86.64
CA ASN C 914 15.01 14.36 -87.57
C ASN C 914 13.72 15.02 -87.10
N VAL C 915 12.89 14.31 -86.34
CA VAL C 915 11.68 14.90 -85.78
C VAL C 915 12.00 16.00 -84.79
N LEU C 916 13.15 15.92 -84.12
CA LEU C 916 13.57 17.03 -83.27
C LEU C 916 14.17 18.15 -84.09
N TYR C 917 15.08 17.84 -85.00
CA TYR C 917 15.77 18.89 -85.72
C TYR C 917 14.85 19.67 -86.65
N GLU C 918 13.78 19.06 -87.13
CA GLU C 918 12.85 19.76 -88.01
C GLU C 918 11.76 20.49 -87.26
N ASN C 919 11.78 20.46 -85.94
CA ASN C 919 10.77 21.11 -85.11
C ASN C 919 11.39 21.90 -83.97
N GLN C 920 12.71 22.03 -83.99
CA GLN C 920 13.47 22.63 -82.90
C GLN C 920 12.81 23.89 -82.33
N LYS C 921 12.37 24.82 -83.18
CA LYS C 921 11.83 26.07 -82.68
C LYS C 921 10.51 25.90 -81.97
N LEU C 922 9.64 25.04 -82.48
CA LEU C 922 8.38 24.77 -81.80
C LEU C 922 8.60 24.04 -80.50
N ILE C 923 9.52 23.08 -80.48
CA ILE C 923 9.80 22.33 -79.26
C ILE C 923 10.35 23.25 -78.18
N ALA C 924 11.21 24.20 -78.57
CA ALA C 924 11.75 25.13 -77.59
C ALA C 924 10.70 26.12 -77.11
N ASN C 925 9.85 26.64 -78.00
CA ASN C 925 8.72 27.45 -77.58
C ASN C 925 7.83 26.72 -76.57
N GLN C 926 7.55 25.45 -76.81
CA GLN C 926 6.69 24.70 -75.90
C GLN C 926 7.34 24.49 -74.55
N PHE C 927 8.64 24.17 -74.53
CA PHE C 927 9.34 24.05 -73.26
C PHE C 927 9.33 25.36 -72.51
N ASN C 928 9.50 26.48 -73.20
CA ASN C 928 9.56 27.78 -72.52
C ASN C 928 8.21 28.18 -71.94
N SER C 929 7.13 27.95 -72.68
CA SER C 929 5.81 28.20 -72.10
C SER C 929 5.51 27.29 -70.93
N ALA C 930 5.94 26.03 -71.01
CA ALA C 930 5.69 25.12 -69.90
C ALA C 930 6.45 25.52 -68.66
N ILE C 931 7.67 26.01 -68.80
CA ILE C 931 8.42 26.47 -67.63
C ILE C 931 7.83 27.77 -67.08
N GLY C 932 7.34 28.64 -67.97
CA GLY C 932 6.73 29.87 -67.50
C GLY C 932 5.39 29.66 -66.82
N LYS C 933 4.74 28.54 -67.06
CA LYS C 933 3.51 28.21 -66.36
C LYS C 933 3.73 27.68 -64.96
N ILE C 934 4.92 27.20 -64.62
CA ILE C 934 5.17 26.64 -63.30
C ILE C 934 5.31 27.73 -62.28
N GLN C 935 6.04 28.78 -62.61
CA GLN C 935 6.22 29.89 -61.70
C GLN C 935 4.93 30.70 -61.53
N ASP C 936 4.01 30.61 -62.49
CA ASP C 936 2.73 31.25 -62.33
C ASP C 936 1.88 30.50 -61.32
N SER C 937 1.90 29.18 -61.37
CA SER C 937 1.19 28.40 -60.37
C SER C 937 1.88 28.47 -59.02
N LEU C 938 3.17 28.79 -58.97
CA LEU C 938 3.84 28.89 -57.68
C LEU C 938 3.68 30.25 -57.03
N SER C 939 3.74 31.34 -57.81
CA SER C 939 3.52 32.65 -57.24
C SER C 939 2.08 33.11 -57.44
N ALA C 944 0.10 23.27 -52.82
CA ALA C 944 1.38 23.07 -53.49
C ALA C 944 2.39 22.36 -52.58
N LEU C 945 2.89 23.09 -51.59
CA LEU C 945 3.94 22.63 -50.71
C LEU C 945 3.41 22.04 -49.41
N GLY C 946 2.20 21.48 -49.43
CA GLY C 946 1.64 20.89 -48.24
C GLY C 946 2.35 19.65 -47.75
N LYS C 947 3.00 18.91 -48.63
CA LYS C 947 3.73 17.72 -48.21
C LYS C 947 4.96 18.07 -47.38
N LEU C 948 5.43 19.30 -47.48
CA LEU C 948 6.51 19.78 -46.63
C LEU C 948 6.01 20.47 -45.39
N GLN C 949 4.86 21.13 -45.49
CA GLN C 949 4.25 21.78 -44.35
C GLN C 949 3.69 20.77 -43.35
N ASP C 950 3.30 19.59 -43.83
CA ASP C 950 2.86 18.53 -42.93
C ASP C 950 3.93 18.08 -41.95
N VAL C 951 5.18 17.97 -42.39
CA VAL C 951 6.24 17.57 -41.49
C VAL C 951 6.49 18.64 -40.44
N VAL C 952 6.59 19.91 -40.86
CA VAL C 952 6.76 21.02 -39.93
C VAL C 952 5.65 21.04 -38.89
N ASN C 953 4.40 20.89 -39.35
CA ASN C 953 3.27 20.96 -38.44
C ASN C 953 3.24 19.79 -37.47
N GLN C 954 3.47 18.56 -37.94
CA GLN C 954 3.48 17.41 -37.04
C GLN C 954 4.56 17.54 -35.98
N ASN C 955 5.74 18.03 -36.33
CA ASN C 955 6.77 18.13 -35.32
C ASN C 955 6.48 19.23 -34.31
N ALA C 956 5.98 20.38 -34.75
CA ALA C 956 5.60 21.40 -33.79
C ALA C 956 4.46 20.95 -32.90
N GLN C 957 3.52 20.19 -33.44
CA GLN C 957 2.41 19.70 -32.66
C GLN C 957 2.85 18.67 -31.62
N ALA C 958 3.93 17.96 -31.88
CA ALA C 958 4.45 17.06 -30.85
C ALA C 958 5.21 17.80 -29.76
N LEU C 959 6.06 18.77 -30.14
CA LEU C 959 6.78 19.51 -29.12
C LEU C 959 5.85 20.33 -28.24
N ASN C 960 4.75 20.83 -28.77
CA ASN C 960 3.81 21.57 -27.95
C ASN C 960 3.16 20.69 -26.89
N THR C 961 2.78 19.47 -27.25
CA THR C 961 2.22 18.55 -26.28
C THR C 961 3.23 18.18 -25.20
N LEU C 962 4.48 18.00 -25.58
CA LEU C 962 5.49 17.70 -24.58
C LEU C 962 5.66 18.87 -23.62
N VAL C 963 5.71 20.09 -24.11
CA VAL C 963 5.79 21.26 -23.23
C VAL C 963 4.58 21.33 -22.32
N LYS C 964 3.38 21.12 -22.86
CA LYS C 964 2.18 21.35 -22.08
C LYS C 964 1.91 20.27 -21.04
N GLN C 965 2.48 19.09 -21.18
CA GLN C 965 2.31 18.09 -20.14
C GLN C 965 3.08 18.44 -18.87
N LEU C 966 3.84 19.53 -18.86
CA LEU C 966 4.55 19.94 -17.66
C LEU C 966 3.66 20.69 -16.67
N SER C 967 2.35 20.66 -16.87
CA SER C 967 1.44 21.39 -16.00
C SER C 967 0.30 20.50 -15.54
N SER C 968 0.49 19.19 -15.59
CA SER C 968 -0.41 18.22 -15.01
C SER C 968 0.13 17.77 -13.66
N ASN C 969 -0.79 17.49 -12.73
CA ASN C 969 -0.41 17.03 -11.41
C ASN C 969 -0.09 15.55 -11.37
N PHE C 970 -0.68 14.77 -12.26
CA PHE C 970 -0.57 13.32 -12.23
C PHE C 970 -0.96 12.76 -10.87
N GLY C 971 -1.86 13.47 -10.18
CA GLY C 971 -2.31 13.02 -8.88
C GLY C 971 -1.50 13.52 -7.70
N ALA C 972 -0.79 14.62 -7.84
CA ALA C 972 -0.05 15.24 -6.76
C ALA C 972 -0.80 16.49 -6.31
N ILE C 973 -0.24 17.20 -5.34
CA ILE C 973 -0.90 18.38 -4.82
C ILE C 973 -0.67 19.60 -5.70
N SER C 974 0.51 19.74 -6.28
CA SER C 974 0.83 20.87 -7.13
C SER C 974 1.45 20.34 -8.41
N SER C 975 1.42 21.15 -9.44
CA SER C 975 2.11 20.86 -10.68
C SER C 975 3.53 21.38 -10.70
N VAL C 976 3.84 22.35 -9.85
CA VAL C 976 5.17 22.95 -9.78
C VAL C 976 5.92 22.33 -8.62
N LEU C 977 7.14 21.90 -8.86
CA LEU C 977 7.94 21.19 -7.88
C LEU C 977 8.38 22.07 -6.72
N ASN C 978 8.59 23.36 -6.96
CA ASN C 978 9.00 24.27 -5.89
C ASN C 978 7.91 24.49 -4.86
N ASP C 979 6.64 24.36 -5.25
CA ASP C 979 5.56 24.51 -4.29
C ASP C 979 5.30 23.23 -3.52
N ILE C 980 5.90 22.12 -3.93
CA ILE C 980 5.93 20.95 -3.07
C ILE C 980 7.14 21.03 -2.15
N LEU C 981 8.27 21.50 -2.67
CA LEU C 981 9.46 21.63 -1.86
C LEU C 981 9.35 22.71 -0.79
N SER C 982 8.60 23.77 -1.05
CA SER C 982 8.58 24.89 -0.12
C SER C 982 7.69 24.63 1.08
N ARG C 983 6.55 23.96 0.87
CA ARG C 983 5.61 23.74 1.96
C ARG C 983 5.46 22.26 2.31
N LEU C 984 6.54 21.49 2.17
CA LEU C 984 6.55 20.12 2.64
C LEU C 984 7.98 19.76 3.02
N ASP C 985 8.12 18.77 3.88
CA ASP C 985 9.40 18.30 4.37
C ASP C 985 9.74 16.96 3.75
N PRO C 986 11.03 16.60 3.69
CA PRO C 986 11.49 15.54 2.78
C PRO C 986 10.64 14.28 2.79
N PRO C 987 10.23 13.74 3.96
CA PRO C 987 9.48 12.48 3.93
C PRO C 987 8.19 12.53 3.13
N GLU C 988 7.48 13.65 3.16
CA GLU C 988 6.23 13.76 2.41
C GLU C 988 6.38 14.54 1.12
N ALA C 989 7.46 15.29 0.96
CA ALA C 989 7.78 15.83 -0.36
C ALA C 989 8.08 14.71 -1.32
N GLU C 990 8.68 13.63 -0.84
CA GLU C 990 9.13 12.54 -1.70
C GLU C 990 7.97 11.82 -2.37
N VAL C 991 6.91 11.55 -1.62
CA VAL C 991 5.75 10.82 -2.17
C VAL C 991 5.05 11.62 -3.25
N GLN C 992 4.98 12.93 -3.12
CA GLN C 992 4.43 13.80 -4.16
C GLN C 992 5.37 13.99 -5.33
N ILE C 993 6.68 14.02 -5.10
CA ILE C 993 7.63 14.19 -6.18
C ILE C 993 7.67 12.94 -7.05
N ASP C 994 7.44 11.77 -6.46
CA ASP C 994 7.50 10.56 -7.24
C ASP C 994 6.39 10.45 -8.29
N ARG C 995 5.20 10.98 -8.00
CA ARG C 995 4.14 10.96 -9.01
C ARG C 995 4.44 11.88 -10.17
N LEU C 996 5.04 13.03 -9.90
CA LEU C 996 5.47 13.91 -10.98
C LEU C 996 6.56 13.27 -11.81
N ILE C 997 7.51 12.60 -11.17
CA ILE C 997 8.55 11.90 -11.92
C ILE C 997 7.94 10.83 -12.81
N THR C 998 7.04 10.03 -12.26
CA THR C 998 6.38 9.00 -13.04
C THR C 998 5.63 9.56 -14.24
N GLY C 999 4.85 10.63 -14.08
CA GLY C 999 4.12 11.17 -15.20
C GLY C 999 5.00 11.78 -16.27
N ARG C 1000 6.00 12.55 -15.86
CA ARG C 1000 6.86 13.22 -16.82
C ARG C 1000 7.75 12.24 -17.58
N LEU C 1001 8.23 11.19 -16.93
CA LEU C 1001 8.96 10.15 -17.65
C LEU C 1001 8.14 9.52 -18.77
N GLN C 1002 6.90 9.18 -18.49
CA GLN C 1002 6.02 8.62 -19.50
C GLN C 1002 5.74 9.57 -20.64
N SER C 1003 5.50 10.85 -20.34
CA SER C 1003 5.40 11.86 -21.38
C SER C 1003 6.60 11.83 -22.32
N LEU C 1004 7.79 11.90 -21.75
CA LEU C 1004 9.02 11.93 -22.53
C LEU C 1004 9.21 10.68 -23.37
N GLN C 1005 8.89 9.51 -22.83
CA GLN C 1005 9.01 8.29 -23.58
C GLN C 1005 8.05 8.23 -24.76
N THR C 1006 6.82 8.71 -24.58
CA THR C 1006 5.91 8.76 -25.72
C THR C 1006 6.44 9.67 -26.81
N TYR C 1007 6.98 10.82 -26.44
CA TYR C 1007 7.56 11.72 -27.43
C TYR C 1007 8.69 11.04 -28.21
N VAL C 1008 9.59 10.36 -27.51
CA VAL C 1008 10.72 9.76 -28.21
C VAL C 1008 10.31 8.59 -29.10
N THR C 1009 9.35 7.78 -28.68
CA THR C 1009 8.91 6.68 -29.55
C THR C 1009 8.24 7.22 -30.81
N GLN C 1010 7.44 8.27 -30.68
CA GLN C 1010 6.80 8.76 -31.88
C GLN C 1010 7.74 9.55 -32.77
N GLN C 1011 8.85 10.07 -32.25
CA GLN C 1011 9.87 10.60 -33.12
C GLN C 1011 10.63 9.51 -33.85
N LEU C 1012 10.87 8.38 -33.21
CA LEU C 1012 11.56 7.29 -33.90
C LEU C 1012 10.72 6.71 -35.02
N ILE C 1013 9.40 6.70 -34.86
CA ILE C 1013 8.57 6.13 -35.92
C ILE C 1013 8.47 7.08 -37.11
N ARG C 1014 8.58 8.38 -36.85
CA ARG C 1014 8.48 9.40 -37.88
C ARG C 1014 9.79 9.62 -38.62
N ALA C 1015 10.91 9.47 -37.95
CA ALA C 1015 12.19 9.52 -38.62
C ALA C 1015 12.37 8.39 -39.62
N ALA C 1016 11.80 7.23 -39.37
CA ALA C 1016 11.86 6.12 -40.30
C ALA C 1016 11.03 6.34 -41.53
N GLU C 1017 10.00 7.17 -41.44
CA GLU C 1017 9.22 7.55 -42.59
C GLU C 1017 9.92 8.61 -43.41
N ILE C 1018 10.64 9.51 -42.74
CA ILE C 1018 11.42 10.50 -43.46
C ILE C 1018 12.61 9.86 -44.18
N ARG C 1019 13.17 8.78 -43.62
CA ARG C 1019 14.27 8.11 -44.28
C ARG C 1019 13.85 7.41 -45.56
N ALA C 1020 12.67 6.80 -45.57
CA ALA C 1020 12.18 6.19 -46.80
C ALA C 1020 11.99 7.23 -47.91
N SER C 1021 11.45 8.39 -47.57
CA SER C 1021 11.31 9.50 -48.50
C SER C 1021 12.63 9.99 -49.04
N ALA C 1022 13.63 10.17 -48.19
CA ALA C 1022 14.94 10.60 -48.63
C ALA C 1022 15.67 9.54 -49.44
N ASN C 1023 15.45 8.26 -49.19
CA ASN C 1023 16.00 7.25 -50.09
C ASN C 1023 15.33 7.26 -51.45
N LEU C 1024 14.02 7.45 -51.50
CA LEU C 1024 13.35 7.60 -52.77
C LEU C 1024 13.82 8.84 -53.53
N ALA C 1025 14.08 9.94 -52.84
CA ALA C 1025 14.55 11.14 -53.51
C ALA C 1025 15.97 10.99 -54.01
N ALA C 1026 16.83 10.28 -53.27
CA ALA C 1026 18.14 9.94 -53.79
C ALA C 1026 18.04 9.08 -55.05
N THR C 1027 17.13 8.12 -55.08
CA THR C 1027 17.01 7.27 -56.25
C THR C 1027 16.48 8.02 -57.45
N LYS C 1028 15.56 8.96 -57.25
CA LYS C 1028 15.11 9.84 -58.33
C LYS C 1028 16.18 10.80 -58.80
N MET C 1029 17.01 11.31 -57.93
CA MET C 1029 18.12 12.13 -58.35
C MET C 1029 19.09 11.36 -59.24
N SER C 1030 19.37 10.10 -58.92
CA SER C 1030 20.28 9.32 -59.75
C SER C 1030 19.64 8.92 -61.08
N GLU C 1031 18.37 8.56 -61.06
CA GLU C 1031 17.76 7.94 -62.21
C GLU C 1031 16.97 8.90 -63.10
N CYS C 1032 16.65 10.08 -62.59
CA CYS C 1032 15.89 11.06 -63.35
C CYS C 1032 16.68 12.33 -63.74
N VAL C 1033 17.70 12.67 -62.95
CA VAL C 1033 18.48 13.86 -63.24
C VAL C 1033 19.82 13.49 -63.87
N LEU C 1034 20.42 12.38 -63.44
CA LEU C 1034 21.68 11.94 -64.00
C LEU C 1034 21.50 10.89 -65.08
N GLY C 1035 20.28 10.62 -65.52
CA GLY C 1035 20.05 9.75 -66.62
C GLY C 1035 18.68 9.96 -67.21
N GLN C 1036 18.33 9.11 -68.17
CA GLN C 1036 16.99 9.04 -68.73
C GLN C 1036 16.38 7.70 -68.36
N SER C 1037 15.19 7.72 -67.77
CA SER C 1037 14.58 6.52 -67.24
C SER C 1037 13.56 5.95 -68.22
N LYS C 1038 13.40 4.62 -68.18
CA LYS C 1038 12.36 3.93 -68.90
C LYS C 1038 11.26 3.40 -67.99
N ARG C 1039 11.43 3.49 -66.68
CA ARG C 1039 10.39 3.05 -65.75
C ARG C 1039 9.16 3.95 -65.87
N VAL C 1040 8.01 3.34 -66.14
CA VAL C 1040 6.80 4.11 -66.39
C VAL C 1040 6.35 4.81 -65.12
N ASP C 1041 6.08 6.11 -65.24
CA ASP C 1041 5.60 6.93 -64.13
C ASP C 1041 6.62 7.27 -63.05
N PHE C 1042 7.85 6.79 -63.19
CA PHE C 1042 8.86 7.08 -62.19
C PHE C 1042 9.30 8.53 -62.22
N CYS C 1043 9.37 9.11 -63.41
CA CYS C 1043 9.79 10.50 -63.56
C CYS C 1043 8.74 11.34 -64.28
N GLY C 1044 7.51 11.35 -63.76
CA GLY C 1044 6.43 12.11 -64.35
C GLY C 1044 5.55 11.29 -65.28
N LYS C 1045 4.45 11.88 -65.74
CA LYS C 1045 3.52 11.20 -66.65
C LYS C 1045 3.84 11.49 -68.10
N GLY C 1046 4.20 10.44 -68.84
CA GLY C 1046 4.56 10.55 -70.25
C GLY C 1046 5.94 9.96 -70.42
N TYR C 1047 6.50 10.07 -71.62
CA TYR C 1047 7.84 9.54 -71.87
C TYR C 1047 8.89 10.50 -71.35
N HIS C 1048 9.61 10.09 -70.31
CA HIS C 1048 10.61 10.95 -69.68
C HIS C 1048 11.64 11.43 -70.69
N LEU C 1049 11.87 12.74 -70.71
CA LEU C 1049 13.00 13.30 -71.42
C LEU C 1049 14.10 13.76 -70.47
N MET C 1050 13.80 14.65 -69.52
CA MET C 1050 14.85 15.02 -68.57
C MET C 1050 14.21 15.58 -67.32
N SER C 1051 15.04 15.82 -66.30
CA SER C 1051 14.59 16.33 -65.01
C SER C 1051 15.61 17.33 -64.49
N PHE C 1052 15.12 18.31 -63.73
CA PHE C 1052 15.94 19.33 -63.09
C PHE C 1052 15.60 19.41 -61.61
N PRO C 1053 16.60 19.42 -60.72
CA PRO C 1053 16.34 19.58 -59.29
C PRO C 1053 16.32 21.03 -58.81
N GLN C 1054 15.55 21.27 -57.77
CA GLN C 1054 15.47 22.55 -57.08
C GLN C 1054 15.40 22.29 -55.60
N SER C 1055 16.03 23.15 -54.81
CA SER C 1055 15.99 22.94 -53.37
C SER C 1055 14.80 23.63 -52.74
N ALA C 1056 14.30 23.02 -51.69
CA ALA C 1056 13.16 23.52 -50.93
C ALA C 1056 13.57 23.56 -49.47
N PRO C 1057 12.75 24.15 -48.60
CA PRO C 1057 13.15 24.28 -47.18
C PRO C 1057 13.59 23.00 -46.47
N HIS C 1058 12.90 21.89 -46.60
CA HIS C 1058 13.41 20.64 -46.03
C HIS C 1058 13.24 19.50 -47.02
N GLY C 1059 13.38 19.80 -48.29
CA GLY C 1059 13.03 18.85 -49.31
C GLY C 1059 13.62 19.20 -50.63
N VAL C 1060 13.01 18.66 -51.67
CA VAL C 1060 13.52 18.85 -53.02
C VAL C 1060 12.34 18.83 -53.97
N VAL C 1061 12.40 19.65 -55.00
CA VAL C 1061 11.40 19.70 -56.06
C VAL C 1061 12.06 19.25 -57.36
N PHE C 1062 11.51 18.23 -57.99
CA PHE C 1062 11.95 17.81 -59.32
C PHE C 1062 11.01 18.39 -60.36
N LEU C 1063 11.58 18.99 -61.38
CA LEU C 1063 10.88 19.43 -62.58
C LEU C 1063 11.13 18.39 -63.67
N HIS C 1064 10.09 17.66 -64.03
CA HIS C 1064 10.16 16.59 -65.01
C HIS C 1064 9.68 17.09 -66.37
N VAL C 1065 10.51 16.94 -67.39
CA VAL C 1065 10.16 17.22 -68.77
C VAL C 1065 9.87 15.91 -69.48
N THR C 1066 8.66 15.78 -70.00
CA THR C 1066 8.19 14.59 -70.69
C THR C 1066 7.61 14.96 -72.05
N TYR C 1067 7.50 13.94 -72.87
CA TYR C 1067 6.93 14.01 -74.21
C TYR C 1067 5.55 13.39 -74.18
N VAL C 1068 4.55 14.08 -74.69
CA VAL C 1068 3.18 13.59 -74.67
C VAL C 1068 2.64 13.61 -76.09
N PRO C 1069 2.32 12.46 -76.69
CA PRO C 1069 1.81 12.47 -78.07
C PRO C 1069 0.41 13.05 -78.19
N ALA C 1070 0.12 13.62 -79.35
CA ALA C 1070 -1.08 14.44 -79.53
C ALA C 1070 -1.64 14.30 -80.95
N GLN C 1071 -2.94 14.51 -81.07
CA GLN C 1071 -3.67 14.62 -82.35
C GLN C 1071 -3.54 13.35 -83.18
N GLU C 1072 -4.08 12.27 -82.65
CA GLU C 1072 -4.03 10.97 -83.28
C GLU C 1072 -5.02 10.86 -84.43
N LYS C 1073 -4.64 10.11 -85.44
CA LYS C 1073 -5.51 9.79 -86.55
C LYS C 1073 -5.70 8.30 -86.68
N ASN C 1074 -6.78 7.92 -87.36
CA ASN C 1074 -7.17 6.55 -87.65
C ASN C 1074 -6.54 6.04 -88.94
N PHE C 1075 -6.16 4.76 -88.95
CA PHE C 1075 -5.62 4.12 -90.13
C PHE C 1075 -6.00 2.65 -90.10
N THR C 1076 -5.82 2.00 -91.24
CA THR C 1076 -5.95 0.56 -91.40
C THR C 1076 -4.56 -0.08 -91.33
N THR C 1077 -4.44 -1.21 -90.63
CA THR C 1077 -3.17 -1.88 -90.43
C THR C 1077 -3.20 -3.28 -91.02
N ALA C 1078 -2.02 -3.86 -91.16
CA ALA C 1078 -1.81 -5.24 -91.53
C ALA C 1078 -0.55 -5.74 -90.86
N PRO C 1079 -0.53 -7.01 -90.43
CA PRO C 1079 0.70 -7.57 -89.86
C PRO C 1079 1.85 -7.66 -90.84
N ALA C 1080 1.59 -8.08 -92.07
CA ALA C 1080 2.63 -8.35 -93.04
C ALA C 1080 2.10 -8.00 -94.42
N ILE C 1081 3.03 -7.84 -95.36
CA ILE C 1081 2.70 -7.62 -96.77
C ILE C 1081 3.02 -8.92 -97.50
N CYS C 1082 2.24 -9.23 -98.52
CA CYS C 1082 2.57 -10.37 -99.39
C CYS C 1082 2.99 -9.87 -100.76
N HIS C 1083 4.16 -10.31 -101.20
CA HIS C 1083 4.68 -9.93 -102.49
C HIS C 1083 5.55 -11.05 -103.03
N ASP C 1084 5.27 -11.50 -104.25
CA ASP C 1084 6.00 -12.58 -104.89
C ASP C 1084 5.95 -13.86 -104.07
N GLY C 1085 4.82 -14.13 -103.44
CA GLY C 1085 4.73 -15.28 -102.57
C GLY C 1085 5.62 -15.22 -101.35
N LYS C 1086 5.93 -14.03 -100.85
CA LYS C 1086 6.76 -13.87 -99.69
C LYS C 1086 6.08 -12.94 -98.70
N ALA C 1087 6.33 -13.18 -97.42
CA ALA C 1087 5.79 -12.35 -96.34
C ALA C 1087 6.84 -11.34 -95.90
N HIS C 1088 6.44 -10.08 -95.85
CA HIS C 1088 7.33 -8.97 -95.51
C HIS C 1088 6.87 -8.35 -94.22
N PHE C 1089 7.78 -8.10 -93.33
CA PHE C 1089 7.55 -7.50 -92.04
C PHE C 1089 8.32 -6.20 -91.93
N PRO C 1090 7.82 -5.21 -91.22
CA PRO C 1090 8.57 -3.97 -91.06
C PRO C 1090 9.77 -4.13 -90.13
N ARG C 1091 10.84 -3.43 -90.46
CA ARG C 1091 12.02 -3.46 -89.61
C ARG C 1091 11.77 -2.72 -88.30
N GLU C 1092 11.24 -1.51 -88.37
CA GLU C 1092 10.88 -0.76 -87.18
C GLU C 1092 9.72 0.17 -87.54
N GLY C 1093 8.50 -0.26 -87.29
CA GLY C 1093 7.37 0.55 -87.61
C GLY C 1093 6.14 -0.30 -87.80
N VAL C 1094 5.16 0.28 -88.48
CA VAL C 1094 3.92 -0.38 -88.79
C VAL C 1094 3.54 -0.06 -90.22
N PHE C 1095 2.88 -1.00 -90.87
CA PHE C 1095 2.24 -0.78 -92.14
C PHE C 1095 0.89 -0.11 -91.92
N VAL C 1096 0.65 1.01 -92.59
CA VAL C 1096 -0.60 1.74 -92.46
C VAL C 1096 -1.14 2.07 -93.84
N SER C 1097 -2.46 2.20 -93.91
CA SER C 1097 -3.11 2.57 -95.15
C SER C 1097 -3.92 3.85 -94.95
N ASN C 1098 -3.80 4.79 -95.88
CA ASN C 1098 -4.63 5.98 -95.83
C ASN C 1098 -5.98 5.78 -96.51
N GLY C 1099 -6.32 4.55 -96.86
CA GLY C 1099 -7.49 4.24 -97.64
C GLY C 1099 -7.20 3.65 -98.99
N THR C 1100 -6.10 4.03 -99.64
CA THR C 1100 -5.82 3.52 -100.98
C THR C 1100 -4.36 3.08 -101.13
N HIS C 1101 -3.47 3.58 -100.28
CA HIS C 1101 -2.04 3.35 -100.40
C HIS C 1101 -1.48 2.85 -99.09
N TRP C 1102 -0.42 2.04 -99.18
CA TRP C 1102 0.22 1.44 -98.02
C TRP C 1102 1.57 2.07 -97.78
N PHE C 1103 1.88 2.37 -96.52
CA PHE C 1103 3.11 3.01 -96.11
C PHE C 1103 3.66 2.28 -94.90
N VAL C 1104 4.91 2.57 -94.56
CA VAL C 1104 5.49 2.24 -93.27
C VAL C 1104 5.66 3.53 -92.50
N THR C 1105 5.40 3.50 -91.21
CA THR C 1105 5.61 4.66 -90.37
C THR C 1105 6.22 4.18 -89.05
N GLN C 1106 6.94 5.08 -88.39
CA GLN C 1106 7.35 4.82 -87.02
C GLN C 1106 6.15 4.97 -86.10
N ARG C 1107 6.19 4.25 -84.99
CA ARG C 1107 4.97 3.98 -84.23
C ARG C 1107 4.50 5.14 -83.38
N ASN C 1108 5.32 6.15 -83.12
CA ASN C 1108 4.95 7.23 -82.21
C ASN C 1108 4.72 8.55 -82.91
N PHE C 1109 5.10 8.67 -84.16
CA PHE C 1109 4.95 9.90 -84.92
C PHE C 1109 4.57 9.50 -86.32
N TYR C 1110 3.58 10.15 -86.89
CA TYR C 1110 3.12 9.77 -88.22
C TYR C 1110 4.04 10.41 -89.25
N GLU C 1111 4.73 9.56 -90.01
CA GLU C 1111 5.69 10.00 -91.01
C GLU C 1111 5.78 8.94 -92.09
N PRO C 1112 4.83 8.91 -93.01
CA PRO C 1112 4.68 7.77 -93.92
C PRO C 1112 5.74 7.71 -95.02
N GLN C 1113 6.20 6.49 -95.29
CA GLN C 1113 7.21 6.25 -96.31
C GLN C 1113 6.83 5.07 -97.16
N ILE C 1114 7.48 4.95 -98.31
CA ILE C 1114 7.23 3.85 -99.23
C ILE C 1114 7.77 2.55 -98.65
N ILE C 1115 7.09 1.46 -98.94
CA ILE C 1115 7.52 0.13 -98.53
C ILE C 1115 8.53 -0.38 -99.53
N THR C 1116 9.78 -0.51 -99.11
CA THR C 1116 10.84 -0.99 -99.95
C THR C 1116 11.53 -2.19 -99.29
N THR C 1117 12.51 -2.75 -99.97
CA THR C 1117 13.29 -3.85 -99.42
C THR C 1117 14.33 -3.39 -98.42
N ASP C 1118 14.37 -2.10 -98.11
CA ASP C 1118 15.30 -1.55 -97.14
C ASP C 1118 14.66 -1.26 -95.79
N ASN C 1119 13.34 -1.18 -95.71
CA ASN C 1119 12.70 -1.02 -94.41
C ASN C 1119 11.87 -2.24 -94.02
N THR C 1120 11.98 -3.34 -94.76
CA THR C 1120 11.28 -4.57 -94.43
C THR C 1120 12.28 -5.71 -94.38
N PHE C 1121 11.84 -6.85 -93.88
CA PHE C 1121 12.56 -8.11 -94.04
C PHE C 1121 11.57 -9.21 -94.37
N VAL C 1122 12.09 -10.33 -94.87
CA VAL C 1122 11.26 -11.41 -95.38
C VAL C 1122 11.36 -12.60 -94.44
N SER C 1123 10.23 -13.31 -94.26
CA SER C 1123 10.25 -14.57 -93.54
C SER C 1123 9.03 -15.39 -93.97
N GLY C 1124 9.24 -16.36 -94.84
CA GLY C 1124 8.24 -17.38 -95.14
C GLY C 1124 7.38 -17.07 -96.34
N ASN C 1125 6.25 -17.77 -96.38
CA ASN C 1125 5.19 -17.58 -97.36
C ASN C 1125 4.09 -16.70 -96.80
N CYS C 1126 3.23 -16.21 -97.69
CA CYS C 1126 2.07 -15.45 -97.26
C CYS C 1126 0.85 -16.36 -97.17
N ASP C 1127 0.98 -17.42 -96.40
CA ASP C 1127 -0.14 -18.34 -96.21
C ASP C 1127 -0.23 -18.87 -94.79
N VAL C 1128 0.54 -18.31 -93.86
CA VAL C 1128 0.57 -18.81 -92.49
C VAL C 1128 0.17 -17.72 -91.51
N VAL C 1129 0.40 -16.48 -91.84
CA VAL C 1129 0.13 -15.38 -90.94
C VAL C 1129 -1.29 -14.88 -91.19
N ILE C 1130 -1.99 -14.55 -90.11
CA ILE C 1130 -3.41 -14.23 -90.15
C ILE C 1130 -3.55 -12.72 -90.37
N GLY C 1131 -3.90 -12.33 -91.59
CA GLY C 1131 -4.12 -10.94 -91.91
C GLY C 1131 -3.19 -10.32 -92.92
N ILE C 1132 -2.39 -11.11 -93.64
CA ILE C 1132 -1.56 -10.58 -94.71
C ILE C 1132 -2.42 -9.84 -95.72
N VAL C 1133 -1.89 -8.75 -96.26
CA VAL C 1133 -2.51 -8.09 -97.39
C VAL C 1133 -1.53 -8.06 -98.55
N ASN C 1134 -2.08 -7.97 -99.75
CA ASN C 1134 -1.29 -7.95 -100.96
C ASN C 1134 -0.91 -6.54 -101.41
N ASN C 1135 0.39 -6.32 -101.58
CA ASN C 1135 0.88 -5.03 -102.03
C ASN C 1135 2.28 -5.25 -102.57
N THR C 1136 2.86 -4.22 -103.14
CA THR C 1136 4.14 -4.34 -103.81
C THR C 1136 5.25 -3.74 -102.96
N VAL C 1137 6.39 -4.42 -102.93
CA VAL C 1137 7.55 -3.98 -102.19
C VAL C 1137 8.58 -3.53 -103.21
N TYR C 1138 8.85 -2.24 -103.23
CA TYR C 1138 9.65 -1.66 -104.30
C TYR C 1138 11.12 -1.90 -104.02
N ASP C 1139 11.83 -2.42 -105.02
CA ASP C 1139 13.26 -2.62 -104.93
C ASP C 1139 13.98 -1.48 -105.63
N PRO C 1140 14.85 -0.74 -104.96
CA PRO C 1140 15.50 0.42 -105.59
C PRO C 1140 16.55 0.05 -106.64
N LEU C 1141 17.23 -1.06 -106.41
CA LEU C 1141 18.33 -1.46 -107.26
C LEU C 1141 17.92 -1.65 -108.71
N GLN C 1142 16.70 -2.13 -108.95
CA GLN C 1142 16.33 -2.47 -110.31
C GLN C 1142 16.21 -1.21 -111.17
N PRO C 1143 15.41 -0.21 -110.76
CA PRO C 1143 15.45 1.05 -111.52
C PRO C 1143 16.79 1.76 -111.41
N GLU C 1144 17.65 1.36 -110.46
CA GLU C 1144 19.00 1.91 -110.46
C GLU C 1144 19.79 1.43 -111.66
N LEU C 1145 19.99 0.12 -111.77
CA LEU C 1145 20.77 -0.43 -112.86
C LEU C 1145 19.95 -0.67 -114.13
N ASP C 1146 18.64 -0.42 -114.09
CA ASP C 1146 17.75 -0.66 -115.21
C ASP C 1146 17.82 -2.11 -115.66
N GLU D 1 27.21 8.18 75.58
CA GLU D 1 26.34 7.16 75.03
C GLU D 1 25.16 6.92 75.96
N VAL D 2 24.39 7.97 76.22
CA VAL D 2 23.15 7.89 76.98
C VAL D 2 21.99 8.25 76.05
N GLN D 3 21.05 7.31 75.89
CA GLN D 3 20.16 7.35 74.74
C GLN D 3 18.94 6.45 74.87
N LEU D 4 18.12 6.43 73.82
CA LEU D 4 16.97 5.54 73.62
C LEU D 4 15.89 5.67 74.67
N VAL D 5 15.29 6.86 74.76
CA VAL D 5 14.06 7.03 75.51
C VAL D 5 12.88 6.72 74.59
N GLU D 6 11.85 6.08 75.14
CA GLU D 6 10.65 5.76 74.36
C GLU D 6 9.45 6.53 74.90
N SER D 7 8.41 6.69 74.06
CA SER D 7 7.18 7.39 74.43
C SER D 7 6.06 7.11 73.44
N GLY D 8 4.82 7.34 73.85
CA GLY D 8 3.69 7.41 72.93
C GLY D 8 2.60 6.38 73.15
N GLY D 9 2.92 5.20 73.67
CA GLY D 9 1.96 4.11 73.70
C GLY D 9 0.92 4.28 74.78
N GLY D 10 -0.09 3.41 74.72
CA GLY D 10 -1.13 3.39 75.74
C GLY D 10 -2.46 2.85 75.27
N LEU D 11 -3.53 3.42 75.81
CA LEU D 11 -4.89 3.00 75.48
C LEU D 11 -5.29 3.44 74.09
N ILE D 12 -5.66 2.46 73.26
CA ILE D 12 -6.09 2.75 71.90
C ILE D 12 -7.05 1.67 71.44
N GLN D 13 -8.18 2.09 70.90
CA GLN D 13 -9.20 1.17 70.43
C GLN D 13 -8.70 0.49 69.16
N PRO D 14 -9.12 -0.74 68.92
CA PRO D 14 -8.67 -1.44 67.71
C PRO D 14 -9.16 -0.79 66.44
N GLY D 15 -8.47 -1.05 65.33
CA GLY D 15 -8.78 -0.43 64.07
C GLY D 15 -8.14 0.92 63.87
N GLY D 16 -7.52 1.49 64.90
CA GLY D 16 -6.88 2.77 64.79
C GLY D 16 -5.51 2.68 64.17
N SER D 17 -4.64 3.63 64.55
CA SER D 17 -3.29 3.70 64.05
C SER D 17 -2.45 4.58 64.97
N LEU D 18 -1.17 4.25 65.14
CA LEU D 18 -0.34 5.03 66.05
C LEU D 18 1.09 5.05 65.53
N ARG D 19 1.71 6.23 65.60
CA ARG D 19 3.13 6.39 65.36
C ARG D 19 3.82 6.51 66.71
N LEU D 20 4.69 5.56 67.02
CA LEU D 20 5.50 5.66 68.22
C LEU D 20 6.79 6.40 67.93
N SER D 21 7.43 6.86 69.00
CA SER D 21 8.68 7.60 68.88
C SER D 21 9.68 7.07 69.88
N CYS D 22 10.87 6.77 69.40
CA CYS D 22 12.01 6.45 70.25
C CYS D 22 13.13 7.43 69.89
N ALA D 23 13.31 8.44 70.74
CA ALA D 23 14.39 9.37 70.52
C ALA D 23 15.64 8.90 71.25
N ALA D 24 16.79 9.12 70.60
CA ALA D 24 18.08 8.81 71.21
C ALA D 24 18.87 10.08 71.44
N SER D 25 20.10 9.94 71.95
CA SER D 25 20.92 11.10 72.25
C SER D 25 22.40 10.74 72.25
N GLY D 26 23.23 11.64 71.73
CA GLY D 26 24.67 11.42 71.73
C GLY D 26 25.13 10.34 70.77
N PHE D 27 24.54 10.29 69.58
CA PHE D 27 24.80 9.19 68.66
C PHE D 27 24.35 9.59 67.26
N THR D 28 25.13 9.17 66.27
CA THR D 28 24.75 9.36 64.87
C THR D 28 23.74 8.29 64.50
N VAL D 29 22.46 8.62 64.61
CA VAL D 29 21.37 7.67 64.42
C VAL D 29 21.17 7.32 62.95
N SER D 30 21.79 8.07 62.04
CA SER D 30 21.67 7.76 60.64
C SER D 30 22.55 6.60 60.21
N SER D 31 23.78 6.58 60.69
CA SER D 31 24.80 5.66 60.19
C SER D 31 24.82 4.40 61.06
N ASN D 32 23.66 3.76 61.19
CA ASN D 32 23.56 2.43 61.81
C ASN D 32 22.22 1.78 61.53
N TYR D 33 22.02 0.60 62.09
CA TYR D 33 20.72 -0.06 62.07
C TYR D 33 20.05 0.16 63.42
N MET D 34 18.73 0.27 63.39
CA MET D 34 17.92 0.17 64.60
C MET D 34 16.96 -0.99 64.43
N SER D 35 16.23 -1.29 65.49
CA SER D 35 15.25 -2.36 65.39
C SER D 35 14.15 -2.17 66.40
N TRP D 36 13.10 -2.95 66.22
CA TRP D 36 11.97 -2.99 67.13
C TRP D 36 11.74 -4.43 67.56
N VAL D 37 11.42 -4.61 68.84
CA VAL D 37 11.18 -5.93 69.40
C VAL D 37 10.04 -5.82 70.40
N ARG D 38 9.17 -6.82 70.40
CA ARG D 38 8.05 -6.83 71.33
C ARG D 38 8.35 -7.75 72.50
N GLN D 39 7.56 -7.59 73.55
CA GLN D 39 7.64 -8.45 74.72
C GLN D 39 6.23 -8.66 75.23
N ALA D 40 5.65 -9.81 74.91
CA ALA D 40 4.35 -10.15 75.43
C ALA D 40 4.46 -10.34 76.95
N PRO D 41 3.48 -9.89 77.73
CA PRO D 41 3.68 -9.81 79.18
C PRO D 41 3.75 -11.15 79.88
N GLY D 42 3.27 -12.21 79.24
CA GLY D 42 3.44 -13.53 79.80
C GLY D 42 4.49 -14.33 79.05
N LYS D 43 4.92 -13.82 77.90
CA LYS D 43 5.73 -14.59 76.98
C LYS D 43 7.09 -13.94 76.77
N GLY D 44 7.85 -14.47 75.82
CA GLY D 44 9.22 -14.03 75.59
C GLY D 44 9.36 -12.82 74.69
N LEU D 45 10.47 -12.77 73.96
CA LEU D 45 10.85 -11.63 73.15
C LEU D 45 10.74 -12.00 71.68
N GLU D 46 10.08 -11.14 70.90
CA GLU D 46 9.84 -11.44 69.50
C GLU D 46 10.17 -10.22 68.65
N TRP D 47 11.04 -10.42 67.67
CA TRP D 47 11.54 -9.32 66.85
C TRP D 47 10.43 -8.78 65.96
N VAL D 48 10.38 -7.45 65.82
CA VAL D 48 9.37 -6.84 64.96
C VAL D 48 9.95 -6.42 63.62
N SER D 49 10.89 -5.49 63.63
CA SER D 49 11.31 -4.87 62.38
C SER D 49 12.73 -4.34 62.52
N VAL D 50 13.35 -4.07 61.38
CA VAL D 50 14.69 -3.50 61.30
C VAL D 50 14.72 -2.42 60.23
N ILE D 51 15.64 -1.47 60.39
CA ILE D 51 15.96 -0.50 59.35
C ILE D 51 17.45 -0.64 59.05
N TYR D 52 17.88 -0.13 57.90
CA TYR D 52 19.30 -0.13 57.59
C TYR D 52 19.85 1.29 57.64
N SER D 53 21.17 1.40 57.70
CA SER D 53 21.81 2.69 57.56
C SER D 53 21.67 3.25 56.15
N GLY D 54 21.62 2.39 55.15
CA GLY D 54 21.20 2.83 53.83
C GLY D 54 19.73 3.19 53.80
N GLY D 55 18.92 2.45 54.55
CA GLY D 55 17.53 2.81 54.72
C GLY D 55 16.54 1.70 54.39
N SER D 56 17.04 0.51 54.06
CA SER D 56 16.14 -0.59 53.75
C SER D 56 15.52 -1.14 55.02
N THR D 57 14.25 -1.53 54.91
CA THR D 57 13.48 -1.98 56.05
C THR D 57 13.01 -3.41 55.82
N TYR D 58 12.77 -4.11 56.92
CA TYR D 58 12.17 -5.44 56.90
C TYR D 58 11.25 -5.56 58.10
N TYR D 59 10.32 -6.51 58.03
CA TYR D 59 9.30 -6.66 59.05
C TYR D 59 9.09 -8.12 59.35
N ALA D 60 8.34 -8.38 60.42
CA ALA D 60 7.84 -9.73 60.65
C ALA D 60 6.73 -10.03 59.67
N ASP D 61 6.44 -11.33 59.52
CA ASP D 61 5.46 -11.75 58.52
C ASP D 61 4.05 -11.43 58.98
N SER D 62 3.81 -11.43 60.29
CA SER D 62 2.47 -11.16 60.81
C SER D 62 2.13 -9.69 60.66
N VAL D 63 3.13 -8.83 60.74
CA VAL D 63 2.91 -7.39 60.70
C VAL D 63 3.09 -6.88 59.28
N LYS D 64 3.14 -7.82 58.32
CA LYS D 64 3.31 -7.45 56.93
C LYS D 64 2.08 -6.72 56.41
N GLY D 65 2.33 -5.65 55.65
CA GLY D 65 1.25 -4.84 55.10
C GLY D 65 0.57 -3.94 56.09
N ARG D 66 1.05 -3.89 57.33
CA ARG D 66 0.34 -3.17 58.37
C ARG D 66 1.21 -2.06 58.94
N PHE D 67 2.46 -2.37 59.22
CA PHE D 67 3.28 -1.52 60.08
C PHE D 67 4.36 -0.87 59.22
N THR D 68 4.57 0.43 59.43
CA THR D 68 5.56 1.20 58.68
C THR D 68 6.52 1.83 59.68
N ILE D 69 7.82 1.64 59.46
CA ILE D 69 8.81 2.34 60.26
C ILE D 69 9.40 3.49 59.45
N SER D 70 9.90 4.49 60.15
CA SER D 70 10.58 5.62 59.53
C SER D 70 11.42 6.32 60.60
N ARG D 71 12.19 7.32 60.16
CA ARG D 71 13.02 8.07 61.09
C ARG D 71 13.25 9.46 60.52
N ASP D 72 13.58 10.40 61.40
CA ASP D 72 14.07 11.71 61.01
C ASP D 72 15.45 11.91 61.63
N ASN D 73 16.48 11.82 60.83
CA ASN D 73 17.84 12.03 61.30
C ASN D 73 18.19 13.49 61.49
N SER D 74 17.32 14.41 61.09
CA SER D 74 17.46 15.80 61.47
C SER D 74 17.08 16.04 62.92
N LYS D 75 16.24 15.17 63.48
CA LYS D 75 15.83 15.31 64.87
C LYS D 75 16.13 14.04 65.67
N ASN D 76 16.73 13.05 65.00
CA ASN D 76 17.22 11.79 65.60
C ASN D 76 16.10 11.03 66.30
N THR D 77 15.01 10.81 65.58
CA THR D 77 13.78 10.28 66.15
C THR D 77 13.23 9.17 65.27
N LEU D 78 13.27 7.94 65.79
CA LEU D 78 12.70 6.81 65.10
C LEU D 78 11.17 6.82 65.22
N TYR D 79 10.50 6.42 64.15
CA TYR D 79 9.04 6.47 64.09
C TYR D 79 8.51 5.10 63.72
N LEU D 80 7.80 4.46 64.64
CA LEU D 80 7.10 3.22 64.35
C LEU D 80 5.61 3.53 64.20
N GLN D 81 5.18 3.66 62.95
CA GLN D 81 3.77 3.86 62.66
C GLN D 81 3.13 2.50 62.43
N MET D 82 2.30 2.09 63.38
CA MET D 82 1.57 0.85 63.30
C MET D 82 0.12 1.14 62.90
N ASN D 83 -0.41 0.37 61.98
CA ASN D 83 -1.75 0.57 61.47
C ASN D 83 -2.54 -0.73 61.49
N SER D 84 -3.87 -0.59 61.39
CA SER D 84 -4.85 -1.67 61.38
C SER D 84 -4.69 -2.55 62.60
N LEU D 85 -4.89 -1.98 63.78
CA LEU D 85 -4.47 -2.58 65.02
C LEU D 85 -5.41 -3.70 65.42
N ARG D 86 -4.85 -4.87 65.69
CA ARG D 86 -5.60 -6.03 66.15
C ARG D 86 -5.37 -6.23 67.64
N ALA D 87 -6.26 -7.00 68.25
CA ALA D 87 -6.25 -7.21 69.69
C ALA D 87 -5.45 -8.45 70.03
N GLU D 88 -4.25 -8.56 69.48
CA GLU D 88 -3.28 -9.52 69.98
C GLU D 88 -1.89 -8.91 69.93
N ASP D 89 -1.81 -7.71 69.39
CA ASP D 89 -0.57 -6.94 69.32
C ASP D 89 -0.53 -6.04 70.54
N THR D 90 -0.54 -6.66 71.72
CA THR D 90 -0.79 -5.93 72.95
C THR D 90 0.44 -5.91 73.83
N ALA D 91 1.60 -6.19 73.23
CA ALA D 91 2.83 -6.30 73.99
C ALA D 91 3.36 -4.92 74.35
N VAL D 92 4.40 -4.92 75.19
CA VAL D 92 5.25 -3.75 75.37
C VAL D 92 6.35 -3.85 74.33
N TYR D 93 6.78 -2.71 73.80
CA TYR D 93 7.70 -2.72 72.69
C TYR D 93 8.98 -1.98 73.06
N TYR D 94 10.07 -2.34 72.38
CA TYR D 94 11.38 -1.78 72.68
C TYR D 94 12.08 -1.37 71.40
N CYS D 95 12.49 -0.12 71.35
CA CYS D 95 13.46 0.27 70.35
C CYS D 95 14.84 -0.21 70.79
N ALA D 96 15.63 -0.64 69.81
CA ALA D 96 16.92 -1.25 70.12
C ALA D 96 17.94 -0.79 69.10
N ARG D 97 19.05 -0.26 69.58
CA ARG D 97 20.18 0.02 68.71
C ARG D 97 20.77 -1.29 68.24
N ASP D 98 21.16 -1.35 66.98
CA ASP D 98 21.58 -2.60 66.37
C ASP D 98 23.01 -2.49 65.86
N TYR D 99 23.76 -3.58 66.00
CA TYR D 99 25.10 -3.66 65.46
C TYR D 99 25.22 -4.86 64.53
N GLY D 100 25.81 -4.63 63.36
CA GLY D 100 26.55 -5.65 62.63
C GLY D 100 25.82 -6.94 62.29
N ASP D 101 26.15 -7.98 63.06
CA ASP D 101 25.50 -9.30 63.10
C ASP D 101 24.02 -9.29 63.45
N PHE D 102 23.47 -8.10 63.69
CA PHE D 102 22.14 -7.80 64.20
C PHE D 102 22.07 -8.33 65.62
N TYR D 103 23.03 -7.86 66.41
CA TYR D 103 22.93 -7.85 67.86
C TYR D 103 22.22 -6.57 68.25
N PHE D 104 21.30 -6.68 69.20
CA PHE D 104 20.64 -5.50 69.76
C PHE D 104 21.38 -5.15 71.05
N ASP D 105 22.37 -4.27 70.92
CA ASP D 105 23.28 -4.03 72.03
C ASP D 105 22.72 -3.02 73.02
N TYR D 106 22.23 -1.88 72.54
CA TYR D 106 21.71 -0.84 73.40
C TYR D 106 20.19 -0.90 73.31
N TRP D 107 19.53 -0.64 74.44
CA TRP D 107 18.13 -0.93 74.57
C TRP D 107 17.37 0.29 75.05
N GLY D 108 16.09 0.36 74.67
CA GLY D 108 15.22 1.43 75.08
C GLY D 108 14.65 1.21 76.46
N GLN D 109 13.58 1.95 76.76
CA GLN D 109 13.00 1.91 78.09
C GLN D 109 11.70 1.12 78.06
N GLY D 110 10.88 1.34 77.04
CA GLY D 110 9.67 0.59 76.87
C GLY D 110 8.46 1.48 76.95
N THR D 111 7.42 1.06 76.24
CA THR D 111 6.12 1.73 76.31
C THR D 111 5.04 0.73 75.98
N LEU D 112 3.92 0.86 76.67
CA LEU D 112 2.85 -0.13 76.59
C LEU D 112 1.93 0.13 75.42
N VAL D 113 1.71 -0.90 74.63
CA VAL D 113 0.73 -0.89 73.56
C VAL D 113 -0.44 -1.72 74.06
N THR D 114 -1.58 -1.08 74.31
CA THR D 114 -2.74 -1.77 74.84
C THR D 114 -3.92 -1.53 73.93
N VAL D 115 -4.48 -2.61 73.38
CA VAL D 115 -5.61 -2.50 72.47
C VAL D 115 -6.89 -2.14 73.23
N SER D 116 -7.83 -1.51 72.53
CA SER D 116 -9.10 -1.11 73.13
C SER D 116 -9.72 -2.26 73.91
N SER D 117 -10.34 -1.92 75.04
CA SER D 117 -10.98 -2.91 75.89
C SER D 117 -11.38 -2.33 77.24
N ALA D 118 -12.67 -2.04 77.40
CA ALA D 118 -13.18 -1.48 78.64
C ALA D 118 -12.82 0.01 78.76
N SER D 119 -12.22 0.55 77.70
CA SER D 119 -11.81 1.95 77.68
C SER D 119 -10.88 2.27 78.84
N THR D 120 -10.78 3.56 79.17
CA THR D 120 -9.92 4.00 80.27
C THR D 120 -10.74 4.48 81.46
N LYS D 121 -10.59 3.81 82.59
CA LYS D 121 -11.31 4.17 83.79
C LYS D 121 -10.34 4.46 84.93
N GLY D 122 -10.79 5.31 85.84
CA GLY D 122 -9.98 5.73 86.96
C GLY D 122 -10.08 4.80 88.13
N PRO D 123 -9.10 4.83 89.03
CA PRO D 123 -9.09 3.88 90.14
C PRO D 123 -9.97 4.33 91.28
N SER D 124 -10.52 3.35 92.00
CA SER D 124 -11.22 3.59 93.25
C SER D 124 -10.34 3.15 94.41
N VAL D 125 -10.16 4.02 95.40
CA VAL D 125 -9.17 3.81 96.45
C VAL D 125 -9.89 3.64 97.78
N PHE D 126 -9.43 2.68 98.57
CA PHE D 126 -9.80 2.50 99.97
C PHE D 126 -8.54 2.35 100.83
N PRO D 127 -8.55 2.82 102.07
CA PRO D 127 -7.43 2.53 102.96
C PRO D 127 -7.69 1.28 103.79
N LEU D 128 -6.75 0.34 103.77
CA LEU D 128 -6.83 -0.86 104.62
C LEU D 128 -6.07 -0.52 105.90
N ALA D 129 -6.84 -0.31 106.96
CA ALA D 129 -6.41 0.17 108.26
C ALA D 129 -5.48 -0.83 108.93
N PRO D 130 -4.52 -0.34 109.73
CA PRO D 130 -3.77 -1.25 110.59
C PRO D 130 -4.67 -1.77 111.71
N SER D 131 -4.57 -3.08 111.96
CA SER D 131 -5.44 -3.70 112.94
C SER D 131 -4.64 -4.71 113.76
N SER D 132 -5.22 -5.10 114.90
CA SER D 132 -4.58 -6.12 115.73
C SER D 132 -4.52 -7.46 115.03
N LYS D 133 -5.46 -7.73 114.12
CA LYS D 133 -5.38 -8.93 113.29
C LYS D 133 -4.23 -8.86 112.31
N SER D 134 -3.78 -7.64 111.98
CA SER D 134 -2.53 -7.46 111.24
C SER D 134 -1.36 -7.20 112.16
N THR D 135 -1.61 -6.80 113.40
CA THR D 135 -0.54 -6.51 114.34
C THR D 135 0.03 -7.81 114.92
N SER D 136 1.34 -7.85 115.10
CA SER D 136 2.03 -8.99 115.73
C SER D 136 3.30 -8.47 116.40
N GLY D 137 3.24 -8.32 117.72
CA GLY D 137 4.44 -7.96 118.46
C GLY D 137 4.85 -6.53 118.18
N GLY D 138 6.02 -6.38 117.54
CA GLY D 138 6.63 -5.08 117.37
C GLY D 138 6.14 -4.28 116.19
N THR D 139 5.47 -4.92 115.23
CA THR D 139 5.09 -4.26 113.99
C THR D 139 3.62 -4.53 113.65
N ALA D 140 3.06 -3.65 112.82
CA ALA D 140 1.70 -3.78 112.31
C ALA D 140 1.67 -3.21 110.90
N ALA D 141 0.82 -3.77 110.05
CA ALA D 141 0.80 -3.46 108.64
C ALA D 141 -0.46 -2.67 108.27
N LEU D 142 -0.30 -1.71 107.37
CA LEU D 142 -1.40 -0.92 106.82
C LEU D 142 -1.14 -0.66 105.35
N GLY D 143 -2.21 -0.36 104.60
CA GLY D 143 -2.01 -0.19 103.18
C GLY D 143 -3.15 0.50 102.49
N CYS D 144 -3.12 0.47 101.17
CA CYS D 144 -4.12 1.13 100.32
C CYS D 144 -4.50 0.19 99.18
N LEU D 145 -5.80 0.04 98.97
CA LEU D 145 -6.37 -0.80 97.94
C LEU D 145 -6.86 0.09 96.81
N VAL D 146 -6.25 -0.03 95.64
CA VAL D 146 -6.60 0.77 94.47
C VAL D 146 -7.11 -0.21 93.41
N LYS D 147 -8.39 -0.11 93.07
CA LYS D 147 -9.04 -1.14 92.28
C LYS D 147 -9.80 -0.54 91.10
N ASP D 148 -10.29 -1.44 90.23
CA ASP D 148 -11.14 -1.12 89.09
C ASP D 148 -10.61 0.00 88.21
N TYR D 149 -9.51 -0.27 87.51
CA TYR D 149 -9.01 0.63 86.49
C TYR D 149 -8.54 -0.16 85.28
N PHE D 150 -8.78 0.35 84.08
CA PHE D 150 -8.24 -0.30 82.89
C PHE D 150 -6.81 0.11 82.56
N PRO D 151 -6.46 1.39 82.56
CA PRO D 151 -5.17 1.80 81.96
C PRO D 151 -3.98 1.38 82.81
N GLU D 152 -3.48 0.18 82.51
CA GLU D 152 -2.55 -0.65 83.29
C GLU D 152 -1.52 0.14 84.11
N PRO D 153 -0.75 1.07 83.54
CA PRO D 153 0.25 1.73 84.37
C PRO D 153 -0.37 2.67 85.40
N VAL D 154 -0.29 2.28 86.66
CA VAL D 154 -0.81 3.06 87.79
C VAL D 154 0.22 2.97 88.90
N THR D 155 0.32 4.01 89.74
CA THR D 155 1.33 3.96 90.78
C THR D 155 0.72 4.44 92.08
N VAL D 156 1.18 3.84 93.18
CA VAL D 156 0.83 4.26 94.52
C VAL D 156 2.13 4.37 95.31
N SER D 157 2.37 5.55 95.87
CA SER D 157 3.53 5.76 96.71
C SER D 157 3.07 5.95 98.15
N TRP D 158 4.02 5.90 99.08
CA TRP D 158 3.72 6.14 100.48
C TRP D 158 4.39 7.42 100.95
N ASN D 159 3.56 8.37 101.36
CA ASN D 159 4.02 9.65 101.90
C ASN D 159 4.92 10.36 100.89
N SER D 160 4.40 10.54 99.69
CA SER D 160 5.08 11.27 98.61
C SER D 160 6.45 10.68 98.30
N GLY D 161 6.62 9.38 98.54
CA GLY D 161 7.89 8.72 98.30
C GLY D 161 8.80 8.64 99.50
N ALA D 162 8.31 8.92 100.71
CA ALA D 162 9.17 8.93 101.88
C ALA D 162 9.51 7.54 102.39
N LEU D 163 8.54 6.70 102.67
CA LEU D 163 8.77 5.40 103.28
C LEU D 163 9.16 4.40 102.20
N THR D 164 10.34 3.79 102.38
CA THR D 164 10.81 2.75 101.47
C THR D 164 10.97 1.44 102.21
N SER D 165 10.77 1.47 103.53
CA SER D 165 10.87 0.29 104.37
C SER D 165 9.50 -0.37 104.50
N GLY D 166 9.42 -1.64 104.13
CA GLY D 166 8.19 -2.40 104.21
C GLY D 166 7.17 -2.11 103.13
N VAL D 167 7.35 -1.03 102.38
CA VAL D 167 6.42 -0.69 101.31
C VAL D 167 6.56 -1.72 100.19
N HIS D 168 5.48 -2.45 99.93
CA HIS D 168 5.47 -3.46 98.87
C HIS D 168 4.15 -3.45 98.10
N THR D 169 4.22 -3.05 96.82
CA THR D 169 3.04 -2.99 95.97
C THR D 169 2.93 -4.33 95.25
N PHE D 170 1.79 -4.95 95.36
CA PHE D 170 1.64 -6.27 94.78
C PHE D 170 1.20 -6.19 93.34
N PRO D 171 1.52 -7.19 92.52
CA PRO D 171 1.12 -7.15 91.11
C PRO D 171 -0.38 -6.95 90.97
N ALA D 172 -0.76 -6.10 90.03
CA ALA D 172 -2.17 -5.86 89.79
C ALA D 172 -2.83 -7.15 89.31
N VAL D 173 -4.10 -7.29 89.64
CA VAL D 173 -4.86 -8.46 89.23
C VAL D 173 -5.93 -8.03 88.24
N LEU D 174 -6.15 -8.88 87.25
CA LEU D 174 -7.13 -8.61 86.20
C LEU D 174 -8.38 -9.42 86.49
N GLN D 175 -9.47 -8.73 86.76
CA GLN D 175 -10.72 -9.37 87.14
C GLN D 175 -11.48 -9.86 85.91
N SER D 176 -12.58 -10.56 86.16
CA SER D 176 -13.46 -10.95 85.07
C SER D 176 -14.15 -9.75 84.45
N SER D 177 -14.38 -8.70 85.25
CA SER D 177 -14.98 -7.48 84.72
C SER D 177 -14.12 -6.83 83.65
N GLY D 178 -12.84 -7.22 83.54
CA GLY D 178 -11.93 -6.62 82.59
C GLY D 178 -11.08 -5.51 83.13
N LEU D 179 -11.27 -5.12 84.39
CA LEU D 179 -10.52 -4.03 84.99
C LEU D 179 -9.49 -4.56 85.97
N TYR D 180 -8.41 -3.81 86.14
CA TYR D 180 -7.34 -4.23 87.03
C TYR D 180 -7.64 -3.81 88.45
N SER D 181 -6.86 -4.35 89.37
CA SER D 181 -6.93 -3.99 90.79
C SER D 181 -5.64 -4.42 91.46
N LEU D 182 -5.26 -3.67 92.49
CA LEU D 182 -4.07 -4.01 93.26
C LEU D 182 -4.19 -3.40 94.64
N SER D 183 -3.25 -3.78 95.51
CA SER D 183 -3.18 -3.30 96.88
C SER D 183 -1.71 -3.22 97.32
N SER D 184 -1.31 -2.09 97.88
CA SER D 184 0.06 -1.90 98.33
C SER D 184 0.06 -1.74 99.84
N VAL D 185 0.92 -2.50 100.51
CA VAL D 185 0.92 -2.55 101.96
C VAL D 185 2.33 -2.30 102.49
N VAL D 186 2.40 -1.72 103.69
CA VAL D 186 3.65 -1.42 104.36
C VAL D 186 3.48 -1.69 105.85
N THR D 187 4.50 -2.29 106.46
CA THR D 187 4.53 -2.53 107.89
C THR D 187 5.28 -1.41 108.59
N VAL D 188 4.90 -1.14 109.83
CA VAL D 188 5.42 0.00 110.59
C VAL D 188 5.28 -0.38 112.07
N PRO D 189 6.21 0.00 112.93
CA PRO D 189 6.15 -0.44 114.33
C PRO D 189 4.78 -0.23 114.96
N SER D 190 4.34 -1.23 115.72
CA SER D 190 3.00 -1.18 116.31
C SER D 190 2.88 -0.07 117.34
N SER D 191 4.00 0.43 117.86
CA SER D 191 3.94 1.63 118.69
C SER D 191 3.55 2.85 117.88
N SER D 192 3.66 2.77 116.55
CA SER D 192 3.42 3.88 115.66
C SER D 192 2.19 3.68 114.79
N LEU D 193 1.09 3.18 115.35
CA LEU D 193 -0.13 2.95 114.57
C LEU D 193 -0.62 4.22 113.90
N GLY D 194 -1.03 5.21 114.70
CA GLY D 194 -1.51 6.46 114.13
C GLY D 194 -0.51 7.60 114.23
N THR D 195 0.61 7.35 114.91
CA THR D 195 1.48 8.43 115.35
C THR D 195 1.98 9.32 114.21
N GLN D 196 2.56 8.73 113.18
CA GLN D 196 3.15 9.52 112.11
C GLN D 196 2.23 9.54 110.89
N THR D 197 2.72 10.13 109.80
CA THR D 197 1.93 10.26 108.58
C THR D 197 2.12 9.04 107.69
N TYR D 198 1.01 8.46 107.25
CA TYR D 198 1.04 7.37 106.28
C TYR D 198 -0.06 7.65 105.27
N ILE D 199 0.27 8.41 104.23
CA ILE D 199 -0.68 8.79 103.19
C ILE D 199 -0.21 8.21 101.88
N CYS D 200 -1.06 7.38 101.27
CA CYS D 200 -0.77 6.79 99.98
C CYS D 200 -1.17 7.78 98.88
N ASN D 201 -0.23 8.02 97.98
CA ASN D 201 -0.37 8.96 96.87
C ASN D 201 -0.63 8.12 95.64
N VAL D 202 -1.86 8.19 95.14
CA VAL D 202 -2.30 7.41 94.00
C VAL D 202 -2.24 8.31 92.76
N ASN D 203 -1.48 7.89 91.76
CA ASN D 203 -1.39 8.60 90.50
C ASN D 203 -1.65 7.65 89.35
N HIS D 204 -2.55 8.08 88.45
CA HIS D 204 -2.96 7.34 87.26
C HIS D 204 -2.54 8.17 86.06
N LYS D 205 -1.49 7.72 85.37
CA LYS D 205 -0.85 8.50 84.33
C LYS D 205 -1.59 8.56 82.99
N PRO D 206 -2.20 7.46 82.52
CA PRO D 206 -3.03 7.62 81.30
C PRO D 206 -4.17 8.58 81.50
N SER D 207 -4.88 8.49 82.63
CA SER D 207 -5.77 9.56 83.05
C SER D 207 -4.94 10.60 83.79
N ASN D 208 -5.57 11.49 84.53
CA ASN D 208 -4.87 12.47 85.34
C ASN D 208 -5.36 12.45 86.78
N THR D 209 -5.46 11.25 87.36
CA THR D 209 -5.94 11.09 88.72
C THR D 209 -4.79 11.15 89.72
N LYS D 210 -4.96 11.98 90.74
CA LYS D 210 -3.98 12.13 91.82
C LYS D 210 -4.75 12.34 93.12
N VAL D 211 -4.69 11.36 94.02
CA VAL D 211 -5.43 11.41 95.28
C VAL D 211 -4.55 10.88 96.41
N ASP D 212 -4.56 11.56 97.55
CA ASP D 212 -3.83 11.13 98.73
C ASP D 212 -4.82 10.64 99.78
N LYS D 213 -4.62 9.41 100.24
CA LYS D 213 -5.51 8.78 101.22
C LYS D 213 -4.73 8.40 102.47
N LYS D 214 -5.22 8.82 103.63
CA LYS D 214 -4.59 8.52 104.90
C LYS D 214 -5.15 7.21 105.46
N VAL D 215 -4.26 6.38 106.02
CA VAL D 215 -4.64 5.11 106.63
C VAL D 215 -4.44 5.22 108.13
N GLU D 216 -5.50 4.96 108.89
CA GLU D 216 -5.48 5.06 110.33
C GLU D 216 -6.07 3.80 110.93
N PRO D 217 -5.71 3.46 112.16
CA PRO D 217 -6.27 2.26 112.79
C PRO D 217 -7.78 2.28 112.81
N LYS D 218 -8.36 1.08 112.89
CA LYS D 218 -9.81 0.95 112.84
C LYS D 218 -10.46 1.62 114.04
N SER D 219 -11.63 2.19 113.80
CA SER D 219 -12.36 2.96 114.80
C SER D 219 -12.65 2.15 116.06
N GLU E 1 15.25 -26.72 61.56
CA GLU E 1 14.32 -25.73 62.07
C GLU E 1 14.98 -24.90 63.17
N ILE E 2 14.59 -23.64 63.29
CA ILE E 2 15.21 -22.77 64.27
C ILE E 2 14.22 -22.38 65.38
N VAL E 3 14.30 -23.09 66.50
CA VAL E 3 13.57 -22.77 67.72
C VAL E 3 14.52 -22.97 68.89
N LEU E 4 14.70 -21.94 69.70
CA LEU E 4 15.54 -22.00 70.88
C LEU E 4 14.76 -22.58 72.04
N THR E 5 15.28 -23.64 72.64
CA THR E 5 14.62 -24.30 73.76
C THR E 5 15.55 -24.39 74.97
N GLN E 6 15.13 -23.80 76.08
CA GLN E 6 15.91 -23.81 77.30
C GLN E 6 16.03 -25.21 77.88
N SER E 7 17.13 -25.49 78.57
CA SER E 7 17.37 -26.81 79.16
C SER E 7 16.41 -27.05 80.33
N PRO E 8 16.59 -26.31 81.42
CA PRO E 8 15.74 -26.48 82.60
C PRO E 8 14.57 -25.51 82.63
N GLY E 9 14.87 -24.23 82.47
CA GLY E 9 13.87 -23.18 82.49
C GLY E 9 13.92 -22.35 83.75
N THR E 10 14.62 -22.85 84.76
CA THR E 10 14.74 -22.16 86.04
C THR E 10 15.76 -22.84 86.94
N LEU E 11 16.44 -22.05 87.77
CA LEU E 11 17.45 -22.58 88.69
C LEU E 11 17.44 -21.81 90.01
N SER E 12 17.26 -22.52 91.11
CA SER E 12 17.24 -21.91 92.43
C SER E 12 18.43 -22.44 93.22
N LEU E 13 19.37 -21.56 93.54
CA LEU E 13 20.64 -22.01 94.08
C LEU E 13 21.02 -21.14 95.29
N SER E 14 22.29 -21.26 95.69
CA SER E 14 22.85 -20.48 96.77
C SER E 14 24.11 -19.79 96.24
N PRO E 15 24.37 -18.56 96.65
CA PRO E 15 25.42 -17.77 95.99
C PRO E 15 26.83 -18.21 96.32
N GLY E 16 27.75 -17.96 95.40
CA GLY E 16 29.14 -18.31 95.57
C GLY E 16 29.56 -19.58 94.88
N GLU E 17 28.75 -20.12 93.98
CA GLU E 17 29.05 -21.40 93.36
C GLU E 17 28.91 -21.29 91.85
N ARG E 18 29.48 -22.26 91.15
CA ARG E 18 29.56 -22.19 89.70
C ARG E 18 28.24 -22.54 89.06
N ALA E 19 27.69 -21.58 88.33
CA ALA E 19 26.42 -21.72 87.63
C ALA E 19 26.67 -22.08 86.18
N THR E 20 25.87 -23.02 85.68
CA THR E 20 26.05 -23.51 84.33
C THR E 20 24.68 -23.81 83.74
N LEU E 21 24.45 -23.32 82.52
CA LEU E 21 23.20 -23.59 81.84
C LEU E 21 23.39 -23.61 80.34
N SER E 22 22.45 -24.19 79.62
CA SER E 22 22.51 -24.24 78.17
C SER E 22 21.18 -23.89 77.55
N CYS E 23 21.23 -23.67 76.24
CA CYS E 23 20.05 -23.44 75.42
C CYS E 23 20.19 -24.34 74.20
N ARG E 24 19.10 -25.01 73.86
CA ARG E 24 19.14 -26.03 72.82
C ARG E 24 18.31 -25.59 71.63
N ALA E 25 18.87 -25.74 70.44
CA ALA E 25 18.18 -25.35 69.22
C ALA E 25 17.32 -26.48 68.71
N SER E 26 16.75 -26.31 67.52
CA SER E 26 15.96 -27.36 66.89
C SER E 26 16.64 -27.85 65.62
N GLN E 27 17.87 -27.37 65.39
CA GLN E 27 18.74 -27.87 64.34
C GLN E 27 20.16 -27.47 64.69
N SER E 28 21.15 -27.98 63.95
CA SER E 28 22.48 -27.43 64.08
C SER E 28 22.55 -26.07 63.39
N VAL E 29 23.12 -25.10 64.10
CA VAL E 29 23.19 -23.74 63.61
C VAL E 29 24.54 -23.57 62.91
N SER E 30 24.58 -22.66 61.94
CA SER E 30 25.83 -22.16 61.42
C SER E 30 26.64 -21.51 62.53
N SER E 31 27.97 -21.57 62.39
CA SER E 31 28.93 -21.58 63.49
C SER E 31 28.87 -20.38 64.42
N SER E 32 28.39 -20.64 65.64
CA SER E 32 28.39 -19.71 66.77
C SER E 32 27.69 -18.39 66.48
N TYR E 33 26.69 -18.42 65.61
CA TYR E 33 25.99 -17.18 65.27
C TYR E 33 24.78 -16.93 66.14
N LEU E 34 25.01 -16.93 67.46
CA LEU E 34 23.97 -16.80 68.46
C LEU E 34 24.49 -15.93 69.59
N ALA E 35 23.64 -15.68 70.57
CA ALA E 35 24.00 -14.80 71.67
C ALA E 35 23.18 -15.15 72.89
N TRP E 36 23.48 -14.48 74.00
CA TRP E 36 22.70 -14.60 75.21
C TRP E 36 22.23 -13.22 75.65
N TYR E 37 21.20 -13.22 76.49
CA TYR E 37 20.62 -11.99 77.02
C TYR E 37 20.18 -12.23 78.44
N GLN E 38 20.10 -11.17 79.22
CA GLN E 38 19.49 -11.28 80.54
C GLN E 38 18.41 -10.22 80.64
N GLN E 39 17.43 -10.46 81.50
CA GLN E 39 16.36 -9.50 81.70
C GLN E 39 16.17 -9.26 83.18
N LYS E 40 16.34 -8.02 83.60
CA LYS E 40 15.95 -7.60 84.92
C LYS E 40 14.48 -7.21 84.91
N PRO E 41 13.66 -7.81 85.77
CA PRO E 41 12.21 -7.53 85.74
C PRO E 41 11.90 -6.11 86.16
N GLY E 42 11.10 -5.43 85.36
CA GLY E 42 10.87 -4.01 85.53
C GLY E 42 11.94 -3.14 84.92
N GLN E 43 12.91 -3.72 84.22
CA GLN E 43 13.99 -2.97 83.61
C GLN E 43 14.12 -3.39 82.16
N ALA E 44 15.07 -2.76 81.47
CA ALA E 44 15.37 -3.15 80.11
C ALA E 44 16.23 -4.40 80.12
N PRO E 45 16.05 -5.30 79.16
CA PRO E 45 16.98 -6.41 79.01
C PRO E 45 18.31 -5.91 78.47
N ARG E 46 19.37 -6.65 78.77
CA ARG E 46 20.71 -6.15 78.50
C ARG E 46 21.52 -7.24 77.81
N LEU E 47 22.59 -6.79 77.15
CA LEU E 47 23.58 -7.64 76.50
C LEU E 47 24.14 -8.69 77.46
N LEU E 48 24.43 -9.89 76.94
CA LEU E 48 25.26 -10.78 77.73
C LEU E 48 26.57 -11.12 77.03
N ILE E 49 26.52 -11.76 75.88
CA ILE E 49 27.73 -12.21 75.17
C ILE E 49 27.36 -12.43 73.71
N TYR E 50 28.20 -11.92 72.82
CA TYR E 50 28.03 -12.08 71.38
C TYR E 50 28.82 -13.28 70.89
N GLY E 51 28.25 -13.98 69.93
CA GLY E 51 28.95 -15.05 69.23
C GLY E 51 29.27 -16.27 70.05
N ALA E 52 28.73 -16.37 71.27
CA ALA E 52 28.97 -17.42 72.26
C ALA E 52 30.44 -17.59 72.61
N SER E 53 31.27 -16.60 72.36
CA SER E 53 32.70 -16.72 72.59
C SER E 53 33.16 -15.70 73.61
N SER E 54 32.91 -14.43 73.30
CA SER E 54 33.42 -13.35 74.13
C SER E 54 32.32 -12.33 74.32
N ARG E 55 32.30 -11.76 75.51
CA ARG E 55 31.27 -10.80 75.89
C ARG E 55 31.80 -9.38 75.71
N ALA E 56 30.90 -8.43 75.63
CA ALA E 56 31.31 -7.05 75.39
C ALA E 56 31.69 -6.36 76.70
N THR E 57 31.98 -5.08 76.57
CA THR E 57 32.37 -4.27 77.72
C THR E 57 31.18 -4.01 78.63
N GLY E 58 31.48 -3.49 79.81
CA GLY E 58 30.47 -3.31 80.83
C GLY E 58 30.08 -4.57 81.55
N ILE E 59 30.69 -5.68 81.20
CA ILE E 59 30.39 -6.99 81.78
C ILE E 59 31.69 -7.49 82.37
N PRO E 60 31.70 -7.99 83.60
CA PRO E 60 32.94 -8.58 84.13
C PRO E 60 33.17 -9.98 83.58
N ASP E 61 34.22 -10.63 84.06
CA ASP E 61 34.55 -11.95 83.55
C ASP E 61 34.34 -12.97 84.66
N ARG E 62 33.10 -13.37 84.84
CA ARG E 62 32.77 -14.50 85.71
C ARG E 62 31.98 -15.48 84.88
N PHE E 63 31.82 -15.17 83.60
CA PHE E 63 30.84 -15.80 82.74
C PHE E 63 31.50 -16.36 81.49
N SER E 64 30.98 -17.49 81.02
CA SER E 64 31.58 -18.15 79.87
C SER E 64 30.53 -18.96 79.14
N GLY E 65 30.37 -18.71 77.84
CA GLY E 65 29.50 -19.51 77.00
C GLY E 65 30.33 -20.40 76.08
N SER E 66 29.83 -21.60 75.84
CA SER E 66 30.50 -22.55 74.97
C SER E 66 29.45 -23.39 74.24
N GLY E 67 29.90 -24.43 73.58
CA GLY E 67 29.06 -25.28 72.76
C GLY E 67 29.34 -25.09 71.28
N SER E 68 28.68 -25.94 70.48
CA SER E 68 28.73 -25.83 69.02
C SER E 68 27.59 -26.62 68.41
N GLY E 69 26.84 -25.97 67.52
CA GLY E 69 25.78 -26.67 66.82
C GLY E 69 24.44 -26.53 67.52
N THR E 70 23.84 -27.68 67.86
CA THR E 70 22.55 -27.64 68.54
C THR E 70 22.72 -27.24 70.00
N ASP E 71 23.71 -27.80 70.68
CA ASP E 71 23.96 -27.46 72.07
C ASP E 71 24.85 -26.24 72.17
N PHE E 72 24.54 -25.39 73.14
CA PHE E 72 25.27 -24.15 73.35
C PHE E 72 25.06 -23.73 74.79
N THR E 73 26.12 -23.71 75.57
CA THR E 73 25.98 -23.55 77.00
C THR E 73 26.38 -22.15 77.43
N LEU E 74 26.21 -21.91 78.73
CA LEU E 74 26.66 -20.68 79.36
C LEU E 74 27.00 -21.03 80.80
N THR E 75 28.20 -20.68 81.22
CA THR E 75 28.68 -21.02 82.55
C THR E 75 29.05 -19.74 83.28
N ILE E 76 28.50 -19.57 84.48
CA ILE E 76 28.92 -18.51 85.39
C ILE E 76 29.79 -19.15 86.47
N SER E 77 31.02 -18.67 86.59
CA SER E 77 32.03 -19.36 87.38
C SER E 77 31.74 -19.32 88.87
N ARG E 78 31.01 -18.31 89.32
CA ARG E 78 30.70 -18.17 90.73
C ARG E 78 29.45 -17.32 90.86
N LEU E 79 28.54 -17.78 91.71
CA LEU E 79 27.20 -17.19 91.78
C LEU E 79 27.26 -15.88 92.55
N GLU E 80 27.26 -14.77 91.82
CA GLU E 80 27.02 -13.47 92.42
C GLU E 80 25.53 -13.36 92.72
N PRO E 81 25.14 -13.00 93.95
CA PRO E 81 23.72 -13.00 94.29
C PRO E 81 22.91 -11.92 93.61
N GLU E 82 23.54 -10.78 93.31
CA GLU E 82 22.87 -9.67 92.64
C GLU E 82 22.64 -9.92 91.17
N ASP E 83 23.16 -11.01 90.62
CA ASP E 83 22.92 -11.37 89.23
C ASP E 83 21.69 -12.23 89.05
N PHE E 84 20.81 -12.29 90.04
CA PHE E 84 19.66 -13.16 89.93
C PHE E 84 18.60 -12.52 89.03
N ALA E 85 18.40 -13.12 87.86
CA ALA E 85 17.44 -12.58 86.92
C ALA E 85 16.93 -13.64 85.96
N VAL E 86 16.26 -13.21 84.89
CA VAL E 86 15.79 -14.09 83.83
C VAL E 86 16.72 -13.93 82.66
N TYR E 87 17.23 -15.06 82.16
CA TYR E 87 18.34 -15.07 81.23
C TYR E 87 17.90 -15.73 79.93
N TYR E 88 18.22 -15.09 78.81
CA TYR E 88 17.71 -15.48 77.50
C TYR E 88 18.85 -15.93 76.59
N CYS E 89 18.52 -16.80 75.65
CA CYS E 89 19.39 -17.11 74.52
C CYS E 89 18.77 -16.53 73.26
N GLN E 90 19.64 -16.07 72.36
CA GLN E 90 19.19 -15.42 71.13
C GLN E 90 20.05 -15.89 69.99
N GLN E 91 19.46 -16.13 68.83
CA GLN E 91 20.22 -16.53 67.67
C GLN E 91 20.21 -15.43 66.62
N TYR E 92 21.21 -15.46 65.74
CA TYR E 92 21.19 -14.63 64.54
C TYR E 92 21.76 -15.38 63.35
N GLY E 93 21.80 -16.71 63.42
CA GLY E 93 22.29 -17.48 62.29
C GLY E 93 21.26 -17.64 61.20
N SER E 94 20.03 -17.92 61.59
CA SER E 94 18.96 -18.17 60.63
C SER E 94 18.48 -16.85 60.02
N SER E 95 17.66 -16.96 58.98
CA SER E 95 17.15 -15.76 58.32
C SER E 95 16.16 -14.96 59.16
N PRO E 96 15.38 -15.53 60.08
CA PRO E 96 14.86 -14.71 61.17
C PRO E 96 15.79 -14.82 62.39
N ARG E 97 15.59 -13.89 63.31
CA ARG E 97 16.28 -13.91 64.59
C ARG E 97 15.29 -14.37 65.65
N THR E 98 15.33 -15.66 65.94
CA THR E 98 14.36 -16.26 66.85
C THR E 98 14.90 -16.19 68.26
N PHE E 99 14.04 -16.47 69.23
CA PHE E 99 14.39 -16.37 70.63
C PHE E 99 14.00 -17.65 71.34
N GLY E 100 14.22 -17.66 72.64
CA GLY E 100 13.77 -18.76 73.46
C GLY E 100 12.65 -18.35 74.40
N GLN E 101 12.73 -18.80 75.65
CA GLN E 101 11.67 -18.49 76.60
C GLN E 101 12.22 -18.03 77.94
N GLY E 102 13.52 -18.19 78.16
CA GLY E 102 14.15 -17.69 79.37
C GLY E 102 14.45 -18.74 80.41
N THR E 103 15.31 -18.38 81.37
CA THR E 103 15.68 -19.23 82.50
C THR E 103 15.68 -18.39 83.75
N LYS E 104 15.04 -18.89 84.80
CA LYS E 104 14.94 -18.14 86.04
C LYS E 104 16.09 -18.53 86.97
N LEU E 105 16.78 -17.53 87.49
CA LEU E 105 17.91 -17.73 88.39
C LEU E 105 17.58 -17.04 89.70
N GLU E 106 17.68 -17.79 90.81
CA GLU E 106 17.39 -17.24 92.12
C GLU E 106 18.05 -18.07 93.22
N ILE E 107 17.69 -17.79 94.46
CA ILE E 107 18.25 -18.51 95.61
C ILE E 107 17.15 -19.08 96.50
N LYS E 108 17.50 -20.05 97.33
CA LYS E 108 16.55 -20.67 98.23
C LYS E 108 16.88 -20.35 99.69
N ARG E 109 16.67 -19.10 100.07
CA ARG E 109 16.95 -18.65 101.43
C ARG E 109 16.34 -19.60 102.46
N THR E 110 17.09 -19.89 103.51
CA THR E 110 16.64 -20.79 104.57
C THR E 110 15.13 -20.69 104.75
N VAL E 111 14.50 -21.84 104.96
CA VAL E 111 13.05 -21.89 105.14
C VAL E 111 12.57 -20.79 106.10
N ALA E 112 11.69 -19.93 105.60
CA ALA E 112 11.16 -18.84 106.40
C ALA E 112 9.65 -18.90 106.35
N ALA E 113 9.00 -18.92 107.50
CA ALA E 113 7.56 -18.96 107.49
C ALA E 113 6.99 -17.56 107.27
N PRO E 114 5.80 -17.47 106.72
CA PRO E 114 5.21 -16.15 106.48
C PRO E 114 4.60 -15.55 107.72
N SER E 115 4.69 -14.24 107.84
CA SER E 115 3.77 -13.52 108.70
C SER E 115 2.43 -13.47 107.97
N VAL E 116 1.34 -13.86 108.63
CA VAL E 116 0.01 -13.83 108.03
C VAL E 116 -0.80 -12.70 108.64
N PHE E 117 -1.69 -12.12 107.84
CA PHE E 117 -2.54 -11.03 108.30
C PHE E 117 -3.82 -10.95 107.46
N ILE E 118 -4.98 -10.86 108.11
CA ILE E 118 -6.24 -10.78 107.40
C ILE E 118 -6.84 -9.41 107.63
N PHE E 119 -7.37 -8.82 106.57
CA PHE E 119 -7.96 -7.48 106.61
C PHE E 119 -9.43 -7.57 106.24
N PRO E 120 -10.34 -7.12 107.08
CA PRO E 120 -11.76 -7.09 106.71
C PRO E 120 -12.03 -5.95 105.74
N PRO E 121 -13.20 -5.94 105.08
CA PRO E 121 -13.47 -4.86 104.15
C PRO E 121 -13.74 -3.54 104.85
N SER E 122 -13.26 -2.45 104.23
CA SER E 122 -13.45 -1.14 104.82
C SER E 122 -14.91 -0.70 104.72
N ASP E 123 -15.34 0.10 105.70
CA ASP E 123 -16.72 0.55 105.74
C ASP E 123 -17.10 1.33 104.49
N GLU E 124 -16.12 1.99 103.87
CA GLU E 124 -16.40 2.75 102.65
C GLU E 124 -16.86 1.83 101.52
N GLN E 125 -16.24 0.65 101.43
CA GLN E 125 -16.54 -0.26 100.34
C GLN E 125 -17.91 -0.91 100.52
N LEU E 126 -18.30 -1.21 101.75
CA LEU E 126 -19.61 -1.80 101.97
C LEU E 126 -20.72 -0.83 101.61
N LYS E 127 -20.46 0.48 101.63
CA LYS E 127 -21.41 1.42 101.07
C LYS E 127 -21.59 1.16 99.58
N SER E 128 -20.47 1.04 98.86
CA SER E 128 -20.49 0.84 97.42
C SER E 128 -21.25 -0.43 97.02
N GLY E 129 -21.27 -1.43 97.88
CA GLY E 129 -22.01 -2.65 97.64
C GLY E 129 -21.20 -3.88 97.35
N THR E 130 -19.91 -3.90 97.71
CA THR E 130 -19.02 -5.02 97.48
C THR E 130 -18.03 -5.12 98.64
N ALA E 131 -17.54 -6.33 98.92
CA ALA E 131 -16.63 -6.58 100.04
C ALA E 131 -15.37 -7.30 99.56
N SER E 132 -14.22 -6.62 99.62
CA SER E 132 -12.95 -7.32 99.41
C SER E 132 -12.37 -7.71 100.77
N VAL E 133 -11.93 -8.96 100.88
CA VAL E 133 -11.35 -9.48 102.09
C VAL E 133 -9.92 -9.88 101.76
N VAL E 134 -8.95 -9.13 102.25
CA VAL E 134 -7.57 -9.36 101.86
C VAL E 134 -6.88 -10.18 102.92
N CYS E 135 -6.01 -11.06 102.49
CA CYS E 135 -5.18 -11.85 103.39
C CYS E 135 -3.75 -11.75 102.87
N LEU E 136 -2.84 -11.37 103.74
CA LEU E 136 -1.46 -11.10 103.37
C LEU E 136 -0.53 -12.16 103.96
N LEU E 137 0.45 -12.62 103.17
CA LEU E 137 1.50 -13.54 103.63
C LEU E 137 2.82 -12.83 103.41
N ASN E 138 3.53 -12.50 104.49
CA ASN E 138 4.67 -11.61 104.39
C ASN E 138 5.97 -12.39 104.47
N ASN E 139 6.93 -12.02 103.64
CA ASN E 139 8.23 -12.69 103.62
C ASN E 139 8.10 -14.21 103.73
N PHE E 140 8.74 -14.93 102.83
CA PHE E 140 8.70 -16.39 102.82
C PHE E 140 9.44 -16.96 101.62
N TYR E 141 10.33 -17.92 101.93
CA TYR E 141 11.14 -18.61 100.94
C TYR E 141 10.27 -19.45 100.04
N PRO E 142 9.94 -20.68 100.45
CA PRO E 142 9.09 -21.49 99.56
C PRO E 142 7.81 -20.76 99.17
N ARG E 143 7.66 -20.44 97.89
CA ARG E 143 6.48 -19.75 97.40
C ARG E 143 5.31 -20.70 97.23
N GLU E 144 5.59 -22.00 97.29
CA GLU E 144 4.56 -23.01 97.14
C GLU E 144 3.60 -23.00 98.32
N ALA E 145 3.14 -21.81 98.70
CA ALA E 145 2.22 -21.66 99.81
C ALA E 145 0.80 -21.84 99.32
N LYS E 146 -0.07 -22.33 100.22
CA LYS E 146 -1.50 -22.49 99.94
C LYS E 146 -2.30 -21.51 100.79
N VAL E 147 -3.24 -20.81 100.17
CA VAL E 147 -4.17 -19.90 100.86
C VAL E 147 -5.56 -20.48 100.71
N GLN E 148 -6.11 -21.00 101.79
CA GLN E 148 -7.48 -21.50 101.81
C GLN E 148 -8.35 -20.47 102.54
N TRP E 149 -9.28 -19.85 101.83
CA TRP E 149 -10.31 -19.06 102.46
C TRP E 149 -11.41 -19.96 103.00
N LYS E 150 -11.97 -19.58 104.12
CA LYS E 150 -13.10 -20.29 104.69
C LYS E 150 -14.09 -19.23 105.12
N VAL E 151 -15.36 -19.44 104.83
CA VAL E 151 -16.41 -18.54 105.30
C VAL E 151 -17.37 -19.38 106.13
N ASP E 152 -17.45 -19.09 107.44
CA ASP E 152 -18.19 -19.91 108.37
C ASP E 152 -17.79 -21.38 108.27
N ASN E 153 -16.50 -21.61 108.06
CA ASN E 153 -15.90 -22.94 107.98
C ASN E 153 -16.22 -23.68 106.68
N ALA E 154 -16.65 -22.96 105.64
CA ALA E 154 -16.87 -23.55 104.34
C ALA E 154 -15.73 -23.14 103.43
N LEU E 155 -15.01 -24.11 102.89
CA LEU E 155 -13.89 -23.75 102.03
C LEU E 155 -14.43 -23.07 100.78
N GLN E 156 -13.90 -21.89 100.48
CA GLN E 156 -14.37 -21.01 99.41
C GLN E 156 -13.57 -21.25 98.14
N SER E 157 -14.26 -21.60 97.07
CA SER E 157 -13.59 -21.88 95.80
C SER E 157 -14.12 -20.97 94.71
N GLY E 158 -13.22 -20.26 94.04
CA GLY E 158 -13.56 -19.55 92.82
C GLY E 158 -14.00 -18.12 92.97
N ASN E 159 -13.73 -17.49 94.12
CA ASN E 159 -13.97 -16.07 94.27
C ASN E 159 -12.75 -15.37 94.86
N SER E 160 -11.56 -15.92 94.66
CA SER E 160 -10.33 -15.32 95.18
C SER E 160 -9.36 -15.10 94.02
N GLN E 161 -8.40 -14.20 94.26
CA GLN E 161 -7.28 -13.98 93.37
C GLN E 161 -6.03 -13.72 94.20
N GLU E 162 -4.90 -14.24 93.76
CA GLU E 162 -3.61 -14.06 94.40
C GLU E 162 -2.67 -13.31 93.48
N SER E 163 -1.69 -12.63 94.06
CA SER E 163 -0.48 -12.31 93.33
C SER E 163 0.69 -12.30 94.31
N VAL E 164 1.89 -12.43 93.74
CA VAL E 164 3.11 -12.72 94.48
C VAL E 164 4.19 -11.77 93.98
N THR E 165 5.10 -11.40 94.85
CA THR E 165 6.11 -10.43 94.49
C THR E 165 7.34 -11.14 93.94
N GLU E 166 8.18 -10.37 93.26
CA GLU E 166 9.46 -10.91 92.85
C GLU E 166 10.31 -11.21 94.07
N GLN E 167 11.13 -12.25 93.97
CA GLN E 167 12.04 -12.60 95.05
C GLN E 167 12.82 -11.37 95.50
N ASP E 168 12.77 -11.09 96.80
CA ASP E 168 13.32 -9.86 97.35
C ASP E 168 14.84 -9.80 97.23
N SER E 169 15.36 -8.68 96.72
CA SER E 169 16.80 -8.54 96.50
C SER E 169 17.60 -8.50 97.81
N LYS E 170 16.97 -8.17 98.94
CA LYS E 170 17.69 -8.17 100.21
C LYS E 170 17.68 -9.55 100.88
N ASP E 171 16.49 -10.06 101.25
CA ASP E 171 16.40 -11.27 102.03
C ASP E 171 15.88 -12.47 101.24
N SER E 172 15.75 -12.34 99.91
CA SER E 172 15.43 -13.47 99.02
C SER E 172 14.12 -14.17 99.38
N THR E 173 13.14 -13.42 99.88
CA THR E 173 11.84 -13.98 100.28
C THR E 173 10.77 -13.58 99.27
N TYR E 174 9.59 -14.16 99.44
CA TYR E 174 8.44 -13.80 98.63
C TYR E 174 7.35 -13.25 99.53
N SER E 175 6.40 -12.53 98.94
CA SER E 175 5.24 -12.06 99.67
C SER E 175 4.02 -12.22 98.80
N LEU E 176 2.89 -12.59 99.41
CA LEU E 176 1.70 -12.99 98.65
C LEU E 176 0.46 -12.32 99.22
N SER E 177 -0.42 -11.90 98.32
CA SER E 177 -1.66 -11.24 98.70
C SER E 177 -2.81 -11.95 98.01
N SER E 178 -3.75 -12.49 98.79
CA SER E 178 -4.94 -13.12 98.24
C SER E 178 -6.16 -12.27 98.58
N THR E 179 -6.98 -11.99 97.58
CA THR E 179 -8.18 -11.16 97.77
C THR E 179 -9.44 -11.98 97.50
N LEU E 180 -10.34 -12.01 98.46
CA LEU E 180 -11.63 -12.67 98.35
C LEU E 180 -12.68 -11.61 98.07
N THR E 181 -13.47 -11.78 97.01
CA THR E 181 -14.43 -10.74 96.62
C THR E 181 -15.86 -11.26 96.71
N LEU E 182 -16.69 -10.53 97.47
CA LEU E 182 -18.07 -10.86 97.74
C LEU E 182 -18.96 -9.65 97.49
N SER E 183 -20.25 -9.88 97.38
CA SER E 183 -21.18 -8.77 97.36
C SER E 183 -21.44 -8.32 98.80
N LYS E 184 -21.91 -7.08 98.96
CA LYS E 184 -22.33 -6.65 100.29
C LYS E 184 -23.39 -7.58 100.83
N ALA E 185 -24.41 -7.88 100.01
CA ALA E 185 -25.49 -8.77 100.40
C ALA E 185 -24.96 -10.12 100.89
N ASP E 186 -24.13 -10.79 100.08
CA ASP E 186 -23.61 -12.10 100.48
C ASP E 186 -22.64 -11.98 101.65
N TYR E 187 -21.91 -10.88 101.74
CA TYR E 187 -21.00 -10.69 102.87
C TYR E 187 -21.77 -10.72 104.20
N GLU E 188 -22.84 -9.93 104.28
CA GLU E 188 -23.75 -9.81 105.41
C GLU E 188 -24.53 -11.10 105.73
N LYS E 189 -24.31 -12.21 105.02
CA LYS E 189 -25.00 -13.47 105.29
C LYS E 189 -24.19 -14.43 106.14
N HIS E 190 -22.92 -14.13 106.43
CA HIS E 190 -22.03 -15.02 107.18
C HIS E 190 -21.28 -14.23 108.26
N LYS E 191 -20.63 -14.95 109.18
CA LYS E 191 -19.99 -14.33 110.34
C LYS E 191 -18.47 -14.41 110.30
N VAL E 192 -17.89 -15.61 110.41
CA VAL E 192 -16.45 -15.78 110.53
C VAL E 192 -15.83 -15.77 109.15
N TYR E 193 -14.88 -14.89 108.92
CA TYR E 193 -14.04 -14.94 107.73
C TYR E 193 -12.64 -15.32 108.16
N ALA E 194 -12.11 -16.38 107.55
CA ALA E 194 -10.86 -17.00 107.94
C ALA E 194 -9.99 -17.18 106.71
N CYS E 195 -8.68 -17.19 106.95
CA CYS E 195 -7.69 -17.34 105.91
C CYS E 195 -6.67 -18.33 106.46
N GLU E 196 -6.57 -19.52 105.90
CA GLU E 196 -5.72 -20.57 106.45
C GLU E 196 -4.54 -20.80 105.52
N VAL E 197 -3.34 -20.51 106.01
CA VAL E 197 -2.12 -20.58 105.20
C VAL E 197 -1.33 -21.84 105.53
N THR E 198 -0.96 -22.59 104.49
CA THR E 198 -0.13 -23.78 104.61
C THR E 198 1.24 -23.48 104.01
N HIS E 199 2.30 -23.93 104.68
CA HIS E 199 3.65 -23.61 104.23
C HIS E 199 4.66 -24.48 104.96
N GLN E 200 5.80 -24.67 104.31
CA GLN E 200 6.80 -25.62 104.81
C GLN E 200 7.40 -25.15 106.13
N GLY E 201 7.51 -23.85 106.34
CA GLY E 201 8.00 -23.32 107.59
C GLY E 201 7.00 -23.35 108.73
N LEU E 202 5.75 -23.76 108.46
CA LEU E 202 4.73 -23.95 109.48
C LEU E 202 4.55 -25.45 109.76
N SER E 203 4.60 -25.82 111.03
CA SER E 203 4.39 -27.22 111.39
C SER E 203 2.95 -27.65 111.16
N SER E 204 2.00 -26.76 111.42
CA SER E 204 0.61 -26.95 111.03
C SER E 204 0.05 -25.60 110.59
N PRO E 205 -0.98 -25.60 109.76
CA PRO E 205 -1.36 -24.36 109.08
C PRO E 205 -1.81 -23.29 110.06
N VAL E 206 -1.62 -22.05 109.65
CA VAL E 206 -1.96 -20.90 110.45
C VAL E 206 -3.23 -20.33 109.89
N THR E 207 -4.18 -20.02 110.75
CA THR E 207 -5.41 -19.36 110.36
C THR E 207 -5.49 -18.00 111.05
N LYS E 208 -5.63 -16.95 110.26
CA LYS E 208 -6.00 -15.63 110.78
C LYS E 208 -7.45 -15.36 110.41
N SER E 209 -8.25 -14.88 111.36
CA SER E 209 -9.67 -14.76 111.11
C SER E 209 -10.25 -13.59 111.90
N PHE E 210 -11.36 -13.07 111.40
CA PHE E 210 -12.13 -12.05 112.10
C PHE E 210 -13.59 -12.42 112.05
N ASN E 211 -14.39 -11.68 112.80
CA ASN E 211 -15.82 -11.91 112.91
C ASN E 211 -16.51 -10.64 112.43
N ARG E 212 -17.19 -10.72 111.28
CA ARG E 212 -17.85 -9.57 110.69
C ARG E 212 -18.67 -8.83 111.72
N GLY E 213 -18.35 -7.57 111.92
CA GLY E 213 -19.16 -6.72 112.77
C GLY E 213 -18.76 -6.67 114.22
N GLU E 214 -17.51 -7.04 114.54
CA GLU E 214 -17.01 -7.00 115.91
C GLU E 214 -15.81 -6.06 115.98
N CYS E 215 -16.05 -4.83 116.47
CA CYS E 215 -14.98 -3.86 116.69
C CYS E 215 -13.85 -4.49 117.51
N GLU F 1 -36.21 -26.25 64.26
CA GLU F 1 -36.40 -24.93 63.69
C GLU F 1 -36.35 -23.87 64.77
N VAL F 2 -35.23 -23.82 65.49
CA VAL F 2 -34.97 -22.77 66.48
C VAL F 2 -33.78 -21.95 66.00
N GLN F 3 -34.01 -20.64 65.82
CA GLN F 3 -33.12 -19.85 64.98
C GLN F 3 -33.28 -18.35 65.15
N LEU F 4 -32.51 -17.59 64.35
CA LEU F 4 -32.58 -16.14 64.21
C LEU F 4 -32.32 -15.37 65.50
N VAL F 5 -31.12 -15.52 66.05
CA VAL F 5 -30.66 -14.62 67.09
C VAL F 5 -30.00 -13.41 66.44
N GLU F 6 -30.20 -12.22 67.02
CA GLU F 6 -29.58 -11.00 66.51
C GLU F 6 -28.57 -10.45 67.51
N SER F 7 -27.64 -9.61 67.03
CA SER F 7 -26.63 -8.99 67.88
C SER F 7 -25.93 -7.85 67.15
N GLY F 8 -25.30 -6.95 67.90
CA GLY F 8 -24.35 -5.99 67.35
C GLY F 8 -24.71 -4.53 67.53
N GLY F 9 -25.99 -4.19 67.60
CA GLY F 9 -26.39 -2.80 67.55
C GLY F 9 -26.15 -2.07 68.87
N GLY F 10 -26.32 -0.75 68.81
CA GLY F 10 -26.19 0.07 70.00
C GLY F 10 -25.81 1.52 69.75
N LEU F 11 -25.02 2.06 70.67
CA LEU F 11 -24.57 3.44 70.58
C LEU F 11 -23.52 3.63 69.51
N ILE F 12 -23.80 4.50 68.55
CA ILE F 12 -22.87 4.78 67.46
C ILE F 12 -23.09 6.20 66.98
N GLN F 13 -21.99 6.95 66.87
CA GLN F 13 -22.06 8.34 66.42
C GLN F 13 -22.37 8.35 64.93
N PRO F 14 -23.06 9.40 64.48
CA PRO F 14 -23.39 9.46 63.05
C PRO F 14 -22.16 9.59 62.16
N GLY F 15 -22.30 9.22 60.89
CA GLY F 15 -21.20 9.21 59.96
C GLY F 15 -20.36 7.95 60.01
N GLY F 16 -20.59 7.07 60.97
CA GLY F 16 -19.85 5.82 61.07
C GLY F 16 -20.38 4.77 60.13
N SER F 17 -20.19 3.52 60.54
CA SER F 17 -20.61 2.36 59.76
C SER F 17 -20.66 1.14 60.66
N LEU F 18 -21.60 0.23 60.42
CA LEU F 18 -21.73 -0.93 61.27
C LEU F 18 -22.22 -2.12 60.45
N ARG F 19 -21.62 -3.27 60.69
CA ARG F 19 -22.10 -4.54 60.17
C ARG F 19 -22.84 -5.27 61.28
N LEU F 20 -24.12 -5.49 61.09
CA LEU F 20 -24.87 -6.29 62.04
C LEU F 20 -24.82 -7.76 61.66
N SER F 21 -25.16 -8.61 62.62
CA SER F 21 -25.15 -10.04 62.41
C SER F 21 -26.43 -10.66 62.95
N CYS F 22 -27.07 -11.47 62.13
CA CYS F 22 -28.19 -12.29 62.56
C CYS F 22 -27.83 -13.73 62.22
N ALA F 23 -27.43 -14.48 63.23
CA ALA F 23 -27.14 -15.88 63.03
C ALA F 23 -28.39 -16.72 63.27
N ALA F 24 -28.54 -17.77 62.46
CA ALA F 24 -29.64 -18.70 62.62
C ALA F 24 -29.11 -20.08 62.99
N SER F 25 -30.01 -21.05 63.13
CA SER F 25 -29.61 -22.39 63.53
C SER F 25 -30.62 -23.43 63.07
N GLY F 26 -30.12 -24.58 62.62
CA GLY F 26 -31.00 -25.68 62.21
C GLY F 26 -31.72 -25.42 60.91
N PHE F 27 -31.04 -24.82 59.94
CA PHE F 27 -31.69 -24.39 58.71
C PHE F 27 -30.64 -24.16 57.63
N THR F 28 -31.00 -24.52 56.41
CA THR F 28 -30.16 -24.23 55.26
C THR F 28 -30.36 -22.78 54.85
N VAL F 29 -29.51 -21.89 55.37
CA VAL F 29 -29.67 -20.46 55.19
C VAL F 29 -29.30 -20.02 53.78
N SER F 30 -28.68 -20.89 52.99
CA SER F 30 -28.35 -20.54 51.63
C SER F 30 -29.54 -20.62 50.70
N SER F 31 -30.34 -21.66 50.84
CA SER F 31 -31.38 -21.99 49.87
C SER F 31 -32.71 -21.38 50.31
N ASN F 32 -32.70 -20.06 50.54
CA ASN F 32 -33.92 -19.30 50.76
C ASN F 32 -33.68 -17.80 50.65
N TYR F 33 -34.72 -17.02 50.90
CA TYR F 33 -34.60 -15.58 51.01
C TYR F 33 -34.59 -15.21 52.48
N MET F 34 -33.86 -14.17 52.82
CA MET F 34 -33.98 -13.50 54.10
C MET F 34 -34.36 -12.05 53.86
N SER F 35 -34.64 -11.34 54.94
CA SER F 35 -34.97 -9.94 54.79
C SER F 35 -34.64 -9.16 56.05
N TRP F 36 -34.68 -7.85 55.92
CA TRP F 36 -34.50 -6.94 57.03
C TRP F 36 -35.68 -5.99 57.09
N VAL F 37 -36.13 -5.69 58.30
CA VAL F 37 -37.27 -4.81 58.51
C VAL F 37 -36.99 -3.97 59.75
N ARG F 38 -37.36 -2.69 59.68
CA ARG F 38 -37.16 -1.81 60.81
C ARG F 38 -38.46 -1.63 61.57
N GLN F 39 -38.34 -1.11 62.78
CA GLN F 39 -39.48 -0.78 63.61
C GLN F 39 -39.15 0.49 64.37
N ALA F 40 -39.65 1.62 63.89
CA ALA F 40 -39.48 2.86 64.61
C ALA F 40 -40.25 2.79 65.92
N PRO F 41 -39.69 3.32 67.02
CA PRO F 41 -40.26 3.02 68.34
C PRO F 41 -41.61 3.65 68.60
N GLY F 42 -41.98 4.67 67.83
CA GLY F 42 -43.31 5.23 67.93
C GLY F 42 -44.18 4.81 66.76
N LYS F 43 -43.57 4.24 65.73
CA LYS F 43 -44.23 4.04 64.46
C LYS F 43 -44.31 2.55 64.12
N GLY F 44 -44.76 2.26 62.89
CA GLY F 44 -44.99 0.90 62.47
C GLY F 44 -43.77 0.16 61.95
N LEU F 45 -44.01 -0.74 61.00
CA LEU F 45 -42.99 -1.65 60.47
C LEU F 45 -42.69 -1.26 59.04
N GLU F 46 -41.41 -1.14 58.70
CA GLU F 46 -41.01 -0.70 57.38
C GLU F 46 -39.90 -1.58 56.86
N TRP F 47 -40.11 -2.15 55.68
CA TRP F 47 -39.19 -3.12 55.10
C TRP F 47 -37.89 -2.44 54.69
N VAL F 48 -36.77 -3.11 54.94
CA VAL F 48 -35.48 -2.55 54.58
C VAL F 48 -34.94 -3.18 53.30
N SER F 49 -34.66 -4.48 53.34
CA SER F 49 -33.92 -5.10 52.26
C SER F 49 -34.25 -6.59 52.18
N VAL F 50 -33.91 -7.19 51.05
CA VAL F 50 -34.09 -8.61 50.81
C VAL F 50 -32.85 -9.16 50.11
N ILE F 51 -32.62 -10.46 50.29
CA ILE F 51 -31.62 -11.20 49.52
C ILE F 51 -32.36 -12.35 48.84
N TYR F 52 -31.74 -12.92 47.82
CA TYR F 52 -32.31 -14.09 47.18
C TYR F 52 -31.48 -15.32 47.48
N SER F 53 -32.06 -16.49 47.24
CA SER F 53 -31.30 -17.73 47.31
C SER F 53 -30.28 -17.83 46.21
N GLY F 54 -30.56 -17.26 45.04
CA GLY F 54 -29.53 -17.08 44.04
C GLY F 54 -28.51 -16.04 44.49
N GLY F 55 -28.98 -15.00 45.17
CA GLY F 55 -28.07 -14.04 45.76
C GLY F 55 -28.35 -12.60 45.39
N SER F 56 -29.40 -12.35 44.62
CA SER F 56 -29.74 -10.98 44.25
C SER F 56 -30.33 -10.23 45.43
N THR F 57 -29.97 -8.95 45.53
CA THR F 57 -30.37 -8.12 46.65
C THR F 57 -31.18 -6.94 46.16
N TYR F 58 -32.03 -6.42 47.04
CA TYR F 58 -32.77 -5.20 46.79
C TYR F 58 -32.86 -4.43 48.10
N TYR F 59 -33.13 -3.13 47.99
CA TYR F 59 -33.12 -2.26 49.15
C TYR F 59 -34.29 -1.29 49.08
N ALA F 60 -34.52 -0.58 50.17
CA ALA F 60 -35.43 0.54 50.14
C ALA F 60 -34.77 1.71 49.41
N ASP F 61 -35.60 2.65 48.98
CA ASP F 61 -35.09 3.77 48.19
C ASP F 61 -34.31 4.75 49.04
N SER F 62 -34.67 4.87 50.32
CA SER F 62 -33.99 5.81 51.19
C SER F 62 -32.60 5.31 51.55
N VAL F 63 -32.44 4.00 51.62
CA VAL F 63 -31.18 3.41 52.04
C VAL F 63 -30.35 3.06 50.82
N LYS F 64 -30.76 3.58 49.65
CA LYS F 64 -30.04 3.32 48.42
C LYS F 64 -28.67 3.97 48.45
N GLY F 65 -27.67 3.23 47.98
CA GLY F 65 -26.31 3.72 47.97
C GLY F 65 -25.62 3.74 49.30
N ARG F 66 -26.27 3.25 50.34
CA ARG F 66 -25.74 3.39 51.69
C ARG F 66 -25.49 2.03 52.32
N PHE F 67 -26.45 1.13 52.18
CA PHE F 67 -26.49 -0.07 53.00
C PHE F 67 -26.19 -1.27 52.13
N THR F 68 -25.34 -2.16 52.64
CA THR F 68 -24.95 -3.37 51.92
C THR F 68 -25.28 -4.58 52.79
N ILE F 69 -26.00 -5.55 52.21
CA ILE F 69 -26.22 -6.81 52.91
C ILE F 69 -25.30 -7.87 52.33
N SER F 70 -25.00 -8.89 53.14
CA SER F 70 -24.21 -10.04 52.71
C SER F 70 -24.45 -11.18 53.69
N ARG F 71 -23.89 -12.33 53.39
CA ARG F 71 -24.03 -13.50 54.24
C ARG F 71 -22.85 -14.41 54.05
N ASP F 72 -22.59 -15.24 55.05
CA ASP F 72 -21.66 -16.35 54.93
C ASP F 72 -22.39 -17.64 55.24
N ASN F 73 -22.68 -18.42 54.20
CA ASN F 73 -23.35 -19.69 54.37
C ASN F 73 -22.43 -20.79 54.88
N SER F 74 -21.13 -20.53 54.97
CA SER F 74 -20.24 -21.44 55.68
C SER F 74 -20.40 -21.33 57.18
N LYS F 75 -20.88 -20.19 57.67
CA LYS F 75 -21.08 -20.00 59.10
C LYS F 75 -22.52 -19.60 59.41
N ASN F 76 -23.36 -19.53 58.37
CA ASN F 76 -24.80 -19.29 58.46
C ASN F 76 -25.12 -17.97 59.17
N THR F 77 -24.49 -16.90 58.69
CA THR F 77 -24.52 -15.62 59.38
C THR F 77 -24.81 -14.51 58.39
N LEU F 78 -25.98 -13.90 58.52
CA LEU F 78 -26.35 -12.76 57.69
C LEU F 78 -25.64 -11.50 58.18
N TYR F 79 -25.24 -10.65 57.25
CA TYR F 79 -24.46 -9.46 57.55
C TYR F 79 -25.16 -8.25 56.96
N LEU F 80 -25.65 -7.36 57.82
CA LEU F 80 -26.18 -6.07 57.37
C LEU F 80 -25.14 -5.00 57.68
N GLN F 81 -24.38 -4.64 56.67
CA GLN F 81 -23.42 -3.54 56.79
C GLN F 81 -24.10 -2.26 56.36
N MET F 82 -24.37 -1.40 57.33
CA MET F 82 -24.96 -0.10 57.07
C MET F 82 -23.88 0.97 57.16
N ASN F 83 -23.90 1.89 56.20
CA ASN F 83 -22.89 2.93 56.12
C ASN F 83 -23.54 4.29 55.98
N SER F 84 -22.74 5.34 56.24
CA SER F 84 -23.11 6.75 56.17
C SER F 84 -24.34 7.03 57.02
N LEU F 85 -24.21 6.81 58.32
CA LEU F 85 -25.35 6.72 59.21
C LEU F 85 -25.92 8.09 59.49
N ARG F 86 -27.23 8.24 59.27
CA ARG F 86 -27.95 9.47 59.57
C ARG F 86 -28.76 9.30 60.83
N ALA F 87 -29.16 10.44 61.39
CA ALA F 87 -29.85 10.47 62.68
C ALA F 87 -31.36 10.45 62.45
N GLU F 88 -31.83 9.53 61.61
CA GLU F 88 -33.25 9.23 61.57
C GLU F 88 -33.43 7.72 61.36
N ASP F 89 -32.31 7.03 61.17
CA ASP F 89 -32.30 5.58 61.01
C ASP F 89 -32.05 4.99 62.39
N THR F 90 -32.96 5.27 63.32
CA THR F 90 -32.71 5.01 64.72
C THR F 90 -33.63 3.93 65.25
N ALA F 91 -34.19 3.13 64.34
CA ALA F 91 -35.16 2.13 64.70
C ALA F 91 -34.46 0.90 65.29
N VAL F 92 -35.28 0.00 65.82
CA VAL F 92 -34.84 -1.36 66.11
C VAL F 92 -35.07 -2.18 64.85
N TYR F 93 -34.18 -3.12 64.58
CA TYR F 93 -34.23 -3.83 63.31
C TYR F 93 -34.40 -5.32 63.54
N TYR F 94 -34.98 -6.00 62.54
CA TYR F 94 -35.28 -7.41 62.66
C TYR F 94 -34.84 -8.16 61.42
N CYS F 95 -34.02 -9.18 61.62
CA CYS F 95 -33.83 -10.15 60.56
C CYS F 95 -35.05 -11.07 60.50
N ALA F 96 -35.42 -11.43 59.27
CA ALA F 96 -36.64 -12.20 59.08
C ALA F 96 -36.39 -13.24 58.01
N ARG F 97 -36.70 -14.49 58.33
CA ARG F 97 -36.71 -15.55 57.33
C ARG F 97 -37.87 -15.30 56.38
N ASP F 98 -37.64 -15.52 55.10
CA ASP F 98 -38.61 -15.15 54.09
C ASP F 98 -39.04 -16.38 53.30
N TYR F 99 -40.31 -16.42 52.94
CA TYR F 99 -40.84 -17.47 52.08
C TYR F 99 -41.50 -16.86 50.85
N GLY F 100 -41.19 -17.41 49.68
CA GLY F 100 -42.09 -17.44 48.54
C GLY F 100 -42.62 -16.11 48.04
N ASP F 101 -43.88 -15.85 48.39
CA ASP F 101 -44.62 -14.61 48.21
C ASP F 101 -44.02 -13.39 48.90
N PHE F 102 -42.90 -13.59 49.60
CA PHE F 102 -42.20 -12.67 50.48
C PHE F 102 -43.11 -12.41 51.67
N TYR F 103 -43.50 -13.51 52.30
CA TYR F 103 -43.98 -13.52 53.67
C TYR F 103 -42.76 -13.63 54.56
N PHE F 104 -42.74 -12.86 55.63
CA PHE F 104 -41.69 -12.99 56.65
C PHE F 104 -42.24 -13.86 57.76
N ASP F 105 -41.99 -15.17 57.64
CA ASP F 105 -42.65 -16.12 58.51
C ASP F 105 -41.94 -16.26 59.86
N TYR F 106 -40.63 -16.44 59.84
CA TYR F 106 -39.85 -16.62 61.07
C TYR F 106 -39.13 -15.32 61.34
N TRP F 107 -39.02 -14.97 62.61
CA TRP F 107 -38.61 -13.63 63.00
C TRP F 107 -37.45 -13.69 63.98
N GLY F 108 -36.63 -12.65 63.96
CA GLY F 108 -35.50 -12.52 64.85
C GLY F 108 -35.91 -12.00 66.22
N GLN F 109 -34.91 -11.52 66.95
CA GLN F 109 -35.14 -11.09 68.32
C GLN F 109 -35.13 -9.57 68.39
N GLY F 110 -34.17 -8.96 67.71
CA GLY F 110 -34.12 -7.51 67.63
C GLY F 110 -32.84 -6.98 68.25
N THR F 111 -32.41 -5.85 67.73
CA THR F 111 -31.27 -5.14 68.29
C THR F 111 -31.40 -3.67 67.96
N LEU F 112 -31.01 -2.83 68.92
CA LEU F 112 -31.24 -1.40 68.85
C LEU F 112 -30.15 -0.71 68.05
N VAL F 113 -30.58 0.09 67.08
CA VAL F 113 -29.68 0.96 66.34
C VAL F 113 -29.96 2.37 66.84
N THR F 114 -28.99 2.95 67.54
CA THR F 114 -29.16 4.27 68.13
C THR F 114 -28.06 5.18 67.62
N VAL F 115 -28.44 6.26 66.95
CA VAL F 115 -27.46 7.21 66.42
C VAL F 115 -26.83 8.03 67.54
N SER F 116 -25.62 8.52 67.29
CA SER F 116 -24.91 9.33 68.27
C SER F 116 -25.79 10.43 68.83
N SER F 117 -25.63 10.70 70.12
CA SER F 117 -26.42 11.74 70.79
C SER F 117 -26.25 11.67 72.31
N ALA F 118 -25.46 12.59 72.85
CA ALA F 118 -25.21 12.64 74.28
C ALA F 118 -24.26 11.52 74.72
N SER F 119 -23.74 10.79 73.74
CA SER F 119 -22.82 9.69 74.02
C SER F 119 -23.45 8.66 74.96
N THR F 120 -22.60 7.86 75.60
CA THR F 120 -23.08 6.84 76.53
C THR F 120 -22.73 7.19 77.97
N LYS F 121 -23.75 7.37 78.79
CA LYS F 121 -23.55 7.71 80.19
C LYS F 121 -24.21 6.67 81.09
N GLY F 122 -23.66 6.53 82.29
CA GLY F 122 -24.13 5.56 83.24
C GLY F 122 -25.25 6.09 84.09
N PRO F 123 -26.03 5.20 84.69
CA PRO F 123 -27.20 5.64 85.45
C PRO F 123 -26.83 6.08 86.86
N SER F 124 -27.59 7.02 87.39
CA SER F 124 -27.52 7.41 88.80
C SER F 124 -28.73 6.85 89.53
N VAL F 125 -28.49 6.17 90.64
CA VAL F 125 -29.53 5.40 91.32
C VAL F 125 -29.80 6.02 92.69
N PHE F 126 -31.07 6.10 93.05
CA PHE F 126 -31.55 6.43 94.38
C PHE F 126 -32.59 5.41 94.82
N PRO F 127 -32.67 5.09 96.11
CA PRO F 127 -33.78 4.26 96.59
C PRO F 127 -34.94 5.12 97.06
N LEU F 128 -36.14 4.85 96.55
CA LEU F 128 -37.36 5.51 97.02
C LEU F 128 -37.94 4.63 98.12
N ALA F 129 -37.79 5.09 99.34
CA ALA F 129 -38.09 4.39 100.59
C ALA F 129 -39.59 4.11 100.71
N PRO F 130 -39.96 3.01 101.35
CA PRO F 130 -41.36 2.82 101.71
C PRO F 130 -41.75 3.79 102.82
N SER F 131 -42.92 4.40 102.68
CA SER F 131 -43.35 5.43 103.62
C SER F 131 -44.83 5.26 103.90
N SER F 132 -45.28 5.88 105.00
CA SER F 132 -46.70 5.86 105.33
C SER F 132 -47.53 6.58 104.28
N LYS F 133 -46.96 7.57 103.60
CA LYS F 133 -47.64 8.20 102.47
C LYS F 133 -47.79 7.24 101.30
N SER F 134 -46.92 6.24 101.21
CA SER F 134 -47.11 5.14 100.28
C SER F 134 -47.84 3.95 100.92
N THR F 135 -47.83 3.87 102.25
CA THR F 135 -48.49 2.76 102.93
C THR F 135 -49.99 2.97 102.98
N SER F 136 -50.74 1.87 102.82
CA SER F 136 -52.21 1.90 102.92
C SER F 136 -52.66 0.50 103.37
N GLY F 137 -53.00 0.40 104.64
CA GLY F 137 -53.57 -0.85 105.15
C GLY F 137 -52.54 -1.96 105.18
N GLY F 138 -52.76 -2.97 104.34
CA GLY F 138 -51.96 -4.18 104.41
C GLY F 138 -50.65 -4.14 103.64
N THR F 139 -50.49 -3.18 102.74
CA THR F 139 -49.32 -3.15 101.87
C THR F 139 -48.70 -1.76 101.83
N ALA F 140 -47.42 -1.72 101.45
CA ALA F 140 -46.67 -0.48 101.26
C ALA F 140 -45.68 -0.69 100.13
N ALA F 141 -45.40 0.38 99.39
CA ALA F 141 -44.62 0.31 98.16
C ALA F 141 -43.26 0.95 98.36
N LEU F 142 -42.23 0.35 97.75
CA LEU F 142 -40.87 0.87 97.74
C LEU F 142 -40.25 0.61 96.38
N GLY F 143 -39.22 1.37 96.02
CA GLY F 143 -38.67 1.20 94.70
C GLY F 143 -37.30 1.82 94.54
N CYS F 144 -36.86 1.88 93.28
CA CYS F 144 -35.55 2.40 92.93
C CYS F 144 -35.68 3.29 91.71
N LEU F 145 -35.08 4.48 91.79
CA LEU F 145 -35.10 5.47 90.72
C LEU F 145 -33.73 5.46 90.04
N VAL F 146 -33.69 5.09 88.77
CA VAL F 146 -32.46 5.01 88.00
C VAL F 146 -32.60 6.02 86.87
N LYS F 147 -31.77 7.06 86.89
CA LYS F 147 -31.97 8.22 86.03
C LYS F 147 -30.70 8.59 85.28
N ASP F 148 -30.86 9.53 84.35
CA ASP F 148 -29.76 10.15 83.59
C ASP F 148 -28.82 9.13 82.95
N TYR F 149 -29.32 8.40 81.96
CA TYR F 149 -28.46 7.55 81.14
C TYR F 149 -28.88 7.66 79.68
N PHE F 150 -27.92 7.66 78.77
CA PHE F 150 -28.26 7.62 77.35
C PHE F 150 -28.52 6.22 76.81
N PRO F 151 -27.67 5.22 77.07
CA PRO F 151 -27.76 3.97 76.33
C PRO F 151 -28.99 3.14 76.70
N GLU F 152 -30.07 3.39 75.97
CA GLU F 152 -31.46 3.02 76.23
C GLU F 152 -31.65 1.69 76.95
N PRO F 153 -31.08 0.57 76.50
CA PRO F 153 -31.35 -0.69 77.22
C PRO F 153 -30.68 -0.72 78.59
N VAL F 154 -31.49 -0.65 79.64
CA VAL F 154 -31.03 -0.70 81.01
C VAL F 154 -32.01 -1.58 81.78
N THR F 155 -31.56 -2.28 82.82
CA THR F 155 -32.47 -3.16 83.52
C THR F 155 -32.26 -2.98 85.02
N VAL F 156 -33.36 -3.10 85.76
CA VAL F 156 -33.36 -3.11 87.21
C VAL F 156 -34.20 -4.30 87.66
N SER F 157 -33.59 -5.18 88.44
CA SER F 157 -34.29 -6.32 89.00
C SER F 157 -34.44 -6.12 90.50
N TRP F 158 -35.28 -6.93 91.12
CA TRP F 158 -35.47 -6.89 92.56
C TRP F 158 -34.95 -8.18 93.19
N ASN F 159 -33.95 -8.02 94.05
CA ASN F 159 -33.36 -9.14 94.78
C ASN F 159 -32.88 -10.23 93.83
N SER F 160 -32.03 -9.81 92.88
CA SER F 160 -31.39 -10.71 91.93
C SER F 160 -32.41 -11.52 91.13
N GLY F 161 -33.61 -10.97 90.96
CA GLY F 161 -34.66 -11.66 90.24
C GLY F 161 -35.62 -12.45 91.10
N ALA F 162 -35.60 -12.26 92.43
CA ALA F 162 -36.44 -13.06 93.31
C ALA F 162 -37.89 -12.62 93.31
N LEU F 163 -38.19 -11.35 93.57
CA LEU F 163 -39.56 -10.87 93.73
C LEU F 163 -40.14 -10.60 92.34
N THR F 164 -41.26 -11.26 92.05
CA THR F 164 -41.98 -11.05 90.80
C THR F 164 -43.37 -10.50 91.09
N SER F 165 -43.73 -10.43 92.36
CA SER F 165 -45.02 -9.92 92.79
C SER F 165 -44.92 -8.42 93.07
N GLY F 166 -45.75 -7.64 92.37
CA GLY F 166 -45.78 -6.20 92.55
C GLY F 166 -44.66 -5.44 91.88
N VAL F 167 -43.61 -6.14 91.43
CA VAL F 167 -42.49 -5.48 90.75
C VAL F 167 -42.97 -4.98 89.40
N HIS F 168 -42.92 -3.67 89.22
CA HIS F 168 -43.33 -3.04 87.96
C HIS F 168 -42.39 -1.91 87.56
N THR F 169 -41.64 -2.11 86.47
CA THR F 169 -40.71 -1.10 85.98
C THR F 169 -41.46 -0.25 84.97
N PHE F 170 -41.42 1.05 85.17
CA PHE F 170 -42.18 1.91 84.31
C PHE F 170 -41.36 2.34 83.10
N PRO F 171 -42.02 2.65 81.99
CA PRO F 171 -41.27 3.04 80.79
C PRO F 171 -40.34 4.21 81.07
N ALA F 172 -39.13 4.10 80.54
CA ALA F 172 -38.17 5.18 80.72
C ALA F 172 -38.67 6.45 80.07
N VAL F 173 -38.29 7.58 80.65
CA VAL F 173 -38.69 8.87 80.14
C VAL F 173 -37.46 9.59 79.60
N LEU F 174 -37.66 10.30 78.49
CA LEU F 174 -36.59 11.02 77.83
C LEU F 174 -36.73 12.50 78.18
N GLN F 175 -35.75 13.02 78.90
CA GLN F 175 -35.78 14.39 79.37
C GLN F 175 -35.35 15.35 78.28
N SER F 176 -35.45 16.65 78.58
CA SER F 176 -34.93 17.66 77.68
C SER F 176 -33.41 17.62 77.61
N SER F 177 -32.77 17.19 78.69
CA SER F 177 -31.32 17.06 78.69
C SER F 177 -30.83 16.05 77.67
N GLY F 178 -31.71 15.21 77.15
CA GLY F 178 -31.35 14.18 76.21
C GLY F 178 -31.08 12.82 76.82
N LEU F 179 -31.15 12.70 78.14
CA LEU F 179 -30.87 11.45 78.81
C LEU F 179 -32.15 10.82 79.33
N TYR F 180 -32.15 9.49 79.42
CA TYR F 180 -33.32 8.78 79.87
C TYR F 180 -33.37 8.72 81.39
N SER F 181 -34.52 8.29 81.91
CA SER F 181 -34.72 8.08 83.33
C SER F 181 -35.93 7.20 83.53
N LEU F 182 -35.91 6.41 84.59
CA LEU F 182 -37.03 5.56 84.92
C LEU F 182 -37.00 5.25 86.41
N SER F 183 -38.08 4.62 86.87
CA SER F 183 -38.24 4.22 88.27
C SER F 183 -39.06 2.93 88.34
N SER F 184 -38.56 1.94 89.08
CA SER F 184 -39.24 0.66 89.21
C SER F 184 -39.68 0.49 90.65
N VAL F 185 -40.94 0.14 90.85
CA VAL F 185 -41.52 0.09 92.19
C VAL F 185 -42.20 -1.26 92.41
N VAL F 186 -42.22 -1.69 93.66
CA VAL F 186 -42.84 -2.94 94.06
C VAL F 186 -43.51 -2.74 95.42
N THR F 187 -44.71 -3.31 95.56
CA THR F 187 -45.44 -3.27 96.82
C THR F 187 -45.18 -4.55 97.60
N VAL F 188 -45.23 -4.46 98.91
CA VAL F 188 -44.87 -5.55 99.81
C VAL F 188 -45.64 -5.31 101.11
N PRO F 189 -46.11 -6.35 101.80
CA PRO F 189 -46.94 -6.14 102.99
C PRO F 189 -46.33 -5.14 103.97
N SER F 190 -47.20 -4.27 104.50
CA SER F 190 -46.72 -3.21 105.39
C SER F 190 -46.15 -3.77 106.68
N SER F 191 -46.49 -5.00 107.03
CA SER F 191 -45.83 -5.66 108.16
C SER F 191 -44.37 -5.95 107.85
N SER F 192 -44.01 -5.93 106.57
CA SER F 192 -42.68 -6.27 106.09
C SER F 192 -41.92 -5.08 105.53
N LEU F 193 -41.98 -3.92 106.19
CA LEU F 193 -41.27 -2.73 105.69
C LEU F 193 -39.78 -2.98 105.55
N GLY F 194 -39.09 -3.22 106.67
CA GLY F 194 -37.66 -3.46 106.60
C GLY F 194 -37.29 -4.92 106.77
N THR F 195 -38.28 -5.77 107.05
CA THR F 195 -38.02 -7.12 107.56
C THR F 195 -37.14 -7.94 106.62
N GLN F 196 -37.51 -8.05 105.35
CA GLN F 196 -36.79 -8.91 104.44
C GLN F 196 -35.88 -8.09 103.54
N THR F 197 -35.25 -8.76 102.57
CA THR F 197 -34.31 -8.09 101.67
C THR F 197 -35.04 -7.55 100.46
N TYR F 198 -34.80 -6.27 100.16
CA TYR F 198 -35.31 -5.64 98.95
C TYR F 198 -34.18 -4.82 98.35
N ILE F 199 -33.36 -5.46 97.52
CA ILE F 199 -32.22 -4.81 96.91
C ILE F 199 -32.42 -4.81 95.40
N CYS F 200 -32.45 -3.61 94.81
CA CYS F 200 -32.56 -3.46 93.37
C CYS F 200 -31.20 -3.61 92.73
N ASN F 201 -31.12 -4.47 91.74
CA ASN F 201 -29.92 -4.81 91.00
C ASN F 201 -30.00 -4.05 89.68
N VAL F 202 -29.16 -3.03 89.54
CA VAL F 202 -29.14 -2.17 88.36
C VAL F 202 -28.00 -2.63 87.46
N ASN F 203 -28.34 -3.00 86.22
CA ASN F 203 -27.36 -3.39 85.22
C ASN F 203 -27.55 -2.59 83.95
N HIS F 204 -26.46 -2.02 83.46
CA HIS F 204 -26.40 -1.20 82.26
C HIS F 204 -25.51 -1.94 81.26
N LYS F 205 -26.12 -2.53 80.24
CA LYS F 205 -25.44 -3.45 79.33
C LYS F 205 -24.55 -2.77 78.29
N PRO F 206 -24.93 -1.64 77.69
CA PRO F 206 -23.96 -0.96 76.81
C PRO F 206 -22.72 -0.53 77.55
N SER F 207 -22.86 0.04 78.74
CA SER F 207 -21.73 0.18 79.65
C SER F 207 -21.58 -1.12 80.42
N ASN F 208 -20.84 -1.12 81.51
CA ASN F 208 -20.70 -2.29 82.37
C ASN F 208 -21.01 -1.94 83.82
N THR F 209 -22.12 -1.25 84.05
CA THR F 209 -22.51 -0.84 85.39
C THR F 209 -23.39 -1.89 86.04
N LYS F 210 -23.03 -2.25 87.28
CA LYS F 210 -23.78 -3.21 88.08
C LYS F 210 -23.72 -2.76 89.52
N VAL F 211 -24.86 -2.32 90.08
CA VAL F 211 -24.91 -1.80 91.44
C VAL F 211 -26.18 -2.31 92.12
N ASP F 212 -26.05 -2.74 93.37
CA ASP F 212 -27.18 -3.20 94.18
C ASP F 212 -27.47 -2.15 95.25
N LYS F 213 -28.71 -1.68 95.29
CA LYS F 213 -29.13 -0.65 96.24
C LYS F 213 -30.28 -1.17 97.10
N LYS F 214 -30.12 -1.04 98.42
CA LYS F 214 -31.15 -1.48 99.37
C LYS F 214 -32.11 -0.34 99.65
N VAL F 215 -33.40 -0.65 99.73
CA VAL F 215 -34.44 0.32 100.03
C VAL F 215 -35.01 0.00 101.40
N GLU F 216 -34.98 0.98 102.29
CA GLU F 216 -35.43 0.84 103.66
C GLU F 216 -36.37 1.98 103.99
N PRO F 217 -37.27 1.79 104.97
CA PRO F 217 -38.18 2.88 105.35
C PRO F 217 -37.41 4.14 105.74
N LYS F 218 -38.11 5.27 105.63
CA LYS F 218 -37.49 6.56 105.89
C LYS F 218 -37.09 6.67 107.36
N SER F 219 -35.97 7.36 107.58
CA SER F 219 -35.37 7.49 108.90
C SER F 219 -36.34 8.09 109.91
N GLU G 1 -52.84 3.53 44.43
CA GLU G 1 -51.78 3.74 45.41
C GLU G 1 -51.85 2.69 46.49
N ILE G 2 -50.70 2.32 47.06
CA ILE G 2 -50.68 1.27 48.05
C ILE G 2 -50.29 1.83 49.43
N VAL G 3 -51.31 2.08 50.26
CA VAL G 3 -51.14 2.44 51.66
C VAL G 3 -52.20 1.69 52.46
N LEU G 4 -51.77 0.94 53.46
CA LEU G 4 -52.67 0.19 54.32
C LEU G 4 -53.16 1.10 55.44
N THR G 5 -54.48 1.21 55.57
CA THR G 5 -55.08 2.05 56.58
C THR G 5 -56.05 1.26 57.46
N GLN G 6 -55.78 1.23 58.76
CA GLN G 6 -56.63 0.50 59.70
C GLN G 6 -58.01 1.15 59.80
N SER G 7 -59.02 0.32 60.09
CA SER G 7 -60.39 0.81 60.23
C SER G 7 -60.55 1.67 61.48
N PRO G 8 -60.45 1.06 62.65
CA PRO G 8 -60.60 1.81 63.91
C PRO G 8 -59.28 2.25 64.49
N GLY G 9 -58.35 1.31 64.62
CA GLY G 9 -57.03 1.57 65.18
C GLY G 9 -56.87 1.02 66.58
N THR G 10 -57.98 0.64 67.20
CA THR G 10 -57.95 0.09 68.55
C THR G 10 -59.33 -0.44 68.96
N LEU G 11 -59.34 -1.48 69.77
CA LEU G 11 -60.58 -2.08 70.23
C LEU G 11 -60.45 -2.57 71.67
N SER G 12 -61.34 -2.10 72.54
CA SER G 12 -61.32 -2.49 73.95
C SER G 12 -62.61 -3.24 74.23
N LEU G 13 -62.51 -4.53 74.56
CA LEU G 13 -63.67 -5.39 74.63
C LEU G 13 -63.62 -6.24 75.88
N SER G 14 -64.47 -7.25 75.93
CA SER G 14 -64.52 -8.22 77.00
C SER G 14 -64.40 -9.61 76.39
N PRO G 15 -63.71 -10.53 77.06
CA PRO G 15 -63.35 -11.80 76.41
C PRO G 15 -64.52 -12.76 76.25
N GLY G 16 -64.43 -13.61 75.24
CA GLY G 16 -65.45 -14.59 74.95
C GLY G 16 -66.41 -14.21 73.86
N GLU G 17 -66.10 -13.20 73.07
CA GLU G 17 -67.04 -12.71 72.07
C GLU G 17 -66.33 -12.57 70.72
N ARG G 18 -67.12 -12.48 69.66
CA ARG G 18 -66.58 -12.51 68.32
C ARG G 18 -65.96 -11.17 67.95
N ALA G 19 -64.67 -11.20 67.67
CA ALA G 19 -63.91 -10.01 67.30
C ALA G 19 -63.79 -9.94 65.79
N THR G 20 -63.95 -8.73 65.26
CA THR G 20 -63.93 -8.54 63.81
C THR G 20 -63.27 -7.20 63.53
N LEU G 21 -62.34 -7.21 62.58
CA LEU G 21 -61.69 -5.97 62.19
C LEU G 21 -61.25 -6.03 60.74
N SER G 22 -60.98 -4.89 60.14
CA SER G 22 -60.52 -4.84 58.76
C SER G 22 -59.35 -3.87 58.61
N CYS G 23 -58.73 -3.96 57.45
CA CYS G 23 -57.68 -3.06 57.04
C CYS G 23 -58.01 -2.61 55.62
N ARG G 24 -57.88 -1.32 55.38
CA ARG G 24 -58.32 -0.73 54.12
C ARG G 24 -57.13 -0.21 53.34
N ALA G 25 -57.09 -0.53 52.06
CA ALA G 25 -55.99 -0.10 51.20
C ALA G 25 -56.28 1.28 50.63
N SER G 26 -55.44 1.72 49.70
CA SER G 26 -55.64 2.99 49.02
C SER G 26 -55.89 2.76 47.55
N GLN G 27 -56.03 1.49 47.16
CA GLN G 27 -56.47 1.08 45.83
C GLN G 27 -56.98 -0.34 45.92
N SER G 28 -57.59 -0.85 44.85
CA SER G 28 -57.86 -2.27 44.80
C SER G 28 -56.56 -3.03 44.52
N VAL G 29 -56.34 -4.07 45.31
CA VAL G 29 -55.11 -4.86 45.21
C VAL G 29 -55.38 -6.03 44.29
N SER G 30 -54.32 -6.49 43.63
CA SER G 30 -54.35 -7.80 42.98
C SER G 30 -54.63 -8.89 44.00
N SER G 31 -55.29 -9.95 43.52
CA SER G 31 -56.16 -10.82 44.31
C SER G 31 -55.53 -11.47 45.52
N SER G 32 -55.94 -11.00 46.70
CA SER G 32 -55.63 -11.57 48.01
C SER G 32 -54.12 -11.68 48.27
N TYR G 33 -53.33 -10.78 47.71
CA TYR G 33 -51.90 -10.85 47.91
C TYR G 33 -51.44 -10.02 49.08
N LEU G 34 -52.02 -10.29 50.25
CA LEU G 34 -51.78 -9.55 51.46
C LEU G 34 -51.75 -10.52 52.63
N ALA G 35 -51.51 -10.01 53.83
CA ALA G 35 -51.38 -10.85 55.01
C ALA G 35 -51.71 -10.04 56.24
N TRP G 36 -51.74 -10.72 57.38
CA TRP G 36 -51.89 -10.07 58.66
C TRP G 36 -50.74 -10.45 59.57
N TYR G 37 -50.54 -9.64 60.60
CA TYR G 37 -49.48 -9.85 61.57
C TYR G 37 -49.98 -9.42 62.94
N GLN G 38 -49.38 -9.98 63.99
CA GLN G 38 -49.66 -9.48 65.33
C GLN G 38 -48.33 -9.17 65.98
N GLN G 39 -48.36 -8.27 66.94
CA GLN G 39 -47.14 -7.90 67.66
C GLN G 39 -47.41 -7.95 69.15
N LYS G 40 -46.65 -8.80 69.84
CA LYS G 40 -46.61 -8.78 71.28
C LYS G 40 -45.58 -7.76 71.75
N PRO G 41 -45.97 -6.80 72.57
CA PRO G 41 -45.04 -5.73 72.97
C PRO G 41 -43.91 -6.27 73.85
N GLY G 42 -42.69 -5.92 73.48
CA GLY G 42 -41.52 -6.51 74.09
C GLY G 42 -41.13 -7.84 73.51
N GLN G 43 -41.81 -8.30 72.46
CA GLN G 43 -41.52 -9.58 71.84
C GLN G 43 -41.37 -9.38 70.35
N ALA G 44 -41.08 -10.47 69.65
CA ALA G 44 -41.04 -10.44 68.21
C ALA G 44 -42.47 -10.48 67.65
N PRO G 45 -42.73 -9.78 66.55
CA PRO G 45 -44.01 -9.95 65.87
C PRO G 45 -44.07 -11.31 65.18
N ARG G 46 -45.28 -11.81 64.99
CA ARG G 46 -45.45 -13.19 64.58
C ARG G 46 -46.45 -13.23 63.43
N LEU G 47 -46.38 -14.32 62.67
CA LEU G 47 -47.30 -14.66 61.59
C LEU G 47 -48.74 -14.62 62.04
N LEU G 48 -49.64 -14.17 61.16
CA LEU G 48 -51.04 -14.42 61.44
C LEU G 48 -51.71 -15.30 60.39
N ILE G 49 -51.76 -14.85 59.14
CA ILE G 49 -52.45 -15.57 58.07
C ILE G 49 -51.91 -15.07 56.73
N TYR G 50 -51.59 -16.00 55.85
CA TYR G 50 -51.10 -15.68 54.51
C TYR G 50 -52.25 -15.67 53.52
N GLY G 51 -52.19 -14.74 52.57
CA GLY G 51 -53.12 -14.71 51.45
C GLY G 51 -54.54 -14.37 51.79
N ALA G 52 -54.80 -13.93 53.03
CA ALA G 52 -56.11 -13.62 53.60
C ALA G 52 -57.10 -14.76 53.52
N SER G 53 -56.63 -16.00 53.36
CA SER G 53 -57.51 -17.14 53.19
C SER G 53 -57.29 -18.13 54.31
N SER G 54 -56.06 -18.59 54.45
CA SER G 54 -55.76 -19.66 55.39
C SER G 54 -54.47 -19.32 56.11
N ARG G 55 -54.45 -19.67 57.39
CA ARG G 55 -53.33 -19.35 58.26
C ARG G 55 -52.41 -20.56 58.35
N ALA G 56 -51.17 -20.31 58.77
CA ALA G 56 -50.21 -21.39 58.83
C ALA G 56 -50.32 -22.15 60.14
N THR G 57 -49.40 -23.09 60.32
CA THR G 57 -49.37 -23.92 61.51
C THR G 57 -48.92 -23.12 62.72
N GLY G 58 -49.09 -23.72 63.90
CA GLY G 58 -48.81 -23.03 65.14
C GLY G 58 -49.89 -22.06 65.55
N ILE G 59 -50.95 -21.94 64.76
CA ILE G 59 -52.05 -21.02 65.01
C ILE G 59 -53.30 -21.87 65.11
N PRO G 60 -54.15 -21.68 66.11
CA PRO G 60 -55.41 -22.42 66.12
C PRO G 60 -56.43 -21.83 65.17
N ASP G 61 -57.64 -22.37 65.18
CA ASP G 61 -58.66 -21.89 64.25
C ASP G 61 -59.77 -21.24 65.04
N ARG G 62 -59.54 -19.99 65.40
CA ARG G 62 -60.58 -19.15 65.98
C ARG G 62 -60.68 -17.90 65.13
N PHE G 63 -59.89 -17.87 64.06
CA PHE G 63 -59.58 -16.65 63.34
C PHE G 63 -59.90 -16.84 61.86
N SER G 64 -60.36 -15.76 61.23
CA SER G 64 -60.75 -15.84 59.82
C SER G 64 -60.61 -14.47 59.18
N GLY G 65 -59.87 -14.40 58.08
CA GLY G 65 -59.77 -13.20 57.28
C GLY G 65 -60.53 -13.35 55.99
N SER G 66 -61.16 -12.26 55.55
CA SER G 66 -61.91 -12.26 54.31
C SER G 66 -61.79 -10.88 53.66
N GLY G 67 -62.61 -10.65 52.64
CA GLY G 67 -62.56 -9.44 51.85
C GLY G 67 -62.01 -9.69 50.46
N SER G 68 -62.06 -8.64 49.64
CA SER G 68 -61.46 -8.66 48.31
C SER G 68 -61.31 -7.24 47.80
N GLY G 69 -60.10 -6.92 47.34
CA GLY G 69 -59.88 -5.60 46.75
C GLY G 69 -59.37 -4.61 47.76
N THR G 70 -60.11 -3.49 47.90
CA THR G 70 -59.71 -2.47 48.86
C THR G 70 -59.99 -2.92 50.29
N ASP G 71 -61.17 -3.48 50.52
CA ASP G 71 -61.54 -3.95 51.84
C ASP G 71 -61.04 -5.36 52.06
N PHE G 72 -60.57 -5.63 53.28
CA PHE G 72 -60.03 -6.92 53.64
C PHE G 72 -60.12 -7.04 55.15
N THR G 73 -60.92 -7.99 55.62
CA THR G 73 -61.24 -8.05 57.03
C THR G 73 -60.48 -9.16 57.72
N LEU G 74 -60.69 -9.22 59.03
CA LEU G 74 -60.17 -10.31 59.85
C LEU G 74 -61.14 -10.48 61.01
N THR G 75 -61.60 -11.71 61.20
CA THR G 75 -62.59 -12.00 62.23
C THR G 75 -62.03 -13.04 63.18
N ILE G 76 -62.07 -12.74 64.46
CA ILE G 76 -61.77 -13.72 65.50
C ILE G 76 -63.09 -14.16 66.10
N SER G 77 -63.36 -15.46 66.06
CA SER G 77 -64.70 -15.98 66.35
C SER G 77 -65.07 -15.85 67.82
N ARG G 78 -64.07 -15.80 68.70
CA ARG G 78 -64.33 -15.70 70.13
C ARG G 78 -63.10 -15.12 70.78
N LEU G 79 -63.32 -14.16 71.67
CA LEU G 79 -62.23 -13.36 72.23
C LEU G 79 -61.50 -14.17 73.29
N GLU G 80 -60.36 -14.74 72.91
CA GLU G 80 -59.43 -15.27 73.90
C GLU G 80 -58.72 -14.11 74.58
N PRO G 81 -58.70 -14.05 75.90
CA PRO G 81 -58.13 -12.87 76.57
C PRO G 81 -56.63 -12.75 76.44
N GLU G 82 -55.92 -13.86 76.33
CA GLU G 82 -54.48 -13.88 76.19
C GLU G 82 -54.01 -13.46 74.80
N ASP G 83 -54.93 -13.27 73.86
CA ASP G 83 -54.59 -12.80 72.53
C ASP G 83 -54.60 -11.29 72.42
N PHE G 84 -54.59 -10.58 73.54
CA PHE G 84 -54.66 -9.14 73.48
C PHE G 84 -53.31 -8.56 73.08
N ALA G 85 -53.26 -8.00 71.87
CA ALA G 85 -52.02 -7.43 71.38
C ALA G 85 -52.26 -6.37 70.32
N VAL G 86 -51.20 -5.99 69.61
CA VAL G 86 -51.28 -5.04 68.51
C VAL G 86 -51.18 -5.86 67.22
N TYR G 87 -52.13 -5.63 66.32
CA TYR G 87 -52.34 -6.51 65.18
C TYR G 87 -52.17 -5.69 63.90
N TYR G 88 -51.42 -6.25 62.96
CA TYR G 88 -50.99 -5.55 61.76
C TYR G 88 -51.56 -6.19 60.51
N CYS G 89 -51.76 -5.39 59.47
CA CYS G 89 -52.01 -5.90 58.13
C CYS G 89 -50.78 -5.63 57.27
N GLN G 90 -50.52 -6.54 56.35
CA GLN G 90 -49.32 -6.44 55.51
C GLN G 90 -49.72 -6.85 54.10
N GLN G 91 -49.17 -6.16 53.11
CA GLN G 91 -49.43 -6.51 51.72
C GLN G 91 -48.17 -7.04 51.06
N TYR G 92 -48.37 -7.81 50.00
CA TYR G 92 -47.27 -8.19 49.12
C TYR G 92 -47.70 -8.17 47.66
N GLY G 93 -48.80 -7.49 47.35
CA GLY G 93 -49.24 -7.43 45.96
C GLY G 93 -48.46 -6.41 45.16
N SER G 94 -48.22 -5.24 45.74
CA SER G 94 -47.55 -4.17 45.04
C SER G 94 -46.04 -4.44 44.96
N SER G 95 -45.34 -3.64 44.16
CA SER G 95 -43.91 -3.83 44.01
C SER G 95 -43.09 -3.49 45.26
N PRO G 96 -43.50 -2.56 46.14
CA PRO G 96 -43.00 -2.65 47.51
C PRO G 96 -43.98 -3.42 48.38
N ARG G 97 -43.49 -3.82 49.55
CA ARG G 97 -44.32 -4.46 50.56
C ARG G 97 -44.58 -3.44 51.65
N THR G 98 -45.74 -2.79 51.57
CA THR G 98 -46.07 -1.71 52.47
C THR G 98 -46.79 -2.28 53.67
N PHE G 99 -46.94 -1.46 54.70
CA PHE G 99 -47.55 -1.89 55.95
C PHE G 99 -48.63 -0.90 56.33
N GLY G 100 -49.23 -1.15 57.49
CA GLY G 100 -50.18 -0.22 58.05
C GLY G 100 -49.66 0.43 59.31
N GLN G 101 -50.50 0.54 60.34
CA GLN G 101 -50.09 1.21 61.56
C GLN G 101 -50.49 0.41 62.80
N GLY G 102 -51.33 -0.60 62.64
CA GLY G 102 -51.68 -1.46 63.74
C GLY G 102 -53.04 -1.20 64.36
N THR G 103 -53.53 -2.17 65.13
CA THR G 103 -54.80 -2.08 65.84
C THR G 103 -54.59 -2.61 67.25
N LYS G 104 -55.07 -1.87 68.24
CA LYS G 104 -54.87 -2.26 69.63
C LYS G 104 -56.08 -3.06 70.09
N LEU G 105 -55.82 -4.22 70.69
CA LEU G 105 -56.86 -5.10 71.19
C LEU G 105 -56.64 -5.27 72.68
N GLU G 106 -57.69 -5.01 73.48
CA GLU G 106 -57.59 -5.15 74.93
C GLU G 106 -58.98 -5.31 75.55
N ILE G 107 -59.04 -5.23 76.87
CA ILE G 107 -60.30 -5.37 77.60
C ILE G 107 -60.53 -4.19 78.54
N LYS G 108 -61.78 -4.00 78.94
CA LYS G 108 -62.14 -2.92 79.85
C LYS G 108 -62.57 -3.46 81.21
N ARG G 109 -61.63 -3.99 81.96
CA ARG G 109 -61.91 -4.54 83.28
C ARG G 109 -62.74 -3.57 84.12
N THR G 110 -63.73 -4.11 84.84
CA THR G 110 -64.59 -3.30 85.67
C THR G 110 -63.85 -2.09 86.24
N VAL G 111 -64.51 -0.94 86.27
CA VAL G 111 -63.92 0.28 86.79
C VAL G 111 -63.17 0.03 88.09
N ALA G 112 -61.88 0.32 88.09
CA ALA G 112 -61.05 0.13 89.26
C ALA G 112 -60.33 1.43 89.56
N ALA G 113 -60.46 1.92 90.78
CA ALA G 113 -59.78 3.16 91.12
C ALA G 113 -58.32 2.88 91.45
N PRO G 114 -57.45 3.86 91.26
CA PRO G 114 -56.03 3.64 91.54
C PRO G 114 -55.72 3.76 93.02
N SER G 115 -54.76 2.96 93.47
CA SER G 115 -54.06 3.30 94.69
C SER G 115 -53.10 4.43 94.36
N VAL G 116 -53.12 5.52 95.13
CA VAL G 116 -52.22 6.65 94.89
C VAL G 116 -51.16 6.68 95.97
N PHE G 117 -49.96 7.15 95.62
CA PHE G 117 -48.86 7.25 96.56
C PHE G 117 -47.86 8.33 96.11
N ILE G 118 -47.46 9.20 97.02
CA ILE G 118 -46.52 10.26 96.70
C ILE G 118 -45.23 10.00 97.44
N PHE G 119 -44.11 10.19 96.75
CA PHE G 119 -42.78 9.95 97.30
C PHE G 119 -41.99 11.24 97.30
N PRO G 120 -41.50 11.72 98.43
CA PRO G 120 -40.65 12.91 98.43
C PRO G 120 -39.26 12.58 97.92
N PRO G 121 -38.44 13.58 97.60
CA PRO G 121 -37.10 13.28 97.09
C PRO G 121 -36.19 12.74 98.18
N SER G 122 -35.35 11.79 97.80
CA SER G 122 -34.41 11.19 98.75
C SER G 122 -33.32 12.18 99.14
N ASP G 123 -32.85 12.06 100.38
CA ASP G 123 -31.81 12.96 100.88
C ASP G 123 -30.57 12.92 100.03
N GLU G 124 -30.28 11.78 99.40
CA GLU G 124 -29.10 11.68 98.54
C GLU G 124 -29.19 12.62 97.35
N GLN G 125 -30.39 12.75 96.79
CA GLN G 125 -30.57 13.56 95.59
C GLN G 125 -30.48 15.05 95.91
N LEU G 126 -30.98 15.46 97.07
CA LEU G 126 -30.89 16.87 97.44
C LEU G 126 -29.43 17.29 97.64
N LYS G 127 -28.54 16.37 97.96
CA LYS G 127 -27.12 16.69 97.93
C LYS G 127 -26.70 17.06 96.52
N SER G 128 -27.08 16.23 95.55
CA SER G 128 -26.69 16.43 94.15
C SER G 128 -27.18 17.78 93.62
N GLY G 129 -28.29 18.29 94.15
CA GLY G 129 -28.80 19.59 93.77
C GLY G 129 -30.07 19.59 92.94
N THR G 130 -30.83 18.51 92.96
CA THR G 130 -32.08 18.39 92.21
C THR G 130 -33.05 17.55 93.03
N ALA G 131 -34.36 17.79 92.83
CA ALA G 131 -35.41 17.10 93.57
C ALA G 131 -36.42 16.45 92.61
N SER G 132 -36.48 15.12 92.58
CA SER G 132 -37.57 14.44 91.89
C SER G 132 -38.67 14.10 92.89
N VAL G 133 -39.90 14.39 92.54
CA VAL G 133 -41.05 14.12 93.39
C VAL G 133 -41.94 13.17 92.60
N VAL G 134 -42.00 11.93 93.03
CA VAL G 134 -42.71 10.90 92.27
C VAL G 134 -44.09 10.72 92.86
N CYS G 135 -45.06 10.49 92.00
CA CYS G 135 -46.42 10.18 92.41
C CYS G 135 -46.84 8.96 91.61
N LEU G 136 -47.31 7.93 92.31
CA LEU G 136 -47.64 6.66 91.68
C LEU G 136 -49.14 6.42 91.73
N LEU G 137 -49.70 5.90 90.62
CA LEU G 137 -51.10 5.49 90.53
C LEU G 137 -51.12 4.01 90.20
N ASN G 138 -51.59 3.19 91.12
CA ASN G 138 -51.41 1.74 91.01
C ASN G 138 -52.70 1.07 90.54
N ASN G 139 -52.57 0.11 89.63
CA ASN G 139 -53.72 -0.61 89.11
C ASN G 139 -54.91 0.33 88.82
N PHE G 140 -55.45 0.23 87.62
CA PHE G 140 -56.59 1.06 87.22
C PHE G 140 -56.97 0.82 85.77
N TYR G 141 -58.26 0.58 85.57
CA TYR G 141 -58.85 0.33 84.27
C TYR G 141 -58.76 1.57 83.40
N PRO G 142 -59.71 2.49 83.52
CA PRO G 142 -59.62 3.69 82.68
C PRO G 142 -58.27 4.40 82.83
N ARG G 143 -57.48 4.41 81.76
CA ARG G 143 -56.17 5.05 81.80
C ARG G 143 -56.29 6.56 81.66
N GLU G 144 -57.47 7.03 81.27
CA GLU G 144 -57.72 8.46 81.11
C GLU G 144 -57.67 9.18 82.45
N ALA G 145 -56.65 8.89 83.24
CA ALA G 145 -56.49 9.51 84.55
C ALA G 145 -55.76 10.84 84.39
N LYS G 146 -56.04 11.78 85.29
CA LYS G 146 -55.37 13.07 85.34
C LYS G 146 -54.52 13.17 86.60
N VAL G 147 -53.26 13.61 86.45
CA VAL G 147 -52.36 13.86 87.56
C VAL G 147 -52.07 15.35 87.60
N GLN G 148 -52.61 16.03 88.60
CA GLN G 148 -52.34 17.44 88.82
C GLN G 148 -51.38 17.57 90.00
N TRP G 149 -50.17 18.06 89.73
CA TRP G 149 -49.26 18.45 90.78
C TRP G 149 -49.64 19.83 91.30
N LYS G 150 -49.48 20.03 92.60
CA LYS G 150 -49.68 21.33 93.20
C LYS G 150 -48.53 21.56 94.15
N VAL G 151 -47.97 22.75 94.13
CA VAL G 151 -46.92 23.12 95.07
C VAL G 151 -47.41 24.33 95.84
N ASP G 152 -47.63 24.16 97.14
CA ASP G 152 -48.26 25.18 97.97
C ASP G 152 -49.57 25.64 97.37
N ASN G 153 -50.31 24.70 96.78
CA ASN G 153 -51.62 24.93 96.20
C ASN G 153 -51.58 25.67 94.87
N ALA G 154 -50.42 25.69 94.21
CA ALA G 154 -50.30 26.28 92.88
C ALA G 154 -50.20 25.15 91.87
N LEU G 155 -51.13 25.11 90.92
CA LEU G 155 -51.08 24.02 89.95
C LEU G 155 -49.82 24.18 89.12
N GLN G 156 -49.03 23.11 89.04
CA GLN G 156 -47.70 23.09 88.41
C GLN G 156 -47.82 22.62 86.97
N SER G 157 -47.36 23.44 86.03
CA SER G 157 -47.46 23.10 84.62
C SER G 157 -46.07 23.12 83.99
N GLY G 158 -45.71 22.01 83.35
CA GLY G 158 -44.53 21.98 82.50
C GLY G 158 -43.24 21.57 83.15
N ASN G 159 -43.30 20.92 84.32
CA ASN G 159 -42.11 20.34 84.92
C ASN G 159 -42.37 18.91 85.36
N SER G 160 -43.32 18.22 84.73
CA SER G 160 -43.63 16.85 85.08
C SER G 160 -43.51 15.98 83.83
N GLN G 161 -43.35 14.67 84.07
CA GLN G 161 -43.40 13.66 83.02
C GLN G 161 -44.11 12.43 83.56
N GLU G 162 -44.92 11.79 82.72
CA GLU G 162 -45.63 10.58 83.07
C GLU G 162 -45.16 9.44 82.19
N SER G 163 -45.32 8.21 82.69
CA SER G 163 -45.39 7.05 81.80
C SER G 163 -46.32 6.02 82.41
N VAL G 164 -46.80 5.12 81.56
CA VAL G 164 -47.89 4.21 81.86
C VAL G 164 -47.47 2.83 81.40
N THR G 165 -47.96 1.81 82.10
CA THR G 165 -47.55 0.46 81.77
C THR G 165 -48.51 -0.15 80.77
N GLU G 166 -48.07 -1.23 80.15
CA GLU G 166 -48.97 -1.98 79.30
C GLU G 166 -50.06 -2.61 80.15
N GLN G 167 -51.26 -2.73 79.57
CA GLN G 167 -52.38 -3.35 80.25
C GLN G 167 -51.96 -4.70 80.82
N ASP G 168 -52.18 -4.88 82.12
CA ASP G 168 -51.68 -6.05 82.83
C ASP G 168 -52.33 -7.35 82.36
N SER G 169 -51.51 -8.36 82.09
CA SER G 169 -52.02 -9.64 81.57
C SER G 169 -52.87 -10.40 82.59
N LYS G 170 -52.71 -10.12 83.89
CA LYS G 170 -53.53 -10.78 84.89
C LYS G 170 -54.86 -10.06 85.13
N ASP G 171 -54.81 -8.83 85.62
CA ASP G 171 -56.02 -8.12 86.04
C ASP G 171 -56.43 -7.00 85.09
N SER G 172 -55.77 -6.87 83.93
CA SER G 172 -56.18 -5.95 82.87
C SER G 172 -56.22 -4.50 83.33
N THR G 173 -55.34 -4.11 84.24
CA THR G 173 -55.28 -2.74 84.77
C THR G 173 -54.08 -2.00 84.21
N TYR G 174 -54.03 -0.70 84.49
CA TYR G 174 -52.88 0.11 84.11
C TYR G 174 -52.24 0.66 85.38
N SER G 175 -50.99 1.11 85.25
CA SER G 175 -50.31 1.78 86.36
C SER G 175 -49.53 2.95 85.79
N LEU G 176 -49.49 4.05 86.53
CA LEU G 176 -48.95 5.30 86.02
C LEU G 176 -48.02 5.95 87.03
N SER G 177 -46.92 6.51 86.53
CA SER G 177 -45.93 7.16 87.36
C SER G 177 -45.68 8.56 86.81
N SER G 178 -45.93 9.58 87.61
CA SER G 178 -45.65 10.96 87.22
C SER G 178 -44.51 11.50 88.07
N THR G 179 -43.51 12.09 87.43
CA THR G 179 -42.34 12.63 88.11
C THR G 179 -42.27 14.14 87.94
N LEU G 180 -42.20 14.86 89.06
CA LEU G 180 -42.06 16.31 89.07
C LEU G 180 -40.60 16.63 89.37
N THR G 181 -39.96 17.45 88.54
CA THR G 181 -38.53 17.70 88.70
C THR G 181 -38.27 19.18 88.99
N LEU G 182 -37.57 19.43 90.10
CA LEU G 182 -37.26 20.76 90.59
C LEU G 182 -35.77 20.85 90.93
N SER G 183 -35.28 22.07 91.07
CA SER G 183 -33.94 22.24 91.59
C SER G 183 -33.98 22.13 93.11
N LYS G 184 -32.83 21.84 93.72
CA LYS G 184 -32.77 21.87 95.18
C LYS G 184 -33.19 23.25 95.67
N ALA G 185 -32.63 24.30 95.08
CA ALA G 185 -32.96 25.67 95.46
C ALA G 185 -34.46 25.94 95.42
N ASP G 186 -35.09 25.65 94.27
CA ASP G 186 -36.53 25.91 94.14
C ASP G 186 -37.34 24.97 95.02
N TYR G 187 -36.85 23.75 95.24
CA TYR G 187 -37.56 22.82 96.13
C TYR G 187 -37.69 23.41 97.53
N GLU G 188 -36.58 23.87 98.10
CA GLU G 188 -36.46 24.51 99.40
C GLU G 188 -37.21 25.84 99.53
N LYS G 189 -37.93 26.30 98.50
CA LYS G 189 -38.70 27.54 98.57
C LYS G 189 -40.17 27.34 98.89
N HIS G 190 -40.65 26.10 98.94
CA HIS G 190 -42.06 25.80 99.17
C HIS G 190 -42.21 24.68 100.20
N LYS G 191 -43.43 24.47 100.70
CA LYS G 191 -43.68 23.53 101.78
C LYS G 191 -44.48 22.31 101.36
N VAL G 192 -45.75 22.48 100.99
CA VAL G 192 -46.63 21.35 100.70
C VAL G 192 -46.42 20.90 99.26
N TYR G 193 -46.10 19.63 99.07
CA TYR G 193 -46.12 19.03 97.74
C TYR G 193 -47.27 18.04 97.69
N ALA G 194 -48.14 18.21 96.70
CA ALA G 194 -49.38 17.47 96.59
C ALA G 194 -49.51 16.91 95.18
N CYS G 195 -50.23 15.82 95.08
CA CYS G 195 -50.46 15.12 93.82
C CYS G 195 -51.94 14.78 93.82
N GLU G 196 -52.73 15.38 92.94
CA GLU G 196 -54.18 15.20 92.96
C GLU G 196 -54.60 14.39 91.74
N VAL G 197 -55.13 13.19 91.97
CA VAL G 197 -55.48 12.27 90.91
C VAL G 197 -56.99 12.27 90.67
N THR G 198 -57.38 12.43 89.41
CA THR G 198 -58.77 12.37 88.98
C THR G 198 -58.99 11.10 88.17
N HIS G 199 -60.12 10.42 88.40
CA HIS G 199 -60.34 9.13 87.75
C HIS G 199 -61.80 8.73 87.94
N GLN G 200 -62.28 7.92 87.00
CA GLN G 200 -63.69 7.57 86.96
C GLN G 200 -64.11 6.73 88.16
N GLY G 201 -63.20 5.92 88.69
CA GLY G 201 -63.48 5.15 89.89
C GLY G 201 -63.43 5.94 91.19
N LEU G 202 -63.05 7.21 91.12
CA LEU G 202 -63.07 8.12 92.27
C LEU G 202 -64.26 9.06 92.14
N SER G 203 -65.06 9.15 93.21
CA SER G 203 -66.19 10.07 93.20
C SER G 203 -65.73 11.52 93.22
N SER G 204 -64.66 11.82 93.95
CA SER G 204 -63.99 13.11 93.87
C SER G 204 -62.50 12.87 93.98
N PRO G 205 -61.68 13.78 93.46
CA PRO G 205 -60.27 13.46 93.27
C PRO G 205 -59.56 13.20 94.59
N VAL G 206 -58.53 12.39 94.50
CA VAL G 206 -57.75 12.00 95.66
C VAL G 206 -56.47 12.79 95.60
N THR G 207 -56.06 13.37 96.72
CA THR G 207 -54.79 14.06 96.84
C THR G 207 -53.94 13.35 97.88
N LYS G 208 -52.74 12.94 97.48
CA LYS G 208 -51.72 12.50 98.42
C LYS G 208 -50.66 13.60 98.50
N SER G 209 -50.23 13.94 99.72
CA SER G 209 -49.35 15.08 99.87
C SER G 209 -48.44 14.88 101.07
N PHE G 210 -47.29 15.56 101.02
CA PHE G 210 -46.37 15.60 102.14
C PHE G 210 -45.93 17.04 102.35
N ASN G 211 -45.23 17.26 103.45
CA ASN G 211 -44.75 18.58 103.84
C ASN G 211 -43.23 18.50 103.91
N ARG G 212 -42.54 19.17 102.99
CA ARG G 212 -41.09 19.13 102.93
C ARG G 212 -40.48 19.36 104.29
N GLY G 213 -39.71 18.39 104.75
CA GLY G 213 -38.95 18.56 105.97
C GLY G 213 -39.65 18.12 107.23
N GLU G 214 -40.67 17.26 107.12
CA GLU G 214 -41.38 16.74 108.29
C GLU G 214 -41.25 15.22 108.33
N CYS G 215 -40.34 14.71 109.17
CA CYS G 215 -40.17 13.28 109.40
C CYS G 215 -41.53 12.64 109.69
#